data_7XMB
#
_entry.id   7XMB
#
_cell.length_a   182.097
_cell.length_b   204.337
_cell.length_c   177.933
_cell.angle_alpha   90.000
_cell.angle_beta   90.000
_cell.angle_gamma   90.000
#
_symmetry.space_group_name_H-M   'P 21 21 21'
#
loop_
_entity.id
_entity.type
_entity.pdbx_description
1 polymer 'Cytochrome c oxidase subunit 1'
2 polymer 'CYTOCHROME C OXIDASE'
3 polymer 'Cytochrome c oxidase subunit 3'
4 polymer 'Cytochrome c oxidase subunit 4 isoform 1'
5 polymer 'Cytochrome c oxidase subunit 5A'
6 polymer 'Cytochrome c oxidase subunit 5B, mitochondrial'
7 polymer 'Cytochrome c oxidase subunit 6A2, mitochondrial'
8 polymer 'Cytochrome c oxidase subunit 6B1'
9 polymer 'Cytochrome c oxidase subunit 6C'
10 polymer 'Cytochrome c oxidase subunit 7A1'
11 polymer 'Cytochrome c oxidase subunit 7B'
12 polymer 'Cytochrome c oxidase subunit 7C, mitochondrial'
13 polymer 'Cytochrome c oxidase subunit 8B'
14 non-polymer HEME-A
15 non-polymer 'COPPER (II) ION'
16 non-polymer 'MAGNESIUM ION'
17 non-polymer 'SODIUM ION'
18 non-polymer 'PEROXIDE ION'
19 non-polymer TRISTEAROYLGLYCEROL
20 non-polymer 2-(4-methyl-1,3-thiazol-2-yl)-1-benzothiophen-3-ol
21 non-polymer 'DINUCLEAR COPPER ION'
22 non-polymer 'CHOLIC ACID'
23 non-polymer '(7R,17E,20E)-4-HYDROXY-N,N,N-TRIMETHYL-9-OXO-7-[(PALMITOYLOXY)METHYL]-3,5,8-TRIOXA-4-PHOSPHAHEXACOSA-17,20-DIEN-1-AMINIUM 4-OXIDE'
24 non-polymer '(1S)-2-{[(2-AMINOETHOXY)(HYDROXY)PHOSPHORYL]OXY}-1-[(STEAROYLOXY)METHYL]ETHYL (5E,8E,11E,14E)-ICOSA-5,8,11,14-TETRAENOATE'
25 non-polymer '(1R)-2-{[{[(2S)-2,3-DIHYDROXYPROPYL]OXY}(HYDROXY)PHOSPHORYL]OXY}-1-[(PALMITOYLOXY)METHYL]ETHYL (11E)-OCTADEC-11-ENOATE'
26 non-polymer CARDIOLIPIN
27 non-polymer DECYL-BETA-D-MALTOPYRANOSIDE
28 non-polymer 'ZINC ION'
29 water water
#
loop_
_entity_poly.entity_id
_entity_poly.type
_entity_poly.pdbx_seq_one_letter_code
_entity_poly.pdbx_strand_id
1 'polypeptide(L)'
;(FME)FINRWLFSTNHKDIGTLYLLFGAWAGMVGTALSLLIRAELGQPGTLLGDDQIYNVVVTAHAFVMIFFMVMPIMIG
GFGNWLVPLMIGAPDMAFPRMNNMSFWLLPPSFLLLLASSMVEAGAGTGWTVYPPLAGNLAHAGASVDLTIFSLHLAGVS
SILGAINFITTIINMKPPAMSQYQTPLFVWSVMITAVLLLLSLPVLAAGITMLLTDRNLNTTFFDPAGGGDPILYQHLFW
FFGHPEVYILILPGFGMISHIVTYYSGKKEPFGYMGMVWAMMSIGFLGFIVWAHHMFTVGMDVDTRAYFTSATMIIAIPT
GVKVFSWLATLHGGNIKWSPAMMWALGFIFLFTVGGLTGIVLANSSLDIVLHDTYYVVAHFHYVLSMGAVFAIMGGFVHW
FPLFSGYTLNDTWAKIHFAIMFVGVNMTFFPQHFLGLSGMPRRYSDYPDAYTMWNTISSMGSFISLTAVMLMVFIIWEAF
ASKREVLTVDLTTTNLEWLNGCPPPYHTFEEPTYVNLK
;
A,N
2 'polypeptide(L)'
;(FME)AYPMQLGFQDATSPIMEELLHFHDHTLMIVFLISSLVLYIISLMLTTKLTHTSTMDAQEVETIWTILPAIILILI
ALPSLRILYMMDEINNPSLTVKTMGHQWYWSYEYTDYEDLSFDSYMIPTSELKPGELRLLEVDNRVVLPMEMTIRMLVSS
EDVLHSWAVPSLGLKTDAIPGRLNQTTLMSSRPGLYYGQCSEICGSNHSFMPIVLELVPLKYFEKWSASMLAINFITTII
NMKPPAMSQYQTPLFVWSVMITAVLLLLSLPVLAAGITMLLTDRNLNTTFFDPAGGGDPILYQHLFWFFGHPEVYILILP
GFGMISHIVTYYSGKKEPFGYMGMVWAMMSIGFLGFIVWAHHMFTVGMDVDTRAYFTSATMIIAIPTGVKVFSWLATLHG
GNIKWSPAMMWALGFIFLFTVGGLTGIVLANSSLDIVLHDTYYVVAHFHYVLSMGAVFAIMGGFVHWFPLFSGYTLNDTW
AKIHFAIMFVGVNMTFFPQHFLGLSGMPRRYSDYPDAYTMWNTISSMGSFISLTAVMLMVFIIWEAFASKREVLTVDLTT
TNLEWLNGCPPPYHTFEEPTYVNLK
;
B,O
3 'polypeptide(L)'
;(FME)THQTHAYHMVNPSPWPLTGALSALLMTSGLTMWFHFNSMTLLMIGLTTNMLTMYQWWRDVIRESTFQGHHTPAVQ
KGLRYGMILFIISEVLFFTGFFWAFYHSSLAPTPELGGCWPPTGIHPLNPLEVPLLNTSVLLASGVSITWAHHSLMEGDR
KHMLQALFITITLGVYFTLLQASEYYEAPFTISDGVYGSTFFVATGFHGLHVIIGSTFLIVCFFRQLKFHFTSNHHFGFE
AAAWYWHFVDVVWLFLYVSIYWWGS
;
C,P
4 'polypeptide(L)'
;AHGSVVKSEDYALPSYVDRRDYPLPDVAHVKNLSASQKALKEKEKASWSSLSIDEKVELYRLKFKESFAEMNRSTNEWKT
VVGAAMFFIGFTALLLIWEKHYVYGPIPHTFEEEWVAKQTKRMLDMKVAPIQGFSAKWDYDKNEWKK
;
D,Q
5 'polypeptide(L)'
;SHGSHETDEEFDARWVTYFNKPDIDAWELRKGMNTLVGYDLVPEPKIIDAALRACRRLNDFASAVRILEVVKDKAGPHKE
IYPYVIQELRPTLNELGISTPEELGLDKV
;
E,R
6 'polypeptide(L)'
;ASGGGVPTDEEQATGLEREVMLAARKGQDPYNILAPKATSGTKEDPNLVPSITNKRIVGCICEEDNSTVIWFWLHKGEAQ
RCPSCGTHYKLVPHQLAH
;
F,S
7 'polypeptide(L)'
;ASAAKGDHGG(TPO)GARTWRFLTFGLALPSVALCTLNSWLHSGHRERPAFIPYHHLRIRTKPFSWGDGNHTFFHNPRVN
PLPTGYEK
;
G,T
8 'polypeptide(L)'
;AEDIQAKIKNYQTAPFDSRFPNQNQTRNCWQNYLDFHRCEKAMTAKGGDVSVCEWYRRVYKSLCPISWVSTWDDRRAEGT
FPGKI
;
H,U
9 'polypeptide(L)' STALAKPQMRGLLARRLRFHIVGAFMVSLGFATFYKFAVAEKRKKAYADFYRNYDSMKDFEEMRKAGIFQSAK I,V
10 'polypeptide(L)' FENRVAEKQKLFQEDNGLPVHLKGGATDNILYRVTMTLCLGGTLYSLYCLGWASFPHKK J,W
11 'polypeptide(L)' IHQKRAPDFHDKYGNAVLASGATFCVAVWVYMATQIGIEWNPSPVGRVTPKEWREQ K,X
12 'polypeptide(L)' SHYEEGPGKNIPFSVENKWRLLAMMTLFFGSGFAAPFFIVRHQLLKK L,Y
13 'polypeptide(L)' ITAKPAKTPTSPKEQAIGLSVTFLSFLLPAGWVLYHLDNYKKSSAA M,Z
#
# COMPACT_ATOMS: atom_id res chain seq x y z
N PHE A 2 -52.21 2.74 -9.02
CA PHE A 2 -51.67 1.40 -8.92
C PHE A 2 -50.27 1.32 -9.50
N ILE A 3 -50.07 1.92 -10.68
CA ILE A 3 -48.76 1.91 -11.32
C ILE A 3 -47.77 2.71 -10.49
N ASN A 4 -48.20 3.87 -9.97
CA ASN A 4 -47.32 4.68 -9.15
C ASN A 4 -46.89 3.95 -7.88
N ARG A 5 -47.81 3.19 -7.27
CA ARG A 5 -47.49 2.56 -5.99
C ARG A 5 -46.66 1.29 -6.17
N TRP A 6 -47.01 0.45 -7.14
CA TRP A 6 -46.43 -0.88 -7.23
C TRP A 6 -45.40 -1.05 -8.34
N LEU A 7 -45.35 -0.15 -9.31
CA LEU A 7 -44.29 -0.17 -10.31
C LEU A 7 -43.24 0.91 -10.09
N PHE A 8 -43.62 2.04 -9.47
CA PHE A 8 -42.73 3.17 -9.23
C PHE A 8 -42.40 3.32 -7.75
N SER A 9 -42.53 2.26 -6.96
CA SER A 9 -42.43 2.35 -5.51
C SER A 9 -41.09 2.92 -5.06
N THR A 10 -41.14 3.76 -4.02
CA THR A 10 -39.97 4.16 -3.24
C THR A 10 -40.22 3.93 -1.77
N ASN A 11 -40.96 2.86 -1.45
CA ASN A 11 -41.38 2.55 -0.09
C ASN A 11 -40.85 1.18 0.30
N HIS A 12 -40.19 1.11 1.46
CA HIS A 12 -39.52 -0.12 1.86
C HIS A 12 -40.52 -1.23 2.18
N LYS A 13 -41.72 -0.89 2.62
CA LYS A 13 -42.72 -1.91 2.94
C LYS A 13 -43.29 -2.53 1.66
N ASP A 14 -43.76 -1.68 0.73
CA ASP A 14 -44.30 -2.18 -0.53
C ASP A 14 -43.25 -2.98 -1.31
N ILE A 15 -42.01 -2.49 -1.33
CA ILE A 15 -40.95 -3.21 -2.04
C ILE A 15 -40.68 -4.55 -1.37
N GLY A 16 -40.66 -4.57 -0.03
CA GLY A 16 -40.57 -5.84 0.69
C GLY A 16 -41.71 -6.79 0.32
N THR A 17 -42.93 -6.26 0.21
CA THR A 17 -44.07 -7.08 -0.21
C THR A 17 -43.86 -7.64 -1.60
N LEU A 18 -43.31 -6.83 -2.51
CA LEU A 18 -43.02 -7.31 -3.86
C LEU A 18 -42.03 -8.46 -3.83
N TYR A 19 -40.97 -8.34 -3.03
CA TYR A 19 -40.01 -9.42 -2.88
C TYR A 19 -40.66 -10.70 -2.37
N LEU A 20 -41.51 -10.57 -1.35
CA LEU A 20 -42.15 -11.76 -0.78
C LEU A 20 -43.03 -12.46 -1.82
N LEU A 21 -43.79 -11.68 -2.59
CA LEU A 21 -44.60 -12.28 -3.66
C LEU A 21 -43.73 -12.95 -4.70
N PHE A 22 -42.64 -12.30 -5.10
CA PHE A 22 -41.74 -12.87 -6.09
C PHE A 22 -41.10 -14.16 -5.58
N GLY A 23 -40.60 -14.14 -4.33
CA GLY A 23 -39.98 -15.33 -3.77
C GLY A 23 -40.95 -16.47 -3.60
N ALA A 24 -42.21 -16.16 -3.25
CA ALA A 24 -43.22 -17.21 -3.12
C ALA A 24 -43.52 -17.86 -4.47
N TRP A 25 -43.64 -17.04 -5.52
CA TRP A 25 -43.87 -17.59 -6.86
C TRP A 25 -42.69 -18.44 -7.31
N ALA A 26 -41.47 -17.94 -7.11
CA ALA A 26 -40.28 -18.73 -7.42
C ALA A 26 -40.23 -20.01 -6.62
N GLY A 27 -40.69 -19.95 -5.36
CA GLY A 27 -40.74 -21.16 -4.54
C GLY A 27 -41.59 -22.25 -5.15
N MET A 28 -42.66 -21.86 -5.86
CA MET A 28 -43.45 -22.84 -6.60
C MET A 28 -42.65 -23.45 -7.73
N VAL A 29 -41.91 -22.62 -8.47
CA VAL A 29 -41.10 -23.11 -9.59
C VAL A 29 -40.04 -24.07 -9.09
N GLY A 30 -39.33 -23.69 -8.03
CA GLY A 30 -38.28 -24.55 -7.49
C GLY A 30 -38.82 -25.83 -6.91
N THR A 31 -40.02 -25.79 -6.34
CA THR A 31 -40.63 -27.00 -5.80
C THR A 31 -40.98 -27.98 -6.91
N ALA A 32 -41.62 -27.49 -7.98
CA ALA A 32 -41.97 -28.34 -9.11
C ALA A 32 -40.73 -28.99 -9.72
N LEU A 33 -39.64 -28.24 -9.84
CA LEU A 33 -38.41 -28.80 -10.35
C LEU A 33 -37.89 -29.91 -9.43
N SER A 34 -38.03 -29.73 -8.12
CA SER A 34 -37.58 -30.75 -7.18
C SER A 34 -38.42 -32.03 -7.28
N LEU A 35 -39.72 -31.90 -7.56
CA LEU A 35 -40.53 -33.10 -7.76
C LEU A 35 -40.15 -33.82 -9.04
N LEU A 36 -39.86 -33.06 -10.10
CA LEU A 36 -39.38 -33.67 -11.34
C LEU A 36 -38.09 -34.44 -11.10
N ILE A 37 -37.19 -33.90 -10.26
CA ILE A 37 -35.95 -34.61 -9.93
C ILE A 37 -36.28 -35.95 -9.27
N ARG A 38 -37.07 -35.92 -8.21
CA ARG A 38 -37.35 -37.13 -7.45
C ARG A 38 -38.31 -38.07 -8.16
N ALA A 39 -39.09 -37.58 -9.12
CA ALA A 39 -39.89 -38.47 -9.94
C ALA A 39 -39.01 -39.30 -10.87
N GLU A 40 -37.99 -38.67 -11.46
CA GLU A 40 -37.01 -39.39 -12.26
C GLU A 40 -36.31 -40.48 -11.45
N LEU A 41 -36.05 -40.22 -10.17
CA LEU A 41 -35.33 -41.14 -9.31
C LEU A 41 -36.23 -42.02 -8.47
N GLY A 42 -37.56 -41.87 -8.59
CA GLY A 42 -38.47 -42.58 -7.70
C GLY A 42 -38.54 -44.06 -7.95
N GLN A 43 -38.11 -44.52 -9.12
CA GLN A 43 -37.97 -45.94 -9.40
C GLN A 43 -36.83 -46.13 -10.40
N PRO A 44 -36.16 -47.28 -10.38
CA PRO A 44 -35.03 -47.49 -11.30
C PRO A 44 -35.49 -47.41 -12.75
N GLY A 45 -34.57 -46.98 -13.60
CA GLY A 45 -34.86 -46.76 -15.00
C GLY A 45 -34.83 -45.30 -15.36
N THR A 46 -35.43 -44.98 -16.50
N THR A 46 -35.40 -45.00 -16.52
CA THR A 46 -35.60 -43.62 -16.96
CA THR A 46 -35.35 -43.66 -17.11
C THR A 46 -37.07 -43.26 -17.04
C THR A 46 -36.77 -43.17 -17.34
N LEU A 47 -37.37 -41.99 -16.77
N LEU A 47 -37.14 -42.09 -16.65
CA LEU A 47 -38.73 -41.48 -16.85
CA LEU A 47 -38.49 -41.54 -16.74
C LEU A 47 -38.85 -40.37 -17.89
C LEU A 47 -38.61 -40.54 -17.88
N LEU A 48 -38.02 -39.33 -17.78
N LEU A 48 -37.79 -39.50 -17.87
CA LEU A 48 -38.08 -38.20 -18.70
CA LEU A 48 -37.85 -38.47 -18.90
C LEU A 48 -37.23 -38.46 -19.92
C LEU A 48 -37.26 -38.91 -20.23
N GLY A 49 -35.92 -38.39 -19.77
N GLY A 49 -36.76 -40.13 -20.34
CA GLY A 49 -35.02 -38.59 -20.90
CA GLY A 49 -36.20 -40.61 -21.59
C GLY A 49 -33.72 -39.06 -20.37
C GLY A 49 -35.08 -39.78 -22.13
N ASP A 50 -32.65 -38.49 -20.87
N ASP A 50 -34.47 -38.94 -21.28
CA ASP A 50 -31.32 -38.83 -20.42
CA ASP A 50 -33.69 -37.80 -21.72
C ASP A 50 -30.82 -37.70 -19.51
C ASP A 50 -32.86 -37.31 -20.53
N ASP A 51 -29.50 -37.56 -19.37
N ASP A 51 -31.54 -37.29 -20.65
CA ASP A 51 -28.99 -36.68 -18.32
CA ASP A 51 -30.69 -36.97 -19.50
C ASP A 51 -29.11 -35.21 -18.67
C ASP A 51 -30.13 -35.55 -19.52
N GLN A 52 -29.24 -34.85 -19.94
N GLN A 52 -29.95 -34.95 -20.69
CA GLN A 52 -29.29 -33.44 -20.31
CA GLN A 52 -29.65 -33.53 -20.74
C GLN A 52 -30.56 -32.77 -19.76
C GLN A 52 -30.79 -32.71 -20.12
N ILE A 53 -31.72 -33.31 -20.13
N ILE A 53 -32.04 -33.18 -20.23
CA ILE A 53 -32.99 -32.77 -19.61
CA ILE A 53 -33.14 -32.47 -19.59
C ILE A 53 -33.02 -32.88 -18.09
C ILE A 53 -33.12 -32.66 -18.08
N TYR A 54 -32.54 -34.01 -17.55
N TYR A 54 -32.61 -33.81 -17.61
CA TYR A 54 -32.54 -34.19 -16.10
CA TYR A 54 -32.52 -34.03 -16.17
C TYR A 54 -31.69 -33.13 -15.41
C TYR A 54 -31.55 -33.05 -15.53
N ASN A 55 -30.50 -32.87 -15.93
N ASN A 55 -30.35 -32.90 -16.12
CA ASN A 55 -29.60 -31.92 -15.27
CA ASN A 55 -29.38 -31.96 -15.58
C ASN A 55 -29.84 -30.48 -15.69
C ASN A 55 -29.91 -30.53 -15.64
N VAL A 56 -30.69 -30.21 -16.68
CA VAL A 56 -31.21 -28.86 -16.82
C VAL A 56 -32.26 -28.61 -15.74
N VAL A 57 -33.03 -29.65 -15.39
CA VAL A 57 -33.96 -29.56 -14.26
C VAL A 57 -33.18 -29.36 -12.97
N VAL A 58 -32.14 -30.15 -12.76
CA VAL A 58 -31.35 -30.06 -11.53
C VAL A 58 -30.70 -28.69 -11.44
N THR A 59 -30.13 -28.20 -12.55
CA THR A 59 -29.46 -26.91 -12.54
C THR A 59 -30.42 -25.78 -12.20
N ALA A 60 -31.60 -25.79 -12.82
CA ALA A 60 -32.58 -24.74 -12.56
C ALA A 60 -33.15 -24.84 -11.16
N HIS A 61 -33.32 -26.05 -10.64
CA HIS A 61 -33.80 -26.23 -9.27
C HIS A 61 -32.92 -25.48 -8.28
N ALA A 62 -31.60 -25.56 -8.46
CA ALA A 62 -30.69 -24.86 -7.57
C ALA A 62 -30.77 -23.36 -7.77
N PHE A 63 -30.74 -22.91 -9.03
CA PHE A 63 -30.76 -21.47 -9.31
C PHE A 63 -32.04 -20.82 -8.78
N VAL A 64 -33.19 -21.45 -9.03
CA VAL A 64 -34.46 -20.87 -8.60
C VAL A 64 -34.53 -20.79 -7.08
N MET A 65 -34.20 -21.90 -6.42
CA MET A 65 -34.29 -21.95 -4.95
C MET A 65 -33.33 -20.96 -4.30
N ILE A 66 -32.12 -20.82 -4.85
CA ILE A 66 -31.10 -19.99 -4.21
C ILE A 66 -31.32 -18.52 -4.53
N PHE A 67 -31.28 -18.17 -5.82
CA PHE A 67 -31.25 -16.76 -6.21
C PHE A 67 -32.63 -16.13 -6.29
N PHE A 68 -33.69 -16.92 -6.46
CA PHE A 68 -35.02 -16.37 -6.68
C PHE A 68 -36.00 -16.65 -5.56
N MET A 69 -35.71 -17.60 -4.67
CA MET A 69 -36.57 -17.90 -3.53
C MET A 69 -35.94 -17.44 -2.23
N VAL A 70 -34.83 -18.03 -1.81
CA VAL A 70 -34.28 -17.75 -0.49
C VAL A 70 -33.81 -16.30 -0.40
N MET A 71 -32.96 -15.87 -1.34
CA MET A 71 -32.37 -14.53 -1.24
C MET A 71 -33.40 -13.42 -1.35
N PRO A 72 -34.34 -13.44 -2.30
CA PRO A 72 -35.35 -12.35 -2.32
C PRO A 72 -36.24 -12.33 -1.08
N ILE A 73 -36.58 -13.50 -0.54
CA ILE A 73 -37.47 -13.54 0.61
C ILE A 73 -36.74 -13.03 1.85
N MET A 74 -35.55 -13.56 2.12
CA MET A 74 -34.83 -13.21 3.34
C MET A 74 -34.33 -11.77 3.29
N ILE A 75 -33.64 -11.40 2.21
CA ILE A 75 -32.94 -10.12 2.14
C ILE A 75 -33.87 -9.05 1.60
N GLY A 76 -34.44 -9.29 0.41
CA GLY A 76 -35.33 -8.31 -0.18
C GLY A 76 -36.66 -8.21 0.53
N GLY A 77 -37.18 -9.33 1.04
CA GLY A 77 -38.49 -9.33 1.66
C GLY A 77 -38.47 -8.94 3.13
N PHE A 78 -38.03 -9.86 3.99
CA PHE A 78 -37.94 -9.56 5.41
C PHE A 78 -37.00 -8.39 5.68
N GLY A 79 -35.90 -8.30 4.94
CA GLY A 79 -34.96 -7.21 5.13
C GLY A 79 -35.58 -5.84 4.92
N ASN A 80 -36.24 -5.65 3.78
CA ASN A 80 -36.83 -4.35 3.48
C ASN A 80 -37.98 -4.02 4.43
N TRP A 81 -38.75 -5.03 4.84
CA TRP A 81 -39.85 -4.81 5.77
C TRP A 81 -39.33 -4.46 7.16
N LEU A 82 -38.40 -5.25 7.68
CA LEU A 82 -38.08 -5.21 9.11
C LEU A 82 -36.93 -4.25 9.45
N VAL A 83 -35.91 -4.16 8.61
CA VAL A 83 -34.71 -3.38 8.99
C VAL A 83 -35.04 -1.92 9.25
N PRO A 84 -35.72 -1.18 8.37
CA PRO A 84 -36.06 0.21 8.73
C PRO A 84 -36.93 0.32 9.96
N LEU A 85 -37.89 -0.59 10.13
CA LEU A 85 -38.75 -0.56 11.31
C LEU A 85 -37.96 -0.82 12.59
N MET A 86 -36.99 -1.74 12.53
CA MET A 86 -36.26 -2.13 13.73
C MET A 86 -35.26 -1.08 14.20
N ILE A 87 -34.94 -0.09 13.35
CA ILE A 87 -34.05 0.99 13.73
C ILE A 87 -34.76 2.33 13.72
N GLY A 88 -36.07 2.35 13.53
CA GLY A 88 -36.82 3.59 13.59
C GLY A 88 -36.55 4.52 12.43
N ALA A 89 -36.17 3.97 11.28
CA ALA A 89 -35.83 4.78 10.11
C ALA A 89 -37.06 4.98 9.23
N PRO A 90 -37.15 6.13 8.55
CA PRO A 90 -38.33 6.38 7.71
C PRO A 90 -38.38 5.54 6.45
N ASP A 91 -37.23 5.03 6.00
CA ASP A 91 -37.13 4.17 4.82
C ASP A 91 -35.69 3.73 4.63
N MET A 92 -35.39 3.13 3.48
CA MET A 92 -34.01 2.80 3.15
C MET A 92 -33.25 4.07 2.76
N ALA A 93 -31.93 3.96 2.74
CA ALA A 93 -31.10 5.11 2.39
C ALA A 93 -31.30 5.50 0.93
N PHE A 94 -31.51 4.52 0.06
CA PHE A 94 -31.65 4.74 -1.38
C PHE A 94 -32.97 4.10 -1.81
N PRO A 95 -34.10 4.75 -1.51
CA PRO A 95 -35.40 4.10 -1.73
C PRO A 95 -35.73 3.87 -3.19
N ARG A 96 -35.20 4.68 -4.09
CA ARG A 96 -35.46 4.51 -5.52
C ARG A 96 -34.55 3.44 -6.11
N MET A 97 -33.27 3.44 -5.75
CA MET A 97 -32.40 2.33 -6.14
C MET A 97 -32.89 1.01 -5.55
N ASN A 98 -33.49 1.06 -4.36
CA ASN A 98 -34.09 -0.13 -3.78
C ASN A 98 -35.12 -0.76 -4.72
N ASN A 99 -35.89 0.07 -5.43
CA ASN A 99 -36.91 -0.45 -6.34
C ASN A 99 -36.30 -1.15 -7.53
N MET A 100 -35.14 -0.69 -8.01
CA MET A 100 -34.50 -1.35 -9.15
C MET A 100 -33.91 -2.69 -8.75
N SER A 101 -33.44 -2.81 -7.51
CA SER A 101 -32.98 -4.11 -7.01
C SER A 101 -34.06 -5.17 -7.18
N PHE A 102 -35.31 -4.85 -6.85
CA PHE A 102 -36.40 -5.80 -7.07
C PHE A 102 -36.64 -6.04 -8.55
N TRP A 103 -36.89 -4.96 -9.30
CA TRP A 103 -37.34 -5.11 -10.68
C TRP A 103 -36.27 -5.69 -11.60
N LEU A 104 -35.03 -5.83 -11.14
CA LEU A 104 -34.04 -6.59 -11.90
C LEU A 104 -34.29 -8.10 -11.84
N LEU A 105 -35.07 -8.57 -10.88
CA LEU A 105 -35.23 -10.01 -10.65
C LEU A 105 -36.18 -10.68 -11.64
N PRO A 106 -37.35 -10.10 -11.95
CA PRO A 106 -38.22 -10.72 -12.96
C PRO A 106 -37.53 -10.91 -14.30
N PRO A 107 -36.81 -9.90 -14.83
CA PRO A 107 -36.04 -10.16 -16.05
C PRO A 107 -34.95 -11.20 -15.86
N SER A 108 -34.26 -11.17 -14.71
CA SER A 108 -33.30 -12.23 -14.40
C SER A 108 -33.97 -13.60 -14.41
N PHE A 109 -35.17 -13.69 -13.83
CA PHE A 109 -35.91 -14.94 -13.84
C PHE A 109 -36.31 -15.31 -15.27
N LEU A 110 -36.73 -14.32 -16.07
CA LEU A 110 -37.07 -14.57 -17.46
C LEU A 110 -35.89 -15.12 -18.24
N LEU A 111 -34.68 -14.59 -17.98
CA LEU A 111 -33.49 -15.08 -18.69
C LEU A 111 -33.21 -16.54 -18.35
N LEU A 112 -33.40 -16.93 -17.09
CA LEU A 112 -33.24 -18.33 -16.72
C LEU A 112 -34.27 -19.20 -17.41
N LEU A 113 -35.51 -18.73 -17.48
CA LEU A 113 -36.56 -19.43 -18.23
C LEU A 113 -36.15 -19.60 -19.69
N ALA A 114 -35.65 -18.53 -20.31
CA ALA A 114 -35.27 -18.57 -21.71
C ALA A 114 -34.18 -19.62 -21.97
N SER A 115 -33.21 -19.73 -21.06
CA SER A 115 -32.12 -20.67 -21.25
C SER A 115 -32.61 -22.11 -21.31
N SER A 116 -33.67 -22.44 -20.57
CA SER A 116 -34.23 -23.79 -20.59
C SER A 116 -35.18 -24.01 -21.76
N MET A 117 -35.66 -22.94 -22.40
N MET A 117 -35.67 -22.94 -22.41
CA MET A 117 -36.58 -23.06 -23.53
CA MET A 117 -36.58 -23.09 -23.54
C MET A 117 -35.86 -23.18 -24.87
C MET A 117 -35.85 -23.19 -24.87
N VAL A 118 -34.70 -22.54 -25.00
CA VAL A 118 -33.93 -22.57 -26.24
C VAL A 118 -32.95 -23.75 -26.20
N GLU A 119 -32.64 -24.27 -27.39
CA GLU A 119 -31.69 -25.38 -27.59
C GLU A 119 -32.10 -26.54 -26.67
N ALA A 120 -31.16 -27.19 -25.97
CA ALA A 120 -31.43 -28.27 -25.02
C ALA A 120 -31.22 -27.83 -23.58
N GLY A 121 -31.31 -26.53 -23.30
CA GLY A 121 -31.13 -26.04 -21.95
C GLY A 121 -29.69 -26.09 -21.50
N ALA A 122 -29.46 -25.56 -20.29
CA ALA A 122 -28.13 -25.55 -19.67
C ALA A 122 -28.07 -26.67 -18.64
N GLY A 123 -27.58 -27.83 -19.07
CA GLY A 123 -27.42 -28.96 -18.18
C GLY A 123 -26.02 -29.04 -17.63
N THR A 124 -25.68 -28.10 -16.75
CA THR A 124 -24.31 -27.92 -16.30
C THR A 124 -24.13 -28.07 -14.80
N GLY A 125 -25.21 -28.11 -14.03
CA GLY A 125 -25.11 -27.96 -12.60
C GLY A 125 -25.07 -26.48 -12.27
N TRP A 126 -25.50 -26.07 -11.07
CA TRP A 126 -25.51 -24.65 -10.75
C TRP A 126 -24.11 -24.06 -10.60
N THR A 127 -23.07 -24.90 -10.67
CA THR A 127 -21.69 -24.42 -10.64
C THR A 127 -21.20 -24.01 -12.03
N VAL A 128 -21.82 -24.52 -13.09
CA VAL A 128 -21.54 -24.13 -14.48
C VAL A 128 -20.05 -24.31 -14.78
N TYR A 129 -19.49 -25.45 -14.39
CA TYR A 129 -18.09 -25.74 -14.68
C TYR A 129 -17.85 -25.82 -16.18
N PRO A 130 -16.79 -25.19 -16.70
CA PRO A 130 -16.27 -25.57 -18.01
C PRO A 130 -15.44 -26.83 -17.90
N PRO A 131 -15.16 -27.52 -19.02
CA PRO A 131 -15.57 -27.24 -20.41
C PRO A 131 -16.98 -27.67 -20.76
N LEU A 132 -17.67 -28.39 -19.85
CA LEU A 132 -19.05 -28.79 -20.12
C LEU A 132 -19.92 -27.58 -20.44
N ALA A 133 -19.71 -26.47 -19.73
CA ALA A 133 -20.45 -25.25 -19.99
C ALA A 133 -19.85 -24.43 -21.14
N GLY A 134 -18.79 -24.91 -21.77
CA GLY A 134 -18.18 -24.19 -22.86
C GLY A 134 -19.01 -24.24 -24.13
N ASN A 135 -18.49 -23.58 -25.17
CA ASN A 135 -19.23 -23.44 -26.41
C ASN A 135 -19.13 -24.66 -27.32
N LEU A 136 -18.41 -25.70 -26.90
CA LEU A 136 -18.35 -26.95 -27.66
C LEU A 136 -19.23 -28.04 -27.06
N ALA A 137 -19.19 -28.20 -25.74
CA ALA A 137 -20.07 -29.17 -25.09
C ALA A 137 -21.45 -28.60 -24.80
N HIS A 138 -21.61 -27.27 -24.82
CA HIS A 138 -22.89 -26.62 -24.65
C HIS A 138 -23.00 -25.46 -25.64
N ALA A 139 -22.91 -25.79 -26.92
CA ALA A 139 -23.10 -24.78 -27.95
C ALA A 139 -24.52 -24.24 -27.92
N GLY A 140 -24.67 -22.98 -28.27
CA GLY A 140 -25.95 -22.31 -28.28
C GLY A 140 -26.07 -21.31 -27.15
N ALA A 141 -27.28 -20.73 -27.06
CA ALA A 141 -27.53 -19.59 -26.20
C ALA A 141 -27.83 -19.93 -24.76
N SER A 142 -28.08 -21.21 -24.45
CA SER A 142 -28.60 -21.58 -23.13
C SER A 142 -27.67 -21.14 -22.01
N VAL A 143 -26.38 -21.50 -22.11
CA VAL A 143 -25.45 -21.16 -21.03
C VAL A 143 -25.26 -19.65 -20.94
N ASP A 144 -25.26 -18.96 -22.10
CA ASP A 144 -25.09 -17.52 -22.09
C ASP A 144 -26.28 -16.81 -21.44
N LEU A 145 -27.50 -17.34 -21.66
CA LEU A 145 -28.66 -16.78 -20.99
C LEU A 145 -28.60 -17.02 -19.48
N THR A 146 -28.07 -18.18 -19.08
CA THR A 146 -27.84 -18.43 -17.66
C THR A 146 -26.85 -17.43 -17.07
N ILE A 147 -25.76 -17.17 -17.78
CA ILE A 147 -24.76 -16.21 -17.30
C ILE A 147 -25.39 -14.83 -17.13
N PHE A 148 -26.17 -14.39 -18.12
CA PHE A 148 -26.79 -13.08 -18.04
C PHE A 148 -27.82 -13.02 -16.92
N SER A 149 -28.56 -14.10 -16.70
CA SER A 149 -29.45 -14.19 -15.55
C SER A 149 -28.68 -13.94 -14.25
N LEU A 150 -27.52 -14.59 -14.10
CA LEU A 150 -26.70 -14.39 -12.90
C LEU A 150 -26.19 -12.95 -12.83
N HIS A 151 -25.88 -12.35 -13.98
CA HIS A 151 -25.44 -10.96 -14.00
C HIS A 151 -26.50 -10.03 -13.41
N LEU A 152 -27.75 -10.17 -13.85
CA LEU A 152 -28.80 -9.29 -13.36
C LEU A 152 -29.09 -9.52 -11.89
N ALA A 153 -29.11 -10.79 -11.46
CA ALA A 153 -29.30 -11.07 -10.04
C ALA A 153 -28.12 -10.57 -9.22
N GLY A 154 -26.91 -10.65 -9.77
CA GLY A 154 -25.74 -10.12 -9.07
C GLY A 154 -25.84 -8.62 -8.86
N VAL A 155 -26.18 -7.88 -9.91
CA VAL A 155 -26.32 -6.42 -9.80
C VAL A 155 -27.40 -6.07 -8.80
N SER A 156 -28.52 -6.80 -8.83
CA SER A 156 -29.62 -6.54 -7.90
C SER A 156 -29.15 -6.66 -6.45
N SER A 157 -28.44 -7.74 -6.12
CA SER A 157 -28.02 -7.96 -4.75
C SER A 157 -26.88 -7.04 -4.34
N ILE A 158 -25.99 -6.70 -5.27
CA ILE A 158 -24.88 -5.79 -4.96
C ILE A 158 -25.43 -4.41 -4.60
N LEU A 159 -26.37 -3.91 -5.39
CA LEU A 159 -27.00 -2.63 -5.07
C LEU A 159 -27.81 -2.72 -3.79
N GLY A 160 -28.48 -3.85 -3.57
CA GLY A 160 -29.19 -4.04 -2.32
C GLY A 160 -28.26 -4.09 -1.13
N ALA A 161 -27.08 -4.69 -1.31
CA ALA A 161 -26.09 -4.72 -0.23
C ALA A 161 -25.62 -3.31 0.10
N ILE A 162 -25.34 -2.50 -0.93
CA ILE A 162 -24.96 -1.11 -0.70
C ILE A 162 -26.06 -0.37 0.04
N ASN A 163 -27.32 -0.67 -0.30
CA ASN A 163 -28.45 0.00 0.33
C ASN A 163 -28.56 -0.38 1.80
N PHE A 164 -28.46 -1.69 2.10
CA PHE A 164 -28.61 -2.15 3.48
C PHE A 164 -27.46 -1.67 4.36
N ILE A 165 -26.22 -1.79 3.89
CA ILE A 165 -25.07 -1.34 4.68
C ILE A 165 -25.20 0.15 5.00
N THR A 166 -25.53 0.96 3.99
CA THR A 166 -25.68 2.40 4.20
C THR A 166 -26.82 2.69 5.18
N THR A 167 -27.96 2.02 4.99
CA THR A 167 -29.10 2.26 5.87
C THR A 167 -28.79 1.89 7.32
N ILE A 168 -28.14 0.75 7.53
CA ILE A 168 -27.91 0.28 8.88
C ILE A 168 -26.84 1.11 9.57
N ILE A 169 -25.84 1.58 8.83
CA ILE A 169 -24.77 2.37 9.43
C ILE A 169 -25.22 3.80 9.69
N ASN A 170 -25.97 4.39 8.75
CA ASN A 170 -26.18 5.83 8.75
C ASN A 170 -27.51 6.28 9.32
N MET A 171 -28.54 5.43 9.33
CA MET A 171 -29.91 5.87 9.59
C MET A 171 -30.47 5.32 10.90
N LYS A 172 -29.61 5.05 11.87
CA LYS A 172 -30.06 4.70 13.20
C LYS A 172 -30.33 5.98 14.00
N PRO A 173 -31.08 5.90 15.09
CA PRO A 173 -31.20 7.05 15.99
C PRO A 173 -29.83 7.47 16.47
N PRO A 174 -29.58 8.78 16.59
CA PRO A 174 -28.22 9.24 16.89
C PRO A 174 -27.65 8.69 18.18
N ALA A 175 -28.51 8.34 19.16
CA ALA A 175 -28.02 7.76 20.40
C ALA A 175 -27.79 6.26 20.30
N MET A 176 -28.34 5.60 19.28
CA MET A 176 -28.23 4.15 19.18
C MET A 176 -26.90 3.77 18.53
N SER A 177 -26.07 3.05 19.26
CA SER A 177 -24.84 2.50 18.68
C SER A 177 -25.16 1.20 17.94
N GLN A 178 -24.15 0.71 17.21
CA GLN A 178 -24.32 -0.56 16.50
C GLN A 178 -24.57 -1.72 17.46
N TYR A 179 -24.14 -1.59 18.71
CA TYR A 179 -24.36 -2.62 19.71
C TYR A 179 -25.67 -2.45 20.45
N GLN A 180 -26.58 -1.63 19.93
CA GLN A 180 -27.95 -1.52 20.42
C GLN A 180 -28.97 -1.79 19.32
N THR A 181 -28.56 -2.45 18.25
CA THR A 181 -29.42 -2.84 17.14
C THR A 181 -29.79 -4.31 17.27
N PRO A 182 -31.00 -4.67 16.85
CA PRO A 182 -31.43 -6.06 16.95
C PRO A 182 -30.56 -6.99 16.12
N LEU A 183 -30.52 -8.26 16.53
CA LEU A 183 -29.64 -9.23 15.89
C LEU A 183 -29.98 -9.43 14.42
N PHE A 184 -31.26 -9.32 14.04
CA PHE A 184 -31.62 -9.47 12.63
C PHE A 184 -30.99 -8.37 11.80
N VAL A 185 -30.96 -7.14 12.33
CA VAL A 185 -30.29 -6.04 11.63
C VAL A 185 -28.81 -6.36 11.48
N TRP A 186 -28.19 -6.90 12.52
CA TRP A 186 -26.80 -7.34 12.42
C TRP A 186 -26.63 -8.40 11.33
N SER A 187 -27.54 -9.36 11.26
CA SER A 187 -27.42 -10.45 10.29
C SER A 187 -27.57 -9.96 8.87
N VAL A 188 -28.39 -8.92 8.66
CA VAL A 188 -28.59 -8.40 7.32
C VAL A 188 -27.36 -7.61 6.86
N MET A 189 -26.78 -6.81 7.75
CA MET A 189 -25.59 -6.04 7.39
C MET A 189 -24.43 -6.96 7.03
N ILE A 190 -24.18 -7.97 7.87
CA ILE A 190 -23.10 -8.91 7.61
C ILE A 190 -23.34 -9.65 6.31
N THR A 191 -24.57 -10.12 6.09
CA THR A 191 -24.95 -10.69 4.81
C THR A 191 -24.64 -9.73 3.66
N ALA A 192 -24.98 -8.46 3.83
CA ALA A 192 -24.74 -7.47 2.77
C ALA A 192 -23.25 -7.27 2.51
N VAL A 193 -22.42 -7.36 3.54
CA VAL A 193 -20.98 -7.24 3.34
C VAL A 193 -20.45 -8.43 2.54
N LEU A 194 -20.93 -9.63 2.86
CA LEU A 194 -20.53 -10.82 2.11
C LEU A 194 -20.99 -10.71 0.66
N LEU A 195 -22.19 -10.18 0.42
CA LEU A 195 -22.65 -9.97 -0.94
C LEU A 195 -21.77 -8.98 -1.68
N LEU A 196 -21.44 -7.87 -1.02
CA LEU A 196 -20.62 -6.83 -1.64
C LEU A 196 -19.27 -7.38 -2.11
N LEU A 197 -18.68 -8.29 -1.33
CA LEU A 197 -17.33 -8.76 -1.61
C LEU A 197 -17.28 -9.99 -2.52
N SER A 198 -18.31 -10.84 -2.47
CA SER A 198 -18.26 -12.13 -3.16
C SER A 198 -18.84 -12.08 -4.57
N LEU A 199 -19.99 -11.41 -4.73
CA LEU A 199 -20.63 -11.36 -6.04
C LEU A 199 -19.75 -10.74 -7.14
N PRO A 200 -18.98 -9.68 -6.91
CA PRO A 200 -18.09 -9.19 -7.97
C PRO A 200 -17.10 -10.22 -8.47
N VAL A 201 -16.65 -11.12 -7.60
CA VAL A 201 -15.74 -12.17 -8.04
C VAL A 201 -16.46 -13.19 -8.91
N LEU A 202 -17.70 -13.52 -8.55
CA LEU A 202 -18.52 -14.35 -9.41
C LEU A 202 -18.76 -13.68 -10.76
N ALA A 203 -19.10 -12.39 -10.74
CA ALA A 203 -19.34 -11.66 -11.98
C ALA A 203 -18.12 -11.70 -12.88
N ALA A 204 -16.92 -11.58 -12.31
CA ALA A 204 -15.70 -11.70 -13.09
C ALA A 204 -15.54 -13.11 -13.65
N GLY A 205 -15.77 -14.12 -12.81
CA GLY A 205 -15.66 -15.50 -13.26
C GLY A 205 -16.57 -15.80 -14.43
N ILE A 206 -17.86 -15.51 -14.28
CA ILE A 206 -18.81 -15.86 -15.34
C ILE A 206 -18.69 -14.96 -16.55
N THR A 207 -18.12 -13.76 -16.39
CA THR A 207 -17.81 -12.94 -17.55
C THR A 207 -16.68 -13.54 -18.36
N MET A 208 -15.70 -14.14 -17.68
CA MET A 208 -14.63 -14.82 -18.38
C MET A 208 -15.13 -16.06 -19.09
N LEU A 209 -16.12 -16.75 -18.51
CA LEU A 209 -16.76 -17.86 -19.21
C LEU A 209 -17.52 -17.35 -20.43
N LEU A 210 -18.17 -16.19 -20.30
CA LEU A 210 -18.89 -15.60 -21.43
C LEU A 210 -17.93 -15.31 -22.59
N THR A 211 -16.78 -14.71 -22.29
CA THR A 211 -15.83 -14.38 -23.35
C THR A 211 -15.17 -15.63 -23.93
N ASP A 212 -14.93 -16.65 -23.11
CA ASP A 212 -14.44 -17.92 -23.63
C ASP A 212 -15.44 -18.52 -24.62
N ARG A 213 -16.74 -18.32 -24.38
CA ARG A 213 -17.76 -18.92 -25.22
C ARG A 213 -18.02 -18.11 -26.48
N ASN A 214 -17.73 -16.80 -26.47
CA ASN A 214 -18.17 -15.91 -27.54
C ASN A 214 -17.10 -14.99 -28.10
N LEU A 215 -15.99 -14.77 -27.40
CA LEU A 215 -14.94 -13.86 -27.87
C LEU A 215 -13.59 -14.55 -28.05
N ASN A 216 -13.56 -15.88 -28.00
CA ASN A 216 -12.35 -16.67 -28.25
C ASN A 216 -11.25 -16.41 -27.24
N THR A 217 -11.59 -15.96 -26.04
CA THR A 217 -10.63 -16.01 -24.95
C THR A 217 -10.45 -17.45 -24.48
N THR A 218 -9.43 -17.68 -23.68
CA THR A 218 -9.10 -19.03 -23.22
C THR A 218 -8.68 -19.00 -21.75
N PHE A 219 -9.44 -18.29 -20.93
CA PHE A 219 -9.19 -18.29 -19.49
C PHE A 219 -9.23 -19.71 -18.92
N PHE A 220 -10.16 -20.53 -19.42
CA PHE A 220 -10.42 -21.85 -18.87
C PHE A 220 -10.14 -22.96 -19.87
N ASP A 221 -9.50 -22.64 -20.99
CA ASP A 221 -9.26 -23.59 -22.06
C ASP A 221 -7.78 -23.91 -22.12
N PRO A 222 -7.37 -25.13 -21.77
CA PRO A 222 -5.93 -25.47 -21.81
C PRO A 222 -5.27 -25.23 -23.16
N ALA A 223 -6.02 -25.34 -24.26
CA ALA A 223 -5.42 -25.15 -25.57
C ALA A 223 -4.81 -23.77 -25.74
N GLY A 224 -5.35 -22.77 -25.05
CA GLY A 224 -4.81 -21.43 -25.04
C GLY A 224 -3.95 -21.10 -23.84
N GLY A 225 -3.61 -22.08 -23.01
CA GLY A 225 -2.91 -21.84 -21.77
C GLY A 225 -3.79 -21.65 -20.57
N GLY A 226 -5.10 -21.83 -20.71
CA GLY A 226 -6.02 -21.65 -19.61
C GLY A 226 -6.11 -22.87 -18.72
N ASP A 227 -7.02 -22.79 -17.75
CA ASP A 227 -7.15 -23.79 -16.72
C ASP A 227 -8.61 -23.88 -16.26
N PRO A 228 -9.28 -25.01 -16.46
CA PRO A 228 -10.66 -25.15 -15.95
C PRO A 228 -10.74 -25.02 -14.44
N ILE A 229 -9.66 -25.34 -13.73
CA ILE A 229 -9.64 -25.23 -12.28
C ILE A 229 -9.71 -23.77 -11.84
N LEU A 230 -9.19 -22.85 -12.66
CA LEU A 230 -9.27 -21.43 -12.34
C LEU A 230 -10.71 -20.99 -12.14
N TYR A 231 -11.62 -21.46 -13.00
CA TYR A 231 -13.04 -21.10 -12.84
C TYR A 231 -13.56 -21.59 -11.50
N GLN A 232 -13.20 -22.80 -11.10
CA GLN A 232 -13.69 -23.35 -9.84
C GLN A 232 -13.26 -22.49 -8.66
N HIS A 233 -12.01 -22.02 -8.66
CA HIS A 233 -11.56 -21.08 -7.63
C HIS A 233 -12.42 -19.83 -7.62
N LEU A 234 -12.63 -19.22 -8.78
CA LEU A 234 -13.39 -17.98 -8.85
C LEU A 234 -14.84 -18.17 -8.42
N PHE A 235 -15.46 -19.27 -8.86
CA PHE A 235 -16.84 -19.54 -8.47
C PHE A 235 -16.94 -19.76 -6.97
N TRP A 236 -16.11 -20.66 -6.43
CA TRP A 236 -16.25 -21.03 -5.03
C TRP A 236 -15.74 -19.96 -4.07
N PHE A 237 -14.87 -19.06 -4.53
CA PHE A 237 -14.56 -17.89 -3.70
C PHE A 237 -15.82 -17.09 -3.43
N PHE A 238 -16.73 -17.04 -4.40
CA PHE A 238 -18.09 -16.57 -4.15
C PHE A 238 -18.95 -17.66 -3.51
N GLY A 239 -18.69 -18.92 -3.87
CA GLY A 239 -19.66 -19.96 -3.63
C GLY A 239 -19.94 -20.25 -2.17
N HIS A 240 -18.88 -20.29 -1.33
CA HIS A 240 -19.13 -20.50 0.09
C HIS A 240 -19.69 -19.27 0.78
N PRO A 241 -19.13 -18.06 0.62
CA PRO A 241 -19.82 -16.89 1.16
C PRO A 241 -21.30 -16.84 0.81
N GLU A 242 -21.68 -17.39 -0.35
CA GLU A 242 -23.07 -17.42 -0.75
C GLU A 242 -23.90 -18.29 0.20
N VAL A 243 -23.38 -19.44 0.61
CA VAL A 243 -24.19 -20.31 1.48
C VAL A 243 -24.34 -19.69 2.86
N TYR A 244 -23.36 -18.92 3.30
CA TYR A 244 -23.50 -18.17 4.54
C TYR A 244 -24.36 -16.93 4.36
N ILE A 245 -24.35 -16.35 3.15
CA ILE A 245 -25.35 -15.34 2.80
C ILE A 245 -26.75 -15.92 2.94
N LEU A 246 -26.91 -17.21 2.59
CA LEU A 246 -28.23 -17.82 2.62
C LEU A 246 -28.72 -18.10 4.04
N ILE A 247 -27.81 -18.32 4.98
CA ILE A 247 -28.22 -18.77 6.31
C ILE A 247 -28.20 -17.64 7.33
N LEU A 248 -27.34 -16.63 7.12
CA LEU A 248 -27.19 -15.57 8.12
C LEU A 248 -28.49 -14.83 8.42
N PRO A 249 -29.28 -14.37 7.44
CA PRO A 249 -30.58 -13.78 7.78
C PRO A 249 -31.50 -14.77 8.49
N GLY A 250 -31.39 -16.06 8.17
CA GLY A 250 -32.08 -17.07 8.95
C GLY A 250 -31.65 -17.05 10.41
N PHE A 251 -30.33 -16.99 10.65
CA PHE A 251 -29.83 -16.88 12.02
C PHE A 251 -30.47 -15.70 12.75
N GLY A 252 -30.63 -14.57 12.07
CA GLY A 252 -31.16 -13.40 12.73
C GLY A 252 -32.64 -13.53 13.07
N MET A 253 -33.43 -14.12 12.15
CA MET A 253 -34.84 -14.33 12.44
C MET A 253 -35.04 -15.36 13.54
N ILE A 254 -34.24 -16.43 13.52
CA ILE A 254 -34.33 -17.43 14.59
C ILE A 254 -34.10 -16.79 15.95
N SER A 255 -33.09 -15.92 16.06
CA SER A 255 -32.83 -15.22 17.31
C SER A 255 -34.06 -14.45 17.77
N HIS A 256 -34.72 -13.73 16.86
CA HIS A 256 -35.91 -12.97 17.23
C HIS A 256 -37.07 -13.88 17.59
N ILE A 257 -37.24 -14.98 16.84
CA ILE A 257 -38.38 -15.87 17.09
C ILE A 257 -38.20 -16.61 18.41
N VAL A 258 -37.01 -17.15 18.64
CA VAL A 258 -36.75 -17.87 19.89
C VAL A 258 -36.88 -16.93 21.08
N THR A 259 -36.36 -15.71 20.95
CA THR A 259 -36.47 -14.74 22.03
C THR A 259 -37.93 -14.38 22.30
N TYR A 260 -38.70 -14.14 21.23
CA TYR A 260 -40.08 -13.70 21.39
C TYR A 260 -40.94 -14.76 22.07
N TYR A 261 -40.91 -15.98 21.55
CA TYR A 261 -41.80 -17.02 22.04
C TYR A 261 -41.26 -17.75 23.27
N SER A 262 -40.08 -17.37 23.75
CA SER A 262 -39.64 -17.74 25.08
C SER A 262 -40.07 -16.72 26.13
N GLY A 263 -40.78 -15.67 25.73
CA GLY A 263 -41.20 -14.65 26.67
C GLY A 263 -40.08 -13.79 27.18
N LYS A 264 -38.96 -13.73 26.46
CA LYS A 264 -37.78 -12.99 26.90
C LYS A 264 -37.76 -11.61 26.29
N LYS A 265 -37.10 -10.68 26.98
CA LYS A 265 -36.91 -9.34 26.47
C LYS A 265 -35.65 -9.19 25.62
N GLU A 266 -34.79 -10.21 25.60
CA GLU A 266 -33.50 -10.11 24.91
C GLU A 266 -32.98 -11.51 24.67
N PRO A 267 -32.18 -11.71 23.63
CA PRO A 267 -31.52 -13.00 23.45
C PRO A 267 -30.35 -13.17 24.40
N PHE A 268 -30.04 -14.43 24.70
CA PHE A 268 -28.89 -14.73 25.54
C PHE A 268 -27.60 -14.37 24.80
N GLY A 269 -26.69 -13.70 25.51
CA GLY A 269 -25.37 -13.42 24.98
C GLY A 269 -25.38 -12.60 23.70
N TYR A 270 -26.00 -11.43 23.75
CA TYR A 270 -26.10 -10.56 22.57
C TYR A 270 -24.75 -10.38 21.89
N MET A 271 -23.74 -9.92 22.64
CA MET A 271 -22.44 -9.64 22.04
C MET A 271 -21.79 -10.90 21.49
N GLY A 272 -22.00 -12.05 22.14
CA GLY A 272 -21.53 -13.30 21.59
C GLY A 272 -22.22 -13.66 20.29
N MET A 273 -23.50 -13.30 20.16
CA MET A 273 -24.21 -13.53 18.90
C MET A 273 -23.65 -12.65 17.79
N VAL A 274 -23.35 -11.39 18.11
CA VAL A 274 -22.72 -10.51 17.13
C VAL A 274 -21.36 -11.06 16.73
N TRP A 275 -20.52 -11.38 17.72
CA TRP A 275 -19.20 -11.92 17.44
C TRP A 275 -19.26 -13.16 16.55
N ALA A 276 -20.22 -14.05 16.82
CA ALA A 276 -20.28 -15.29 16.07
C ALA A 276 -20.68 -15.06 14.61
N MET A 277 -21.66 -14.19 14.38
CA MET A 277 -22.06 -13.90 13.00
C MET A 277 -20.95 -13.20 12.24
N MET A 278 -20.19 -12.34 12.93
CA MET A 278 -19.08 -11.66 12.27
C MET A 278 -17.91 -12.62 12.04
N SER A 279 -17.69 -13.54 12.98
CA SER A 279 -16.66 -14.56 12.78
C SER A 279 -17.04 -15.51 11.65
N ILE A 280 -18.31 -15.91 11.59
CA ILE A 280 -18.77 -16.81 10.53
C ILE A 280 -18.58 -16.15 9.18
N GLY A 281 -18.90 -14.86 9.07
CA GLY A 281 -18.72 -14.17 7.80
C GLY A 281 -17.27 -14.05 7.39
N PHE A 282 -16.39 -13.81 8.35
CA PHE A 282 -14.96 -13.69 8.05
C PHE A 282 -14.38 -15.05 7.63
N LEU A 283 -14.63 -16.08 8.43
CA LEU A 283 -14.12 -17.41 8.11
C LEU A 283 -14.65 -17.94 6.78
N GLY A 284 -15.86 -17.50 6.39
CA GLY A 284 -16.47 -17.97 5.15
C GLY A 284 -15.74 -17.57 3.89
N PHE A 285 -14.73 -16.70 3.99
CA PHE A 285 -14.00 -16.24 2.82
C PHE A 285 -12.67 -16.98 2.62
N ILE A 286 -12.25 -17.80 3.56
CA ILE A 286 -10.93 -18.44 3.51
C ILE A 286 -11.03 -19.96 3.49
N VAL A 287 -12.17 -20.51 3.07
CA VAL A 287 -12.39 -21.96 3.14
C VAL A 287 -12.89 -22.52 1.83
N TRP A 288 -12.91 -21.71 0.77
CA TRP A 288 -13.65 -22.06 -0.44
C TRP A 288 -13.17 -23.37 -1.05
N ALA A 289 -11.88 -23.70 -0.92
CA ALA A 289 -11.35 -24.84 -1.65
C ALA A 289 -11.76 -26.18 -1.06
N HIS A 290 -12.60 -26.22 -0.03
CA HIS A 290 -13.14 -27.50 0.41
C HIS A 290 -14.20 -28.05 -0.55
N HIS A 291 -14.53 -27.30 -1.60
CA HIS A 291 -15.35 -27.79 -2.69
C HIS A 291 -14.52 -28.39 -3.81
N MET A 292 -13.20 -28.51 -3.61
CA MET A 292 -12.29 -28.90 -4.67
C MET A 292 -11.28 -29.94 -4.19
N PHE A 293 -11.60 -30.69 -3.13
CA PHE A 293 -10.64 -31.62 -2.54
C PHE A 293 -10.20 -32.74 -3.48
N THR A 294 -10.90 -32.94 -4.60
CA THR A 294 -10.56 -34.01 -5.53
C THR A 294 -10.01 -33.51 -6.86
N VAL A 295 -9.69 -32.21 -6.97
CA VAL A 295 -9.21 -31.66 -8.23
C VAL A 295 -7.71 -31.81 -8.42
N GLY A 296 -6.99 -32.24 -7.38
CA GLY A 296 -5.56 -32.41 -7.49
C GLY A 296 -4.73 -31.30 -6.88
N MET A 297 -5.06 -30.90 -5.67
N MET A 297 -5.11 -30.87 -5.69
CA MET A 297 -4.30 -29.88 -4.97
CA MET A 297 -4.37 -29.86 -4.95
C MET A 297 -3.24 -30.51 -4.07
C MET A 297 -3.34 -30.52 -4.04
N ASP A 298 -2.23 -29.72 -3.72
N ASP A 298 -2.28 -29.78 -3.73
CA ASP A 298 -1.16 -30.19 -2.85
CA ASP A 298 -1.21 -30.31 -2.91
C ASP A 298 -1.71 -30.58 -1.48
C ASP A 298 -1.73 -30.62 -1.51
N VAL A 299 -0.99 -31.47 -0.80
CA VAL A 299 -1.45 -31.99 0.49
C VAL A 299 -1.50 -30.89 1.54
N ASP A 300 -0.56 -29.94 1.52
CA ASP A 300 -0.57 -28.87 2.51
C ASP A 300 -1.77 -27.96 2.33
N THR A 301 -2.12 -27.63 1.08
CA THR A 301 -3.34 -26.88 0.82
C THR A 301 -4.57 -27.62 1.31
N ARG A 302 -4.63 -28.94 1.09
N ARG A 302 -4.63 -28.93 1.06
CA ARG A 302 -5.75 -29.73 1.59
CA ARG A 302 -5.71 -29.75 1.58
C ARG A 302 -5.74 -29.84 3.10
C ARG A 302 -5.74 -29.73 3.10
N ALA A 303 -4.57 -29.70 3.73
CA ALA A 303 -4.51 -29.71 5.19
C ALA A 303 -5.02 -28.40 5.77
N TYR A 304 -4.69 -27.27 5.13
CA TYR A 304 -5.16 -25.98 5.63
C TYR A 304 -6.67 -25.87 5.52
N PHE A 305 -7.20 -26.12 4.31
CA PHE A 305 -8.63 -25.93 4.10
C PHE A 305 -9.46 -26.88 4.94
N THR A 306 -8.92 -28.06 5.27
CA THR A 306 -9.58 -28.93 6.23
C THR A 306 -9.67 -28.26 7.59
N SER A 307 -8.55 -27.69 8.07
CA SER A 307 -8.52 -27.09 9.39
C SER A 307 -9.34 -25.80 9.44
N ALA A 308 -9.16 -24.93 8.45
CA ALA A 308 -9.88 -23.65 8.44
C ALA A 308 -11.38 -23.85 8.32
N THR A 309 -11.82 -24.89 7.62
CA THR A 309 -13.25 -25.14 7.51
C THR A 309 -13.86 -25.53 8.85
N MET A 310 -13.15 -26.34 9.64
CA MET A 310 -13.71 -26.86 10.88
C MET A 310 -13.81 -25.81 11.98
N ILE A 311 -13.02 -24.74 11.90
N ILE A 311 -12.98 -24.76 11.94
CA ILE A 311 -13.05 -23.68 12.90
CA ILE A 311 -12.98 -23.79 13.02
C ILE A 311 -14.43 -23.02 12.96
C ILE A 311 -14.30 -23.04 13.09
N ILE A 312 -15.15 -22.98 11.83
N ILE A 312 -15.05 -22.98 12.00
CA ILE A 312 -16.46 -22.35 11.78
CA ILE A 312 -16.32 -22.25 11.99
C ILE A 312 -17.43 -22.97 12.78
C ILE A 312 -17.37 -22.93 12.86
N ALA A 313 -17.15 -24.19 13.25
CA ALA A 313 -18.05 -24.84 14.19
C ALA A 313 -18.07 -24.14 15.54
N ILE A 314 -16.99 -23.46 15.91
CA ILE A 314 -16.89 -22.81 17.21
C ILE A 314 -17.83 -21.62 17.28
N PRO A 315 -17.75 -20.61 16.39
CA PRO A 315 -18.73 -19.52 16.46
C PRO A 315 -20.16 -19.99 16.23
N THR A 316 -20.36 -20.94 15.31
CA THR A 316 -21.70 -21.47 15.08
C THR A 316 -22.26 -22.15 16.32
N GLY A 317 -21.41 -22.89 17.04
CA GLY A 317 -21.85 -23.53 18.26
C GLY A 317 -22.29 -22.53 19.33
N VAL A 318 -21.59 -21.40 19.41
CA VAL A 318 -21.99 -20.35 20.34
C VAL A 318 -23.42 -19.90 20.07
N LYS A 319 -23.79 -19.77 18.78
CA LYS A 319 -25.15 -19.38 18.43
C LYS A 319 -26.16 -20.45 18.82
N VAL A 320 -25.84 -21.71 18.56
CA VAL A 320 -26.77 -22.80 18.87
C VAL A 320 -27.02 -22.86 20.38
N PHE A 321 -25.94 -22.82 21.17
CA PHE A 321 -26.08 -22.90 22.62
C PHE A 321 -26.74 -21.64 23.19
N SER A 322 -26.54 -20.48 22.53
CA SER A 322 -27.19 -19.27 22.99
C SER A 322 -28.69 -19.32 22.74
N TRP A 323 -29.10 -19.89 21.61
CA TRP A 323 -30.52 -20.12 21.36
C TRP A 323 -31.12 -21.04 22.43
N LEU A 324 -30.39 -22.10 22.79
CA LEU A 324 -30.84 -22.98 23.87
C LEU A 324 -30.91 -22.22 25.19
N ALA A 325 -29.91 -21.37 25.45
CA ALA A 325 -29.91 -20.56 26.68
C ALA A 325 -31.02 -19.52 26.66
N THR A 326 -31.51 -19.14 25.48
CA THR A 326 -32.64 -18.23 25.41
C THR A 326 -33.94 -18.95 25.77
N LEU A 327 -34.07 -20.22 25.34
CA LEU A 327 -35.20 -21.03 25.75
C LEU A 327 -35.21 -21.26 27.26
N HIS A 328 -34.03 -21.35 27.86
CA HIS A 328 -33.91 -21.72 29.27
C HIS A 328 -34.63 -20.73 30.16
N GLY A 329 -35.62 -21.21 30.91
CA GLY A 329 -36.34 -20.38 31.84
C GLY A 329 -37.48 -19.58 31.23
N GLY A 330 -37.77 -19.78 29.95
CA GLY A 330 -38.78 -18.97 29.29
C GLY A 330 -40.19 -19.46 29.54
N ASN A 331 -41.14 -18.53 29.44
CA ASN A 331 -42.56 -18.85 29.37
C ASN A 331 -42.84 -19.24 27.93
N ILE A 332 -42.71 -20.53 27.64
CA ILE A 332 -42.69 -21.00 26.26
C ILE A 332 -44.10 -20.92 25.68
N LYS A 333 -44.25 -20.18 24.58
CA LYS A 333 -45.48 -20.18 23.82
C LYS A 333 -45.30 -21.08 22.61
N TRP A 334 -46.09 -22.15 22.53
CA TRP A 334 -45.93 -23.15 21.49
C TRP A 334 -46.65 -22.74 20.21
N SER A 335 -46.26 -21.58 19.69
CA SER A 335 -46.82 -21.07 18.46
C SER A 335 -46.26 -21.86 17.28
N PRO A 336 -46.88 -21.76 16.10
CA PRO A 336 -46.28 -22.40 14.91
C PRO A 336 -44.92 -21.84 14.56
N ALA A 337 -44.70 -20.54 14.76
CA ALA A 337 -43.39 -19.96 14.50
C ALA A 337 -42.32 -20.58 15.40
N MET A 338 -42.66 -20.80 16.68
CA MET A 338 -41.70 -21.43 17.58
C MET A 338 -41.34 -22.83 17.13
N MET A 339 -42.31 -23.58 16.61
CA MET A 339 -42.04 -24.93 16.14
C MET A 339 -41.06 -24.93 14.98
N TRP A 340 -41.26 -24.03 14.01
CA TRP A 340 -40.29 -23.86 12.93
C TRP A 340 -38.91 -23.55 13.48
N ALA A 341 -38.82 -22.67 14.47
CA ALA A 341 -37.52 -22.28 15.00
C ALA A 341 -36.86 -23.43 15.76
N LEU A 342 -37.65 -24.23 16.47
CA LEU A 342 -37.10 -25.38 17.19
C LEU A 342 -36.68 -26.46 16.21
N GLY A 343 -37.45 -26.67 15.14
CA GLY A 343 -37.00 -27.56 14.08
C GLY A 343 -35.74 -27.07 13.41
N PHE A 344 -35.60 -25.74 13.25
CA PHE A 344 -34.37 -25.18 12.70
C PHE A 344 -33.16 -25.58 13.54
N ILE A 345 -33.23 -25.34 14.85
CA ILE A 345 -32.07 -25.53 15.72
C ILE A 345 -31.54 -26.95 15.61
N PHE A 346 -32.43 -27.95 15.65
CA PHE A 346 -32.00 -29.34 15.59
C PHE A 346 -31.53 -29.72 14.20
N LEU A 347 -32.33 -29.41 13.18
CA LEU A 347 -32.02 -29.89 11.83
C LEU A 347 -30.83 -29.16 11.23
N PHE A 348 -30.70 -27.87 11.51
CA PHE A 348 -29.48 -27.16 11.09
C PHE A 348 -28.25 -27.76 11.74
N THR A 349 -28.36 -28.12 13.03
CA THR A 349 -27.24 -28.72 13.74
C THR A 349 -26.80 -30.02 13.07
N VAL A 350 -27.76 -30.86 12.69
CA VAL A 350 -27.45 -32.12 12.01
C VAL A 350 -26.71 -31.84 10.70
N GLY A 351 -27.24 -30.93 9.89
CA GLY A 351 -26.61 -30.61 8.63
C GLY A 351 -25.25 -29.95 8.80
N GLY A 352 -25.12 -29.11 9.83
CA GLY A 352 -23.82 -28.53 10.13
C GLY A 352 -22.80 -29.58 10.53
N LEU A 353 -23.23 -30.61 11.25
CA LEU A 353 -22.30 -31.64 11.72
C LEU A 353 -21.83 -32.51 10.56
N THR A 354 -22.71 -32.79 9.59
CA THR A 354 -22.29 -33.53 8.41
C THR A 354 -21.37 -32.69 7.53
N GLY A 355 -21.50 -31.36 7.59
CA GLY A 355 -20.53 -30.50 6.94
C GLY A 355 -19.15 -30.64 7.54
N ILE A 356 -19.07 -30.80 8.86
CA ILE A 356 -17.79 -31.02 9.52
C ILE A 356 -17.18 -32.35 9.08
N VAL A 357 -18.01 -33.36 8.85
CA VAL A 357 -17.52 -34.62 8.29
C VAL A 357 -16.89 -34.37 6.92
N LEU A 358 -17.60 -33.62 6.06
CA LEU A 358 -17.10 -33.32 4.73
C LEU A 358 -15.86 -32.44 4.76
N ALA A 359 -15.65 -31.67 5.83
CA ALA A 359 -14.49 -30.80 5.92
C ALA A 359 -13.19 -31.57 5.91
N ASN A 360 -13.22 -32.85 6.28
CA ASN A 360 -12.03 -33.69 6.31
C ASN A 360 -11.74 -34.17 4.89
N SER A 361 -10.70 -33.61 4.27
CA SER A 361 -10.41 -33.88 2.86
C SER A 361 -10.18 -35.36 2.60
N SER A 362 -9.59 -36.08 3.56
CA SER A 362 -9.38 -37.51 3.40
C SER A 362 -10.69 -38.25 3.25
N LEU A 363 -11.65 -37.96 4.14
CA LEU A 363 -12.96 -38.58 4.04
C LEU A 363 -13.77 -38.02 2.87
N ASP A 364 -13.55 -36.75 2.53
CA ASP A 364 -14.28 -36.12 1.43
C ASP A 364 -13.95 -36.76 0.09
N ILE A 365 -12.77 -37.37 -0.05
CA ILE A 365 -12.43 -38.09 -1.29
C ILE A 365 -13.54 -39.07 -1.67
N VAL A 366 -14.02 -39.83 -0.67
CA VAL A 366 -15.05 -40.83 -0.94
C VAL A 366 -16.44 -40.21 -0.95
N LEU A 367 -16.63 -39.09 -0.24
CA LEU A 367 -17.96 -38.49 -0.12
C LEU A 367 -18.22 -37.37 -1.13
N HIS A 368 -17.19 -36.81 -1.76
CA HIS A 368 -17.39 -35.73 -2.72
C HIS A 368 -18.20 -36.24 -3.91
N ASP A 369 -19.11 -35.40 -4.39
CA ASP A 369 -19.93 -35.68 -5.57
C ASP A 369 -20.81 -36.91 -5.35
N THR A 370 -21.12 -37.21 -4.09
CA THR A 370 -22.08 -38.23 -3.72
C THR A 370 -23.27 -37.57 -3.02
N TYR A 371 -24.32 -38.36 -2.81
CA TYR A 371 -25.51 -37.84 -2.16
C TYR A 371 -25.30 -37.51 -0.68
N TYR A 372 -24.16 -37.88 -0.10
CA TYR A 372 -23.85 -37.41 1.25
C TYR A 372 -23.75 -35.89 1.27
N VAL A 373 -23.19 -35.29 0.22
CA VAL A 373 -23.16 -33.84 0.10
C VAL A 373 -24.57 -33.29 -0.06
N VAL A 374 -25.38 -33.94 -0.91
CA VAL A 374 -26.76 -33.52 -1.10
C VAL A 374 -27.52 -33.58 0.21
N ALA A 375 -27.28 -34.62 1.00
CA ALA A 375 -27.88 -34.70 2.33
C ALA A 375 -27.42 -33.55 3.22
N HIS A 376 -26.12 -33.20 3.14
CA HIS A 376 -25.58 -32.13 3.99
C HIS A 376 -26.30 -30.81 3.73
N PHE A 377 -26.30 -30.36 2.48
CA PHE A 377 -26.80 -29.02 2.24
C PHE A 377 -28.32 -28.94 2.22
N HIS A 378 -29.03 -30.02 1.91
CA HIS A 378 -30.48 -29.95 2.05
C HIS A 378 -30.91 -29.90 3.52
N TYR A 379 -30.12 -30.47 4.43
CA TYR A 379 -30.42 -30.32 5.86
C TYR A 379 -30.14 -28.91 6.35
N VAL A 380 -29.16 -28.21 5.77
N VAL A 380 -29.05 -28.31 5.86
CA VAL A 380 -28.94 -26.83 6.20
CA VAL A 380 -28.47 -27.09 6.42
C VAL A 380 -29.73 -25.82 5.37
C VAL A 380 -28.84 -25.85 5.61
N LEU A 381 -30.09 -26.14 4.12
N LEU A 381 -29.36 -26.03 4.40
CA LEU A 381 -30.84 -25.21 3.30
CA LEU A 381 -29.85 -24.95 3.54
C LEU A 381 -32.34 -25.47 3.39
C LEU A 381 -31.32 -25.12 3.16
N SER A 382 -32.74 -26.71 3.15
N SER A 382 -31.76 -26.33 2.85
CA SER A 382 -34.15 -27.04 3.07
CA SER A 382 -33.13 -26.54 2.42
C SER A 382 -34.76 -27.33 4.43
C SER A 382 -34.10 -26.74 3.58
N MET A 383 -33.92 -27.53 5.46
N MET A 383 -33.61 -27.12 4.76
CA MET A 383 -34.37 -27.61 6.84
CA MET A 383 -34.41 -27.14 5.97
C MET A 383 -33.80 -26.50 7.72
C MET A 383 -34.16 -25.90 6.81
N GLY A 384 -32.90 -25.66 7.19
CA GLY A 384 -32.50 -24.48 7.91
C GLY A 384 -33.08 -23.19 7.35
N ALA A 385 -32.67 -22.81 6.14
CA ALA A 385 -33.15 -21.55 5.55
C ALA A 385 -34.67 -21.56 5.39
N VAL A 386 -35.24 -22.67 4.92
CA VAL A 386 -36.68 -22.72 4.69
C VAL A 386 -37.44 -22.68 6.00
N PHE A 387 -37.00 -23.43 7.01
CA PHE A 387 -37.66 -23.38 8.31
C PHE A 387 -37.57 -21.99 8.91
N ALA A 388 -36.41 -21.33 8.76
CA ALA A 388 -36.29 -19.94 9.20
C ALA A 388 -37.22 -19.04 8.40
N ILE A 389 -37.36 -19.30 7.11
CA ILE A 389 -38.28 -18.52 6.29
C ILE A 389 -39.73 -18.77 6.73
N MET A 390 -40.07 -20.04 6.97
CA MET A 390 -41.43 -20.36 7.39
C MET A 390 -41.73 -19.79 8.78
N GLY A 391 -40.78 -19.90 9.70
CA GLY A 391 -40.97 -19.31 11.01
C GLY A 391 -41.12 -17.80 10.96
N GLY A 392 -40.27 -17.13 10.16
CA GLY A 392 -40.40 -15.70 10.01
C GLY A 392 -41.69 -15.29 9.33
N PHE A 393 -42.14 -16.07 8.35
CA PHE A 393 -43.36 -15.74 7.64
C PHE A 393 -44.57 -15.83 8.57
N VAL A 394 -44.70 -16.92 9.32
N VAL A 394 -44.69 -16.93 9.30
CA VAL A 394 -45.86 -17.06 10.19
CA VAL A 394 -45.80 -17.12 10.23
C VAL A 394 -45.78 -16.13 11.39
C VAL A 394 -45.78 -16.06 11.32
N HIS A 395 -44.57 -15.71 11.78
CA HIS A 395 -44.45 -14.79 12.91
C HIS A 395 -44.82 -13.37 12.52
N TRP A 396 -44.38 -12.91 11.34
CA TRP A 396 -44.55 -11.52 10.93
C TRP A 396 -45.67 -11.33 9.92
N PHE A 397 -46.33 -12.39 9.47
CA PHE A 397 -47.51 -12.23 8.63
C PHE A 397 -48.56 -11.30 9.23
N PRO A 398 -48.90 -11.37 10.52
CA PRO A 398 -49.86 -10.41 11.07
C PRO A 398 -49.37 -8.97 11.02
N LEU A 399 -48.06 -8.76 11.11
CA LEU A 399 -47.52 -7.41 10.99
C LEU A 399 -47.64 -6.90 9.55
N PHE A 400 -47.29 -7.74 8.58
CA PHE A 400 -47.29 -7.31 7.19
C PHE A 400 -48.71 -7.09 6.68
N SER A 401 -49.63 -7.98 7.04
CA SER A 401 -50.97 -7.99 6.47
C SER A 401 -52.03 -7.36 7.37
N GLY A 402 -51.85 -7.41 8.68
CA GLY A 402 -52.90 -7.02 9.60
C GLY A 402 -53.89 -8.11 9.93
N TYR A 403 -53.70 -9.31 9.37
CA TYR A 403 -54.58 -10.44 9.58
C TYR A 403 -53.81 -11.55 10.27
N THR A 404 -54.54 -12.39 11.01
CA THR A 404 -53.94 -13.53 11.68
C THR A 404 -54.15 -14.80 10.87
N LEU A 405 -53.19 -15.72 11.00
CA LEU A 405 -53.33 -17.04 10.42
C LEU A 405 -54.16 -17.93 11.35
N ASN A 406 -54.56 -19.08 10.82
CA ASN A 406 -55.14 -20.12 11.67
C ASN A 406 -53.99 -20.92 12.27
N ASP A 407 -53.81 -20.82 13.60
CA ASP A 407 -52.67 -21.46 14.24
C ASP A 407 -52.74 -22.98 14.11
N THR A 408 -53.94 -23.54 14.17
CA THR A 408 -54.07 -24.99 14.05
C THR A 408 -53.66 -25.47 12.67
N TRP A 409 -54.14 -24.80 11.62
CA TRP A 409 -53.70 -25.11 10.27
C TRP A 409 -52.19 -24.97 10.14
N ALA A 410 -51.62 -23.91 10.71
CA ALA A 410 -50.19 -23.67 10.60
C ALA A 410 -49.39 -24.77 11.30
N LYS A 411 -49.89 -25.25 12.45
CA LYS A 411 -49.22 -26.35 13.14
C LYS A 411 -49.33 -27.64 12.33
N ILE A 412 -50.46 -27.86 11.67
CA ILE A 412 -50.61 -29.00 10.78
C ILE A 412 -49.63 -28.91 9.64
N HIS A 413 -49.48 -27.72 9.07
CA HIS A 413 -48.52 -27.50 7.97
C HIS A 413 -47.10 -27.86 8.40
N PHE A 414 -46.69 -27.38 9.59
CA PHE A 414 -45.36 -27.70 10.10
C PHE A 414 -45.16 -29.22 10.22
N ALA A 415 -46.17 -29.92 10.76
CA ALA A 415 -46.02 -31.34 11.02
C ALA A 415 -45.85 -32.13 9.72
N ILE A 416 -46.63 -31.77 8.69
CA ILE A 416 -46.48 -32.43 7.40
C ILE A 416 -45.11 -32.15 6.81
N MET A 417 -44.68 -30.88 6.88
CA MET A 417 -43.39 -30.51 6.31
C MET A 417 -42.24 -31.21 7.03
N PHE A 418 -42.31 -31.30 8.36
CA PHE A 418 -41.24 -31.92 9.12
C PHE A 418 -41.07 -33.39 8.73
N VAL A 419 -42.18 -34.11 8.55
CA VAL A 419 -42.10 -35.51 8.13
C VAL A 419 -41.57 -35.61 6.71
N GLY A 420 -42.06 -34.77 5.80
CA GLY A 420 -41.68 -34.89 4.41
C GLY A 420 -40.21 -34.61 4.17
N VAL A 421 -39.68 -33.54 4.78
CA VAL A 421 -38.30 -33.16 4.54
C VAL A 421 -37.34 -34.22 5.08
N ASN A 422 -37.65 -34.79 6.24
CA ASN A 422 -36.75 -35.78 6.84
C ASN A 422 -36.84 -37.12 6.11
N MET A 423 -38.04 -37.50 5.67
CA MET A 423 -38.17 -38.71 4.86
C MET A 423 -37.45 -38.55 3.52
N THR A 424 -37.37 -37.33 2.99
CA THR A 424 -36.72 -37.11 1.71
C THR A 424 -35.21 -37.26 1.82
N PHE A 425 -34.60 -36.59 2.80
CA PHE A 425 -33.16 -36.36 2.76
C PHE A 425 -32.34 -37.20 3.73
N PHE A 426 -32.93 -37.70 4.82
CA PHE A 426 -32.15 -38.55 5.71
C PHE A 426 -31.66 -39.82 5.04
N PRO A 427 -32.46 -40.55 4.25
CA PRO A 427 -31.91 -41.74 3.57
C PRO A 427 -30.81 -41.41 2.58
N GLN A 428 -30.69 -40.16 2.14
CA GLN A 428 -29.64 -39.78 1.21
C GLN A 428 -28.25 -39.85 1.84
N HIS A 429 -28.16 -39.82 3.18
CA HIS A 429 -26.90 -40.14 3.84
C HIS A 429 -26.43 -41.54 3.46
N PHE A 430 -27.35 -42.52 3.53
CA PHE A 430 -26.99 -43.89 3.20
C PHE A 430 -26.54 -44.01 1.74
N LEU A 431 -27.27 -43.37 0.82
CA LEU A 431 -26.89 -43.38 -0.59
C LEU A 431 -25.50 -42.80 -0.79
N GLY A 432 -25.16 -41.74 -0.04
CA GLY A 432 -23.85 -41.12 -0.19
C GLY A 432 -22.73 -42.00 0.34
N LEU A 433 -22.89 -42.50 1.56
CA LEU A 433 -21.86 -43.36 2.14
C LEU A 433 -21.62 -44.60 1.29
N SER A 434 -22.68 -45.14 0.69
CA SER A 434 -22.57 -46.34 -0.14
C SER A 434 -22.19 -46.02 -1.59
N GLY A 435 -22.04 -44.75 -1.94
CA GLY A 435 -21.38 -44.37 -3.17
C GLY A 435 -22.24 -43.91 -4.32
N MET A 436 -23.48 -43.50 -4.09
CA MET A 436 -24.31 -43.01 -5.19
C MET A 436 -23.86 -41.62 -5.60
N PRO A 437 -23.47 -41.42 -6.87
CA PRO A 437 -22.97 -40.10 -7.27
C PRO A 437 -24.08 -39.06 -7.38
N ARG A 438 -23.67 -37.81 -7.31
CA ARG A 438 -24.57 -36.70 -7.58
C ARG A 438 -24.92 -36.62 -9.06
N ARG A 439 -26.03 -35.94 -9.35
CA ARG A 439 -26.38 -35.53 -10.71
C ARG A 439 -26.61 -36.72 -11.63
N TYR A 440 -27.14 -37.81 -11.08
CA TYR A 440 -27.45 -39.01 -11.85
C TYR A 440 -28.95 -39.09 -12.09
N SER A 441 -29.33 -39.45 -13.32
CA SER A 441 -30.73 -39.69 -13.64
C SER A 441 -31.17 -41.10 -13.31
N ASP A 442 -30.21 -42.02 -13.09
CA ASP A 442 -30.51 -43.40 -12.80
C ASP A 442 -29.34 -43.95 -11.99
N TYR A 443 -29.60 -45.06 -11.31
CA TYR A 443 -28.66 -45.59 -10.32
C TYR A 443 -28.61 -47.11 -10.42
N PRO A 444 -27.49 -47.71 -10.03
CA PRO A 444 -27.43 -49.17 -9.90
C PRO A 444 -28.56 -49.68 -9.01
N ASP A 445 -28.95 -50.93 -9.25
CA ASP A 445 -30.15 -51.48 -8.62
C ASP A 445 -30.08 -51.46 -7.10
N ALA A 446 -28.88 -51.60 -6.53
CA ALA A 446 -28.74 -51.66 -5.07
C ALA A 446 -29.29 -50.42 -4.38
N TYR A 447 -29.29 -49.27 -5.06
CA TYR A 447 -29.69 -48.01 -4.45
C TYR A 447 -31.20 -47.78 -4.52
N THR A 448 -31.99 -48.79 -4.84
CA THR A 448 -33.40 -48.58 -5.17
C THR A 448 -34.21 -48.17 -3.95
N MET A 449 -34.02 -48.85 -2.81
CA MET A 449 -34.91 -48.63 -1.67
C MET A 449 -34.83 -47.20 -1.16
N TRP A 450 -33.62 -46.69 -0.92
CA TRP A 450 -33.49 -45.36 -0.35
C TRP A 450 -33.94 -44.28 -1.32
N ASN A 451 -33.73 -44.49 -2.63
CA ASN A 451 -34.25 -43.56 -3.61
C ASN A 451 -35.77 -43.59 -3.65
N THR A 452 -36.36 -44.78 -3.45
CA THR A 452 -37.82 -44.89 -3.43
C THR A 452 -38.41 -44.15 -2.23
N ILE A 453 -37.85 -44.36 -1.05
CA ILE A 453 -38.32 -43.67 0.15
C ILE A 453 -38.14 -42.17 0.00
N SER A 454 -36.97 -41.75 -0.50
CA SER A 454 -36.69 -40.32 -0.64
C SER A 454 -37.70 -39.64 -1.55
N SER A 455 -38.06 -40.26 -2.67
CA SER A 455 -39.01 -39.66 -3.59
C SER A 455 -40.41 -39.63 -2.99
N MET A 456 -40.77 -40.62 -2.17
CA MET A 456 -42.05 -40.59 -1.47
C MET A 456 -42.09 -39.42 -0.50
N GLY A 457 -40.98 -39.16 0.19
CA GLY A 457 -40.93 -37.99 1.07
C GLY A 457 -41.16 -36.69 0.35
N SER A 458 -40.65 -36.58 -0.88
CA SER A 458 -40.81 -35.34 -1.64
C SER A 458 -42.27 -35.05 -1.93
N PHE A 459 -43.08 -36.08 -2.11
CA PHE A 459 -44.52 -35.86 -2.31
C PHE A 459 -45.19 -35.37 -1.03
N ILE A 460 -44.71 -35.81 0.14
CA ILE A 460 -45.26 -35.32 1.39
C ILE A 460 -45.01 -33.82 1.53
N SER A 461 -43.80 -33.38 1.18
CA SER A 461 -43.50 -31.95 1.22
C SER A 461 -44.35 -31.17 0.21
N LEU A 462 -44.65 -31.78 -0.94
CA LEU A 462 -45.56 -31.14 -1.89
C LEU A 462 -46.92 -30.87 -1.27
N THR A 463 -47.44 -31.83 -0.51
CA THR A 463 -48.73 -31.64 0.16
C THR A 463 -48.65 -30.49 1.17
N ALA A 464 -47.52 -30.35 1.86
CA ALA A 464 -47.34 -29.23 2.77
C ALA A 464 -47.35 -27.90 2.02
N VAL A 465 -46.69 -27.85 0.86
CA VAL A 465 -46.65 -26.61 0.09
C VAL A 465 -48.04 -26.23 -0.38
N MET A 466 -48.81 -27.20 -0.86
CA MET A 466 -50.18 -26.92 -1.29
C MET A 466 -51.03 -26.45 -0.12
N LEU A 467 -50.83 -27.05 1.06
CA LEU A 467 -51.58 -26.61 2.24
C LEU A 467 -51.20 -25.20 2.64
N MET A 468 -49.91 -24.84 2.48
CA MET A 468 -49.47 -23.48 2.80
C MET A 468 -50.22 -22.44 1.99
N VAL A 469 -50.42 -22.69 0.69
CA VAL A 469 -51.16 -21.76 -0.15
C VAL A 469 -52.59 -21.62 0.36
N PHE A 470 -53.22 -22.73 0.74
CA PHE A 470 -54.57 -22.67 1.30
C PHE A 470 -54.61 -21.86 2.59
N ILE A 471 -53.61 -22.04 3.45
CA ILE A 471 -53.60 -21.35 4.74
C ILE A 471 -53.50 -19.85 4.54
N ILE A 472 -52.69 -19.41 3.56
CA ILE A 472 -52.60 -17.99 3.25
C ILE A 472 -53.93 -17.47 2.71
N TRP A 473 -54.56 -18.24 1.83
CA TRP A 473 -55.89 -17.86 1.34
C TRP A 473 -56.88 -17.72 2.49
N GLU A 474 -56.91 -18.70 3.39
CA GLU A 474 -57.87 -18.70 4.49
C GLU A 474 -57.71 -17.45 5.36
N ALA A 475 -56.47 -17.03 5.60
CA ALA A 475 -56.24 -15.84 6.42
C ALA A 475 -56.80 -14.59 5.75
N PHE A 476 -56.51 -14.43 4.45
CA PHE A 476 -57.07 -13.29 3.73
C PHE A 476 -58.57 -13.44 3.50
N ALA A 477 -59.06 -14.68 3.42
CA ALA A 477 -60.50 -14.89 3.22
C ALA A 477 -61.29 -14.53 4.47
N SER A 478 -60.77 -14.85 5.66
CA SER A 478 -61.53 -14.67 6.89
C SER A 478 -61.41 -13.26 7.46
N LYS A 479 -60.25 -12.61 7.28
CA LYS A 479 -60.01 -11.25 7.74
C LYS A 479 -60.22 -11.13 9.26
N ARG A 480 -59.42 -11.88 10.01
CA ARG A 480 -59.29 -11.67 11.45
C ARG A 480 -58.24 -10.60 11.69
N GLU A 481 -58.68 -9.41 12.08
CA GLU A 481 -57.79 -8.26 12.18
C GLU A 481 -57.08 -8.24 13.54
N VAL A 482 -55.77 -7.99 13.50
CA VAL A 482 -54.95 -8.00 14.72
C VAL A 482 -55.45 -6.92 15.68
N LEU A 483 -55.45 -7.27 16.97
CA LEU A 483 -55.76 -6.32 18.04
C LEU A 483 -54.50 -5.94 18.83
N THR A 484 -53.99 -6.84 19.67
CA THR A 484 -52.84 -6.53 20.51
C THR A 484 -51.72 -7.52 20.25
N VAL A 485 -50.48 -7.05 20.43
CA VAL A 485 -49.30 -7.88 20.33
C VAL A 485 -48.47 -7.73 21.61
N ASP A 486 -47.89 -8.83 22.07
CA ASP A 486 -47.07 -8.82 23.27
C ASP A 486 -45.65 -8.36 22.96
N LEU A 487 -44.97 -7.88 24.01
CA LEU A 487 -43.53 -7.63 23.99
C LEU A 487 -43.15 -6.54 23.00
N THR A 488 -44.04 -5.59 22.75
CA THR A 488 -43.70 -4.47 21.88
C THR A 488 -42.54 -3.66 22.43
N THR A 489 -42.32 -3.69 23.74
CA THR A 489 -41.24 -2.91 24.34
C THR A 489 -39.86 -3.36 23.88
N THR A 490 -39.75 -4.59 23.36
CA THR A 490 -38.48 -5.10 22.85
C THR A 490 -38.62 -5.63 21.43
N ASN A 491 -39.65 -5.18 20.68
CA ASN A 491 -39.88 -5.58 19.29
C ASN A 491 -40.47 -4.35 18.59
N LEU A 492 -39.60 -3.38 18.30
CA LEU A 492 -40.02 -2.09 17.77
C LEU A 492 -40.85 -2.22 16.50
N GLU A 493 -40.60 -3.24 15.68
CA GLU A 493 -41.28 -3.35 14.40
C GLU A 493 -42.80 -3.50 14.54
N TRP A 494 -43.28 -3.92 15.71
CA TRP A 494 -44.70 -4.09 15.96
C TRP A 494 -45.38 -2.82 16.49
N LEU A 495 -44.60 -1.82 16.89
CA LEU A 495 -45.12 -0.71 17.70
C LEU A 495 -45.93 0.29 16.90
N ASN A 496 -45.99 0.18 15.57
CA ASN A 496 -46.78 1.08 14.74
C ASN A 496 -48.07 0.44 14.24
N GLY A 497 -48.49 -0.67 14.84
CA GLY A 497 -49.72 -1.33 14.45
C GLY A 497 -49.54 -2.30 13.31
N CYS A 498 -50.65 -2.96 12.96
CA CYS A 498 -50.64 -4.03 11.97
C CYS A 498 -51.77 -3.81 10.96
N PRO A 499 -51.45 -3.46 9.71
CA PRO A 499 -50.09 -3.17 9.26
C PRO A 499 -49.68 -1.74 9.62
N PRO A 500 -48.37 -1.46 9.66
CA PRO A 500 -47.93 -0.10 9.94
C PRO A 500 -48.32 0.83 8.81
N PRO A 501 -48.49 2.13 9.09
CA PRO A 501 -48.85 3.07 8.03
C PRO A 501 -47.80 3.08 6.92
N TYR A 502 -48.24 3.51 5.73
CA TYR A 502 -47.35 3.64 4.59
C TYR A 502 -46.07 4.38 4.97
N HIS A 503 -46.21 5.53 5.63
CA HIS A 503 -45.08 6.26 6.19
C HIS A 503 -45.04 6.02 7.70
N THR A 504 -43.93 5.47 8.17
CA THR A 504 -43.69 5.32 9.60
C THR A 504 -42.44 6.11 9.97
N PHE A 505 -42.39 6.50 11.25
CA PHE A 505 -41.26 7.26 11.79
C PHE A 505 -41.01 8.55 11.04
N GLU A 506 -42.08 9.18 10.55
CA GLU A 506 -41.94 10.54 10.02
C GLU A 506 -41.39 11.47 11.09
N GLU A 507 -41.88 11.31 12.33
CA GLU A 507 -41.19 11.84 13.50
C GLU A 507 -40.34 10.72 14.08
N PRO A 508 -39.03 10.89 14.14
CA PRO A 508 -38.17 9.79 14.62
C PRO A 508 -38.39 9.51 16.10
N THR A 509 -37.87 8.35 16.52
CA THR A 509 -37.95 7.97 17.92
C THR A 509 -37.09 8.90 18.77
N TYR A 510 -37.43 8.98 20.05
CA TYR A 510 -36.68 9.76 21.03
C TYR A 510 -35.81 8.81 21.84
N VAL A 511 -34.49 8.94 21.69
CA VAL A 511 -33.53 8.16 22.46
C VAL A 511 -32.45 9.12 22.94
N ASN A 512 -32.34 9.31 24.24
CA ASN A 512 -31.31 10.18 24.78
C ASN A 512 -30.07 9.38 25.17
N LEU A 513 -28.95 10.10 25.35
CA LEU A 513 -27.66 9.46 25.58
C LEU A 513 -27.28 9.30 27.04
N LYS A 514 -27.88 10.08 27.95
CA LYS A 514 -27.54 10.06 29.38
C LYS A 514 -26.10 10.47 29.65
N ALA B 2 -21.92 -51.53 -4.05
CA ALA B 2 -22.98 -51.34 -3.07
C ALA B 2 -24.00 -52.48 -3.19
N TYR B 3 -24.61 -52.83 -2.06
CA TYR B 3 -25.62 -53.86 -1.98
C TYR B 3 -26.94 -53.25 -1.51
N PRO B 4 -28.06 -53.93 -1.73
CA PRO B 4 -29.36 -53.35 -1.33
C PRO B 4 -29.42 -53.04 0.15
N MET B 5 -30.05 -51.92 0.47
CA MET B 5 -30.30 -51.49 1.85
C MET B 5 -29.01 -51.14 2.59
N GLN B 6 -27.96 -50.77 1.87
CA GLN B 6 -26.69 -50.45 2.51
C GLN B 6 -26.79 -49.13 3.26
N LEU B 7 -26.22 -49.10 4.47
CA LEU B 7 -26.24 -47.92 5.32
C LEU B 7 -24.92 -47.16 5.34
N GLY B 8 -23.80 -47.88 5.30
CA GLY B 8 -22.49 -47.25 5.44
C GLY B 8 -21.60 -47.42 4.23
N PHE B 9 -20.30 -47.27 4.43
CA PHE B 9 -19.35 -47.43 3.34
C PHE B 9 -19.27 -48.88 2.88
N GLN B 10 -18.99 -49.05 1.59
CA GLN B 10 -18.60 -50.35 1.07
C GLN B 10 -17.38 -50.88 1.83
N ASP B 11 -17.32 -52.20 1.98
CA ASP B 11 -16.20 -52.83 2.66
C ASP B 11 -14.87 -52.39 2.07
N ALA B 12 -13.91 -52.11 2.94
CA ALA B 12 -12.61 -51.61 2.50
C ALA B 12 -11.83 -52.68 1.75
N THR B 13 -11.25 -52.30 0.63
CA THR B 13 -10.37 -53.16 -0.15
C THR B 13 -8.91 -52.79 -0.01
N SER B 14 -8.60 -51.58 0.45
CA SER B 14 -7.25 -51.09 0.62
C SER B 14 -7.02 -50.69 2.07
N PRO B 15 -5.76 -50.72 2.54
CA PRO B 15 -5.48 -50.25 3.91
C PRO B 15 -5.92 -48.82 4.15
N ILE B 16 -5.83 -47.96 3.14
CA ILE B 16 -6.27 -46.58 3.29
C ILE B 16 -7.78 -46.52 3.51
N MET B 17 -8.55 -47.30 2.75
CA MET B 17 -9.99 -47.33 2.94
C MET B 17 -10.36 -47.84 4.33
N GLU B 18 -9.59 -48.80 4.85
N GLU B 18 -9.58 -48.77 4.89
CA GLU B 18 -9.75 -49.25 6.23
CA GLU B 18 -9.87 -49.19 6.24
C GLU B 18 -9.54 -48.10 7.20
C GLU B 18 -9.51 -48.11 7.26
N GLU B 19 -8.52 -47.29 6.96
CA GLU B 19 -8.24 -46.14 7.82
C GLU B 19 -9.41 -45.16 7.82
N LEU B 20 -9.99 -44.92 6.64
CA LEU B 20 -11.13 -44.01 6.54
C LEU B 20 -12.33 -44.55 7.28
N LEU B 21 -12.52 -45.87 7.27
CA LEU B 21 -13.64 -46.47 7.99
C LEU B 21 -13.54 -46.20 9.49
N HIS B 22 -12.37 -46.44 10.06
N HIS B 22 -12.37 -46.45 10.06
CA HIS B 22 -12.21 -46.23 11.50
CA HIS B 22 -12.18 -46.24 11.49
C HIS B 22 -12.25 -44.75 11.86
C HIS B 22 -12.28 -44.76 11.84
N PHE B 23 -11.78 -43.88 10.98
CA PHE B 23 -11.90 -42.45 11.22
C PHE B 23 -13.35 -41.99 11.15
N HIS B 24 -14.11 -42.55 10.21
CA HIS B 24 -15.53 -42.22 10.11
C HIS B 24 -16.29 -42.67 11.36
N ASP B 25 -16.03 -43.90 11.82
CA ASP B 25 -16.62 -44.37 13.07
C ASP B 25 -16.32 -43.42 14.21
N HIS B 26 -15.07 -42.95 14.28
CA HIS B 26 -14.68 -42.01 15.32
C HIS B 26 -15.45 -40.69 15.20
N THR B 27 -15.55 -40.17 13.97
CA THR B 27 -16.24 -38.90 13.76
C THR B 27 -17.75 -39.05 13.89
N LEU B 28 -18.31 -40.15 13.38
CA LEU B 28 -19.77 -40.34 13.45
C LEU B 28 -20.26 -40.45 14.89
N MET B 29 -19.46 -41.04 15.78
CA MET B 29 -19.82 -41.07 17.19
C MET B 29 -19.96 -39.66 17.75
N ILE B 30 -19.05 -38.76 17.36
CA ILE B 30 -19.13 -37.38 17.83
C ILE B 30 -20.35 -36.68 17.24
N VAL B 31 -20.66 -36.98 15.97
CA VAL B 31 -21.83 -36.37 15.34
C VAL B 31 -23.11 -36.82 16.04
N PHE B 32 -23.23 -38.12 16.30
N PHE B 32 -23.23 -38.11 16.33
CA PHE B 32 -24.37 -38.64 17.05
CA PHE B 32 -24.42 -38.57 17.03
C PHE B 32 -24.46 -38.01 18.43
C PHE B 32 -24.47 -38.04 18.46
N LEU B 33 -23.32 -37.85 19.10
CA LEU B 33 -23.31 -37.36 20.47
C LEU B 33 -23.78 -35.91 20.55
N ILE B 34 -23.31 -35.06 19.62
CA ILE B 34 -23.63 -33.64 19.68
C ILE B 34 -25.08 -33.39 19.29
N SER B 35 -25.55 -34.06 18.23
CA SER B 35 -26.93 -33.89 17.80
C SER B 35 -27.91 -34.42 18.83
N SER B 36 -27.56 -35.53 19.48
CA SER B 36 -28.41 -36.05 20.55
C SER B 36 -28.44 -35.10 21.75
N LEU B 37 -27.27 -34.60 22.14
CA LEU B 37 -27.21 -33.63 23.24
C LEU B 37 -28.05 -32.40 22.93
N VAL B 38 -27.95 -31.88 21.70
CA VAL B 38 -28.74 -30.71 21.32
C VAL B 38 -30.23 -31.03 21.37
N LEU B 39 -30.62 -32.17 20.80
CA LEU B 39 -32.02 -32.57 20.84
C LEU B 39 -32.51 -32.75 22.27
N TYR B 40 -31.70 -33.38 23.13
CA TYR B 40 -32.10 -33.58 24.51
C TYR B 40 -32.26 -32.24 25.24
N ILE B 41 -31.27 -31.36 25.10
CA ILE B 41 -31.32 -30.07 25.79
C ILE B 41 -32.55 -29.28 25.33
N ILE B 42 -32.87 -29.34 24.04
CA ILE B 42 -34.09 -28.70 23.54
C ILE B 42 -35.30 -29.20 24.34
N SER B 43 -35.44 -30.52 24.44
CA SER B 43 -36.56 -31.07 25.21
C SER B 43 -36.47 -30.69 26.68
N LEU B 44 -35.25 -30.58 27.21
CA LEU B 44 -35.10 -30.16 28.61
C LEU B 44 -35.57 -28.73 28.81
N MET B 45 -35.24 -27.83 27.87
CA MET B 45 -35.65 -26.44 27.99
C MET B 45 -37.16 -26.26 27.87
N LEU B 46 -37.86 -27.22 27.27
CA LEU B 46 -39.25 -27.07 26.89
C LEU B 46 -40.23 -27.83 27.78
N THR B 47 -39.75 -28.52 28.82
CA THR B 47 -40.58 -29.42 29.60
C THR B 47 -40.67 -29.03 31.07
N THR B 48 -40.64 -27.73 31.37
CA THR B 48 -40.82 -27.27 32.74
C THR B 48 -41.68 -26.01 32.75
N LYS B 49 -42.52 -25.91 33.78
CA LYS B 49 -43.29 -24.69 34.01
C LYS B 49 -42.51 -23.63 34.77
N LEU B 50 -41.37 -24.01 35.34
CA LEU B 50 -40.51 -23.06 36.04
C LEU B 50 -39.95 -22.04 35.05
N THR B 51 -39.84 -20.80 35.50
CA THR B 51 -39.43 -19.71 34.63
C THR B 51 -38.30 -18.89 35.25
N HIS B 52 -37.50 -18.27 34.38
CA HIS B 52 -36.45 -17.34 34.79
C HIS B 52 -36.21 -16.43 33.59
N THR B 53 -36.85 -15.26 33.59
CA THR B 53 -36.92 -14.41 32.42
C THR B 53 -36.12 -13.12 32.56
N SER B 54 -35.46 -12.89 33.68
CA SER B 54 -34.61 -11.71 33.83
C SER B 54 -33.29 -11.92 33.11
N THR B 55 -32.47 -10.87 33.10
CA THR B 55 -31.23 -10.88 32.32
C THR B 55 -30.27 -11.94 32.81
N MET B 56 -29.74 -12.74 31.88
CA MET B 56 -28.79 -13.79 32.20
C MET B 56 -27.37 -13.38 31.82
N ASP B 57 -26.43 -13.57 32.75
CA ASP B 57 -25.01 -13.32 32.48
C ASP B 57 -24.43 -14.46 31.67
N ALA B 58 -23.64 -14.11 30.65
CA ALA B 58 -23.21 -15.06 29.64
C ALA B 58 -21.73 -15.40 29.67
N GLN B 59 -20.90 -14.63 30.38
CA GLN B 59 -19.45 -14.75 30.25
C GLN B 59 -18.97 -16.15 30.61
N GLU B 60 -19.31 -16.61 31.82
CA GLU B 60 -18.73 -17.85 32.33
C GLU B 60 -19.08 -19.05 31.45
N VAL B 61 -20.33 -19.14 31.00
CA VAL B 61 -20.77 -20.32 30.28
C VAL B 61 -20.21 -20.37 28.85
N GLU B 62 -19.83 -19.23 28.27
CA GLU B 62 -19.34 -19.22 26.91
C GLU B 62 -17.89 -19.70 26.81
N THR B 63 -17.14 -19.68 27.92
CA THR B 63 -15.86 -20.39 27.94
C THR B 63 -16.07 -21.87 27.67
N ILE B 64 -17.07 -22.47 28.30
CA ILE B 64 -17.38 -23.88 28.07
C ILE B 64 -17.82 -24.09 26.63
N TRP B 65 -18.74 -23.25 26.14
CA TRP B 65 -19.25 -23.37 24.78
C TRP B 65 -18.18 -23.17 23.72
N THR B 66 -16.97 -22.76 24.09
CA THR B 66 -15.90 -22.47 23.15
C THR B 66 -14.69 -23.38 23.32
N ILE B 67 -14.33 -23.72 24.56
CA ILE B 67 -13.19 -24.61 24.78
C ILE B 67 -13.54 -26.04 24.41
N LEU B 68 -14.69 -26.52 24.88
CA LEU B 68 -15.09 -27.91 24.60
C LEU B 68 -15.21 -28.19 23.11
N PRO B 69 -15.94 -27.40 22.30
CA PRO B 69 -15.91 -27.65 20.85
C PRO B 69 -14.52 -27.57 20.25
N ALA B 70 -13.68 -26.66 20.75
CA ALA B 70 -12.33 -26.55 20.23
C ALA B 70 -11.54 -27.82 20.46
N ILE B 71 -11.69 -28.42 21.65
CA ILE B 71 -11.02 -29.69 21.93
C ILE B 71 -11.55 -30.79 21.01
N ILE B 72 -12.87 -30.81 20.81
CA ILE B 72 -13.49 -31.82 19.96
C ILE B 72 -12.96 -31.71 18.53
N LEU B 73 -12.88 -30.48 18.00
CA LEU B 73 -12.36 -30.28 16.65
C LEU B 73 -10.93 -30.77 16.52
N ILE B 74 -10.12 -30.58 17.56
CA ILE B 74 -8.75 -31.08 17.55
C ILE B 74 -8.75 -32.60 17.58
N LEU B 75 -9.68 -33.20 18.32
CA LEU B 75 -9.79 -34.65 18.36
C LEU B 75 -10.23 -35.24 17.03
N ILE B 76 -10.82 -34.43 16.15
CA ILE B 76 -11.14 -34.86 14.80
C ILE B 76 -9.99 -34.58 13.84
N ALA B 77 -9.38 -33.39 13.95
CA ALA B 77 -8.33 -33.00 13.01
C ALA B 77 -7.11 -33.90 13.11
N LEU B 78 -6.75 -34.32 14.33
CA LEU B 78 -5.55 -35.13 14.53
C LEU B 78 -5.56 -36.41 13.69
N PRO B 79 -6.53 -37.32 13.84
CA PRO B 79 -6.54 -38.50 12.97
C PRO B 79 -6.82 -38.18 11.51
N SER B 80 -7.59 -37.12 11.25
CA SER B 80 -7.91 -36.74 9.87
C SER B 80 -6.63 -36.38 9.10
N LEU B 81 -5.77 -35.57 9.71
CA LEU B 81 -4.57 -35.14 9.01
C LEU B 81 -3.53 -36.25 8.93
N ARG B 82 -3.47 -37.13 9.93
CA ARG B 82 -2.58 -38.28 9.85
C ARG B 82 -2.89 -39.13 8.63
N ILE B 83 -4.18 -39.38 8.38
CA ILE B 83 -4.57 -40.13 7.20
C ILE B 83 -4.29 -39.32 5.94
N LEU B 84 -4.46 -37.99 6.02
CA LEU B 84 -4.23 -37.13 4.85
C LEU B 84 -2.80 -37.27 4.34
N TYR B 85 -1.83 -37.16 5.24
CA TYR B 85 -0.44 -37.25 4.83
C TYR B 85 -0.01 -38.69 4.57
N MET B 86 -0.60 -39.66 5.29
CA MET B 86 -0.34 -41.05 4.99
C MET B 86 -0.78 -41.40 3.56
N MET B 87 -1.90 -40.80 3.09
CA MET B 87 -2.30 -40.95 1.70
C MET B 87 -1.24 -40.40 0.75
N ASP B 88 -0.55 -39.35 1.17
CA ASP B 88 0.41 -38.65 0.34
C ASP B 88 1.82 -39.23 0.43
N GLU B 89 2.07 -40.12 1.39
CA GLU B 89 3.40 -40.66 1.65
C GLU B 89 4.04 -41.21 0.37
N ILE B 90 5.35 -41.03 0.27
CA ILE B 90 6.10 -41.60 -0.84
C ILE B 90 5.99 -43.11 -0.82
N ASN B 91 5.49 -43.67 -1.93
CA ASN B 91 5.51 -45.11 -2.16
C ASN B 91 6.17 -45.36 -3.51
N ASN B 92 6.68 -46.57 -3.69
CA ASN B 92 7.41 -46.91 -4.91
C ASN B 92 6.54 -47.84 -5.75
N PRO B 93 5.73 -47.30 -6.67
CA PRO B 93 4.86 -48.17 -7.45
C PRO B 93 5.67 -49.01 -8.43
N SER B 94 5.13 -50.18 -8.74
CA SER B 94 5.71 -51.08 -9.72
C SER B 94 5.02 -51.01 -11.08
N LEU B 95 3.97 -50.21 -11.20
CA LEU B 95 3.21 -50.10 -12.44
C LEU B 95 2.53 -48.74 -12.50
N THR B 96 2.50 -48.14 -13.69
CA THR B 96 1.78 -46.91 -13.93
C THR B 96 0.73 -47.14 -14.99
N VAL B 97 -0.51 -46.76 -14.68
CA VAL B 97 -1.63 -46.88 -15.60
C VAL B 97 -2.29 -45.52 -15.74
N LYS B 98 -2.58 -45.13 -16.97
CA LYS B 98 -3.30 -43.90 -17.26
C LYS B 98 -4.74 -44.21 -17.63
N THR B 99 -5.64 -43.31 -17.24
CA THR B 99 -7.03 -43.37 -17.66
C THR B 99 -7.43 -42.01 -18.20
N MET B 100 -8.07 -42.00 -19.37
CA MET B 100 -8.55 -40.78 -19.99
C MET B 100 -10.07 -40.79 -20.01
N GLY B 101 -10.68 -39.72 -19.49
CA GLY B 101 -12.11 -39.60 -19.54
C GLY B 101 -12.61 -39.14 -20.91
N HIS B 102 -13.77 -39.65 -21.29
CA HIS B 102 -14.42 -39.27 -22.53
C HIS B 102 -15.93 -39.21 -22.33
N GLN B 103 -16.59 -38.54 -23.27
CA GLN B 103 -18.05 -38.59 -23.40
C GLN B 103 -18.41 -39.72 -24.37
N TRP B 104 -18.85 -40.85 -23.84
CA TRP B 104 -18.98 -41.08 -22.40
C TRP B 104 -18.45 -42.47 -22.06
N TYR B 105 -17.15 -42.55 -21.81
CA TYR B 105 -16.49 -43.82 -21.54
C TYR B 105 -15.08 -43.51 -21.04
N TRP B 106 -14.43 -44.53 -20.51
CA TRP B 106 -13.05 -44.42 -20.06
C TRP B 106 -12.13 -45.21 -20.99
N SER B 107 -10.97 -44.64 -21.28
CA SER B 107 -9.90 -45.34 -21.98
C SER B 107 -8.72 -45.48 -21.02
N TYR B 108 -7.99 -46.58 -21.17
CA TYR B 108 -6.89 -46.89 -20.27
C TYR B 108 -5.62 -47.17 -21.07
N GLU B 109 -4.48 -46.77 -20.52
CA GLU B 109 -3.19 -46.89 -21.18
C GLU B 109 -2.20 -47.53 -20.23
N TYR B 110 -1.61 -48.65 -20.66
CA TYR B 110 -0.52 -49.31 -19.94
C TYR B 110 0.72 -49.21 -20.84
N THR B 111 1.56 -48.21 -20.59
CA THR B 111 2.66 -47.89 -21.49
C THR B 111 4.01 -47.92 -20.80
N ASP B 112 4.15 -48.73 -19.74
CA ASP B 112 5.46 -48.91 -19.12
C ASP B 112 6.40 -49.65 -20.06
N TYR B 113 5.91 -50.69 -20.74
CA TYR B 113 6.74 -51.48 -21.65
C TYR B 113 6.17 -51.47 -23.06
N GLU B 114 4.98 -52.01 -23.25
CA GLU B 114 4.28 -52.01 -24.52
C GLU B 114 3.30 -50.85 -24.57
N ASP B 115 2.76 -50.60 -25.77
CA ASP B 115 1.72 -49.59 -25.95
C ASP B 115 0.34 -50.25 -25.94
N LEU B 116 -0.07 -50.64 -24.73
CA LEU B 116 -1.37 -51.24 -24.50
C LEU B 116 -2.37 -50.14 -24.15
N SER B 117 -3.44 -50.05 -24.94
CA SER B 117 -4.53 -49.13 -24.64
C SER B 117 -5.83 -49.67 -25.21
N PHE B 118 -6.94 -49.34 -24.55
CA PHE B 118 -8.25 -49.82 -24.97
C PHE B 118 -9.33 -48.93 -24.37
N ASP B 119 -10.53 -49.03 -24.92
CA ASP B 119 -11.70 -48.32 -24.44
C ASP B 119 -12.51 -49.21 -23.51
N SER B 120 -13.31 -48.56 -22.65
CA SER B 120 -14.10 -49.27 -21.64
C SER B 120 -15.48 -48.65 -21.59
N TYR B 121 -16.47 -49.37 -22.14
CA TYR B 121 -17.85 -48.89 -22.26
C TYR B 121 -18.77 -49.69 -21.34
N MET B 122 -19.81 -49.02 -20.85
CA MET B 122 -20.85 -49.69 -20.09
C MET B 122 -21.54 -50.75 -20.94
N ILE B 123 -21.81 -51.90 -20.33
CA ILE B 123 -22.65 -52.92 -20.95
C ILE B 123 -24.09 -52.43 -20.94
N PRO B 124 -24.72 -52.27 -22.10
CA PRO B 124 -26.13 -51.85 -22.13
C PRO B 124 -27.01 -52.85 -21.38
N THR B 125 -28.10 -52.33 -20.82
CA THR B 125 -28.97 -53.16 -19.99
C THR B 125 -29.55 -54.34 -20.76
N SER B 126 -29.90 -54.12 -22.03
CA SER B 126 -30.48 -55.18 -22.85
C SER B 126 -29.47 -56.24 -23.25
N GLU B 127 -28.18 -56.01 -23.00
CA GLU B 127 -27.14 -56.96 -23.36
C GLU B 127 -26.46 -57.58 -22.15
N LEU B 128 -26.93 -57.29 -20.94
CA LEU B 128 -26.34 -57.87 -19.75
C LEU B 128 -26.47 -59.39 -19.78
N LYS B 129 -25.45 -60.05 -19.31
CA LYS B 129 -25.51 -61.49 -19.13
C LYS B 129 -26.14 -61.83 -17.78
N PRO B 130 -26.81 -62.98 -17.68
CA PRO B 130 -27.51 -63.33 -16.42
C PRO B 130 -26.61 -63.23 -15.19
N GLY B 131 -27.06 -62.43 -14.22
CA GLY B 131 -26.29 -62.19 -13.02
C GLY B 131 -25.39 -60.97 -13.07
N GLU B 132 -25.31 -60.29 -14.21
CA GLU B 132 -24.51 -59.08 -14.30
C GLU B 132 -25.32 -57.87 -13.82
N LEU B 133 -24.59 -56.83 -13.44
CA LEU B 133 -25.16 -55.70 -12.71
C LEU B 133 -25.50 -54.57 -13.67
N ARG B 134 -26.75 -54.11 -13.61
CA ARG B 134 -27.20 -53.00 -14.44
C ARG B 134 -26.39 -51.74 -14.15
N LEU B 135 -25.97 -51.06 -15.22
CA LEU B 135 -25.27 -49.78 -15.21
C LEU B 135 -23.85 -49.87 -14.67
N LEU B 136 -23.37 -51.05 -14.28
CA LEU B 136 -22.06 -51.16 -13.65
C LEU B 136 -21.04 -51.95 -14.47
N GLU B 137 -21.47 -52.94 -15.25
CA GLU B 137 -20.52 -53.76 -16.00
C GLU B 137 -19.94 -52.99 -17.18
N VAL B 138 -18.70 -53.31 -17.53
CA VAL B 138 -18.06 -52.77 -18.72
C VAL B 138 -17.63 -53.92 -19.62
N ASP B 139 -17.44 -53.60 -20.90
CA ASP B 139 -16.97 -54.59 -21.85
C ASP B 139 -15.52 -54.99 -21.56
N ASN B 140 -14.66 -54.01 -21.32
CA ASN B 140 -13.24 -54.24 -21.09
C ASN B 140 -12.90 -53.72 -19.70
N ARG B 141 -12.59 -54.64 -18.79
CA ARG B 141 -12.30 -54.27 -17.42
C ARG B 141 -10.85 -53.81 -17.26
N VAL B 142 -10.59 -53.14 -16.15
CA VAL B 142 -9.25 -52.63 -15.84
C VAL B 142 -8.55 -53.73 -15.05
N VAL B 143 -7.83 -54.59 -15.75
CA VAL B 143 -7.11 -55.68 -15.10
C VAL B 143 -5.85 -55.14 -14.47
N LEU B 144 -5.61 -55.49 -13.21
CA LEU B 144 -4.53 -54.95 -12.42
C LEU B 144 -3.98 -56.05 -11.52
N PRO B 145 -2.68 -55.99 -11.19
CA PRO B 145 -2.12 -56.98 -10.26
C PRO B 145 -2.47 -56.64 -8.82
N MET B 146 -2.92 -57.65 -8.08
CA MET B 146 -3.28 -57.45 -6.68
C MET B 146 -2.04 -57.36 -5.80
N GLU B 147 -2.22 -56.75 -4.63
CA GLU B 147 -1.18 -56.65 -3.61
C GLU B 147 0.05 -55.90 -4.10
N MET B 148 -0.12 -54.96 -5.04
N MET B 148 -0.13 -54.98 -5.04
CA MET B 148 0.97 -54.18 -5.56
CA MET B 148 0.97 -54.17 -5.56
C MET B 148 0.57 -52.71 -5.60
C MET B 148 0.56 -52.70 -5.56
N THR B 149 1.53 -51.83 -5.29
CA THR B 149 1.29 -50.40 -5.34
C THR B 149 1.28 -49.94 -6.79
N ILE B 150 0.15 -49.41 -7.24
CA ILE B 150 -0.02 -48.97 -8.62
C ILE B 150 -0.24 -47.46 -8.63
N ARG B 151 0.43 -46.78 -9.57
CA ARG B 151 0.21 -45.36 -9.79
C ARG B 151 -0.83 -45.19 -10.89
N MET B 152 -1.95 -44.55 -10.54
CA MET B 152 -2.96 -44.18 -11.53
C MET B 152 -2.80 -42.72 -11.91
N LEU B 153 -2.82 -42.45 -13.21
CA LEU B 153 -2.78 -41.10 -13.74
C LEU B 153 -4.09 -40.83 -14.45
N VAL B 154 -4.73 -39.72 -14.12
CA VAL B 154 -6.10 -39.45 -14.54
C VAL B 154 -6.12 -38.13 -15.30
N SER B 155 -6.75 -38.14 -16.47
CA SER B 155 -6.93 -36.94 -17.27
C SER B 155 -8.21 -37.10 -18.10
N SER B 156 -8.44 -36.15 -18.99
CA SER B 156 -9.61 -36.18 -19.86
C SER B 156 -9.24 -35.58 -21.21
N GLU B 157 -10.00 -35.96 -22.23
CA GLU B 157 -9.80 -35.43 -23.57
C GLU B 157 -10.98 -34.59 -24.06
N ASP B 158 -11.97 -34.32 -23.20
CA ASP B 158 -13.02 -33.38 -23.52
C ASP B 158 -13.43 -32.59 -22.29
N VAL B 159 -14.56 -32.93 -21.68
CA VAL B 159 -15.07 -32.20 -20.52
C VAL B 159 -14.51 -32.81 -19.24
N LEU B 160 -14.94 -32.28 -18.10
CA LEU B 160 -14.51 -32.84 -16.82
C LEU B 160 -15.19 -34.18 -16.56
N HIS B 161 -14.42 -35.12 -16.01
CA HIS B 161 -14.94 -36.34 -15.44
C HIS B 161 -14.29 -36.54 -14.09
N SER B 162 -14.59 -37.67 -13.44
CA SER B 162 -13.94 -38.00 -12.19
C SER B 162 -13.89 -39.52 -12.05
N TRP B 163 -12.69 -40.04 -11.82
CA TRP B 163 -12.46 -41.48 -11.78
C TRP B 163 -12.51 -41.93 -10.33
N ALA B 164 -13.55 -42.70 -9.98
CA ALA B 164 -13.80 -43.06 -8.59
C ALA B 164 -13.98 -44.57 -8.46
N VAL B 165 -13.48 -45.10 -7.34
CA VAL B 165 -13.68 -46.50 -6.93
C VAL B 165 -13.87 -46.49 -5.42
N PRO B 166 -15.11 -46.43 -4.93
CA PRO B 166 -15.34 -46.33 -3.46
C PRO B 166 -14.65 -47.40 -2.65
N SER B 167 -14.64 -48.66 -3.11
CA SER B 167 -14.03 -49.75 -2.35
C SER B 167 -12.59 -49.45 -1.97
N LEU B 168 -11.85 -48.77 -2.85
CA LEU B 168 -10.45 -48.46 -2.61
C LEU B 168 -10.24 -47.06 -2.06
N GLY B 169 -11.31 -46.32 -1.78
CA GLY B 169 -11.19 -44.96 -1.32
C GLY B 169 -10.59 -44.03 -2.34
N LEU B 170 -10.96 -44.20 -3.61
CA LEU B 170 -10.36 -43.46 -4.72
C LEU B 170 -11.39 -42.53 -5.35
N LYS B 171 -10.99 -41.30 -5.61
CA LYS B 171 -11.73 -40.39 -6.48
C LYS B 171 -10.77 -39.30 -6.92
N THR B 172 -10.50 -39.24 -8.22
CA THR B 172 -9.56 -38.28 -8.79
C THR B 172 -10.19 -37.66 -10.01
N ASP B 173 -10.31 -36.34 -10.01
CA ASP B 173 -10.97 -35.63 -11.11
C ASP B 173 -10.17 -35.77 -12.40
N ALA B 174 -10.90 -35.86 -13.51
CA ALA B 174 -10.32 -36.00 -14.84
C ALA B 174 -10.47 -34.67 -15.55
N ILE B 175 -9.37 -33.96 -15.75
CA ILE B 175 -9.36 -32.58 -16.20
C ILE B 175 -8.51 -32.50 -17.46
N PRO B 176 -9.04 -31.96 -18.56
CA PRO B 176 -8.25 -31.86 -19.79
C PRO B 176 -7.06 -30.92 -19.63
N GLY B 177 -5.91 -31.35 -20.11
CA GLY B 177 -4.69 -30.59 -19.98
C GLY B 177 -3.95 -30.79 -18.68
N ARG B 178 -4.44 -31.67 -17.82
CA ARG B 178 -3.90 -31.87 -16.48
C ARG B 178 -3.76 -33.36 -16.23
N LEU B 179 -2.68 -33.74 -15.54
CA LEU B 179 -2.37 -35.15 -15.25
C LEU B 179 -2.39 -35.34 -13.74
N ASN B 180 -3.50 -35.83 -13.21
CA ASN B 180 -3.66 -36.02 -11.78
C ASN B 180 -3.25 -37.44 -11.39
N GLN B 181 -2.62 -37.55 -10.22
CA GLN B 181 -2.02 -38.80 -9.77
C GLN B 181 -2.67 -39.28 -8.48
N THR B 182 -2.91 -40.59 -8.40
CA THR B 182 -3.35 -41.24 -7.18
C THR B 182 -2.69 -42.62 -7.11
N THR B 183 -2.73 -43.22 -5.93
CA THR B 183 -2.08 -44.51 -5.71
C THR B 183 -3.13 -45.56 -5.38
N LEU B 184 -2.92 -46.78 -5.89
CA LEU B 184 -3.88 -47.86 -5.81
C LEU B 184 -3.20 -49.12 -5.29
N MET B 185 -3.75 -49.70 -4.22
CA MET B 185 -3.21 -50.94 -3.66
C MET B 185 -4.38 -51.76 -3.14
N SER B 186 -4.71 -52.86 -3.82
CA SER B 186 -5.78 -53.75 -3.42
C SER B 186 -5.22 -54.91 -2.61
N SER B 187 -5.79 -55.14 -1.43
CA SER B 187 -5.38 -56.26 -0.58
C SER B 187 -5.92 -57.60 -1.05
N ARG B 188 -6.88 -57.62 -1.97
CA ARG B 188 -7.61 -58.84 -2.31
C ARG B 188 -7.86 -58.87 -3.81
N PRO B 189 -8.02 -60.05 -4.38
CA PRO B 189 -8.51 -60.15 -5.76
C PRO B 189 -10.02 -59.90 -5.83
N GLY B 190 -10.50 -59.69 -7.04
CA GLY B 190 -11.92 -59.60 -7.26
C GLY B 190 -12.25 -58.49 -8.23
N LEU B 191 -13.51 -58.08 -8.21
CA LEU B 191 -14.04 -57.03 -9.06
C LEU B 191 -14.47 -55.87 -8.19
N TYR B 192 -14.03 -54.66 -8.54
CA TYR B 192 -14.32 -53.47 -7.74
C TYR B 192 -14.80 -52.35 -8.65
N TYR B 193 -15.96 -51.79 -8.32
CA TYR B 193 -16.73 -50.96 -9.22
C TYR B 193 -16.69 -49.50 -8.79
N GLY B 194 -16.82 -48.61 -9.77
CA GLY B 194 -16.99 -47.19 -9.53
C GLY B 194 -17.71 -46.56 -10.69
N GLN B 195 -18.03 -45.28 -10.54
CA GLN B 195 -18.82 -44.56 -11.52
C GLN B 195 -18.27 -43.14 -11.66
N CYS B 196 -18.50 -42.55 -12.83
CA CYS B 196 -18.01 -41.20 -13.10
C CYS B 196 -18.63 -40.22 -12.11
N SER B 197 -17.78 -39.36 -11.53
CA SER B 197 -18.17 -38.55 -10.39
C SER B 197 -17.99 -37.05 -10.66
N GLU B 198 -18.17 -36.63 -11.91
CA GLU B 198 -18.31 -35.22 -12.23
C GLU B 198 -19.24 -35.10 -13.42
N ILE B 199 -20.27 -34.27 -13.29
CA ILE B 199 -21.29 -34.14 -14.33
C ILE B 199 -20.62 -33.82 -15.66
N CYS B 200 -20.91 -34.64 -16.67
CA CYS B 200 -20.18 -34.57 -17.93
C CYS B 200 -21.07 -34.69 -19.17
N GLY B 201 -22.38 -34.49 -19.03
CA GLY B 201 -23.26 -34.51 -20.18
C GLY B 201 -24.29 -35.62 -20.14
N SER B 202 -24.75 -36.02 -21.32
CA SER B 202 -25.96 -36.82 -21.47
C SER B 202 -25.82 -38.23 -20.89
N ASN B 203 -24.61 -38.77 -20.81
CA ASN B 203 -24.43 -40.12 -20.31
C ASN B 203 -23.57 -40.14 -19.05
N HIS B 204 -23.68 -39.08 -18.24
CA HIS B 204 -22.92 -38.99 -16.99
C HIS B 204 -23.11 -40.23 -16.11
N SER B 205 -24.33 -40.75 -16.02
CA SER B 205 -24.62 -41.91 -15.19
C SER B 205 -24.18 -43.23 -15.81
N PHE B 206 -23.69 -43.23 -17.05
CA PHE B 206 -23.55 -44.46 -17.81
C PHE B 206 -22.13 -44.63 -18.35
N MET B 207 -21.13 -44.32 -17.54
CA MET B 207 -19.73 -44.60 -17.87
C MET B 207 -19.02 -45.08 -16.61
N PRO B 208 -19.24 -46.33 -16.21
CA PRO B 208 -18.72 -46.82 -14.94
C PRO B 208 -17.27 -47.32 -15.06
N ILE B 209 -16.74 -47.76 -13.92
CA ILE B 209 -15.36 -48.23 -13.81
C ILE B 209 -15.40 -49.61 -13.16
N VAL B 210 -14.64 -50.55 -13.71
CA VAL B 210 -14.55 -51.91 -13.17
C VAL B 210 -13.09 -52.32 -13.12
N LEU B 211 -12.57 -52.53 -11.91
CA LEU B 211 -11.23 -53.05 -11.73
C LEU B 211 -11.27 -54.55 -11.51
N GLU B 212 -10.39 -55.27 -12.19
CA GLU B 212 -10.23 -56.71 -12.02
C GLU B 212 -8.86 -56.98 -11.45
N LEU B 213 -8.81 -57.43 -10.20
CA LEU B 213 -7.56 -57.62 -9.48
C LEU B 213 -7.20 -59.10 -9.48
N VAL B 214 -6.03 -59.42 -9.99
CA VAL B 214 -5.57 -60.79 -10.20
C VAL B 214 -4.09 -60.87 -9.88
N PRO B 215 -3.57 -62.10 -9.73
CA PRO B 215 -2.14 -62.26 -9.50
C PRO B 215 -1.33 -61.70 -10.67
N LEU B 216 -0.09 -61.30 -10.35
CA LEU B 216 0.81 -60.71 -11.33
C LEU B 216 0.90 -61.54 -12.61
N LYS B 217 1.09 -62.86 -12.47
CA LYS B 217 1.25 -63.70 -13.65
C LYS B 217 0.07 -63.59 -14.61
N TYR B 218 -1.16 -63.58 -14.06
CA TYR B 218 -2.33 -63.45 -14.92
C TYR B 218 -2.40 -62.06 -15.55
N PHE B 219 -2.01 -61.02 -14.80
CA PHE B 219 -1.96 -59.67 -15.36
C PHE B 219 -0.97 -59.58 -16.53
N GLU B 220 0.22 -60.17 -16.36
CA GLU B 220 1.21 -60.13 -17.43
C GLU B 220 0.71 -60.82 -18.69
N LYS B 221 0.11 -61.99 -18.54
CA LYS B 221 -0.43 -62.69 -19.70
C LYS B 221 -1.59 -61.94 -20.33
N TRP B 222 -2.45 -61.33 -19.49
CA TRP B 222 -3.56 -60.55 -20.02
C TRP B 222 -3.06 -59.32 -20.78
N SER B 223 -2.04 -58.65 -20.25
CA SER B 223 -1.47 -57.49 -20.93
C SER B 223 -0.92 -57.88 -22.30
N ALA B 224 -0.08 -58.92 -22.35
CA ALA B 224 0.44 -59.38 -23.63
C ALA B 224 -0.67 -59.71 -24.62
N SER B 225 -1.73 -60.37 -24.15
CA SER B 225 -2.82 -60.78 -25.04
C SER B 225 -3.68 -59.60 -25.51
N MET B 226 -3.52 -58.42 -24.90
CA MET B 226 -4.33 -57.26 -25.24
C MET B 226 -3.64 -56.30 -26.19
N LEU B 227 -2.37 -56.53 -26.52
CA LEU B 227 -1.65 -55.70 -27.46
C LEU B 227 -2.32 -55.64 -28.84
N HIS C 3 -43.84 18.20 7.72
CA HIS C 3 -44.52 17.01 8.21
C HIS C 3 -43.50 16.08 8.87
N GLN C 4 -42.41 15.80 8.16
CA GLN C 4 -41.33 15.00 8.73
C GLN C 4 -40.48 15.86 9.65
N THR C 5 -39.98 15.25 10.73
CA THR C 5 -39.02 15.90 11.62
C THR C 5 -37.72 15.12 11.70
N HIS C 6 -37.40 14.36 10.64
CA HIS C 6 -36.08 13.80 10.43
C HIS C 6 -35.45 14.49 9.22
N ALA C 7 -34.19 14.16 8.96
CA ALA C 7 -33.41 14.84 7.94
C ALA C 7 -33.24 14.03 6.65
N TYR C 8 -33.93 12.91 6.53
CA TYR C 8 -33.72 12.01 5.40
C TYR C 8 -34.70 12.30 4.28
N HIS C 9 -34.42 11.73 3.11
CA HIS C 9 -35.08 12.10 1.86
C HIS C 9 -36.06 11.01 1.46
N MET C 10 -37.35 11.35 1.48
CA MET C 10 -38.40 10.49 0.93
C MET C 10 -38.53 10.83 -0.55
N VAL C 11 -38.20 9.88 -1.41
CA VAL C 11 -38.08 10.12 -2.84
C VAL C 11 -39.45 9.97 -3.49
N ASN C 12 -39.73 10.84 -4.44
CA ASN C 12 -40.96 10.75 -5.22
C ASN C 12 -41.01 9.40 -5.94
N PRO C 13 -42.18 8.81 -6.10
CA PRO C 13 -42.29 7.60 -6.93
C PRO C 13 -41.72 7.83 -8.31
N SER C 14 -40.96 6.85 -8.82
CA SER C 14 -40.11 7.07 -9.97
C SER C 14 -40.15 5.88 -10.93
N PRO C 15 -40.21 6.15 -12.24
CA PRO C 15 -40.22 5.07 -13.23
C PRO C 15 -38.85 4.55 -13.63
N TRP C 16 -37.77 5.24 -13.27
CA TRP C 16 -36.44 4.93 -13.75
C TRP C 16 -35.90 3.60 -13.23
N PRO C 17 -36.22 3.18 -12.00
CA PRO C 17 -35.89 1.78 -11.62
C PRO C 17 -36.43 0.75 -12.59
N LEU C 18 -37.69 0.89 -13.01
CA LEU C 18 -38.27 -0.06 -13.94
C LEU C 18 -37.61 0.03 -15.31
N THR C 19 -37.41 1.25 -15.81
CA THR C 19 -36.78 1.41 -17.12
C THR C 19 -35.33 0.96 -17.10
N GLY C 20 -34.65 1.12 -15.98
CA GLY C 20 -33.29 0.60 -15.87
C GLY C 20 -33.25 -0.90 -15.84
N ALA C 21 -34.18 -1.52 -15.12
CA ALA C 21 -34.24 -2.98 -15.08
C ALA C 21 -34.61 -3.56 -16.43
N LEU C 22 -35.56 -2.94 -17.13
CA LEU C 22 -35.90 -3.39 -18.47
C LEU C 22 -34.75 -3.16 -19.45
N SER C 23 -33.96 -2.10 -19.25
N SER C 23 -33.97 -2.09 -19.25
CA SER C 23 -32.80 -1.86 -20.11
CA SER C 23 -32.80 -1.85 -20.09
C SER C 23 -31.75 -2.95 -19.92
C SER C 23 -31.79 -2.98 -19.93
N ALA C 24 -31.62 -3.48 -18.70
CA ALA C 24 -30.69 -4.59 -18.48
C ALA C 24 -31.18 -5.86 -19.18
N LEU C 25 -32.48 -6.11 -19.15
CA LEU C 25 -33.05 -7.22 -19.91
C LEU C 25 -32.74 -7.09 -21.39
N LEU C 26 -32.92 -5.88 -21.93
CA LEU C 26 -32.72 -5.67 -23.36
C LEU C 26 -31.25 -5.78 -23.75
N MET C 27 -30.35 -5.28 -22.89
CA MET C 27 -28.92 -5.38 -23.20
C MET C 27 -28.44 -6.83 -23.15
N THR C 28 -28.91 -7.59 -22.15
CA THR C 28 -28.44 -8.97 -22.01
C THR C 28 -29.06 -9.87 -23.06
N SER C 29 -30.37 -9.75 -23.30
CA SER C 29 -30.99 -10.44 -24.42
C SER C 29 -30.44 -9.93 -25.75
N GLY C 30 -30.08 -8.65 -25.81
CA GLY C 30 -29.44 -8.14 -27.02
C GLY C 30 -28.11 -8.80 -27.31
N LEU C 31 -27.26 -8.91 -26.28
CA LEU C 31 -25.98 -9.60 -26.44
C LEU C 31 -26.19 -11.05 -26.88
N THR C 32 -27.19 -11.72 -26.31
CA THR C 32 -27.50 -13.09 -26.74
C THR C 32 -27.96 -13.10 -28.19
N MET C 33 -28.80 -12.14 -28.57
N MET C 33 -28.81 -12.14 -28.57
CA MET C 33 -29.22 -12.00 -29.96
CA MET C 33 -29.21 -12.02 -29.96
C MET C 33 -28.03 -11.75 -30.86
C MET C 33 -28.01 -11.78 -30.87
N TRP C 34 -27.07 -10.95 -30.40
CA TRP C 34 -25.89 -10.64 -31.21
C TRP C 34 -24.95 -11.83 -31.31
N PHE C 35 -24.73 -12.53 -30.19
CA PHE C 35 -23.75 -13.61 -30.18
C PHE C 35 -24.24 -14.84 -30.95
N HIS C 36 -25.55 -15.05 -31.03
CA HIS C 36 -26.08 -16.31 -31.51
C HIS C 36 -27.05 -16.19 -32.67
N PHE C 37 -27.62 -15.02 -32.93
CA PHE C 37 -28.63 -14.89 -33.97
C PHE C 37 -28.37 -13.68 -34.87
N ASN C 38 -27.13 -13.19 -34.88
CA ASN C 38 -26.61 -12.31 -35.93
C ASN C 38 -27.44 -11.03 -36.08
N SER C 39 -27.80 -10.41 -34.96
CA SER C 39 -28.59 -9.19 -35.02
C SER C 39 -28.28 -8.31 -33.82
N MET C 40 -28.34 -7.00 -34.04
CA MET C 40 -27.97 -6.02 -33.04
C MET C 40 -29.14 -5.17 -32.57
N THR C 41 -30.37 -5.52 -32.97
CA THR C 41 -31.51 -4.65 -32.73
C THR C 41 -31.81 -4.51 -31.25
N LEU C 42 -32.08 -5.63 -30.57
CA LEU C 42 -32.31 -5.60 -29.13
C LEU C 42 -31.20 -4.87 -28.38
N LEU C 43 -29.94 -5.18 -28.72
CA LEU C 43 -28.80 -4.57 -28.05
C LEU C 43 -28.82 -3.05 -28.17
N MET C 44 -29.11 -2.53 -29.38
N MET C 44 -29.08 -2.54 -29.39
CA MET C 44 -29.11 -1.09 -29.56
CA MET C 44 -29.14 -1.10 -29.59
C MET C 44 -30.30 -0.42 -28.87
C MET C 44 -30.26 -0.47 -28.79
N ILE C 45 -31.42 -1.14 -28.73
CA ILE C 45 -32.54 -0.60 -27.97
C ILE C 45 -32.20 -0.57 -26.48
N GLY C 46 -31.59 -1.64 -25.98
CA GLY C 46 -31.22 -1.68 -24.58
C GLY C 46 -30.19 -0.63 -24.21
N LEU C 47 -29.18 -0.45 -25.06
CA LEU C 47 -28.21 0.62 -24.82
C LEU C 47 -28.88 1.98 -24.81
N THR C 48 -29.82 2.21 -25.73
CA THR C 48 -30.48 3.53 -25.81
C THR C 48 -31.30 3.79 -24.56
N THR C 49 -32.11 2.80 -24.13
CA THR C 49 -32.89 2.97 -22.91
C THR C 49 -32.01 3.07 -21.67
N ASN C 50 -30.85 2.40 -21.69
CA ASN C 50 -29.92 2.49 -20.58
C ASN C 50 -29.41 3.92 -20.41
N MET C 51 -28.98 4.55 -21.51
N MET C 51 -29.01 4.56 -21.50
CA MET C 51 -28.52 5.94 -21.44
CA MET C 51 -28.52 5.93 -21.40
C MET C 51 -29.65 6.85 -20.98
C MET C 51 -29.63 6.91 -21.06
N LEU C 52 -30.85 6.66 -21.55
CA LEU C 52 -31.98 7.50 -21.17
C LEU C 52 -32.31 7.36 -19.69
N THR C 53 -32.27 6.12 -19.17
CA THR C 53 -32.51 5.90 -17.75
C THR C 53 -31.47 6.60 -16.90
N MET C 54 -30.18 6.42 -17.23
N MET C 54 -30.19 6.44 -17.23
CA MET C 54 -29.13 7.05 -16.44
CA MET C 54 -29.13 7.05 -16.44
C MET C 54 -29.21 8.57 -16.50
C MET C 54 -29.20 8.58 -16.50
N TYR C 55 -29.53 9.13 -17.66
CA TYR C 55 -29.63 10.58 -17.77
C TYR C 55 -30.73 11.15 -16.89
N GLN C 56 -31.93 10.58 -17.00
CA GLN C 56 -33.07 11.13 -16.27
C GLN C 56 -32.98 10.82 -14.78
N TRP C 57 -32.45 9.64 -14.43
CA TRP C 57 -32.25 9.28 -13.03
C TRP C 57 -31.33 10.28 -12.34
N TRP C 58 -30.14 10.49 -12.88
CA TRP C 58 -29.19 11.40 -12.26
C TRP C 58 -29.60 12.85 -12.45
N ARG C 59 -30.35 13.16 -13.51
CA ARG C 59 -30.98 14.47 -13.63
C ARG C 59 -31.86 14.76 -12.42
N ASP C 60 -32.69 13.79 -12.04
CA ASP C 60 -33.59 13.98 -10.91
C ASP C 60 -32.81 14.16 -9.61
N VAL C 61 -31.68 13.47 -9.48
CA VAL C 61 -30.85 13.63 -8.28
C VAL C 61 -30.34 15.06 -8.19
N ILE C 62 -29.95 15.64 -9.33
CA ILE C 62 -29.54 17.05 -9.35
C ILE C 62 -30.72 17.94 -8.98
N ARG C 63 -31.91 17.65 -9.52
CA ARG C 63 -33.09 18.42 -9.17
C ARG C 63 -33.40 18.31 -7.68
N GLU C 64 -33.28 17.11 -7.12
CA GLU C 64 -33.62 16.90 -5.71
C GLU C 64 -32.65 17.60 -4.78
N SER C 65 -31.40 17.81 -5.20
CA SER C 65 -30.35 18.33 -4.34
C SER C 65 -30.07 19.80 -4.60
N THR C 66 -29.58 20.13 -5.80
CA THR C 66 -29.24 21.52 -6.10
C THR C 66 -30.47 22.41 -6.12
N PHE C 67 -31.57 21.92 -6.69
CA PHE C 67 -32.74 22.75 -6.92
C PHE C 67 -33.78 22.65 -5.80
N GLN C 68 -33.89 21.49 -5.14
CA GLN C 68 -34.90 21.31 -4.11
C GLN C 68 -34.34 21.24 -2.69
N GLY C 69 -33.05 20.99 -2.53
CA GLY C 69 -32.43 21.10 -1.22
C GLY C 69 -32.62 19.91 -0.29
N HIS C 70 -32.88 18.73 -0.84
CA HIS C 70 -33.14 17.55 0.01
C HIS C 70 -31.88 16.91 0.56
N HIS C 71 -30.69 17.31 0.10
CA HIS C 71 -29.44 16.67 0.54
C HIS C 71 -28.92 17.38 1.78
N THR C 72 -29.52 17.02 2.92
CA THR C 72 -29.03 17.43 4.22
C THR C 72 -27.68 16.77 4.49
N PRO C 73 -26.96 17.19 5.53
CA PRO C 73 -25.72 16.48 5.90
C PRO C 73 -25.90 14.98 6.11
N ALA C 74 -27.07 14.55 6.61
CA ALA C 74 -27.28 13.12 6.83
C ALA C 74 -27.45 12.39 5.50
N VAL C 75 -28.17 13.00 4.56
CA VAL C 75 -28.31 12.40 3.23
C VAL C 75 -26.96 12.35 2.53
N GLN C 76 -26.16 13.41 2.66
CA GLN C 76 -24.84 13.42 2.05
C GLN C 76 -23.96 12.32 2.61
N LYS C 77 -24.01 12.13 3.94
CA LYS C 77 -23.23 11.07 4.57
C LYS C 77 -23.60 9.70 4.03
N GLY C 78 -24.89 9.47 3.80
CA GLY C 78 -25.32 8.22 3.20
C GLY C 78 -24.77 8.02 1.80
N LEU C 79 -24.80 9.09 0.99
CA LEU C 79 -24.26 9.00 -0.37
C LEU C 79 -22.75 8.74 -0.34
N ARG C 80 -22.06 9.24 0.70
CA ARG C 80 -20.64 8.94 0.86
C ARG C 80 -20.42 7.45 1.07
N TYR C 81 -21.18 6.84 1.98
CA TYR C 81 -21.08 5.40 2.19
C TYR C 81 -21.41 4.64 0.92
N GLY C 82 -22.48 5.04 0.23
CA GLY C 82 -22.87 4.35 -0.99
C GLY C 82 -21.77 4.33 -2.04
N MET C 83 -21.09 5.47 -2.21
CA MET C 83 -20.05 5.55 -3.23
C MET C 83 -18.82 4.75 -2.82
N ILE C 84 -18.45 4.80 -1.54
CA ILE C 84 -17.32 4.01 -1.05
C ILE C 84 -17.59 2.53 -1.23
N LEU C 85 -18.79 2.08 -0.87
CA LEU C 85 -19.14 0.66 -1.01
C LEU C 85 -19.18 0.24 -2.47
N PHE C 86 -19.65 1.12 -3.35
CA PHE C 86 -19.69 0.80 -4.78
C PHE C 86 -18.28 0.63 -5.34
N ILE C 87 -17.35 1.50 -4.94
CA ILE C 87 -15.97 1.38 -5.39
C ILE C 87 -15.35 0.09 -4.88
N ILE C 88 -15.65 -0.27 -3.62
CA ILE C 88 -15.15 -1.52 -3.06
C ILE C 88 -15.59 -2.71 -3.92
N SER C 89 -16.87 -2.74 -4.28
CA SER C 89 -17.37 -3.82 -5.13
C SER C 89 -16.67 -3.82 -6.50
N GLU C 90 -16.27 -2.64 -6.98
CA GLU C 90 -15.53 -2.56 -8.23
C GLU C 90 -14.10 -3.09 -8.07
N VAL C 91 -13.50 -2.89 -6.89
CA VAL C 91 -12.17 -3.41 -6.63
C VAL C 91 -12.20 -4.94 -6.67
N LEU C 92 -13.21 -5.55 -6.08
CA LEU C 92 -13.29 -7.01 -6.06
C LEU C 92 -13.59 -7.57 -7.45
N PHE C 93 -14.29 -6.80 -8.29
CA PHE C 93 -14.51 -7.21 -9.67
C PHE C 93 -13.19 -7.33 -10.42
N PHE C 94 -12.34 -6.30 -10.33
CA PHE C 94 -11.03 -6.36 -10.97
C PHE C 94 -10.13 -7.41 -10.33
N THR C 95 -10.27 -7.62 -9.01
CA THR C 95 -9.46 -8.62 -8.33
C THR C 95 -9.58 -9.99 -8.98
N GLY C 96 -10.78 -10.34 -9.44
CA GLY C 96 -10.97 -11.61 -10.12
C GLY C 96 -10.14 -11.71 -11.39
N PHE C 97 -9.98 -10.60 -12.11
CA PHE C 97 -9.18 -10.63 -13.33
C PHE C 97 -7.69 -10.69 -13.04
N PHE C 98 -7.25 -10.00 -11.97
CA PHE C 98 -5.86 -10.13 -11.54
C PHE C 98 -5.57 -11.54 -11.07
N TRP C 99 -6.55 -12.16 -10.40
CA TRP C 99 -6.42 -13.57 -10.00
C TRP C 99 -6.24 -14.45 -11.23
N ALA C 100 -7.07 -14.24 -12.25
CA ALA C 100 -6.94 -14.99 -13.50
C ALA C 100 -5.57 -14.78 -14.13
N PHE C 101 -5.08 -13.53 -14.14
CA PHE C 101 -3.78 -13.24 -14.76
C PHE C 101 -2.65 -13.97 -14.04
N TYR C 102 -2.58 -13.81 -12.72
CA TYR C 102 -1.50 -14.42 -11.96
C TYR C 102 -1.59 -15.95 -11.96
N HIS C 103 -2.81 -16.49 -11.97
CA HIS C 103 -2.98 -17.94 -12.10
C HIS C 103 -2.32 -18.45 -13.38
N SER C 104 -2.60 -17.79 -14.50
CA SER C 104 -2.09 -18.26 -15.79
C SER C 104 -0.60 -18.01 -15.94
N SER C 105 -0.10 -16.88 -15.42
CA SER C 105 1.26 -16.47 -15.67
C SER C 105 2.26 -17.05 -14.69
N LEU C 106 1.83 -17.39 -13.47
CA LEU C 106 2.73 -18.01 -12.50
C LEU C 106 2.91 -19.50 -12.75
N ALA C 107 1.97 -20.14 -13.46
CA ALA C 107 2.06 -21.56 -13.77
C ALA C 107 1.76 -21.75 -15.26
N PRO C 108 2.66 -21.30 -16.13
CA PRO C 108 2.41 -21.43 -17.57
C PRO C 108 2.36 -22.88 -17.99
N THR C 109 1.33 -23.22 -18.75
CA THR C 109 1.07 -24.61 -19.13
C THR C 109 1.92 -25.03 -20.32
N PRO C 110 2.06 -26.34 -20.55
CA PRO C 110 2.83 -26.80 -21.73
C PRO C 110 2.36 -26.22 -23.05
N GLU C 111 1.06 -25.93 -23.20
CA GLU C 111 0.57 -25.38 -24.45
C GLU C 111 1.17 -24.02 -24.76
N LEU C 112 1.65 -23.31 -23.74
CA LEU C 112 2.31 -22.02 -23.91
C LEU C 112 3.80 -22.16 -24.19
N GLY C 113 4.35 -23.36 -24.09
CA GLY C 113 5.78 -23.57 -24.03
C GLY C 113 6.32 -23.71 -22.62
N GLY C 114 5.46 -23.67 -21.61
CA GLY C 114 5.90 -23.74 -20.23
C GLY C 114 6.58 -22.49 -19.74
N CYS C 115 6.37 -21.36 -20.39
CA CYS C 115 7.04 -20.12 -20.04
C CYS C 115 6.06 -18.95 -20.14
N TRP C 116 6.44 -17.85 -19.51
CA TRP C 116 5.68 -16.60 -19.62
C TRP C 116 6.67 -15.47 -19.91
N PRO C 117 6.40 -14.63 -20.91
CA PRO C 117 5.26 -14.69 -21.84
C PRO C 117 5.29 -15.91 -22.74
N PRO C 118 4.12 -16.36 -23.22
CA PRO C 118 4.07 -17.59 -24.00
C PRO C 118 4.91 -17.48 -25.27
N THR C 119 5.30 -18.63 -25.79
CA THR C 119 5.97 -18.70 -27.08
C THR C 119 5.12 -18.04 -28.15
N GLY C 120 5.74 -17.17 -28.94
CA GLY C 120 5.04 -16.47 -29.99
C GLY C 120 4.40 -15.17 -29.58
N ILE C 121 4.44 -14.82 -28.30
CA ILE C 121 3.90 -13.56 -27.80
C ILE C 121 5.04 -12.56 -27.69
N HIS C 122 4.87 -11.39 -28.30
CA HIS C 122 5.85 -10.31 -28.24
C HIS C 122 5.24 -9.13 -27.51
N PRO C 123 5.48 -9.00 -26.21
CA PRO C 123 4.80 -7.96 -25.43
C PRO C 123 5.20 -6.55 -25.86
N LEU C 124 4.30 -5.61 -25.58
CA LEU C 124 4.63 -4.20 -25.76
C LEU C 124 5.75 -3.80 -24.81
N ASN C 125 6.50 -2.77 -25.20
CA ASN C 125 7.55 -2.25 -24.34
C ASN C 125 6.94 -1.43 -23.22
N PRO C 126 7.07 -1.84 -21.96
CA PRO C 126 6.46 -1.07 -20.85
C PRO C 126 7.02 0.33 -20.70
N LEU C 127 8.17 0.65 -21.29
CA LEU C 127 8.76 1.98 -21.17
C LEU C 127 8.30 2.95 -22.24
N GLU C 128 7.42 2.54 -23.15
CA GLU C 128 6.99 3.46 -24.19
C GLU C 128 5.61 4.01 -23.88
N VAL C 129 4.58 3.64 -24.65
CA VAL C 129 3.25 4.17 -24.40
C VAL C 129 2.69 3.75 -23.05
N PRO C 130 2.86 2.50 -22.58
CA PRO C 130 2.37 2.17 -21.23
C PRO C 130 2.92 3.07 -20.14
N LEU C 131 4.18 3.49 -20.25
CA LEU C 131 4.72 4.43 -19.28
C LEU C 131 4.11 5.82 -19.46
N LEU C 132 3.88 6.23 -20.71
CA LEU C 132 3.21 7.49 -20.98
C LEU C 132 1.81 7.51 -20.37
N ASN C 133 1.04 6.44 -20.60
CA ASN C 133 -0.27 6.31 -19.98
C ASN C 133 -0.19 6.42 -18.46
N THR C 134 0.86 5.85 -17.87
CA THR C 134 1.01 5.91 -16.42
C THR C 134 1.22 7.36 -15.95
N SER C 135 2.07 8.11 -16.64
CA SER C 135 2.27 9.51 -16.29
C SER C 135 1.02 10.34 -16.53
N VAL C 136 0.20 9.94 -17.50
CA VAL C 136 -1.01 10.71 -17.82
C VAL C 136 -2.03 10.59 -16.69
N LEU C 137 -2.30 9.36 -16.24
CA LEU C 137 -3.29 9.17 -15.17
C LEU C 137 -2.78 9.72 -13.84
N LEU C 138 -1.49 9.53 -13.55
CA LEU C 138 -0.92 10.12 -12.34
C LEU C 138 -1.02 11.64 -12.37
N ALA C 139 -0.76 12.25 -13.53
CA ALA C 139 -0.89 13.70 -13.64
C ALA C 139 -2.34 14.15 -13.46
N SER C 140 -3.29 13.35 -13.98
CA SER C 140 -4.69 13.70 -13.82
C SER C 140 -5.13 13.60 -12.36
N GLY C 141 -4.46 12.76 -11.57
CA GLY C 141 -4.72 12.74 -10.14
C GLY C 141 -4.25 13.99 -9.44
N VAL C 142 -3.15 14.58 -9.92
CA VAL C 142 -2.68 15.84 -9.36
C VAL C 142 -3.63 16.97 -9.73
N SER C 143 -4.02 17.04 -11.01
CA SER C 143 -4.84 18.15 -11.48
C SER C 143 -6.23 18.13 -10.87
N ILE C 144 -6.80 16.94 -10.66
CA ILE C 144 -8.12 16.87 -10.05
C ILE C 144 -8.05 17.22 -8.57
N THR C 145 -6.89 17.02 -7.94
CA THR C 145 -6.71 17.48 -6.57
C THR C 145 -6.63 19.00 -6.51
N TRP C 146 -5.95 19.60 -7.49
CA TRP C 146 -5.97 21.06 -7.62
C TRP C 146 -7.39 21.56 -7.86
N ALA C 147 -8.16 20.86 -8.69
CA ALA C 147 -9.56 21.23 -8.92
C ALA C 147 -10.35 21.23 -7.61
N HIS C 148 -10.19 20.18 -6.81
CA HIS C 148 -10.91 20.08 -5.54
C HIS C 148 -10.61 21.27 -4.64
N HIS C 149 -9.33 21.57 -4.44
CA HIS C 149 -8.95 22.65 -3.54
C HIS C 149 -9.40 24.01 -4.09
N SER C 150 -9.35 24.20 -5.40
CA SER C 150 -9.88 25.41 -6.00
C SER C 150 -11.36 25.57 -5.68
N LEU C 151 -12.13 24.48 -5.80
CA LEU C 151 -13.55 24.53 -5.48
C LEU C 151 -13.78 24.86 -4.01
N MET C 152 -13.00 24.24 -3.11
CA MET C 152 -13.18 24.49 -1.68
C MET C 152 -12.80 25.92 -1.31
N GLU C 153 -11.81 26.49 -1.98
CA GLU C 153 -11.40 27.86 -1.73
C GLU C 153 -12.21 28.88 -2.52
N GLY C 154 -13.23 28.44 -3.25
CA GLY C 154 -14.14 29.35 -3.91
C GLY C 154 -13.67 29.90 -5.23
N ASP C 155 -12.73 29.24 -5.89
CA ASP C 155 -12.09 29.76 -7.10
C ASP C 155 -12.75 29.08 -8.30
N ARG C 156 -13.69 29.79 -8.92
CA ARG C 156 -14.44 29.23 -10.05
C ARG C 156 -13.53 28.97 -11.25
N LYS C 157 -12.72 29.95 -11.63
CA LYS C 157 -11.94 29.86 -12.86
C LYS C 157 -10.93 28.72 -12.79
N HIS C 158 -10.17 28.64 -11.69
CA HIS C 158 -9.13 27.61 -11.58
C HIS C 158 -9.72 26.23 -11.37
N MET C 159 -10.92 26.14 -10.77
CA MET C 159 -11.62 24.87 -10.72
C MET C 159 -11.89 24.34 -12.13
N LEU C 160 -12.47 25.18 -12.98
CA LEU C 160 -12.76 24.78 -14.36
C LEU C 160 -11.48 24.47 -15.12
N GLN C 161 -10.40 25.21 -14.87
N GLN C 161 -10.41 25.24 -14.88
CA GLN C 161 -9.15 24.95 -15.58
CA GLN C 161 -9.14 24.97 -15.55
C GLN C 161 -8.56 23.62 -15.17
C GLN C 161 -8.60 23.60 -15.17
N ALA C 162 -8.50 23.33 -13.87
CA ALA C 162 -7.95 22.06 -13.41
C ALA C 162 -8.81 20.89 -13.84
N LEU C 163 -10.14 21.05 -13.78
CA LEU C 163 -11.03 19.96 -14.15
C LEU C 163 -10.98 19.69 -15.65
N PHE C 164 -10.84 20.75 -16.46
CA PHE C 164 -10.65 20.55 -17.89
C PHE C 164 -9.35 19.82 -18.19
N ILE C 165 -8.28 20.18 -17.48
CA ILE C 165 -7.00 19.50 -17.66
C ILE C 165 -7.14 18.03 -17.29
N THR C 166 -7.87 17.74 -16.20
CA THR C 166 -8.09 16.36 -15.80
C THR C 166 -8.84 15.58 -16.88
N ILE C 167 -9.89 16.19 -17.45
CA ILE C 167 -10.66 15.53 -18.50
C ILE C 167 -9.80 15.31 -19.73
N THR C 168 -9.01 16.32 -20.12
CA THR C 168 -8.16 16.19 -21.30
C THR C 168 -7.18 15.02 -21.15
N LEU C 169 -6.61 14.85 -19.96
CA LEU C 169 -5.71 13.73 -19.72
C LEU C 169 -6.45 12.40 -19.81
N GLY C 170 -7.67 12.34 -19.28
CA GLY C 170 -8.46 11.13 -19.42
C GLY C 170 -8.76 10.79 -20.87
N VAL C 171 -9.08 11.79 -21.67
CA VAL C 171 -9.26 11.59 -23.10
C VAL C 171 -7.94 11.17 -23.75
N TYR C 172 -6.84 11.82 -23.34
CA TYR C 172 -5.53 11.49 -23.87
C TYR C 172 -5.20 10.02 -23.61
N PHE C 173 -5.46 9.54 -22.39
CA PHE C 173 -5.22 8.13 -22.08
C PHE C 173 -6.07 7.22 -22.98
N THR C 174 -7.34 7.58 -23.18
CA THR C 174 -8.23 6.73 -23.97
C THR C 174 -7.77 6.65 -25.42
N LEU C 175 -7.35 7.78 -25.99
CA LEU C 175 -6.86 7.77 -27.37
C LEU C 175 -5.55 7.00 -27.48
N LEU C 176 -4.68 7.10 -26.48
CA LEU C 176 -3.43 6.35 -26.49
C LEU C 176 -3.71 4.84 -26.38
N GLN C 177 -4.67 4.45 -25.56
CA GLN C 177 -4.99 3.04 -25.41
C GLN C 177 -5.63 2.48 -26.67
N ALA C 178 -6.56 3.24 -27.27
CA ALA C 178 -7.14 2.85 -28.55
C ALA C 178 -6.05 2.62 -29.60
N SER C 179 -5.05 3.51 -29.63
CA SER C 179 -3.95 3.35 -30.57
C SER C 179 -3.14 2.11 -30.27
N GLU C 180 -2.82 1.90 -28.99
N GLU C 180 -2.84 1.86 -28.99
CA GLU C 180 -2.10 0.70 -28.57
CA GLU C 180 -2.06 0.67 -28.65
C GLU C 180 -2.85 -0.56 -28.98
C GLU C 180 -2.84 -0.60 -28.91
N TYR C 181 -4.17 -0.56 -28.78
CA TYR C 181 -4.98 -1.72 -29.16
C TYR C 181 -4.81 -2.04 -30.64
N TYR C 182 -4.93 -1.02 -31.49
CA TYR C 182 -4.77 -1.24 -32.93
C TYR C 182 -3.35 -1.71 -33.27
N GLU C 183 -2.34 -1.14 -32.62
CA GLU C 183 -0.95 -1.43 -32.99
C GLU C 183 -0.44 -2.74 -32.40
N ALA C 184 -1.11 -3.28 -31.39
CA ALA C 184 -0.61 -4.48 -30.72
C ALA C 184 -0.52 -5.65 -31.71
N PRO C 185 0.60 -6.36 -31.75
CA PRO C 185 0.70 -7.53 -32.62
C PRO C 185 -0.02 -8.75 -32.10
N PHE C 186 -0.55 -8.70 -30.88
CA PHE C 186 -1.33 -9.79 -30.31
C PHE C 186 -2.77 -9.34 -30.11
N THR C 187 -3.68 -10.31 -30.08
CA THR C 187 -5.11 -10.05 -30.04
C THR C 187 -5.71 -10.76 -28.83
N ILE C 188 -7.02 -10.52 -28.63
CA ILE C 188 -7.73 -11.17 -27.53
C ILE C 188 -7.80 -12.68 -27.72
N SER C 189 -7.61 -13.15 -28.95
CA SER C 189 -7.68 -14.58 -29.26
C SER C 189 -6.31 -15.27 -29.20
N ASP C 190 -5.25 -14.55 -28.85
CA ASP C 190 -3.92 -15.14 -28.74
C ASP C 190 -3.72 -15.76 -27.36
N GLY C 191 -4.55 -16.77 -27.07
CA GLY C 191 -4.40 -17.55 -25.86
C GLY C 191 -4.71 -16.74 -24.60
N VAL C 192 -4.18 -17.24 -23.49
CA VAL C 192 -4.47 -16.65 -22.19
C VAL C 192 -3.73 -15.34 -21.98
N TYR C 193 -2.63 -15.11 -22.70
CA TYR C 193 -1.98 -13.80 -22.62
C TYR C 193 -2.88 -12.72 -23.19
N GLY C 194 -3.36 -12.91 -24.42
CA GLY C 194 -4.27 -11.96 -25.02
C GLY C 194 -5.59 -11.88 -24.28
N SER C 195 -6.02 -12.99 -23.68
CA SER C 195 -7.28 -12.99 -22.92
C SER C 195 -7.17 -12.08 -21.70
N THR C 196 -6.16 -12.31 -20.86
CA THR C 196 -6.01 -11.51 -19.65
C THR C 196 -5.67 -10.07 -19.98
N PHE C 197 -4.84 -9.84 -21.01
CA PHE C 197 -4.43 -8.47 -21.35
C PHE C 197 -5.64 -7.61 -21.72
N PHE C 198 -6.40 -8.03 -22.73
CA PHE C 198 -7.42 -7.16 -23.27
C PHE C 198 -8.68 -7.11 -22.42
N VAL C 199 -9.01 -8.19 -21.70
CA VAL C 199 -10.19 -8.16 -20.85
C VAL C 199 -9.93 -7.29 -19.62
N ALA C 200 -8.74 -7.39 -19.03
CA ALA C 200 -8.42 -6.58 -17.86
C ALA C 200 -8.26 -5.11 -18.23
N THR C 201 -7.41 -4.82 -19.21
CA THR C 201 -7.24 -3.44 -19.64
C THR C 201 -8.49 -2.90 -20.34
N GLY C 202 -9.29 -3.79 -20.93
CA GLY C 202 -10.51 -3.34 -21.57
C GLY C 202 -11.56 -2.87 -20.58
N PHE C 203 -11.77 -3.64 -19.51
CA PHE C 203 -12.68 -3.20 -18.46
C PHE C 203 -12.17 -1.94 -17.78
N HIS C 204 -10.85 -1.83 -17.61
CA HIS C 204 -10.28 -0.59 -17.09
C HIS C 204 -10.55 0.58 -18.04
N GLY C 205 -10.30 0.37 -19.33
CA GLY C 205 -10.58 1.42 -20.30
C GLY C 205 -12.02 1.87 -20.28
N LEU C 206 -12.95 0.92 -20.12
CA LEU C 206 -14.36 1.29 -19.93
C LEU C 206 -14.53 2.16 -18.70
N HIS C 207 -13.88 1.79 -17.59
CA HIS C 207 -13.99 2.60 -16.38
C HIS C 207 -13.36 3.98 -16.55
N VAL C 208 -12.31 4.07 -17.38
CA VAL C 208 -11.74 5.38 -17.69
C VAL C 208 -12.77 6.24 -18.43
N ILE C 209 -13.49 5.62 -19.36
CA ILE C 209 -14.51 6.36 -20.11
C ILE C 209 -15.68 6.74 -19.20
N ILE C 210 -16.07 5.83 -18.30
CA ILE C 210 -17.11 6.15 -17.33
C ILE C 210 -16.67 7.29 -16.43
N GLY C 211 -15.44 7.21 -15.93
CA GLY C 211 -14.94 8.25 -15.04
C GLY C 211 -14.78 9.60 -15.74
N SER C 212 -14.36 9.56 -17.02
CA SER C 212 -14.27 10.81 -17.77
C SER C 212 -15.65 11.42 -18.00
N THR C 213 -16.64 10.59 -18.33
CA THR C 213 -18.01 11.09 -18.44
C THR C 213 -18.48 11.72 -17.14
N PHE C 214 -18.20 11.06 -16.01
CA PHE C 214 -18.57 11.62 -14.71
C PHE C 214 -17.91 12.98 -14.50
N LEU C 215 -16.62 13.11 -14.84
CA LEU C 215 -15.94 14.38 -14.70
C LEU C 215 -16.53 15.43 -15.64
N ILE C 216 -16.94 15.03 -16.84
CA ILE C 216 -17.55 15.97 -17.77
C ILE C 216 -18.89 16.47 -17.23
N VAL C 217 -19.66 15.57 -16.61
CA VAL C 217 -20.90 16.00 -15.95
C VAL C 217 -20.60 17.05 -14.89
N CYS C 218 -19.59 16.78 -14.04
CA CYS C 218 -19.21 17.75 -13.02
C CYS C 218 -18.75 19.06 -13.65
N PHE C 219 -18.09 18.99 -14.80
CA PHE C 219 -17.61 20.20 -15.46
C PHE C 219 -18.75 21.12 -15.85
N PHE C 220 -19.77 20.57 -16.52
CA PHE C 220 -20.90 21.39 -16.94
C PHE C 220 -21.76 21.82 -15.74
N ARG C 221 -21.86 20.97 -14.71
CA ARG C 221 -22.55 21.40 -13.49
C ARG C 221 -21.82 22.56 -12.84
N GLN C 222 -20.48 22.54 -12.86
CA GLN C 222 -19.70 23.66 -12.35
C GLN C 222 -19.94 24.91 -13.19
N LEU C 223 -19.99 24.77 -14.52
CA LEU C 223 -20.30 25.91 -15.38
C LEU C 223 -21.63 26.54 -14.99
N LYS C 224 -22.61 25.72 -14.60
CA LYS C 224 -23.93 26.21 -14.22
C LYS C 224 -24.04 26.54 -12.74
N PHE C 225 -22.92 26.64 -12.03
CA PHE C 225 -22.86 27.12 -10.65
C PHE C 225 -23.57 26.19 -9.68
N HIS C 226 -23.65 24.90 -10.02
CA HIS C 226 -24.36 23.95 -9.15
C HIS C 226 -23.63 23.77 -7.83
N PHE C 227 -22.31 23.76 -7.85
CA PHE C 227 -21.51 23.42 -6.68
C PHE C 227 -21.28 24.64 -5.81
N THR C 228 -21.39 24.45 -4.50
CA THR C 228 -20.91 25.43 -3.53
C THR C 228 -19.53 25.04 -3.05
N SER C 229 -18.87 25.96 -2.34
CA SER C 229 -17.53 25.68 -1.83
C SER C 229 -17.55 24.60 -0.75
N ASN C 230 -18.71 24.29 -0.19
CA ASN C 230 -18.83 23.29 0.87
C ASN C 230 -19.68 22.08 0.49
N HIS C 231 -20.54 22.19 -0.51
CA HIS C 231 -21.46 21.12 -0.88
C HIS C 231 -21.27 20.81 -2.36
N HIS C 232 -20.66 19.65 -2.64
CA HIS C 232 -20.32 19.27 -4.01
C HIS C 232 -19.97 17.79 -4.07
N PHE C 233 -20.85 16.92 -3.57
CA PHE C 233 -20.53 15.51 -3.49
C PHE C 233 -20.38 14.88 -4.88
N GLY C 234 -21.15 15.36 -5.86
CA GLY C 234 -20.98 14.87 -7.22
C GLY C 234 -19.54 14.95 -7.68
N PHE C 235 -18.86 16.05 -7.35
CA PHE C 235 -17.45 16.18 -7.69
C PHE C 235 -16.60 15.23 -6.84
N GLU C 236 -16.90 15.14 -5.55
CA GLU C 236 -16.13 14.27 -4.66
C GLU C 236 -16.24 12.81 -5.07
N ALA C 237 -17.47 12.35 -5.34
CA ALA C 237 -17.66 11.00 -5.84
C ALA C 237 -16.88 10.75 -7.13
N ALA C 238 -16.89 11.72 -8.04
CA ALA C 238 -16.14 11.58 -9.28
C ALA C 238 -14.64 11.58 -9.03
N ALA C 239 -14.18 12.32 -8.02
CA ALA C 239 -12.76 12.31 -7.68
C ALA C 239 -12.34 10.98 -7.07
N TRP C 240 -13.16 10.44 -6.16
CA TRP C 240 -12.88 9.11 -5.61
C TRP C 240 -12.85 8.06 -6.71
N TYR C 241 -13.81 8.11 -7.63
CA TYR C 241 -13.85 7.15 -8.72
C TYR C 241 -12.64 7.31 -9.63
N TRP C 242 -12.20 8.55 -9.84
CA TRP C 242 -11.03 8.78 -10.69
C TRP C 242 -9.76 8.25 -10.06
N HIS C 243 -9.60 8.42 -8.74
CA HIS C 243 -8.45 7.86 -8.06
C HIS C 243 -8.48 6.34 -8.08
N PHE C 244 -9.67 5.75 -7.95
CA PHE C 244 -9.82 4.31 -8.10
C PHE C 244 -9.35 3.85 -9.47
N VAL C 245 -9.78 4.57 -10.52
CA VAL C 245 -9.34 4.26 -11.88
C VAL C 245 -7.82 4.34 -11.99
N ASP C 246 -7.22 5.33 -11.33
CA ASP C 246 -5.77 5.50 -11.39
C ASP C 246 -5.06 4.33 -10.72
N VAL C 247 -5.51 3.94 -9.53
CA VAL C 247 -4.81 2.88 -8.79
C VAL C 247 -4.93 1.55 -9.53
N VAL C 248 -6.08 1.28 -10.14
CA VAL C 248 -6.24 0.05 -10.91
C VAL C 248 -5.24 -0.01 -12.05
N TRP C 249 -5.02 1.13 -12.73
CA TRP C 249 -4.03 1.17 -13.80
C TRP C 249 -2.63 0.85 -13.26
N LEU C 250 -2.26 1.46 -12.13
CA LEU C 250 -0.95 1.20 -11.54
C LEU C 250 -0.75 -0.28 -11.29
N PHE C 251 -1.78 -0.97 -10.80
CA PHE C 251 -1.69 -2.42 -10.63
C PHE C 251 -1.60 -3.14 -11.97
N LEU C 252 -2.39 -2.71 -12.96
CA LEU C 252 -2.29 -3.30 -14.29
C LEU C 252 -0.91 -3.11 -14.89
N TYR C 253 -0.35 -1.90 -14.77
CA TYR C 253 0.96 -1.62 -15.32
C TYR C 253 2.03 -2.50 -14.69
N VAL C 254 2.05 -2.57 -13.36
CA VAL C 254 3.07 -3.37 -12.68
C VAL C 254 2.90 -4.85 -12.98
N SER C 255 1.65 -5.34 -12.98
CA SER C 255 1.41 -6.77 -13.10
C SER C 255 1.52 -7.24 -14.55
N ILE C 256 0.73 -6.65 -15.45
CA ILE C 256 0.59 -7.18 -16.81
C ILE C 256 1.65 -6.60 -17.75
N TYR C 257 1.85 -5.28 -17.71
CA TYR C 257 2.76 -4.64 -18.64
C TYR C 257 4.22 -4.86 -18.25
N TRP C 258 4.52 -4.83 -16.96
CA TRP C 258 5.91 -4.80 -16.51
C TRP C 258 6.37 -6.18 -16.05
N TRP C 259 5.80 -6.67 -14.94
CA TRP C 259 6.20 -7.98 -14.43
C TRP C 259 5.83 -9.10 -15.41
N GLY C 260 4.70 -8.96 -16.08
CA GLY C 260 4.22 -9.97 -17.00
C GLY C 260 4.83 -9.92 -18.38
N SER C 261 5.83 -9.06 -18.61
CA SER C 261 6.48 -8.96 -19.91
C SER C 261 7.72 -9.83 -19.99
N SER D 4 -63.59 -4.39 27.78
CA SER D 4 -63.97 -5.40 26.81
C SER D 4 -63.48 -5.07 25.40
N VAL D 5 -64.26 -4.24 24.70
CA VAL D 5 -64.04 -4.02 23.27
C VAL D 5 -62.72 -3.30 23.05
N VAL D 6 -61.78 -3.99 22.38
CA VAL D 6 -60.51 -3.41 21.96
C VAL D 6 -60.61 -3.03 20.49
N LYS D 7 -60.01 -1.90 20.13
CA LYS D 7 -60.16 -1.32 18.81
C LYS D 7 -58.82 -1.27 18.09
N SER D 8 -58.87 -1.16 16.76
CA SER D 8 -57.65 -1.14 15.96
C SER D 8 -56.86 0.14 16.19
N GLU D 9 -57.55 1.29 16.22
CA GLU D 9 -56.87 2.58 16.41
C GLU D 9 -56.32 2.75 17.83
N ASP D 10 -56.46 1.75 18.68
CA ASP D 10 -56.00 1.73 20.07
C ASP D 10 -54.53 1.30 20.21
N TYR D 11 -53.86 0.89 19.13
CA TYR D 11 -52.59 0.18 19.24
C TYR D 11 -51.51 0.98 19.96
N ALA D 12 -51.60 2.30 20.00
CA ALA D 12 -50.56 3.12 20.62
C ALA D 12 -50.78 3.34 22.10
N LEU D 13 -51.87 2.83 22.66
CA LEU D 13 -52.20 3.03 24.06
C LEU D 13 -51.85 1.80 24.88
N PRO D 14 -51.62 1.95 26.18
CA PRO D 14 -51.41 0.78 27.03
C PRO D 14 -52.61 -0.16 26.96
N SER D 15 -52.32 -1.46 26.90
CA SER D 15 -53.35 -2.47 26.67
C SER D 15 -53.29 -3.54 27.75
N TYR D 16 -54.28 -4.41 27.73
CA TYR D 16 -54.40 -5.51 28.66
C TYR D 16 -53.87 -6.80 28.05
N VAL D 17 -53.21 -7.61 28.89
N VAL D 17 -53.26 -7.63 28.88
CA VAL D 17 -52.73 -8.93 28.50
CA VAL D 17 -52.79 -8.94 28.42
C VAL D 17 -53.00 -9.88 29.65
C VAL D 17 -52.80 -9.90 29.61
N ASP D 18 -53.13 -11.16 29.33
CA ASP D 18 -53.14 -12.22 30.33
C ASP D 18 -51.88 -13.06 30.13
N ARG D 19 -50.89 -12.85 30.98
CA ARG D 19 -49.61 -13.54 30.89
C ARG D 19 -49.18 -13.94 32.30
N ARG D 20 -48.82 -15.21 32.47
CA ARG D 20 -48.45 -15.68 33.80
C ARG D 20 -47.12 -15.08 34.27
N ASP D 21 -46.29 -14.62 33.34
CA ASP D 21 -45.06 -13.91 33.70
C ASP D 21 -45.25 -12.39 33.72
N TYR D 22 -46.47 -11.91 33.51
CA TYR D 22 -46.79 -10.49 33.61
C TYR D 22 -48.11 -10.36 34.36
N PRO D 23 -48.12 -10.72 35.64
CA PRO D 23 -49.41 -10.89 36.35
C PRO D 23 -50.23 -9.62 36.49
N LEU D 24 -49.60 -8.45 36.57
CA LEU D 24 -50.32 -7.19 36.78
C LEU D 24 -50.23 -6.34 35.51
N PRO D 25 -51.20 -6.41 34.61
CA PRO D 25 -51.11 -5.70 33.34
C PRO D 25 -51.15 -4.19 33.53
N ASP D 26 -50.95 -3.48 32.41
CA ASP D 26 -50.82 -2.03 32.46
C ASP D 26 -52.15 -1.34 32.72
N VAL D 27 -53.27 -1.96 32.34
CA VAL D 27 -54.59 -1.36 32.52
C VAL D 27 -55.54 -2.40 33.10
N ALA D 28 -56.63 -1.91 33.67
CA ALA D 28 -57.70 -2.79 34.13
C ALA D 28 -58.44 -3.41 32.95
N HIS D 29 -58.89 -4.65 33.14
CA HIS D 29 -59.73 -5.30 32.13
C HIS D 29 -60.95 -4.45 31.78
N VAL D 30 -61.64 -3.95 32.79
CA VAL D 30 -62.86 -3.15 32.61
C VAL D 30 -62.59 -1.75 33.14
N LYS D 31 -62.69 -0.75 32.26
CA LYS D 31 -62.43 0.64 32.63
C LYS D 31 -63.69 1.39 32.99
N ASN D 32 -64.84 1.03 32.41
CA ASN D 32 -66.08 1.76 32.59
C ASN D 32 -66.97 1.03 33.59
N LEU D 33 -67.36 1.73 34.64
CA LEU D 33 -68.09 1.14 35.76
C LEU D 33 -69.55 1.56 35.74
N SER D 34 -70.45 0.61 35.95
CA SER D 34 -71.86 0.90 36.15
C SER D 34 -72.08 1.48 37.55
N ALA D 35 -73.32 1.90 37.81
CA ALA D 35 -73.65 2.50 39.10
C ALA D 35 -73.32 1.55 40.26
N SER D 36 -73.70 0.29 40.12
CA SER D 36 -73.42 -0.68 41.18
C SER D 36 -71.94 -1.01 41.24
N GLN D 37 -71.28 -1.08 40.09
CA GLN D 37 -69.84 -1.30 40.06
C GLN D 37 -69.10 -0.13 40.68
N LYS D 38 -69.61 1.10 40.50
CA LYS D 38 -69.01 2.26 41.16
C LYS D 38 -69.12 2.12 42.68
N ALA D 39 -70.25 1.62 43.16
CA ALA D 39 -70.44 1.44 44.60
C ALA D 39 -69.58 0.31 45.13
N LEU D 40 -69.40 -0.75 44.34
CA LEU D 40 -68.51 -1.84 44.74
C LEU D 40 -67.08 -1.36 44.95
N LYS D 41 -66.61 -0.48 44.06
CA LYS D 41 -65.26 0.07 44.22
C LYS D 41 -65.17 0.96 45.46
N GLU D 42 -66.26 1.64 45.82
CA GLU D 42 -66.28 2.43 47.04
C GLU D 42 -66.22 1.53 48.27
N LYS D 43 -67.02 0.46 48.26
CA LYS D 43 -66.98 -0.52 49.35
C LYS D 43 -65.60 -1.14 49.49
N GLU D 44 -64.87 -1.30 48.38
CA GLU D 44 -63.54 -1.90 48.42
C GLU D 44 -62.58 -1.06 49.25
N LYS D 45 -62.87 0.23 49.44
CA LYS D 45 -62.03 1.09 50.27
C LYS D 45 -62.18 0.80 51.75
N ALA D 46 -63.21 0.05 52.14
CA ALA D 46 -63.40 -0.39 53.51
C ALA D 46 -62.84 -1.81 53.67
N SER D 47 -63.00 -2.36 54.87
CA SER D 47 -62.46 -3.69 55.16
C SER D 47 -62.99 -4.72 54.16
N TRP D 48 -62.08 -5.52 53.61
CA TRP D 48 -62.47 -6.54 52.64
C TRP D 48 -63.20 -7.71 53.27
N SER D 49 -63.15 -7.85 54.60
CA SER D 49 -63.94 -8.88 55.26
C SER D 49 -65.43 -8.63 55.09
N SER D 50 -65.84 -7.37 54.94
CA SER D 50 -67.24 -7.03 54.71
C SER D 50 -67.69 -7.28 53.27
N LEU D 51 -66.77 -7.67 52.38
CA LEU D 51 -67.13 -8.00 51.02
C LEU D 51 -67.61 -9.44 50.94
N SER D 52 -68.65 -9.67 50.14
CA SER D 52 -69.12 -11.02 49.92
C SER D 52 -68.24 -11.73 48.89
N ILE D 53 -68.40 -13.06 48.83
CA ILE D 53 -67.69 -13.85 47.83
C ILE D 53 -68.00 -13.34 46.43
N ASP D 54 -69.28 -13.12 46.13
CA ASP D 54 -69.68 -12.63 44.81
C ASP D 54 -69.05 -11.27 44.51
N GLU D 55 -69.02 -10.38 45.50
CA GLU D 55 -68.43 -9.06 45.29
C GLU D 55 -66.92 -9.17 45.07
N LYS D 56 -66.26 -10.08 45.78
CA LYS D 56 -64.82 -10.26 45.60
C LYS D 56 -64.52 -10.81 44.22
N VAL D 57 -65.30 -11.79 43.75
CA VAL D 57 -65.14 -12.30 42.40
C VAL D 57 -65.39 -11.19 41.38
N GLU D 58 -66.37 -10.32 41.67
CA GLU D 58 -66.70 -9.24 40.74
C GLU D 58 -65.57 -8.21 40.67
N LEU D 59 -64.93 -7.93 41.81
CA LEU D 59 -63.76 -7.05 41.79
C LEU D 59 -62.63 -7.66 40.97
N TYR D 60 -62.42 -8.97 41.09
CA TYR D 60 -61.39 -9.63 40.29
C TYR D 60 -61.70 -9.53 38.80
N ARG D 61 -62.96 -9.75 38.42
CA ARG D 61 -63.32 -9.76 37.01
C ARG D 61 -63.34 -8.37 36.40
N LEU D 62 -63.40 -7.32 37.23
CA LEU D 62 -63.23 -5.97 36.71
C LEU D 62 -61.76 -5.68 36.40
N LYS D 63 -60.86 -6.16 37.25
CA LYS D 63 -59.43 -5.91 37.04
C LYS D 63 -58.84 -6.83 36.00
N PHE D 64 -59.27 -8.09 35.97
CA PHE D 64 -58.65 -9.12 35.15
C PHE D 64 -59.71 -9.79 34.28
N LYS D 65 -59.27 -10.30 33.14
CA LYS D 65 -60.15 -11.03 32.23
C LYS D 65 -60.21 -12.51 32.58
N GLU D 66 -59.08 -13.20 32.49
CA GLU D 66 -58.98 -14.61 32.82
C GLU D 66 -58.11 -14.82 34.05
N SER D 67 -58.47 -15.80 34.86
CA SER D 67 -57.62 -16.22 35.95
C SER D 67 -56.43 -17.03 35.42
N PHE D 68 -55.47 -17.29 36.31
CA PHE D 68 -54.31 -18.10 35.93
C PHE D 68 -54.74 -19.49 35.47
N ALA D 69 -55.71 -20.10 36.17
CA ALA D 69 -56.19 -21.41 35.76
C ALA D 69 -56.81 -21.38 34.38
N GLU D 70 -57.60 -20.35 34.08
CA GLU D 70 -58.22 -20.24 32.76
C GLU D 70 -57.18 -20.01 31.68
N MET D 71 -56.27 -19.07 31.88
CA MET D 71 -55.30 -18.74 30.84
C MET D 71 -54.26 -19.84 30.63
N ASN D 72 -54.07 -20.72 31.61
CA ASN D 72 -53.08 -21.79 31.52
C ASN D 72 -53.69 -23.14 31.16
N ARG D 73 -54.98 -23.18 30.84
CA ARG D 73 -55.65 -24.45 30.63
C ARG D 73 -55.11 -25.16 29.39
N SER D 74 -55.10 -26.49 29.45
CA SER D 74 -54.72 -27.30 28.30
C SER D 74 -55.92 -27.44 27.35
N THR D 75 -55.63 -27.83 26.12
CA THR D 75 -56.64 -28.00 25.08
C THR D 75 -56.44 -29.33 24.38
N ASN D 76 -57.42 -29.68 23.55
CA ASN D 76 -57.39 -30.90 22.76
C ASN D 76 -56.89 -30.65 21.34
N GLU D 77 -56.25 -29.51 21.11
CA GLU D 77 -55.80 -29.14 19.77
C GLU D 77 -54.86 -30.19 19.18
N TRP D 78 -54.05 -30.86 20.02
CA TRP D 78 -53.09 -31.81 19.50
C TRP D 78 -53.77 -32.96 18.77
N LYS D 79 -55.00 -33.28 19.15
CA LYS D 79 -55.73 -34.33 18.45
C LYS D 79 -56.08 -33.88 17.03
N THR D 80 -56.52 -32.64 16.87
CA THR D 80 -56.79 -32.10 15.55
C THR D 80 -55.52 -31.99 14.73
N VAL D 81 -54.42 -31.54 15.34
CA VAL D 81 -53.18 -31.33 14.60
C VAL D 81 -52.60 -32.66 14.13
N VAL D 82 -52.46 -33.61 15.06
CA VAL D 82 -51.87 -34.90 14.71
C VAL D 82 -52.77 -35.66 13.75
N GLY D 83 -54.08 -35.61 13.96
CA GLY D 83 -54.99 -36.34 13.10
C GLY D 83 -55.08 -35.77 11.70
N ALA D 84 -55.12 -34.44 11.59
CA ALA D 84 -55.17 -33.81 10.27
C ALA D 84 -53.85 -34.00 9.52
N ALA D 85 -52.74 -33.98 10.24
CA ALA D 85 -51.45 -34.24 9.60
C ALA D 85 -51.40 -35.65 9.02
N MET D 86 -51.92 -36.63 9.75
CA MET D 86 -51.97 -37.99 9.23
C MET D 86 -52.93 -38.11 8.05
N PHE D 87 -54.01 -37.32 8.02
N PHE D 87 -54.00 -37.30 8.04
CA PHE D 87 -54.86 -37.35 6.85
CA PHE D 87 -54.93 -37.25 6.91
C PHE D 87 -54.10 -36.91 5.61
C PHE D 87 -54.20 -36.85 5.63
N PHE D 88 -53.45 -35.75 5.70
CA PHE D 88 -52.76 -35.22 4.52
C PHE D 88 -51.56 -36.08 4.13
N ILE D 89 -50.90 -36.72 5.11
CA ILE D 89 -49.88 -37.69 4.78
C ILE D 89 -50.51 -38.91 4.13
N GLY D 90 -51.71 -39.29 4.58
CA GLY D 90 -52.45 -40.35 3.90
C GLY D 90 -52.86 -39.94 2.49
N PHE D 91 -53.34 -38.72 2.33
CA PHE D 91 -53.67 -38.22 1.00
C PHE D 91 -52.46 -38.26 0.07
N THR D 92 -51.26 -38.05 0.62
CA THR D 92 -50.05 -38.11 -0.18
C THR D 92 -49.88 -39.49 -0.82
N ALA D 93 -50.16 -40.55 -0.06
CA ALA D 93 -50.09 -41.90 -0.61
C ALA D 93 -51.02 -42.09 -1.80
N LEU D 94 -52.15 -41.38 -1.81
CA LEU D 94 -53.04 -41.42 -2.97
C LEU D 94 -52.36 -40.85 -4.21
N LEU D 95 -51.57 -39.79 -4.02
CA LEU D 95 -50.80 -39.22 -5.14
C LEU D 95 -49.74 -40.20 -5.61
N LEU D 96 -49.12 -40.92 -4.68
CA LEU D 96 -48.09 -41.90 -5.05
C LEU D 96 -48.70 -43.09 -5.76
N ILE D 97 -49.92 -43.50 -5.38
CA ILE D 97 -50.60 -44.56 -6.08
C ILE D 97 -50.92 -44.13 -7.51
N TRP D 98 -51.44 -42.92 -7.66
CA TRP D 98 -51.73 -42.39 -9.00
C TRP D 98 -50.47 -42.34 -9.86
N GLU D 99 -49.35 -41.95 -9.26
CA GLU D 99 -48.10 -41.85 -10.02
C GLU D 99 -47.61 -43.22 -10.47
N LYS D 100 -47.65 -44.21 -9.58
CA LYS D 100 -47.24 -45.56 -9.96
C LYS D 100 -48.14 -46.13 -11.05
N HIS D 101 -49.42 -45.77 -11.05
CA HIS D 101 -50.35 -46.36 -12.00
C HIS D 101 -50.28 -45.70 -13.37
N TYR D 102 -50.21 -44.37 -13.41
CA TYR D 102 -50.33 -43.63 -14.66
C TYR D 102 -49.04 -43.07 -15.21
N VAL D 103 -47.98 -42.98 -14.41
CA VAL D 103 -46.74 -42.32 -14.81
C VAL D 103 -45.60 -43.32 -15.00
N TYR D 104 -45.38 -44.18 -14.02
CA TYR D 104 -44.25 -45.11 -14.05
C TYR D 104 -44.56 -46.29 -14.95
N GLY D 105 -43.61 -46.61 -15.83
CA GLY D 105 -43.66 -47.82 -16.62
C GLY D 105 -42.99 -48.95 -15.89
N PRO D 106 -42.71 -50.05 -16.60
CA PRO D 106 -42.03 -51.18 -15.96
C PRO D 106 -40.60 -50.83 -15.56
N ILE D 107 -40.14 -51.45 -14.48
CA ILE D 107 -38.76 -51.28 -14.03
C ILE D 107 -37.90 -52.24 -14.85
N PRO D 108 -36.57 -52.11 -14.86
CA PRO D 108 -35.75 -52.97 -15.72
C PRO D 108 -35.88 -54.44 -15.36
N HIS D 109 -35.51 -55.29 -16.31
CA HIS D 109 -35.64 -56.73 -16.16
C HIS D 109 -34.68 -57.31 -15.13
N THR D 110 -33.69 -56.53 -14.67
CA THR D 110 -32.75 -57.04 -13.68
C THR D 110 -33.37 -57.22 -12.31
N PHE D 111 -34.60 -56.77 -12.10
CA PHE D 111 -35.31 -56.97 -10.84
C PHE D 111 -36.20 -58.21 -10.85
N GLU D 112 -36.23 -58.94 -11.95
CA GLU D 112 -36.94 -60.21 -11.99
C GLU D 112 -36.34 -61.18 -10.98
N GLU D 113 -37.17 -62.08 -10.45
CA GLU D 113 -36.75 -62.93 -9.35
C GLU D 113 -35.55 -63.80 -9.73
N GLU D 114 -35.53 -64.29 -10.96
CA GLU D 114 -34.44 -65.19 -11.37
C GLU D 114 -33.15 -64.43 -11.58
N TRP D 115 -33.22 -63.24 -12.20
CA TRP D 115 -32.04 -62.38 -12.32
C TRP D 115 -31.44 -62.11 -10.95
N VAL D 116 -32.28 -61.71 -9.99
CA VAL D 116 -31.80 -61.38 -8.65
C VAL D 116 -31.12 -62.59 -8.01
N ALA D 117 -31.69 -63.79 -8.21
CA ALA D 117 -31.11 -64.98 -7.61
C ALA D 117 -29.75 -65.30 -8.22
N LYS D 118 -29.61 -65.15 -9.53
CA LYS D 118 -28.32 -65.36 -10.17
C LYS D 118 -27.36 -64.23 -9.84
N GLN D 119 -27.86 -63.00 -9.85
CA GLN D 119 -27.05 -61.85 -9.46
C GLN D 119 -26.52 -62.00 -8.04
N THR D 120 -27.33 -62.57 -7.14
CA THR D 120 -26.89 -62.76 -5.76
C THR D 120 -25.74 -63.75 -5.68
N LYS D 121 -25.82 -64.86 -6.41
CA LYS D 121 -24.72 -65.82 -6.42
C LYS D 121 -23.44 -65.21 -6.97
N ARG D 122 -23.53 -64.50 -8.10
CA ARG D 122 -22.35 -63.88 -8.67
C ARG D 122 -21.72 -62.89 -7.71
N MET D 123 -22.54 -62.14 -6.97
CA MET D 123 -22.01 -61.27 -5.94
C MET D 123 -21.31 -62.07 -4.84
N LEU D 124 -21.88 -63.23 -4.48
CA LEU D 124 -21.21 -64.12 -3.53
C LEU D 124 -19.99 -64.78 -4.15
N ASP D 125 -20.00 -65.00 -5.47
CA ASP D 125 -18.85 -65.62 -6.13
C ASP D 125 -17.66 -64.66 -6.15
N MET D 126 -17.91 -63.38 -6.32
CA MET D 126 -16.86 -62.37 -6.28
C MET D 126 -16.63 -61.80 -4.89
N LYS D 127 -17.32 -62.35 -3.88
CA LYS D 127 -17.08 -62.01 -2.47
C LYS D 127 -17.34 -60.52 -2.20
N VAL D 128 -18.45 -60.00 -2.74
CA VAL D 128 -18.88 -58.64 -2.46
C VAL D 128 -18.99 -58.42 -0.95
N ALA D 129 -18.27 -57.42 -0.44
CA ALA D 129 -18.27 -57.05 0.97
C ALA D 129 -18.07 -58.28 1.85
N PRO D 130 -16.88 -58.89 1.82
CA PRO D 130 -16.67 -60.16 2.54
C PRO D 130 -16.34 -60.00 4.01
N ILE D 131 -16.09 -58.78 4.49
CA ILE D 131 -15.71 -58.58 5.88
C ILE D 131 -16.93 -58.35 6.76
N GLN D 132 -17.90 -57.55 6.29
CA GLN D 132 -19.08 -57.23 7.10
C GLN D 132 -20.37 -57.13 6.29
N GLY D 133 -20.30 -56.59 5.08
CA GLY D 133 -21.50 -56.08 4.43
C GLY D 133 -22.43 -57.07 3.77
N PHE D 134 -21.89 -58.10 3.11
CA PHE D 134 -22.74 -58.95 2.28
C PHE D 134 -22.29 -60.40 2.29
N SER D 135 -21.15 -60.68 1.65
CA SER D 135 -20.65 -62.04 1.62
C SER D 135 -20.27 -62.54 3.02
N ALA D 136 -19.93 -61.61 3.92
CA ALA D 136 -19.66 -62.00 5.31
C ALA D 136 -20.86 -62.66 5.97
N LYS D 137 -22.06 -62.47 5.42
CA LYS D 137 -23.28 -63.02 5.98
C LYS D 137 -23.69 -64.32 5.29
N TRP D 138 -22.90 -64.81 4.35
CA TRP D 138 -23.11 -66.09 3.71
C TRP D 138 -22.14 -67.13 4.26
N ASP D 139 -22.65 -68.33 4.51
CA ASP D 139 -21.83 -69.43 5.01
C ASP D 139 -21.37 -70.24 3.81
N TYR D 140 -20.09 -70.13 3.46
CA TYR D 140 -19.56 -70.81 2.29
C TYR D 140 -19.36 -72.29 2.53
N ASP D 141 -19.22 -72.71 3.79
CA ASP D 141 -19.14 -74.14 4.11
C ASP D 141 -20.49 -74.81 3.99
N LYS D 142 -21.49 -74.30 4.71
CA LYS D 142 -22.82 -74.89 4.73
C LYS D 142 -23.67 -74.50 3.53
N ASN D 143 -23.22 -73.55 2.69
CA ASN D 143 -23.93 -73.17 1.47
C ASN D 143 -25.29 -72.56 1.78
N GLU D 144 -25.33 -71.67 2.77
CA GLU D 144 -26.57 -71.02 3.18
C GLU D 144 -26.24 -69.68 3.83
N TRP D 145 -27.28 -68.88 4.02
CA TRP D 145 -27.15 -67.66 4.79
C TRP D 145 -26.91 -67.97 6.26
N LYS D 146 -25.92 -67.31 6.85
CA LYS D 146 -25.64 -67.49 8.27
C LYS D 146 -26.88 -67.14 9.11
N LYS D 147 -27.06 -67.87 10.20
CA LYS D 147 -28.24 -67.71 11.05
C LYS D 147 -28.09 -66.52 11.97
N HIS E 5 -22.82 -12.08 44.72
CA HIS E 5 -23.67 -10.90 44.88
C HIS E 5 -24.21 -10.79 46.31
N GLU E 6 -25.51 -10.56 46.43
CA GLU E 6 -26.16 -10.42 47.72
C GLU E 6 -26.73 -11.74 48.19
N THR E 7 -26.77 -11.93 49.51
CA THR E 7 -27.33 -13.13 50.09
C THR E 7 -28.86 -13.17 49.93
N ASP E 8 -29.43 -14.35 50.16
CA ASP E 8 -30.88 -14.51 50.15
C ASP E 8 -31.56 -13.56 51.12
N GLU E 9 -30.98 -13.38 52.31
CA GLU E 9 -31.61 -12.52 53.32
C GLU E 9 -31.63 -11.06 52.86
N GLU E 10 -30.57 -10.62 52.19
CA GLU E 10 -30.52 -9.25 51.70
C GLU E 10 -31.47 -9.03 50.54
N PHE E 11 -31.59 -10.03 49.66
CA PHE E 11 -32.58 -9.96 48.58
C PHE E 11 -33.99 -9.80 49.12
N ASP E 12 -34.35 -10.64 50.09
CA ASP E 12 -35.69 -10.58 50.66
C ASP E 12 -35.92 -9.25 51.38
N ALA E 13 -34.89 -8.75 52.07
CA ALA E 13 -35.04 -7.50 52.80
C ALA E 13 -35.24 -6.32 51.85
N ARG E 14 -34.57 -6.35 50.69
N ARG E 14 -34.59 -6.36 50.68
CA ARG E 14 -34.78 -5.30 49.69
CA ARG E 14 -34.79 -5.29 49.70
C ARG E 14 -36.22 -5.29 49.20
C ARG E 14 -36.21 -5.29 49.17
N TRP E 15 -36.80 -6.47 48.97
CA TRP E 15 -38.15 -6.54 48.44
C TRP E 15 -39.20 -6.26 49.50
N VAL E 16 -38.95 -6.70 50.74
CA VAL E 16 -39.84 -6.32 51.84
C VAL E 16 -39.88 -4.80 51.97
N THR E 17 -38.71 -4.17 51.97
CA THR E 17 -38.65 -2.71 52.04
C THR E 17 -39.37 -2.06 50.85
N TYR E 18 -39.20 -2.63 49.65
CA TYR E 18 -39.82 -2.06 48.46
C TYR E 18 -41.34 -1.98 48.60
N PHE E 19 -41.96 -3.10 48.98
CA PHE E 19 -43.41 -3.14 49.09
C PHE E 19 -43.93 -2.47 50.36
N ASN E 20 -43.07 -2.23 51.35
CA ASN E 20 -43.49 -1.63 52.60
C ASN E 20 -43.51 -0.11 52.57
N LYS E 21 -43.07 0.53 51.48
CA LYS E 21 -43.10 1.98 51.40
C LYS E 21 -44.55 2.45 51.57
N PRO E 22 -44.84 3.29 52.57
CA PRO E 22 -46.25 3.64 52.85
C PRO E 22 -47.00 4.22 51.66
N ASP E 23 -46.39 5.13 50.90
CA ASP E 23 -47.06 5.78 49.78
C ASP E 23 -46.68 5.17 48.44
N ILE E 24 -46.36 3.88 48.41
CA ILE E 24 -46.17 3.18 47.15
C ILE E 24 -47.42 3.36 46.28
N ASP E 25 -47.22 3.64 45.00
CA ASP E 25 -48.34 3.86 44.09
C ASP E 25 -48.58 2.60 43.26
N ALA E 26 -49.63 2.66 42.43
CA ALA E 26 -50.06 1.49 41.68
C ALA E 26 -48.99 1.06 40.68
N TRP E 27 -48.31 2.02 40.05
CA TRP E 27 -47.27 1.67 39.09
C TRP E 27 -46.15 0.89 39.74
N GLU E 28 -45.68 1.36 40.91
CA GLU E 28 -44.58 0.68 41.60
C GLU E 28 -45.01 -0.71 42.09
N LEU E 29 -46.28 -0.89 42.44
CA LEU E 29 -46.76 -2.22 42.81
C LEU E 29 -46.69 -3.18 41.64
N ARG E 30 -47.23 -2.76 40.50
CA ARG E 30 -47.16 -3.60 39.29
C ARG E 30 -45.71 -3.83 38.88
N LYS E 31 -44.89 -2.78 38.94
CA LYS E 31 -43.49 -2.92 38.56
C LYS E 31 -42.77 -3.92 39.46
N GLY E 32 -43.03 -3.86 40.76
CA GLY E 32 -42.39 -4.80 41.68
C GLY E 32 -42.77 -6.25 41.39
N MET E 33 -44.08 -6.52 41.31
CA MET E 33 -44.53 -7.90 41.10
C MET E 33 -44.09 -8.43 39.74
N ASN E 34 -44.20 -7.61 38.69
CA ASN E 34 -43.80 -8.06 37.36
C ASN E 34 -42.30 -8.31 37.28
N THR E 35 -41.51 -7.54 38.02
CA THR E 35 -40.06 -7.80 38.08
C THR E 35 -39.76 -9.02 38.94
N LEU E 36 -40.45 -9.16 40.06
CA LEU E 36 -40.13 -10.21 41.03
C LEU E 36 -40.34 -11.60 40.43
N VAL E 37 -41.38 -11.78 39.62
CA VAL E 37 -41.68 -13.10 39.05
C VAL E 37 -40.75 -13.48 37.92
N GLY E 38 -39.81 -12.61 37.54
CA GLY E 38 -38.79 -12.97 36.57
C GLY E 38 -37.65 -13.78 37.16
N TYR E 39 -37.50 -13.79 38.47
CA TYR E 39 -36.40 -14.47 39.12
C TYR E 39 -36.69 -15.97 39.26
N ASP E 40 -35.62 -16.75 39.43
CA ASP E 40 -35.71 -18.18 39.65
C ASP E 40 -35.96 -18.46 41.14
N LEU E 41 -37.16 -18.11 41.59
CA LEU E 41 -37.56 -18.35 42.96
C LEU E 41 -39.05 -18.09 43.12
N VAL E 42 -39.64 -18.75 44.11
CA VAL E 42 -40.96 -18.39 44.62
C VAL E 42 -40.73 -17.42 45.78
N PRO E 43 -41.35 -16.24 45.77
CA PRO E 43 -41.03 -15.23 46.79
C PRO E 43 -41.35 -15.71 48.20
N GLU E 44 -40.47 -15.36 49.14
CA GLU E 44 -40.68 -15.70 50.54
C GLU E 44 -42.02 -15.15 51.02
N PRO E 45 -42.71 -15.85 51.93
CA PRO E 45 -43.97 -15.33 52.47
C PRO E 45 -43.88 -13.90 53.00
N LYS E 46 -42.75 -13.51 53.59
CA LYS E 46 -42.64 -12.15 54.10
C LYS E 46 -42.63 -11.12 52.99
N ILE E 47 -42.21 -11.52 51.78
CA ILE E 47 -42.27 -10.61 50.64
C ILE E 47 -43.71 -10.48 50.16
N ILE E 48 -44.41 -11.61 50.03
CA ILE E 48 -45.81 -11.58 49.62
C ILE E 48 -46.64 -10.81 50.65
N ASP E 49 -46.37 -11.02 51.94
CA ASP E 49 -47.07 -10.28 52.98
C ASP E 49 -46.97 -8.78 52.77
N ALA E 50 -45.76 -8.27 52.57
CA ALA E 50 -45.58 -6.84 52.31
C ALA E 50 -46.30 -6.42 51.03
N ALA E 51 -46.29 -7.28 50.01
CA ALA E 51 -46.97 -6.94 48.77
C ALA E 51 -48.49 -6.91 48.95
N LEU E 52 -49.03 -7.85 49.74
CA LEU E 52 -50.47 -7.87 49.97
C LEU E 52 -50.92 -6.65 50.77
N ARG E 53 -50.10 -6.21 51.71
CA ARG E 53 -50.44 -5.02 52.49
C ARG E 53 -50.31 -3.75 51.66
N ALA E 54 -49.40 -3.75 50.68
CA ALA E 54 -49.36 -2.66 49.72
C ALA E 54 -50.65 -2.59 48.92
N CYS E 55 -51.19 -3.75 48.54
CA CYS E 55 -52.49 -3.78 47.86
C CYS E 55 -53.58 -3.18 48.73
N ARG E 56 -53.52 -3.43 50.05
CA ARG E 56 -54.52 -2.88 50.96
C ARG E 56 -54.44 -1.36 50.99
N ARG E 57 -53.23 -0.81 51.10
CA ARG E 57 -53.05 0.64 51.09
C ARG E 57 -53.47 1.25 49.76
N LEU E 58 -53.46 0.47 48.68
CA LEU E 58 -53.88 0.94 47.38
C LEU E 58 -55.33 0.60 47.06
N ASN E 59 -56.05 0.01 48.02
CA ASN E 59 -57.48 -0.30 47.85
C ASN E 59 -57.71 -1.19 46.64
N ASP E 60 -56.82 -2.18 46.45
CA ASP E 60 -56.83 -3.05 45.28
C ASP E 60 -56.93 -4.49 45.76
N PHE E 61 -58.16 -4.98 45.92
CA PHE E 61 -58.37 -6.36 46.33
C PHE E 61 -57.95 -7.34 45.24
N ALA E 62 -58.27 -7.03 43.97
CA ALA E 62 -58.06 -7.99 42.90
C ALA E 62 -56.58 -8.29 42.70
N SER E 63 -55.72 -7.29 42.82
CA SER E 63 -54.28 -7.54 42.69
C SER E 63 -53.76 -8.42 43.80
N ALA E 64 -54.38 -8.37 44.99
CA ALA E 64 -53.97 -9.25 46.08
C ALA E 64 -54.25 -10.71 45.73
N VAL E 65 -55.40 -10.98 45.12
CA VAL E 65 -55.70 -12.34 44.69
C VAL E 65 -54.75 -12.77 43.57
N ARG E 66 -54.48 -11.85 42.62
CA ARG E 66 -53.58 -12.17 41.52
C ARG E 66 -52.19 -12.51 42.02
N ILE E 67 -51.72 -11.80 43.05
CA ILE E 67 -50.41 -12.09 43.63
C ILE E 67 -50.36 -13.52 44.16
N LEU E 68 -51.44 -13.96 44.80
CA LEU E 68 -51.50 -15.34 45.29
C LEU E 68 -51.49 -16.33 44.14
N GLU E 69 -52.12 -15.98 43.02
CA GLU E 69 -52.12 -16.86 41.85
C GLU E 69 -50.71 -17.06 41.32
N VAL E 70 -49.93 -15.98 41.24
CA VAL E 70 -48.61 -16.09 40.62
C VAL E 70 -47.61 -16.76 41.55
N VAL E 71 -47.85 -16.73 42.85
CA VAL E 71 -47.05 -17.54 43.77
C VAL E 71 -47.21 -19.02 43.43
N LYS E 72 -48.44 -19.47 43.24
CA LYS E 72 -48.69 -20.84 42.82
C LYS E 72 -48.07 -21.13 41.46
N ASP E 73 -48.19 -20.19 40.53
CA ASP E 73 -47.67 -20.41 39.17
C ASP E 73 -46.15 -20.52 39.18
N LYS E 74 -45.47 -19.66 39.96
CA LYS E 74 -44.01 -19.70 40.01
C LYS E 74 -43.48 -21.01 40.57
N ALA E 75 -44.29 -21.76 41.30
CA ALA E 75 -43.83 -23.01 41.89
C ALA E 75 -43.74 -24.15 40.88
N GLY E 76 -44.35 -24.00 39.71
CA GLY E 76 -44.33 -25.01 38.69
C GLY E 76 -44.97 -26.32 39.15
N PRO E 77 -44.24 -27.43 38.98
CA PRO E 77 -44.79 -28.73 39.40
C PRO E 77 -44.58 -29.05 40.86
N HIS E 78 -43.94 -28.17 41.63
CA HIS E 78 -43.72 -28.39 43.06
C HIS E 78 -44.99 -27.98 43.81
N LYS E 79 -45.92 -28.93 43.92
CA LYS E 79 -47.24 -28.65 44.49
C LYS E 79 -47.17 -28.32 45.98
N GLU E 80 -46.06 -28.57 46.65
CA GLU E 80 -46.01 -28.37 48.09
C GLU E 80 -45.69 -26.93 48.48
N ILE E 81 -45.28 -26.08 47.53
CA ILE E 81 -44.86 -24.72 47.85
C ILE E 81 -46.06 -23.83 48.15
N TYR E 82 -47.06 -23.83 47.27
CA TYR E 82 -48.18 -22.91 47.43
C TYR E 82 -49.00 -23.17 48.69
N PRO E 83 -49.39 -24.41 49.03
CA PRO E 83 -50.06 -24.61 50.34
C PRO E 83 -49.24 -24.12 51.52
N TYR E 84 -47.91 -24.27 51.47
CA TYR E 84 -47.09 -23.76 52.56
C TYR E 84 -47.14 -22.24 52.65
N VAL E 85 -47.04 -21.56 51.51
CA VAL E 85 -47.06 -20.10 51.51
C VAL E 85 -48.40 -19.59 52.05
N ILE E 86 -49.50 -20.18 51.59
CA ILE E 86 -50.81 -19.80 52.10
C ILE E 86 -50.88 -20.01 53.61
N GLN E 87 -50.38 -21.15 54.08
CA GLN E 87 -50.33 -21.42 55.52
C GLN E 87 -49.65 -20.30 56.28
N GLU E 88 -48.48 -19.87 55.82
CA GLU E 88 -47.75 -18.80 56.50
C GLU E 88 -48.45 -17.45 56.36
N LEU E 89 -49.33 -17.30 55.37
CA LEU E 89 -50.01 -16.03 55.11
C LEU E 89 -51.39 -15.94 55.76
N ARG E 90 -51.91 -17.05 56.27
CA ARG E 90 -53.26 -17.08 56.86
C ARG E 90 -53.52 -15.96 57.86
N PRO E 91 -52.63 -15.66 58.82
CA PRO E 91 -52.88 -14.49 59.70
C PRO E 91 -53.08 -13.20 58.92
N THR E 92 -52.23 -12.94 57.92
CA THR E 92 -52.42 -11.75 57.09
C THR E 92 -53.71 -11.82 56.28
N LEU E 93 -54.00 -12.99 55.70
CA LEU E 93 -55.22 -13.15 54.93
C LEU E 93 -56.46 -12.91 55.79
N ASN E 94 -56.43 -13.39 57.04
CA ASN E 94 -57.56 -13.17 57.94
C ASN E 94 -57.67 -11.70 58.35
N GLU E 95 -56.53 -11.08 58.68
CA GLU E 95 -56.53 -9.69 59.11
C GLU E 95 -57.07 -8.76 58.03
N LEU E 96 -56.74 -9.02 56.77
CA LEU E 96 -57.07 -8.12 55.68
C LEU E 96 -58.31 -8.54 54.90
N GLY E 97 -58.87 -9.71 55.18
CA GLY E 97 -60.04 -10.16 54.46
C GLY E 97 -59.76 -10.64 53.05
N ILE E 98 -58.56 -11.12 52.78
CA ILE E 98 -58.17 -11.58 51.46
C ILE E 98 -58.59 -13.03 51.32
N SER E 99 -59.54 -13.29 50.42
CA SER E 99 -59.88 -14.66 50.05
C SER E 99 -58.86 -15.20 49.05
N THR E 100 -58.53 -16.48 49.19
CA THR E 100 -57.64 -17.13 48.26
C THR E 100 -58.33 -17.34 46.92
N PRO E 101 -57.57 -17.52 45.84
CA PRO E 101 -58.20 -17.88 44.56
C PRO E 101 -59.05 -19.14 44.65
N GLU E 102 -58.61 -20.12 45.46
CA GLU E 102 -59.40 -21.34 45.65
C GLU E 102 -60.73 -21.03 46.32
N GLU E 103 -60.71 -20.24 47.38
CA GLU E 103 -61.95 -19.85 48.06
C GLU E 103 -62.89 -19.07 47.16
N LEU E 104 -62.36 -18.42 46.12
CA LEU E 104 -63.17 -17.66 45.19
C LEU E 104 -63.57 -18.45 43.95
N GLY E 105 -63.13 -19.70 43.83
CA GLY E 105 -63.41 -20.49 42.66
C GLY E 105 -62.60 -20.12 41.44
N LEU E 106 -61.54 -19.32 41.60
CA LEU E 106 -60.73 -18.87 40.48
C LEU E 106 -59.65 -19.88 40.10
N ASP E 107 -59.60 -21.03 40.75
CA ASP E 107 -58.71 -22.11 40.37
C ASP E 107 -59.37 -23.11 39.43
N LYS E 108 -60.59 -22.81 38.98
CA LYS E 108 -61.32 -23.68 38.08
C LYS E 108 -61.07 -23.26 36.63
N VAL E 109 -60.83 -24.24 35.77
CA VAL E 109 -60.46 -23.97 34.38
C VAL E 109 -61.64 -23.39 33.61
N GLY F 3 -9.29 34.81 -7.05
CA GLY F 3 -10.61 35.06 -7.58
C GLY F 3 -11.70 34.25 -6.92
N GLY F 4 -12.95 34.68 -7.11
CA GLY F 4 -14.09 33.96 -6.57
C GLY F 4 -14.95 33.28 -7.62
N GLY F 5 -16.27 33.45 -7.51
CA GLY F 5 -17.21 32.93 -8.46
C GLY F 5 -17.91 31.64 -8.06
N VAL F 6 -17.60 31.08 -6.90
CA VAL F 6 -18.25 29.86 -6.41
C VAL F 6 -19.24 30.28 -5.33
N PRO F 7 -20.53 29.93 -5.46
CA PRO F 7 -21.50 30.29 -4.43
C PRO F 7 -21.21 29.55 -3.13
N THR F 8 -21.68 30.14 -2.04
CA THR F 8 -21.62 29.51 -0.72
C THR F 8 -22.96 28.87 -0.37
N ASP F 9 -22.93 28.03 0.67
CA ASP F 9 -24.18 27.46 1.18
C ASP F 9 -25.09 28.57 1.70
N GLU F 10 -24.52 29.61 2.31
CA GLU F 10 -25.33 30.72 2.79
C GLU F 10 -26.10 31.38 1.66
N GLU F 11 -25.50 31.44 0.47
CA GLU F 11 -26.16 32.10 -0.66
C GLU F 11 -27.14 31.18 -1.38
N GLN F 12 -26.83 29.88 -1.47
CA GLN F 12 -27.49 29.02 -2.45
C GLN F 12 -28.18 27.80 -1.87
N ALA F 13 -27.87 27.40 -0.64
CA ALA F 13 -28.58 26.27 -0.05
C ALA F 13 -30.07 26.58 0.08
N THR F 14 -30.90 25.57 -0.15
CA THR F 14 -32.34 25.76 -0.18
C THR F 14 -33.02 24.56 0.47
N GLY F 15 -34.34 24.65 0.59
CA GLY F 15 -35.13 23.52 1.05
C GLY F 15 -34.77 23.08 2.46
N LEU F 16 -34.80 21.77 2.68
CA LEU F 16 -34.54 21.22 4.01
C LEU F 16 -33.09 21.45 4.44
N GLU F 17 -32.15 21.37 3.49
CA GLU F 17 -30.75 21.63 3.81
C GLU F 17 -30.58 23.00 4.44
N ARG F 18 -31.22 24.02 3.87
CA ARG F 18 -31.11 25.37 4.43
C ARG F 18 -31.75 25.45 5.82
N GLU F 19 -32.90 24.81 6.00
CA GLU F 19 -33.53 24.80 7.33
C GLU F 19 -32.60 24.21 8.37
N VAL F 20 -31.98 23.07 8.06
CA VAL F 20 -31.03 22.46 8.98
C VAL F 20 -29.84 23.38 9.21
N MET F 21 -29.38 24.06 8.16
N MET F 21 -29.40 24.05 8.15
CA MET F 21 -28.22 24.94 8.32
CA MET F 21 -28.25 24.95 8.23
C MET F 21 -28.56 26.13 9.21
C MET F 21 -28.54 26.14 9.15
N LEU F 22 -29.69 26.79 8.95
CA LEU F 22 -30.04 27.97 9.73
C LEU F 22 -30.38 27.61 11.17
N ALA F 23 -31.03 26.45 11.39
CA ALA F 23 -31.38 26.05 12.74
C ALA F 23 -30.14 25.68 13.56
N ALA F 24 -29.16 25.03 12.91
CA ALA F 24 -27.93 24.69 13.60
C ALA F 24 -27.18 25.96 14.01
N ARG F 25 -27.28 27.01 13.20
CA ARG F 25 -26.63 28.27 13.52
C ARG F 25 -27.26 28.97 14.73
N LYS F 26 -28.51 28.62 15.04
CA LYS F 26 -29.17 29.07 16.26
C LYS F 26 -29.04 28.06 17.40
N GLY F 27 -28.30 26.97 17.21
CA GLY F 27 -28.20 25.95 18.23
C GLY F 27 -29.45 25.11 18.40
N GLN F 28 -30.32 25.08 17.41
CA GLN F 28 -31.55 24.31 17.46
C GLN F 28 -31.44 23.07 16.58
N ASP F 29 -32.27 22.07 16.90
CA ASP F 29 -32.24 20.77 16.21
C ASP F 29 -33.67 20.32 15.94
N PRO F 30 -34.37 21.00 15.02
CA PRO F 30 -35.76 20.62 14.75
C PRO F 30 -35.91 19.31 14.00
N TYR F 31 -34.86 18.84 13.32
CA TYR F 31 -34.94 17.62 12.52
C TYR F 31 -34.11 16.48 13.13
N ASN F 32 -33.83 16.55 14.42
CA ASN F 32 -33.41 15.39 15.22
C ASN F 32 -32.09 14.79 14.70
N ILE F 33 -31.12 15.66 14.46
CA ILE F 33 -29.81 15.18 14.04
C ILE F 33 -28.97 14.77 15.24
N LEU F 34 -29.22 15.37 16.40
CA LEU F 34 -28.42 15.15 17.60
C LEU F 34 -29.17 14.25 18.57
N ALA F 35 -28.41 13.54 19.40
CA ALA F 35 -29.01 12.77 20.48
C ALA F 35 -29.28 13.69 21.67
N PRO F 36 -30.52 13.74 22.17
CA PRO F 36 -30.79 14.58 23.34
C PRO F 36 -30.01 14.07 24.54
N LYS F 37 -29.64 15.01 25.42
CA LYS F 37 -28.93 14.67 26.63
C LYS F 37 -29.95 14.48 27.75
N ALA F 38 -29.84 13.37 28.48
CA ALA F 38 -30.83 13.04 29.48
C ALA F 38 -30.71 13.93 30.72
N THR F 39 -31.85 14.17 31.36
CA THR F 39 -31.89 14.74 32.70
C THR F 39 -31.73 13.62 33.72
N SER F 40 -31.97 13.92 34.99
CA SER F 40 -31.94 12.87 36.01
C SER F 40 -33.13 11.93 35.90
N GLY F 41 -34.20 12.34 35.19
CA GLY F 41 -35.32 11.46 34.93
C GLY F 41 -36.24 11.21 36.09
N THR F 42 -36.19 12.05 37.13
CA THR F 42 -37.13 11.92 38.22
C THR F 42 -38.48 12.50 37.83
N LYS F 43 -39.49 12.27 38.68
CA LYS F 43 -40.80 12.86 38.42
C LYS F 43 -40.77 14.37 38.52
N GLU F 44 -39.83 14.93 39.28
CA GLU F 44 -39.68 16.39 39.34
C GLU F 44 -38.87 16.92 38.18
N ASP F 45 -37.97 16.10 37.61
CA ASP F 45 -37.07 16.51 36.54
C ASP F 45 -37.14 15.48 35.42
N PRO F 46 -38.28 15.37 34.74
CA PRO F 46 -38.43 14.35 33.70
C PRO F 46 -37.70 14.75 32.43
N ASN F 47 -37.43 13.73 31.61
CA ASN F 47 -36.89 13.99 30.28
C ASN F 47 -37.96 14.62 29.40
N LEU F 48 -37.63 15.72 28.75
CA LEU F 48 -38.59 16.51 27.98
C LEU F 48 -38.48 16.10 26.52
N VAL F 49 -39.53 15.50 25.98
CA VAL F 49 -39.55 14.89 24.66
C VAL F 49 -40.36 15.81 23.73
N PRO F 50 -39.72 16.51 22.81
CA PRO F 50 -40.48 17.35 21.88
C PRO F 50 -41.22 16.49 20.86
N SER F 51 -42.37 17.00 20.40
CA SER F 51 -43.13 16.34 19.36
C SER F 51 -43.98 17.36 18.64
N ILE F 52 -44.25 17.08 17.35
CA ILE F 52 -45.23 17.87 16.59
C ILE F 52 -46.62 17.25 16.65
N THR F 53 -46.78 16.13 17.36
CA THR F 53 -48.07 15.50 17.55
C THR F 53 -48.25 15.24 19.04
N ASN F 54 -49.28 14.49 19.41
N ASN F 54 -49.28 14.50 19.43
CA ASN F 54 -49.58 14.25 20.82
CA ASN F 54 -49.56 14.26 20.83
C ASN F 54 -49.05 12.91 21.33
C ASN F 54 -49.12 12.87 21.29
N LYS F 55 -48.23 12.23 20.53
CA LYS F 55 -47.57 11.01 20.99
C LYS F 55 -46.29 10.83 20.19
N ARG F 56 -45.29 10.20 20.82
CA ARG F 56 -44.02 9.93 20.18
C ARG F 56 -43.40 8.70 20.83
N ILE F 57 -42.70 7.92 20.02
CA ILE F 57 -42.06 6.70 20.50
C ILE F 57 -40.76 7.06 21.22
N VAL F 58 -40.60 6.58 22.44
CA VAL F 58 -39.38 6.76 23.21
C VAL F 58 -38.63 5.44 23.25
N GLY F 59 -37.32 5.49 23.01
CA GLY F 59 -36.47 4.35 23.26
C GLY F 59 -35.57 4.62 24.45
N CYS F 60 -35.62 3.74 25.46
CA CYS F 60 -34.90 3.96 26.70
C CYS F 60 -33.76 2.95 26.83
N ILE F 61 -32.54 3.45 26.87
CA ILE F 61 -31.37 2.64 27.18
C ILE F 61 -31.16 2.77 28.68
N CYS F 62 -31.69 1.79 29.42
CA CYS F 62 -31.85 1.96 30.87
C CYS F 62 -30.50 2.16 31.57
N GLU F 63 -29.48 1.44 31.13
CA GLU F 63 -28.13 1.58 31.65
C GLU F 63 -27.13 1.65 30.51
N GLU F 64 -26.06 2.41 30.73
CA GLU F 64 -24.99 2.52 29.74
C GLU F 64 -24.52 1.13 29.31
N ASP F 65 -24.45 0.94 28.00
CA ASP F 65 -23.93 -0.25 27.30
C ASP F 65 -24.98 -1.37 27.24
N ASN F 66 -26.18 -1.17 27.78
CA ASN F 66 -27.28 -2.08 27.50
C ASN F 66 -27.46 -2.24 26.00
N SER F 67 -27.57 -3.48 25.55
CA SER F 67 -27.89 -3.74 24.16
C SER F 67 -29.38 -3.76 23.89
N THR F 68 -30.19 -3.99 24.92
CA THR F 68 -31.64 -4.01 24.81
C THR F 68 -32.18 -2.60 24.97
N VAL F 69 -32.92 -2.13 23.97
CA VAL F 69 -33.61 -0.84 24.04
C VAL F 69 -35.08 -1.11 24.36
N ILE F 70 -35.66 -0.27 25.22
CA ILE F 70 -37.06 -0.39 25.63
C ILE F 70 -37.86 0.68 24.91
N TRP F 71 -38.84 0.25 24.13
CA TRP F 71 -39.61 1.13 23.26
C TRP F 71 -41.03 1.26 23.79
N PHE F 72 -41.54 2.49 23.83
CA PHE F 72 -42.93 2.72 24.21
C PHE F 72 -43.40 4.06 23.66
N TRP F 73 -44.70 4.18 23.44
CA TRP F 73 -45.32 5.44 23.08
C TRP F 73 -45.44 6.35 24.30
N LEU F 74 -44.92 7.57 24.17
CA LEU F 74 -45.13 8.61 25.17
C LEU F 74 -46.25 9.52 24.69
N HIS F 75 -47.30 9.66 25.50
CA HIS F 75 -48.47 10.45 25.17
C HIS F 75 -48.45 11.80 25.89
N LYS F 76 -49.13 12.77 25.29
CA LYS F 76 -49.39 14.04 25.96
C LYS F 76 -50.08 13.81 27.30
N GLY F 77 -49.70 14.60 28.30
CA GLY F 77 -50.30 14.55 29.62
C GLY F 77 -49.26 14.32 30.70
N GLU F 78 -49.63 13.56 31.72
CA GLU F 78 -48.74 13.32 32.85
C GLU F 78 -47.54 12.50 32.40
N ALA F 79 -46.39 12.78 33.00
CA ALA F 79 -45.16 12.04 32.71
C ALA F 79 -45.37 10.54 32.86
N GLN F 80 -44.78 9.77 31.95
CA GLN F 80 -44.80 8.32 32.00
C GLN F 80 -43.41 7.79 32.31
N ARG F 81 -43.35 6.51 32.69
CA ARG F 81 -42.13 5.89 33.15
C ARG F 81 -41.75 4.73 32.24
N CYS F 82 -40.45 4.56 32.02
CA CYS F 82 -39.96 3.42 31.28
C CYS F 82 -40.36 2.13 31.99
N PRO F 83 -40.98 1.18 31.30
CA PRO F 83 -41.45 -0.05 31.98
C PRO F 83 -40.33 -0.92 32.53
N SER F 84 -39.08 -0.64 32.16
CA SER F 84 -37.93 -1.43 32.63
C SER F 84 -37.19 -0.78 33.79
N CYS F 85 -36.88 0.51 33.68
CA CYS F 85 -36.09 1.19 34.70
C CYS F 85 -36.83 2.33 35.39
N GLY F 86 -37.99 2.74 34.89
CA GLY F 86 -38.83 3.71 35.58
C GLY F 86 -38.46 5.17 35.43
N THR F 87 -37.41 5.52 34.68
CA THR F 87 -37.10 6.92 34.47
C THR F 87 -38.26 7.62 33.76
N HIS F 88 -38.45 8.90 34.08
CA HIS F 88 -39.64 9.62 33.67
C HIS F 88 -39.41 10.36 32.36
N TYR F 89 -40.47 10.40 31.54
CA TYR F 89 -40.47 11.13 30.27
C TYR F 89 -41.77 11.91 30.17
N LYS F 90 -41.70 13.13 29.66
CA LYS F 90 -42.87 13.98 29.50
C LYS F 90 -42.85 14.62 28.12
N LEU F 91 -43.94 14.44 27.38
CA LEU F 91 -44.05 15.00 26.04
C LEU F 91 -44.32 16.50 26.09
N VAL F 92 -43.65 17.24 25.20
CA VAL F 92 -43.92 18.67 25.04
C VAL F 92 -44.31 18.96 23.59
N PRO F 93 -45.60 18.90 23.26
CA PRO F 93 -46.03 19.21 21.90
C PRO F 93 -45.76 20.67 21.53
N HIS F 94 -45.54 20.91 20.25
CA HIS F 94 -45.32 22.25 19.74
C HIS F 94 -45.67 22.27 18.26
N GLN F 95 -45.67 23.48 17.70
CA GLN F 95 -45.89 23.75 16.27
C GLN F 95 -47.37 23.60 15.93
N ALA G 3 11.86 11.66 -4.09
CA ALA G 3 11.19 12.90 -3.72
C ALA G 3 12.10 13.76 -2.87
N ALA G 4 12.00 15.08 -3.03
CA ALA G 4 12.83 15.98 -2.25
C ALA G 4 12.27 17.39 -2.23
N LYS G 5 10.95 17.50 -2.32
CA LYS G 5 10.27 18.79 -2.28
C LYS G 5 9.69 18.99 -0.89
N GLY G 6 10.25 19.94 -0.14
CA GLY G 6 9.69 20.30 1.15
C GLY G 6 8.27 20.77 0.94
N ASP G 7 8.10 22.06 0.69
CA ASP G 7 6.86 22.61 0.15
C ASP G 7 5.67 22.25 1.04
N HIS G 8 5.88 22.22 2.35
CA HIS G 8 4.81 21.76 3.21
C HIS G 8 4.15 22.93 3.95
N GLY G 9 3.24 22.55 4.84
CA GLY G 9 2.32 23.45 5.47
C GLY G 9 0.90 23.13 5.05
N GLY G 10 0.18 24.18 4.67
CA GLY G 10 -1.17 24.04 4.08
C GLY G 10 -1.07 23.52 2.67
N GLY G 12 -2.87 23.48 -0.39
CA GLY G 12 -3.96 24.26 -0.96
C GLY G 12 -3.99 24.25 -2.48
N ALA G 13 -4.95 24.97 -3.05
CA ALA G 13 -5.06 25.06 -4.50
C ALA G 13 -3.75 25.50 -5.15
N ARG G 14 -3.07 26.50 -4.56
CA ARG G 14 -1.85 27.01 -5.16
C ARG G 14 -0.75 25.95 -5.17
N THR G 15 -0.61 25.19 -4.08
CA THR G 15 0.39 24.13 -4.04
C THR G 15 0.11 23.06 -5.08
N TRP G 16 -1.16 22.69 -5.25
CA TRP G 16 -1.48 21.62 -6.19
C TRP G 16 -1.42 22.08 -7.65
N ARG G 17 -1.72 23.35 -7.92
CA ARG G 17 -1.41 23.88 -9.25
C ARG G 17 0.10 23.89 -9.48
N PHE G 18 0.87 24.23 -8.44
CA PHE G 18 2.32 24.16 -8.52
C PHE G 18 2.77 22.76 -8.92
N LEU G 19 2.20 21.74 -8.29
CA LEU G 19 2.56 20.36 -8.63
C LEU G 19 2.08 19.98 -10.03
N THR G 20 0.91 20.49 -10.43
CA THR G 20 0.36 20.15 -11.74
C THR G 20 1.27 20.65 -12.86
N PHE G 21 1.62 21.94 -12.83
CA PHE G 21 2.42 22.55 -13.89
C PHE G 21 3.91 22.37 -13.69
N GLY G 22 4.37 22.12 -12.47
CA GLY G 22 5.79 22.05 -12.20
C GLY G 22 6.35 20.64 -12.22
N LEU G 23 5.49 19.63 -12.09
CA LEU G 23 5.95 18.25 -12.01
C LEU G 23 5.12 17.32 -12.89
N ALA G 24 3.79 17.41 -12.78
CA ALA G 24 2.92 16.41 -13.40
C ALA G 24 2.94 16.53 -14.92
N LEU G 25 2.61 17.70 -15.44
CA LEU G 25 2.57 17.91 -16.88
C LEU G 25 3.95 17.87 -17.52
N PRO G 26 5.01 18.41 -16.88
CA PRO G 26 6.35 18.15 -17.40
C PRO G 26 6.68 16.68 -17.53
N SER G 27 6.27 15.85 -16.55
CA SER G 27 6.48 14.41 -16.66
C SER G 27 5.75 13.85 -17.88
N VAL G 28 4.54 14.35 -18.15
CA VAL G 28 3.79 13.88 -19.32
C VAL G 28 4.48 14.31 -20.60
N ALA G 29 5.01 15.53 -20.63
CA ALA G 29 5.75 16.00 -21.80
C ALA G 29 6.99 15.16 -22.05
N LEU G 30 7.68 14.75 -20.98
CA LEU G 30 8.87 13.93 -21.13
C LEU G 30 8.51 12.53 -21.65
N CYS G 31 7.46 11.93 -21.11
CA CYS G 31 7.04 10.61 -21.58
C CYS G 31 6.51 10.68 -23.01
N THR G 32 5.83 11.77 -23.36
CA THR G 32 5.39 11.96 -24.74
C THR G 32 6.59 12.06 -25.67
N LEU G 33 7.56 12.89 -25.32
CA LEU G 33 8.84 12.95 -26.03
C LEU G 33 9.45 11.56 -26.19
N ASN G 34 9.66 10.87 -25.07
CA ASN G 34 10.23 9.52 -25.08
C ASN G 34 9.46 8.59 -26.02
N SER G 35 8.13 8.63 -25.95
CA SER G 35 7.32 7.70 -26.74
C SER G 35 7.40 8.02 -28.22
N TRP G 36 7.31 9.30 -28.59
N TRP G 36 7.34 9.30 -28.59
CA TRP G 36 7.40 9.70 -29.98
CA TRP G 36 7.41 9.71 -29.99
C TRP G 36 8.84 9.70 -30.50
C TRP G 36 8.75 9.39 -30.62
N LEU G 37 9.73 8.99 -29.83
CA LEU G 37 11.08 8.68 -30.30
C LEU G 37 11.28 7.19 -30.57
N HIS G 38 10.68 6.33 -29.76
CA HIS G 38 10.69 4.89 -30.00
C HIS G 38 9.51 4.41 -30.82
N SER G 39 8.79 5.32 -31.47
CA SER G 39 7.68 4.94 -32.33
C SER G 39 8.21 4.58 -33.71
N GLY G 40 7.30 4.34 -34.66
CA GLY G 40 7.71 3.85 -35.96
C GLY G 40 7.73 2.34 -36.00
N HIS G 41 7.25 1.77 -37.09
CA HIS G 41 6.97 0.34 -37.14
C HIS G 41 8.25 -0.48 -37.10
N ARG G 42 8.24 -1.52 -36.27
CA ARG G 42 9.28 -2.52 -36.22
C ARG G 42 8.92 -3.70 -37.11
N GLU G 43 9.89 -4.56 -37.37
CA GLU G 43 9.74 -5.61 -38.37
C GLU G 43 8.89 -6.74 -37.79
N ARG G 44 7.73 -6.97 -38.40
CA ARG G 44 6.83 -8.02 -37.93
C ARG G 44 7.51 -9.37 -38.03
N PRO G 45 7.29 -10.27 -37.08
CA PRO G 45 8.01 -11.55 -37.07
C PRO G 45 7.40 -12.55 -38.04
N ALA G 46 8.20 -13.56 -38.37
CA ALA G 46 7.74 -14.66 -39.21
C ALA G 46 6.50 -15.31 -38.62
N PHE G 47 5.55 -15.66 -39.47
CA PHE G 47 4.33 -16.31 -39.03
C PHE G 47 4.59 -17.77 -38.70
N ILE G 48 4.18 -18.20 -37.51
CA ILE G 48 4.21 -19.60 -37.12
C ILE G 48 2.81 -19.96 -36.66
N PRO G 49 2.14 -20.94 -37.29
CA PRO G 49 0.77 -21.24 -36.88
C PRO G 49 0.67 -21.96 -35.54
N TYR G 50 1.19 -21.34 -34.48
CA TYR G 50 1.05 -21.90 -33.13
C TYR G 50 -0.41 -22.16 -32.79
N HIS G 51 -0.67 -23.28 -32.13
CA HIS G 51 -2.03 -23.70 -31.82
C HIS G 51 -2.59 -23.07 -30.55
N HIS G 52 -1.74 -22.45 -29.73
CA HIS G 52 -2.19 -21.71 -28.57
C HIS G 52 -2.46 -20.24 -28.88
N LEU G 53 -2.35 -19.86 -30.15
CA LEU G 53 -2.58 -18.50 -30.61
C LEU G 53 -3.60 -18.52 -31.72
N ARG G 54 -4.16 -17.35 -32.03
CA ARG G 54 -5.19 -17.20 -33.05
C ARG G 54 -6.34 -18.18 -32.82
N ILE G 55 -6.78 -18.25 -31.56
CA ILE G 55 -7.82 -19.19 -31.16
C ILE G 55 -9.11 -18.91 -31.93
N ARG G 56 -9.73 -19.98 -32.43
CA ARG G 56 -11.04 -19.89 -33.07
C ARG G 56 -11.85 -21.10 -32.61
N THR G 57 -12.70 -20.88 -31.59
CA THR G 57 -13.66 -21.89 -31.15
C THR G 57 -15.08 -21.54 -31.55
N LYS G 58 -15.36 -20.28 -31.87
CA LYS G 58 -16.64 -19.82 -32.37
C LYS G 58 -16.34 -18.59 -33.21
N PRO G 59 -16.97 -18.43 -34.37
CA PRO G 59 -16.72 -17.24 -35.19
C PRO G 59 -17.12 -15.97 -34.46
N PHE G 60 -16.35 -14.90 -34.68
CA PHE G 60 -16.71 -13.60 -34.12
C PHE G 60 -18.04 -13.13 -34.70
N SER G 61 -18.75 -12.32 -33.94
CA SER G 61 -20.09 -11.86 -34.30
C SER G 61 -20.06 -10.63 -35.20
N TRP G 62 -18.97 -10.42 -35.94
CA TRP G 62 -18.85 -9.29 -36.85
C TRP G 62 -17.99 -9.69 -38.03
N GLY G 63 -18.04 -8.87 -39.09
CA GLY G 63 -17.22 -9.12 -40.26
C GLY G 63 -17.48 -10.49 -40.84
N ASP G 64 -16.39 -11.21 -41.15
CA ASP G 64 -16.47 -12.57 -41.67
C ASP G 64 -16.30 -13.61 -40.58
N GLY G 65 -16.31 -13.21 -39.31
CA GLY G 65 -16.18 -14.14 -38.20
C GLY G 65 -14.76 -14.58 -37.91
N ASN G 66 -13.77 -14.08 -38.65
CA ASN G 66 -12.40 -14.55 -38.53
C ASN G 66 -11.42 -13.42 -38.23
N HIS G 67 -11.88 -12.18 -38.14
CA HIS G 67 -11.05 -11.04 -37.83
C HIS G 67 -11.39 -10.55 -36.43
N THR G 68 -10.36 -10.33 -35.62
CA THR G 68 -10.57 -9.78 -34.29
C THR G 68 -11.04 -8.32 -34.41
N PHE G 69 -11.50 -7.77 -33.28
CA PHE G 69 -12.27 -6.52 -33.33
C PHE G 69 -11.41 -5.35 -33.78
N PHE G 70 -10.16 -5.27 -33.32
CA PHE G 70 -9.23 -4.23 -33.72
C PHE G 70 -8.11 -4.80 -34.58
N HIS G 71 -8.49 -5.68 -35.51
CA HIS G 71 -7.55 -6.31 -36.42
C HIS G 71 -6.69 -5.29 -37.15
N ASN G 72 -5.39 -5.50 -37.12
CA ASN G 72 -4.43 -4.68 -37.86
C ASN G 72 -3.79 -5.57 -38.91
N PRO G 73 -4.09 -5.37 -40.20
CA PRO G 73 -3.51 -6.26 -41.22
C PRO G 73 -1.99 -6.31 -41.19
N ARG G 74 -1.34 -5.23 -40.74
CA ARG G 74 0.12 -5.17 -40.78
C ARG G 74 0.76 -6.11 -39.76
N VAL G 75 0.13 -6.32 -38.60
CA VAL G 75 0.79 -6.99 -37.49
C VAL G 75 0.00 -8.18 -36.96
N ASN G 76 -1.27 -8.29 -37.34
CA ASN G 76 -2.12 -9.36 -36.81
C ASN G 76 -2.39 -10.41 -37.88
N PRO G 77 -1.72 -11.55 -37.86
CA PRO G 77 -2.00 -12.60 -38.82
C PRO G 77 -3.30 -13.34 -38.50
N LEU G 78 -3.87 -13.94 -39.54
CA LEU G 78 -5.01 -14.82 -39.39
C LEU G 78 -4.52 -16.21 -39.01
N PRO G 79 -5.42 -17.13 -38.64
CA PRO G 79 -5.01 -18.53 -38.43
C PRO G 79 -4.19 -19.11 -39.57
N THR G 80 -4.39 -18.61 -40.81
CA THR G 80 -3.65 -19.10 -41.97
C THR G 80 -2.45 -18.23 -42.33
N GLY G 81 -2.27 -17.09 -41.67
CA GLY G 81 -1.13 -16.23 -41.86
C GLY G 81 -1.54 -14.80 -42.12
N TYR G 82 -0.56 -13.96 -42.40
CA TYR G 82 -0.83 -12.56 -42.68
C TYR G 82 -1.62 -12.43 -43.98
N GLU G 83 -2.63 -11.57 -43.97
CA GLU G 83 -3.31 -11.25 -45.21
C GLU G 83 -2.51 -10.23 -46.01
N LYS G 84 -2.58 -10.37 -47.34
CA LYS G 84 -1.83 -9.55 -48.26
C LYS G 84 -2.48 -8.19 -48.47
N LYS H 7 22.16 -49.95 -18.52
CA LYS H 7 22.56 -49.15 -17.37
C LYS H 7 21.41 -49.05 -16.39
N ILE H 8 21.55 -49.69 -15.23
CA ILE H 8 20.54 -49.64 -14.17
C ILE H 8 19.19 -49.99 -14.79
N LYS H 9 19.06 -51.22 -15.25
CA LYS H 9 17.84 -51.57 -15.97
C LYS H 9 16.91 -52.37 -15.06
N ASN H 10 16.07 -53.21 -15.67
CA ASN H 10 14.91 -53.79 -15.00
C ASN H 10 13.91 -52.69 -14.66
N TYR H 11 13.78 -51.74 -15.59
CA TYR H 11 12.88 -50.61 -15.43
C TYR H 11 11.45 -51.11 -15.27
N GLN H 12 10.85 -50.84 -14.12
CA GLN H 12 9.44 -51.18 -13.93
C GLN H 12 8.56 -50.02 -14.38
N THR H 13 8.59 -48.92 -13.63
CA THR H 13 7.88 -47.70 -14.00
C THR H 13 8.70 -46.50 -13.54
N ALA H 14 8.27 -45.33 -13.98
CA ALA H 14 8.90 -44.08 -13.58
C ALA H 14 8.92 -43.97 -12.06
N PRO H 15 10.09 -43.79 -11.46
CA PRO H 15 10.17 -43.69 -9.99
C PRO H 15 9.72 -42.31 -9.50
N PHE H 16 9.53 -42.24 -8.18
CA PHE H 16 9.27 -40.96 -7.53
C PHE H 16 10.33 -39.93 -7.91
N ASP H 17 9.88 -38.69 -8.13
CA ASP H 17 10.75 -37.59 -8.50
C ASP H 17 10.44 -36.42 -7.59
N SER H 18 11.42 -36.02 -6.77
CA SER H 18 11.21 -34.98 -5.78
C SER H 18 10.88 -33.64 -6.43
N ARG H 19 11.26 -33.43 -7.69
CA ARG H 19 10.88 -32.21 -8.39
C ARG H 19 9.37 -32.12 -8.56
N PHE H 20 8.68 -33.26 -8.59
CA PHE H 20 7.25 -33.33 -8.87
C PHE H 20 6.58 -34.22 -7.84
N PRO H 21 6.43 -33.73 -6.61
CA PRO H 21 5.95 -34.57 -5.51
C PRO H 21 4.44 -34.52 -5.26
N ASN H 22 3.68 -33.83 -6.09
CA ASN H 22 2.28 -33.55 -5.81
C ASN H 22 1.39 -34.32 -6.76
N GLN H 23 0.07 -34.16 -6.57
CA GLN H 23 -0.90 -34.90 -7.37
C GLN H 23 -0.89 -34.47 -8.84
N ASN H 24 -0.57 -33.21 -9.11
CA ASN H 24 -0.51 -32.71 -10.48
C ASN H 24 0.83 -33.12 -11.07
N GLN H 25 0.80 -34.03 -12.04
CA GLN H 25 2.01 -34.59 -12.64
C GLN H 25 2.21 -34.11 -14.07
N THR H 26 1.49 -33.06 -14.49
CA THR H 26 1.58 -32.57 -15.86
C THR H 26 3.01 -32.20 -16.21
N ARG H 27 3.70 -31.48 -15.32
CA ARG H 27 5.04 -31.00 -15.63
C ARG H 27 6.05 -32.12 -15.66
N ASN H 28 5.84 -33.17 -14.84
CA ASN H 28 6.70 -34.34 -14.89
C ASN H 28 6.73 -34.96 -16.28
N CYS H 29 5.56 -35.26 -16.84
CA CYS H 29 5.48 -35.73 -18.22
C CYS H 29 6.10 -34.72 -19.18
N TRP H 30 5.75 -33.44 -19.03
CA TRP H 30 6.25 -32.40 -19.93
C TRP H 30 7.77 -32.31 -19.89
N GLN H 31 8.36 -32.36 -18.69
CA GLN H 31 9.80 -32.18 -18.57
C GLN H 31 10.57 -33.33 -19.23
N ASN H 32 10.16 -34.58 -18.96
CA ASN H 32 10.86 -35.72 -19.52
C ASN H 32 10.68 -35.81 -21.04
N TYR H 33 9.53 -35.39 -21.56
CA TYR H 33 9.37 -35.33 -23.01
C TYR H 33 10.34 -34.33 -23.62
N LEU H 34 10.47 -33.16 -23.00
CA LEU H 34 11.47 -32.18 -23.43
C LEU H 34 12.88 -32.77 -23.31
N ASP H 35 13.19 -33.34 -22.15
CA ASP H 35 14.53 -33.87 -21.90
C ASP H 35 14.95 -34.90 -22.95
N PHE H 36 14.05 -35.84 -23.27
CA PHE H 36 14.37 -36.85 -24.27
C PHE H 36 14.70 -36.22 -25.62
N HIS H 37 13.82 -35.34 -26.11
CA HIS H 37 14.02 -34.78 -27.43
C HIS H 37 15.15 -33.77 -27.48
N ARG H 38 15.48 -33.16 -26.33
CA ARG H 38 16.68 -32.32 -26.28
C ARG H 38 17.93 -33.18 -26.33
N CYS H 39 17.94 -34.29 -25.60
CA CYS H 39 19.07 -35.21 -25.65
C CYS H 39 19.18 -35.86 -27.01
N GLU H 40 18.05 -36.29 -27.57
CA GLU H 40 18.05 -36.91 -28.89
C GLU H 40 18.61 -35.96 -29.94
N LYS H 41 18.24 -34.68 -29.86
CA LYS H 41 18.76 -33.70 -30.81
C LYS H 41 20.26 -33.48 -30.61
N ALA H 42 20.72 -33.49 -29.36
CA ALA H 42 22.16 -33.35 -29.10
C ALA H 42 22.92 -34.56 -29.61
N MET H 43 22.37 -35.76 -29.44
CA MET H 43 23.06 -36.98 -29.86
C MET H 43 23.01 -37.20 -31.35
N THR H 44 22.03 -36.61 -32.04
CA THR H 44 21.93 -36.77 -33.48
C THR H 44 22.89 -35.84 -34.22
N ALA H 45 22.99 -34.58 -33.76
CA ALA H 45 23.80 -33.58 -34.45
C ALA H 45 25.28 -33.90 -34.38
N LYS H 46 25.73 -34.51 -33.27
CA LYS H 46 27.14 -34.74 -33.03
C LYS H 46 27.55 -36.18 -33.36
N GLY H 47 26.65 -36.98 -33.92
CA GLY H 47 26.98 -38.31 -34.33
C GLY H 47 27.00 -39.34 -33.23
N GLY H 48 26.70 -38.96 -31.98
CA GLY H 48 26.61 -39.93 -30.91
C GLY H 48 25.43 -40.87 -31.03
N ASP H 49 25.09 -41.53 -29.93
CA ASP H 49 24.07 -42.57 -29.92
C ASP H 49 22.88 -42.11 -29.07
N VAL H 50 21.69 -42.18 -29.66
CA VAL H 50 20.47 -41.77 -28.97
C VAL H 50 20.20 -42.60 -27.73
N SER H 51 20.81 -43.78 -27.64
CA SER H 51 20.57 -44.70 -26.53
C SER H 51 20.88 -44.10 -25.16
N VAL H 52 21.67 -43.03 -25.10
CA VAL H 52 21.92 -42.39 -23.81
C VAL H 52 20.69 -41.63 -23.32
N CYS H 53 19.79 -41.28 -24.22
CA CYS H 53 18.55 -40.60 -23.87
C CYS H 53 17.46 -41.54 -23.40
N GLU H 54 17.79 -42.83 -23.22
CA GLU H 54 16.76 -43.85 -23.07
C GLU H 54 15.94 -43.66 -21.79
N TRP H 55 16.59 -43.26 -20.70
CA TRP H 55 15.87 -43.09 -19.44
C TRP H 55 14.74 -42.08 -19.57
N TYR H 56 15.02 -40.95 -20.23
CA TYR H 56 13.96 -39.96 -20.45
C TYR H 56 12.84 -40.51 -21.31
N ARG H 57 13.18 -41.37 -22.29
CA ARG H 57 12.16 -41.95 -23.16
C ARG H 57 11.23 -42.87 -22.39
N ARG H 58 11.78 -43.70 -21.50
CA ARG H 58 10.96 -44.62 -20.73
C ARG H 58 10.03 -43.87 -19.77
N VAL H 59 10.56 -42.84 -19.11
CA VAL H 59 9.76 -42.11 -18.13
C VAL H 59 8.58 -41.40 -18.79
N TYR H 60 8.84 -40.66 -19.87
CA TYR H 60 7.75 -39.92 -20.50
C TYR H 60 6.75 -40.86 -21.16
N LYS H 61 7.21 -41.98 -21.71
CA LYS H 61 6.28 -42.96 -22.26
C LYS H 61 5.40 -43.55 -21.16
N SER H 62 5.98 -43.81 -19.98
CA SER H 62 5.19 -44.27 -18.84
C SER H 62 4.15 -43.24 -18.43
N LEU H 63 4.55 -41.98 -18.34
CA LEU H 63 3.73 -40.95 -17.70
C LEU H 63 2.80 -40.23 -18.65
N CYS H 64 3.21 -40.01 -19.90
CA CYS H 64 2.43 -39.09 -20.73
C CYS H 64 1.28 -39.82 -21.41
N PRO H 65 0.10 -39.20 -21.43
CA PRO H 65 -1.01 -39.73 -22.24
C PRO H 65 -0.59 -39.85 -23.70
N ILE H 66 -1.08 -40.90 -24.36
CA ILE H 66 -0.73 -41.15 -25.76
C ILE H 66 -1.08 -39.94 -26.62
N SER H 67 -2.25 -39.34 -26.39
CA SER H 67 -2.67 -38.22 -27.22
C SER H 67 -1.81 -36.98 -27.00
N TRP H 68 -1.20 -36.85 -25.82
CA TRP H 68 -0.28 -35.73 -25.59
C TRP H 68 1.00 -35.90 -26.41
N VAL H 69 1.63 -37.07 -26.32
CA VAL H 69 2.83 -37.34 -27.10
C VAL H 69 2.54 -37.19 -28.59
N SER H 70 1.40 -37.72 -29.05
CA SER H 70 1.10 -37.67 -30.47
C SER H 70 0.87 -36.25 -30.96
N THR H 71 0.18 -35.43 -30.15
CA THR H 71 0.00 -34.02 -30.49
C THR H 71 1.33 -33.29 -30.51
N TRP H 72 2.15 -33.48 -29.47
CA TRP H 72 3.46 -32.86 -29.43
C TRP H 72 4.33 -33.30 -30.59
N ASP H 73 4.29 -34.60 -30.94
CA ASP H 73 5.06 -35.09 -32.07
C ASP H 73 4.62 -34.41 -33.36
N ASP H 74 3.31 -34.29 -33.58
CA ASP H 74 2.80 -33.65 -34.79
C ASP H 74 3.27 -32.20 -34.88
N ARG H 75 3.31 -31.50 -33.76
CA ARG H 75 3.64 -30.07 -33.79
C ARG H 75 5.14 -29.84 -33.93
N ARG H 76 5.98 -30.72 -33.37
CA ARG H 76 7.40 -30.67 -33.69
C ARG H 76 7.64 -30.83 -35.18
N ALA H 77 6.89 -31.72 -35.83
CA ALA H 77 7.07 -31.94 -37.27
C ALA H 77 6.51 -30.78 -38.08
N GLU H 78 5.47 -30.12 -37.57
CA GLU H 78 4.88 -28.97 -38.26
C GLU H 78 5.65 -27.69 -38.02
N GLY H 79 6.52 -27.66 -37.00
CA GLY H 79 7.21 -26.44 -36.64
C GLY H 79 6.44 -25.54 -35.70
N THR H 80 5.46 -26.07 -34.98
CA THR H 80 4.62 -25.28 -34.08
C THR H 80 4.74 -25.73 -32.62
N PHE H 81 5.76 -26.51 -32.30
CA PHE H 81 5.95 -26.94 -30.91
C PHE H 81 6.43 -25.75 -30.09
N PRO H 82 5.72 -25.37 -29.02
CA PRO H 82 6.07 -24.13 -28.31
C PRO H 82 7.21 -24.25 -27.32
N GLY H 83 7.63 -25.47 -26.96
CA GLY H 83 8.76 -25.63 -26.08
C GLY H 83 10.09 -25.53 -26.82
N LYS H 84 11.16 -25.39 -26.05
CA LYS H 84 12.48 -25.20 -26.60
C LYS H 84 13.23 -26.52 -26.65
N ILE H 85 13.60 -26.96 -27.84
CA ILE H 85 14.38 -28.17 -28.01
C ILE H 85 15.65 -27.87 -28.79
N THR I 2 -49.75 -31.24 61.47
CA THR I 2 -50.64 -30.11 61.04
C THR I 2 -49.88 -29.15 60.12
N ALA I 3 -49.15 -28.13 60.63
CA ALA I 3 -48.32 -27.33 59.72
C ALA I 3 -47.49 -28.16 58.76
N LEU I 4 -47.37 -27.64 57.54
CA LEU I 4 -46.49 -28.16 56.51
C LEU I 4 -45.07 -27.62 56.69
N ALA I 5 -44.08 -28.45 56.35
CA ALA I 5 -42.70 -28.01 56.43
C ALA I 5 -42.36 -27.08 55.27
N LYS I 6 -41.41 -26.19 55.51
CA LYS I 6 -40.97 -25.25 54.50
C LYS I 6 -40.19 -25.96 53.40
N PRO I 7 -40.67 -25.99 52.17
CA PRO I 7 -39.90 -26.59 51.08
C PRO I 7 -38.87 -25.61 50.52
N GLN I 8 -37.93 -26.17 49.75
CA GLN I 8 -37.02 -25.34 48.97
C GLN I 8 -37.81 -24.46 48.00
N MET I 9 -37.49 -23.18 47.98
CA MET I 9 -38.24 -22.20 47.20
C MET I 9 -37.39 -21.39 46.24
N ARG I 10 -36.06 -21.49 46.31
CA ARG I 10 -35.18 -20.69 45.48
C ARG I 10 -34.39 -21.59 44.53
N GLY I 11 -34.16 -21.10 43.32
CA GLY I 11 -33.26 -21.77 42.39
C GLY I 11 -33.74 -23.11 41.86
N LEU I 12 -35.05 -23.35 41.87
CA LEU I 12 -35.55 -24.65 41.41
C LEU I 12 -35.21 -24.91 39.95
N LEU I 13 -35.22 -23.86 39.12
CA LEU I 13 -34.89 -24.05 37.70
C LEU I 13 -33.41 -24.36 37.52
N ALA I 14 -32.55 -23.62 38.22
CA ALA I 14 -31.11 -23.87 38.11
C ALA I 14 -30.75 -25.25 38.64
N ARG I 15 -31.43 -25.70 39.70
CA ARG I 15 -31.14 -27.02 40.24
C ARG I 15 -31.60 -28.12 39.29
N ARG I 16 -32.76 -27.94 38.65
CA ARG I 16 -33.22 -28.90 37.66
C ARG I 16 -32.26 -29.00 36.49
N LEU I 17 -31.72 -27.85 36.05
CA LEU I 17 -30.80 -27.85 34.91
C LEU I 17 -29.51 -28.59 35.23
N ARG I 18 -28.85 -28.20 36.31
CA ARG I 18 -27.58 -28.83 36.70
C ARG I 18 -27.75 -30.34 36.83
N PHE I 19 -28.83 -30.79 37.48
CA PHE I 19 -29.07 -32.21 37.67
C PHE I 19 -29.12 -32.95 36.33
N HIS I 20 -29.80 -32.38 35.34
CA HIS I 20 -29.98 -33.07 34.07
C HIS I 20 -28.79 -32.89 33.13
N ILE I 21 -28.02 -31.81 33.28
CA ILE I 21 -26.78 -31.67 32.53
C ILE I 21 -25.80 -32.75 32.96
N VAL I 22 -25.66 -32.96 34.27
CA VAL I 22 -24.86 -34.08 34.78
C VAL I 22 -25.43 -35.40 34.27
N GLY I 23 -26.76 -35.54 34.36
CA GLY I 23 -27.41 -36.72 33.78
C GLY I 23 -27.03 -36.95 32.33
N ALA I 24 -27.12 -35.91 31.51
CA ALA I 24 -26.79 -36.05 30.09
C ALA I 24 -25.32 -36.43 29.91
N PHE I 25 -24.43 -35.83 30.70
CA PHE I 25 -23.01 -36.19 30.64
C PHE I 25 -22.80 -37.66 30.94
N MET I 26 -23.43 -38.16 32.01
CA MET I 26 -23.35 -39.57 32.35
C MET I 26 -23.80 -40.45 31.19
N VAL I 27 -24.97 -40.14 30.63
CA VAL I 27 -25.50 -40.91 29.51
C VAL I 27 -24.59 -40.84 28.30
N SER I 28 -23.92 -39.70 28.11
CA SER I 28 -23.01 -39.55 26.97
C SER I 28 -21.83 -40.51 27.09
N LEU I 29 -21.18 -40.54 28.26
CA LEU I 29 -20.13 -41.53 28.52
C LEU I 29 -20.65 -42.94 28.29
N GLY I 30 -21.85 -43.23 28.81
CA GLY I 30 -22.43 -44.55 28.60
C GLY I 30 -22.61 -44.91 27.15
N PHE I 31 -23.00 -43.93 26.32
CA PHE I 31 -23.16 -44.20 24.90
C PHE I 31 -21.81 -44.37 24.21
N ALA I 32 -20.83 -43.54 24.57
CA ALA I 32 -19.50 -43.65 23.95
C ALA I 32 -18.89 -45.02 24.21
N THR I 33 -19.16 -45.60 25.39
CA THR I 33 -18.69 -46.95 25.67
C THR I 33 -19.45 -47.97 24.83
N PHE I 34 -20.77 -47.87 24.79
CA PHE I 34 -21.58 -48.74 23.94
C PHE I 34 -21.14 -48.65 22.48
N TYR I 35 -20.82 -47.43 22.01
CA TYR I 35 -20.48 -47.25 20.60
C TYR I 35 -19.11 -47.83 20.30
N LYS I 36 -18.15 -47.65 21.22
CA LYS I 36 -16.84 -48.27 21.03
C LYS I 36 -16.95 -49.78 20.97
N PHE I 37 -17.89 -50.36 21.71
CA PHE I 37 -18.02 -51.81 21.79
C PHE I 37 -18.83 -52.36 20.63
N ALA I 38 -19.93 -51.70 20.28
CA ALA I 38 -20.85 -52.22 19.27
C ALA I 38 -20.51 -51.78 17.85
N VAL I 39 -19.66 -50.78 17.66
CA VAL I 39 -19.38 -50.26 16.33
C VAL I 39 -17.88 -50.21 16.06
N ALA I 40 -17.15 -49.46 16.88
CA ALA I 40 -15.75 -49.18 16.58
C ALA I 40 -14.88 -50.41 16.78
N GLU I 41 -14.94 -51.03 17.96
CA GLU I 41 -14.14 -52.23 18.20
C GLU I 41 -14.60 -53.38 17.33
N LYS I 42 -15.92 -53.52 17.15
CA LYS I 42 -16.47 -54.53 16.26
C LYS I 42 -15.86 -54.42 14.86
N ARG I 43 -15.74 -53.20 14.34
CA ARG I 43 -15.16 -53.02 13.00
C ARG I 43 -13.67 -53.38 12.97
N LYS I 44 -12.92 -52.97 14.00
CA LYS I 44 -11.51 -53.35 14.08
C LYS I 44 -11.34 -54.87 14.11
N LYS I 45 -12.14 -55.56 14.93
CA LYS I 45 -11.98 -57.00 15.09
C LYS I 45 -12.43 -57.75 13.83
N ALA I 46 -13.48 -57.28 13.19
CA ALA I 46 -13.95 -57.93 11.97
C ALA I 46 -12.86 -57.91 10.90
N TYR I 47 -12.21 -56.77 10.72
CA TYR I 47 -11.14 -56.68 9.74
C TYR I 47 -9.89 -57.42 10.20
N ALA I 48 -9.56 -57.31 11.49
CA ALA I 48 -8.41 -58.05 12.02
C ALA I 48 -8.62 -59.55 11.91
N ASP I 49 -9.82 -60.04 12.25
CA ASP I 49 -10.10 -61.47 12.16
C ASP I 49 -10.09 -61.95 10.71
N PHE I 50 -10.57 -61.12 9.79
CA PHE I 50 -10.66 -61.53 8.39
C PHE I 50 -9.28 -61.72 7.77
N TYR I 51 -8.33 -60.85 8.10
CA TYR I 51 -7.02 -60.86 7.45
C TYR I 51 -5.96 -61.65 8.20
N ARG I 52 -6.24 -62.09 9.43
CA ARG I 52 -5.23 -62.77 10.23
C ARG I 52 -4.68 -64.01 9.49
N ASN I 53 -5.58 -64.87 9.01
CA ASN I 53 -5.19 -66.06 8.28
C ASN I 53 -5.68 -66.03 6.83
N TYR I 54 -5.93 -64.83 6.30
CA TYR I 54 -6.48 -64.70 4.96
C TYR I 54 -5.46 -65.15 3.91
N ASP I 55 -5.94 -65.89 2.91
CA ASP I 55 -5.11 -66.46 1.85
C ASP I 55 -5.62 -65.88 0.54
N SER I 56 -4.88 -64.92 -0.02
CA SER I 56 -5.37 -64.20 -1.19
C SER I 56 -5.32 -65.06 -2.44
N MET I 57 -4.32 -65.95 -2.56
CA MET I 57 -4.29 -66.86 -3.70
C MET I 57 -5.46 -67.84 -3.66
N LYS I 58 -5.74 -68.41 -2.47
CA LYS I 58 -6.90 -69.27 -2.33
C LYS I 58 -8.18 -68.53 -2.64
N ASP I 59 -8.29 -67.28 -2.19
CA ASP I 59 -9.44 -66.44 -2.54
C ASP I 59 -9.55 -66.27 -4.06
N PHE I 60 -8.43 -66.00 -4.72
CA PHE I 60 -8.43 -65.85 -6.17
C PHE I 60 -8.86 -67.14 -6.87
N GLU I 61 -8.31 -68.27 -6.43
CA GLU I 61 -8.63 -69.55 -7.08
C GLU I 61 -10.12 -69.84 -7.01
N GLU I 62 -10.73 -69.59 -5.85
CA GLU I 62 -12.18 -69.76 -5.73
C GLU I 62 -12.92 -68.84 -6.71
N MET I 63 -12.46 -67.60 -6.85
CA MET I 63 -13.09 -66.66 -7.78
C MET I 63 -12.87 -67.10 -9.22
N ARG I 64 -11.66 -67.54 -9.55
CA ARG I 64 -11.37 -68.01 -10.90
C ARG I 64 -12.23 -69.22 -11.25
N LYS I 65 -12.29 -70.20 -10.36
CA LYS I 65 -13.09 -71.40 -10.60
C LYS I 65 -14.57 -71.05 -10.76
N ALA I 66 -15.05 -70.00 -10.08
CA ALA I 66 -16.43 -69.58 -10.25
C ALA I 66 -16.67 -68.85 -11.57
N GLY I 67 -15.61 -68.47 -12.27
CA GLY I 67 -15.75 -67.92 -13.61
C GLY I 67 -15.99 -66.43 -13.70
N ILE I 68 -15.61 -65.66 -12.69
CA ILE I 68 -15.92 -64.23 -12.67
C ILE I 68 -14.94 -63.38 -13.49
N PHE I 69 -13.74 -63.88 -13.76
CA PHE I 69 -12.67 -63.03 -14.29
C PHE I 69 -12.63 -63.06 -15.81
N GLN I 70 -12.31 -61.91 -16.40
CA GLN I 70 -12.03 -61.83 -17.83
C GLN I 70 -10.64 -62.36 -18.17
N SER I 71 -9.69 -62.21 -17.25
CA SER I 71 -8.28 -62.51 -17.51
C SER I 71 -7.82 -63.84 -16.94
N ALA I 72 -8.64 -64.49 -16.12
CA ALA I 72 -8.31 -65.77 -15.52
C ALA I 72 -9.49 -66.73 -15.70
N LYS I 73 -9.31 -67.74 -16.54
CA LYS I 73 -10.36 -68.73 -16.78
C LYS I 73 -10.15 -69.95 -15.89
N PHE J 1 -21.20 32.74 -18.43
CA PHE J 1 -22.36 32.18 -17.74
C PHE J 1 -22.71 32.97 -16.48
N GLU J 2 -24.01 33.12 -16.24
CA GLU J 2 -24.52 33.71 -15.01
C GLU J 2 -25.16 32.64 -14.14
N ASN J 3 -25.21 32.91 -12.84
CA ASN J 3 -25.76 31.95 -11.90
C ASN J 3 -27.28 32.05 -11.93
N ARG J 4 -27.94 31.07 -12.56
CA ARG J 4 -29.40 31.04 -12.64
C ARG J 4 -29.97 29.89 -11.81
N VAL J 5 -29.26 29.47 -10.76
CA VAL J 5 -29.73 28.37 -9.94
C VAL J 5 -31.00 28.77 -9.20
N ALA J 6 -31.08 30.03 -8.76
CA ALA J 6 -32.26 30.52 -8.06
C ALA J 6 -33.52 30.33 -8.90
N GLU J 7 -33.42 30.50 -10.23
CA GLU J 7 -34.58 30.30 -11.08
C GLU J 7 -34.99 28.83 -11.13
N LYS J 8 -34.01 27.94 -11.13
CA LYS J 8 -34.32 26.50 -11.12
C LYS J 8 -34.88 26.06 -9.79
N GLN J 9 -34.36 26.62 -8.68
CA GLN J 9 -34.90 26.30 -7.36
C GLN J 9 -36.37 26.71 -7.26
N LYS J 10 -36.73 27.86 -7.84
CA LYS J 10 -38.11 28.30 -7.80
C LYS J 10 -39.01 27.39 -8.65
N LEU J 11 -38.54 27.01 -9.84
CA LEU J 11 -39.33 26.14 -10.71
C LEU J 11 -39.61 24.80 -10.04
N PHE J 12 -38.58 24.14 -9.50
CA PHE J 12 -38.73 22.80 -8.97
C PHE J 12 -39.26 22.76 -7.55
N GLN J 13 -39.43 23.90 -6.89
CA GLN J 13 -40.12 23.96 -5.61
C GLN J 13 -41.55 24.47 -5.77
N GLU J 14 -42.00 24.64 -7.01
CA GLU J 14 -43.36 25.09 -7.28
C GLU J 14 -44.37 24.09 -6.73
N ASP J 15 -45.36 24.60 -6.01
CA ASP J 15 -46.34 23.74 -5.33
C ASP J 15 -47.43 23.33 -6.32
N ASN J 16 -47.05 22.42 -7.22
CA ASN J 16 -47.96 21.92 -8.24
C ASN J 16 -48.20 20.42 -8.16
N GLY J 17 -47.67 19.75 -7.13
CA GLY J 17 -47.91 18.33 -6.96
C GLY J 17 -47.26 17.41 -7.95
N LEU J 18 -46.42 17.92 -8.84
CA LEU J 18 -45.79 17.07 -9.85
C LEU J 18 -44.61 16.33 -9.25
N PRO J 19 -44.38 15.08 -9.64
CA PRO J 19 -43.17 14.38 -9.23
C PRO J 19 -41.94 14.96 -9.90
N VAL J 20 -40.79 14.68 -9.30
CA VAL J 20 -39.56 15.37 -9.70
C VAL J 20 -39.18 15.05 -11.15
N HIS J 21 -39.52 13.86 -11.64
CA HIS J 21 -39.15 13.48 -13.00
C HIS J 21 -40.04 14.11 -14.05
N LEU J 22 -41.08 14.85 -13.64
CA LEU J 22 -41.96 15.55 -14.57
C LEU J 22 -42.04 17.05 -14.28
N LYS J 23 -41.34 17.53 -13.27
CA LYS J 23 -41.47 18.91 -12.81
C LYS J 23 -40.78 19.92 -13.70
N GLY J 24 -39.95 19.47 -14.65
CA GLY J 24 -39.28 20.39 -15.55
C GLY J 24 -40.20 21.00 -16.59
N GLY J 25 -41.31 20.34 -16.90
CA GLY J 25 -42.25 20.80 -17.90
C GLY J 25 -42.55 19.73 -18.92
N ALA J 26 -43.14 20.17 -20.04
CA ALA J 26 -43.63 19.23 -21.05
C ALA J 26 -42.54 18.34 -21.63
N THR J 27 -41.30 18.85 -21.71
CA THR J 27 -40.22 18.05 -22.26
C THR J 27 -39.96 16.80 -21.42
N ASP J 28 -40.14 16.90 -20.10
CA ASP J 28 -40.02 15.72 -19.25
C ASP J 28 -41.01 14.63 -19.65
N ASN J 29 -42.25 15.02 -19.94
CA ASN J 29 -43.27 14.05 -20.31
C ASN J 29 -42.91 13.36 -21.62
N ILE J 30 -42.38 14.12 -22.58
CA ILE J 30 -42.00 13.54 -23.87
C ILE J 30 -40.87 12.55 -23.69
N LEU J 31 -39.82 12.95 -22.96
CA LEU J 31 -38.68 12.07 -22.76
C LEU J 31 -39.07 10.82 -21.98
N TYR J 32 -39.96 10.97 -20.99
CA TYR J 32 -40.46 9.80 -20.28
C TYR J 32 -41.19 8.84 -21.22
N ARG J 33 -42.11 9.39 -22.03
CA ARG J 33 -42.90 8.55 -22.91
C ARG J 33 -42.04 7.89 -23.99
N VAL J 34 -40.99 8.55 -24.44
CA VAL J 34 -40.03 7.91 -25.35
C VAL J 34 -39.32 6.75 -24.65
N THR J 35 -38.88 6.98 -23.42
CA THR J 35 -38.15 5.95 -22.69
C THR J 35 -39.02 4.74 -22.39
N MET J 36 -40.22 4.97 -21.85
CA MET J 36 -41.10 3.85 -21.48
C MET J 36 -41.55 3.07 -22.71
N THR J 37 -41.79 3.76 -23.82
CA THR J 37 -42.22 3.08 -25.04
C THR J 37 -41.13 2.16 -25.57
N LEU J 38 -39.89 2.63 -25.60
CA LEU J 38 -38.79 1.79 -26.04
C LEU J 38 -38.59 0.60 -25.11
N CYS J 39 -38.69 0.83 -23.79
CA CYS J 39 -38.53 -0.25 -22.83
C CYS J 39 -39.63 -1.30 -22.99
N LEU J 40 -40.89 -0.86 -23.01
CA LEU J 40 -42.00 -1.81 -23.10
C LEU J 40 -42.08 -2.44 -24.49
N GLY J 41 -41.90 -1.65 -25.54
CA GLY J 41 -41.85 -2.21 -26.88
C GLY J 41 -40.68 -3.15 -27.07
N GLY J 42 -39.51 -2.77 -26.57
CA GLY J 42 -38.36 -3.65 -26.65
C GLY J 42 -38.54 -4.93 -25.86
N THR J 43 -39.23 -4.85 -24.73
CA THR J 43 -39.49 -6.05 -23.92
C THR J 43 -40.41 -7.00 -24.66
N LEU J 44 -41.49 -6.49 -25.26
CA LEU J 44 -42.36 -7.32 -26.06
C LEU J 44 -41.60 -7.96 -27.22
N TYR J 45 -40.72 -7.19 -27.87
CA TYR J 45 -39.92 -7.75 -28.97
C TYR J 45 -39.00 -8.85 -28.48
N SER J 46 -38.45 -8.71 -27.27
CA SER J 46 -37.59 -9.75 -26.71
C SER J 46 -38.38 -11.03 -26.45
N LEU J 47 -39.64 -10.88 -26.02
CA LEU J 47 -40.49 -12.06 -25.85
C LEU J 47 -40.75 -12.75 -27.19
N TYR J 48 -40.97 -11.96 -28.25
CA TYR J 48 -41.09 -12.55 -29.58
C TYR J 48 -39.82 -13.31 -29.96
N CYS J 49 -38.66 -12.69 -29.72
CA CYS J 49 -37.40 -13.34 -30.05
C CYS J 49 -37.22 -14.63 -29.27
N LEU J 50 -37.66 -14.65 -28.01
CA LEU J 50 -37.63 -15.90 -27.24
C LEU J 50 -38.51 -16.96 -27.89
N GLY J 51 -39.74 -16.58 -28.24
CA GLY J 51 -40.63 -17.50 -28.93
C GLY J 51 -39.99 -18.07 -30.19
N TRP J 52 -39.39 -17.20 -31.02
CA TRP J 52 -38.69 -17.66 -32.21
C TRP J 52 -37.55 -18.60 -31.84
N ALA J 53 -36.74 -18.22 -30.86
CA ALA J 53 -35.54 -18.97 -30.51
C ALA J 53 -35.85 -20.28 -29.78
N SER J 54 -37.08 -20.47 -29.33
CA SER J 54 -37.43 -21.66 -28.55
C SER J 54 -37.68 -22.89 -29.42
N PHE J 55 -37.79 -22.71 -30.74
CA PHE J 55 -38.03 -23.83 -31.64
C PHE J 55 -36.95 -23.89 -32.72
N PRO J 56 -36.63 -25.09 -33.20
CA PRO J 56 -35.58 -25.22 -34.22
C PRO J 56 -36.01 -24.65 -35.56
N HIS J 57 -35.02 -24.16 -36.31
CA HIS J 57 -35.27 -23.63 -37.64
C HIS J 57 -34.28 -24.18 -38.66
N ALA K 6 -67.34 -22.75 26.74
CA ALA K 6 -68.02 -23.56 25.73
C ALA K 6 -67.00 -24.43 24.98
N PRO K 7 -67.41 -25.66 24.65
CA PRO K 7 -66.50 -26.56 23.93
C PRO K 7 -66.20 -26.03 22.54
N ASP K 8 -64.92 -26.10 22.16
CA ASP K 8 -64.48 -25.61 20.86
C ASP K 8 -64.42 -26.76 19.86
N PHE K 9 -63.83 -26.48 18.69
CA PHE K 9 -63.72 -27.48 17.62
C PHE K 9 -63.00 -28.73 18.11
N HIS K 10 -61.93 -28.56 18.89
CA HIS K 10 -61.09 -29.69 19.28
C HIS K 10 -61.80 -30.57 20.31
N ASP K 11 -62.55 -29.95 21.21
CA ASP K 11 -63.35 -30.74 22.14
C ASP K 11 -64.41 -31.56 21.39
N LYS K 12 -65.05 -30.98 20.37
CA LYS K 12 -66.10 -31.72 19.67
C LYS K 12 -65.52 -32.76 18.71
N TYR K 13 -64.47 -32.42 17.96
CA TYR K 13 -64.05 -33.24 16.84
C TYR K 13 -62.65 -33.82 16.98
N GLY K 14 -61.89 -33.41 17.99
CA GLY K 14 -60.55 -33.92 18.24
C GLY K 14 -60.40 -35.42 18.13
N ASN K 15 -61.21 -36.16 18.91
CA ASN K 15 -61.07 -37.61 18.94
C ASN K 15 -61.36 -38.24 17.59
N ALA K 16 -62.36 -37.71 16.87
CA ALA K 16 -62.69 -38.26 15.56
C ALA K 16 -61.62 -37.96 14.54
N VAL K 17 -61.09 -36.73 14.53
CA VAL K 17 -60.06 -36.35 13.58
C VAL K 17 -58.81 -37.21 13.79
N LEU K 18 -58.43 -37.41 15.06
CA LEU K 18 -57.25 -38.22 15.35
C LEU K 18 -57.44 -39.67 14.94
N ALA K 19 -58.60 -40.25 15.24
CA ALA K 19 -58.84 -41.66 14.96
C ALA K 19 -58.98 -41.91 13.46
N SER K 20 -59.81 -41.12 12.79
CA SER K 20 -59.99 -41.28 11.35
C SER K 20 -58.68 -41.01 10.61
N GLY K 21 -57.95 -39.98 11.02
CA GLY K 21 -56.71 -39.65 10.32
C GLY K 21 -55.66 -40.74 10.42
N ALA K 22 -55.49 -41.31 11.62
CA ALA K 22 -54.55 -42.41 11.80
C ALA K 22 -54.98 -43.64 11.02
N THR K 23 -56.27 -43.95 11.03
CA THR K 23 -56.76 -45.13 10.33
C THR K 23 -56.63 -44.97 8.82
N PHE K 24 -57.01 -43.81 8.29
CA PHE K 24 -56.88 -43.55 6.86
C PHE K 24 -55.41 -43.57 6.43
N CYS K 25 -54.53 -43.00 7.24
CA CYS K 25 -53.12 -42.89 6.86
C CYS K 25 -52.46 -44.26 6.81
N VAL K 26 -52.63 -45.06 7.87
CA VAL K 26 -52.04 -46.40 7.90
C VAL K 26 -52.56 -47.24 6.74
N ALA K 27 -53.87 -47.20 6.50
CA ALA K 27 -54.48 -48.08 5.51
C ALA K 27 -53.97 -47.76 4.10
N VAL K 28 -53.89 -46.48 3.74
CA VAL K 28 -53.51 -46.13 2.38
C VAL K 28 -52.01 -46.32 2.14
N TRP K 29 -51.18 -46.14 3.17
CA TRP K 29 -49.76 -46.36 3.00
C TRP K 29 -49.41 -47.85 3.01
N VAL K 30 -50.15 -48.66 3.77
CA VAL K 30 -49.97 -50.10 3.68
C VAL K 30 -50.39 -50.62 2.32
N TYR K 31 -51.53 -50.11 1.81
CA TYR K 31 -51.96 -50.47 0.46
C TYR K 31 -50.91 -50.10 -0.57
N MET K 32 -50.47 -48.84 -0.58
CA MET K 32 -49.47 -48.40 -1.55
C MET K 32 -48.19 -49.22 -1.45
N ALA K 33 -47.78 -49.59 -0.24
CA ALA K 33 -46.51 -50.26 -0.06
C ALA K 33 -46.54 -51.71 -0.54
N THR K 34 -47.70 -52.36 -0.51
CA THR K 34 -47.77 -53.80 -0.71
C THR K 34 -48.66 -54.26 -1.86
N GLN K 35 -49.47 -53.39 -2.46
CA GLN K 35 -50.54 -53.84 -3.33
C GLN K 35 -50.49 -53.33 -4.76
N ILE K 36 -49.51 -52.48 -5.12
CA ILE K 36 -49.52 -51.86 -6.44
C ILE K 36 -48.25 -52.18 -7.23
N GLY K 37 -47.43 -53.11 -6.76
CA GLY K 37 -46.29 -53.57 -7.53
C GLY K 37 -45.02 -52.76 -7.38
N ILE K 38 -44.91 -51.95 -6.32
CA ILE K 38 -43.69 -51.21 -6.08
C ILE K 38 -42.58 -52.17 -5.69
N GLU K 39 -41.43 -52.04 -6.34
CA GLU K 39 -40.26 -52.87 -6.04
C GLU K 39 -39.38 -52.14 -5.03
N TRP K 40 -39.37 -52.65 -3.80
CA TRP K 40 -38.54 -52.07 -2.75
C TRP K 40 -37.09 -52.52 -2.84
N ASN K 41 -36.84 -53.65 -3.50
CA ASN K 41 -35.51 -54.22 -3.64
C ASN K 41 -34.84 -54.41 -2.27
N PRO K 42 -35.40 -55.25 -1.40
CA PRO K 42 -34.77 -55.48 -0.09
C PRO K 42 -33.51 -56.32 -0.23
N SER K 43 -32.79 -56.43 0.89
CA SER K 43 -31.58 -57.23 0.92
C SER K 43 -31.91 -58.68 0.55
N PRO K 44 -31.06 -59.33 -0.25
CA PRO K 44 -31.23 -60.77 -0.47
C PRO K 44 -30.81 -61.63 0.72
N VAL K 45 -30.14 -61.03 1.72
CA VAL K 45 -29.64 -61.79 2.86
C VAL K 45 -30.82 -62.42 3.60
N GLY K 46 -30.77 -63.76 3.73
CA GLY K 46 -31.83 -64.47 4.42
C GLY K 46 -33.14 -64.53 3.67
N ARG K 47 -33.15 -64.19 2.40
CA ARG K 47 -34.38 -64.08 1.62
C ARG K 47 -34.28 -64.76 0.26
N VAL K 48 -33.17 -64.59 -0.44
CA VAL K 48 -33.01 -65.09 -1.80
C VAL K 48 -32.13 -66.32 -1.79
N THR K 49 -32.54 -67.35 -2.52
CA THR K 49 -31.69 -68.52 -2.73
C THR K 49 -30.80 -68.30 -3.94
N PRO K 50 -29.48 -68.31 -3.79
CA PRO K 50 -28.59 -68.06 -4.93
C PRO K 50 -28.75 -69.13 -6.01
N LYS K 51 -28.68 -68.71 -7.26
CA LYS K 51 -28.88 -69.56 -8.41
C LYS K 51 -27.67 -69.50 -9.33
N GLU K 52 -27.34 -70.63 -9.96
CA GLU K 52 -26.25 -70.66 -10.92
C GLU K 52 -26.46 -69.63 -12.02
N TRP K 53 -25.39 -68.91 -12.36
CA TRP K 53 -25.46 -67.83 -13.33
C TRP K 53 -24.52 -68.01 -14.52
N ARG K 54 -23.39 -68.67 -14.33
CA ARG K 54 -22.39 -68.78 -15.39
C ARG K 54 -22.80 -69.83 -16.42
N GLU K 55 -22.48 -69.55 -17.67
CA GLU K 55 -22.81 -70.43 -18.78
C GLU K 55 -21.55 -70.71 -19.59
N GLN K 56 -21.67 -71.66 -20.51
CA GLN K 56 -20.57 -72.06 -21.37
C GLN K 56 -20.07 -70.91 -22.24
N HIS L 2 -53.82 10.48 -1.34
CA HIS L 2 -52.84 9.52 -0.83
C HIS L 2 -53.29 8.10 -1.14
N TYR L 3 -52.52 7.13 -0.68
CA TYR L 3 -52.81 5.72 -0.93
C TYR L 3 -53.71 5.17 0.17
N GLU L 4 -54.35 4.05 -0.12
CA GLU L 4 -55.17 3.38 0.89
C GLU L 4 -54.29 2.75 1.96
N GLU L 5 -54.81 2.72 3.18
CA GLU L 5 -54.09 2.22 4.33
C GLU L 5 -54.91 1.13 5.02
N GLY L 6 -54.22 0.25 5.73
CA GLY L 6 -54.89 -0.72 6.56
C GLY L 6 -54.87 -2.12 5.99
N PRO L 7 -55.41 -3.07 6.75
CA PRO L 7 -55.46 -4.47 6.28
C PRO L 7 -56.20 -4.60 4.97
N GLY L 8 -55.62 -5.37 4.05
CA GLY L 8 -56.20 -5.58 2.74
C GLY L 8 -56.00 -4.45 1.76
N LYS L 9 -55.32 -3.38 2.17
CA LYS L 9 -55.10 -2.22 1.32
C LYS L 9 -53.64 -1.97 0.98
N ASN L 10 -52.71 -2.69 1.63
CA ASN L 10 -51.28 -2.51 1.42
C ASN L 10 -50.69 -3.59 0.54
N ILE L 11 -51.48 -4.09 -0.42
CA ILE L 11 -51.09 -5.21 -1.27
C ILE L 11 -51.52 -4.94 -2.70
N PRO L 12 -50.75 -5.44 -3.67
CA PRO L 12 -51.08 -5.21 -5.08
C PRO L 12 -52.22 -6.07 -5.61
N PHE L 13 -52.87 -6.84 -4.75
CA PHE L 13 -54.01 -7.67 -5.15
C PHE L 13 -55.17 -7.41 -4.23
N SER L 14 -56.38 -7.65 -4.73
CA SER L 14 -57.59 -7.38 -3.98
C SER L 14 -58.00 -8.60 -3.15
N VAL L 15 -58.41 -8.35 -1.91
CA VAL L 15 -59.01 -9.36 -1.06
C VAL L 15 -60.45 -9.01 -0.71
N GLU L 16 -61.08 -8.15 -1.51
CA GLU L 16 -62.46 -7.75 -1.26
C GLU L 16 -63.41 -8.94 -1.35
N ASN L 17 -63.15 -9.87 -2.27
CA ASN L 17 -63.98 -11.05 -2.46
C ASN L 17 -63.10 -12.28 -2.36
N LYS L 18 -63.40 -13.15 -1.39
CA LYS L 18 -62.54 -14.29 -1.10
C LYS L 18 -62.51 -15.30 -2.25
N TRP L 19 -63.53 -15.32 -3.10
CA TRP L 19 -63.58 -16.28 -4.18
C TRP L 19 -62.84 -15.80 -5.43
N ARG L 20 -62.93 -14.50 -5.73
CA ARG L 20 -62.06 -13.94 -6.77
C ARG L 20 -60.59 -14.04 -6.35
N LEU L 21 -60.31 -13.80 -5.06
CA LEU L 21 -58.96 -13.97 -4.55
C LEU L 21 -58.49 -15.40 -4.71
N LEU L 22 -59.38 -16.37 -4.46
CA LEU L 22 -59.00 -17.77 -4.63
C LEU L 22 -58.63 -18.07 -6.08
N ALA L 23 -59.40 -17.56 -7.03
CA ALA L 23 -59.06 -17.74 -8.44
C ALA L 23 -57.71 -17.10 -8.76
N MET L 24 -57.41 -15.95 -8.16
CA MET L 24 -56.17 -15.26 -8.49
C MET L 24 -54.98 -15.94 -7.84
N MET L 25 -55.12 -16.36 -6.58
CA MET L 25 -54.05 -17.14 -5.95
C MET L 25 -53.84 -18.47 -6.66
N THR L 26 -54.92 -19.05 -7.15
CA THR L 26 -54.82 -20.28 -7.95
C THR L 26 -54.01 -20.05 -9.21
N LEU L 27 -54.31 -18.96 -9.93
CA LEU L 27 -53.56 -18.64 -11.14
C LEU L 27 -52.12 -18.27 -10.81
N PHE L 28 -51.91 -17.54 -9.72
CA PHE L 28 -50.56 -17.08 -9.36
C PHE L 28 -49.65 -18.26 -9.01
N PHE L 29 -49.97 -18.98 -7.93
CA PHE L 29 -49.14 -20.10 -7.53
C PHE L 29 -49.22 -21.26 -8.51
N GLY L 30 -50.39 -21.47 -9.13
CA GLY L 30 -50.52 -22.58 -10.06
C GLY L 30 -49.65 -22.42 -11.29
N SER L 31 -49.56 -21.20 -11.82
CA SER L 31 -48.72 -20.96 -13.00
C SER L 31 -47.25 -21.24 -12.70
N GLY L 32 -46.78 -20.83 -11.51
CA GLY L 32 -45.40 -21.10 -11.14
C GLY L 32 -45.12 -22.58 -11.02
N PHE L 33 -46.01 -23.32 -10.35
CA PHE L 33 -45.82 -24.76 -10.22
C PHE L 33 -45.94 -25.47 -11.56
N ALA L 34 -46.86 -25.02 -12.41
CA ALA L 34 -47.07 -25.69 -13.69
C ALA L 34 -45.93 -25.48 -14.67
N ALA L 35 -45.27 -24.31 -14.62
CA ALA L 35 -44.29 -23.93 -15.63
C ALA L 35 -43.22 -24.96 -15.90
N PRO L 36 -42.55 -25.55 -14.90
CA PRO L 36 -41.47 -26.51 -15.22
C PRO L 36 -41.97 -27.76 -15.94
N PHE L 37 -43.14 -28.27 -15.57
CA PHE L 37 -43.70 -29.43 -16.26
C PHE L 37 -43.92 -29.16 -17.73
N PHE L 38 -44.46 -27.98 -18.07
CA PHE L 38 -44.69 -27.67 -19.48
C PHE L 38 -43.40 -27.35 -20.22
N ILE L 39 -42.36 -26.93 -19.52
CA ILE L 39 -41.06 -26.76 -20.15
C ILE L 39 -40.39 -28.11 -20.35
N VAL L 40 -40.60 -29.05 -19.42
CA VAL L 40 -40.23 -30.44 -19.66
C VAL L 40 -40.89 -30.95 -20.93
N ARG L 41 -42.21 -30.75 -21.03
CA ARG L 41 -42.96 -31.13 -22.21
C ARG L 41 -42.42 -30.46 -23.46
N HIS L 42 -42.15 -29.15 -23.38
CA HIS L 42 -41.61 -28.42 -24.53
C HIS L 42 -40.31 -29.03 -25.03
N GLN L 43 -39.41 -29.38 -24.11
CA GLN L 43 -38.12 -29.93 -24.52
C GLN L 43 -38.23 -31.35 -25.05
N LEU L 44 -39.17 -32.14 -24.51
CA LEU L 44 -39.38 -33.48 -25.02
C LEU L 44 -39.98 -33.46 -26.42
N LEU L 45 -40.85 -32.48 -26.71
CA LEU L 45 -41.50 -32.37 -28.00
C LEU L 45 -40.62 -31.73 -29.08
N LYS L 46 -39.38 -31.37 -28.77
CA LYS L 46 -38.49 -30.86 -29.80
C LYS L 46 -37.67 -31.97 -30.45
N LYS L 47 -37.21 -32.94 -29.66
CA LYS L 47 -36.66 -34.19 -30.19
C LYS L 47 -36.48 -35.20 -29.07
N ILE M 1 -50.88 -13.23 20.77
CA ILE M 1 -51.56 -12.20 19.98
C ILE M 1 -53.08 -12.38 20.11
N THR M 2 -53.79 -11.26 20.15
CA THR M 2 -55.24 -11.24 20.15
C THR M 2 -55.74 -10.59 18.87
N ALA M 3 -56.89 -11.04 18.39
CA ALA M 3 -57.44 -10.57 17.14
C ALA M 3 -58.96 -10.50 17.22
N LYS M 4 -59.54 -9.67 16.35
CA LYS M 4 -60.98 -9.61 16.19
C LYS M 4 -61.49 -10.94 15.63
N PRO M 5 -62.78 -11.22 15.83
CA PRO M 5 -63.40 -12.32 15.06
C PRO M 5 -63.40 -11.99 13.57
N ALA M 6 -63.44 -13.05 12.76
CA ALA M 6 -63.35 -12.90 11.32
C ALA M 6 -64.46 -11.98 10.80
N LYS M 7 -64.06 -10.95 10.04
CA LYS M 7 -65.04 -10.08 9.41
C LYS M 7 -65.87 -10.80 8.37
N THR M 8 -65.29 -11.80 7.70
CA THR M 8 -65.98 -12.61 6.69
C THR M 8 -65.63 -14.07 6.98
N PRO M 9 -66.28 -14.67 7.99
CA PRO M 9 -65.91 -16.04 8.39
C PRO M 9 -65.94 -17.01 7.23
N THR M 10 -65.03 -17.99 7.28
CA THR M 10 -64.90 -19.02 6.27
C THR M 10 -65.34 -20.35 6.88
N SER M 11 -66.54 -20.77 6.54
CA SER M 11 -67.13 -21.97 7.12
C SER M 11 -66.32 -23.21 6.74
N PRO M 12 -66.47 -24.30 7.49
CA PRO M 12 -65.83 -25.57 7.09
C PRO M 12 -66.09 -25.95 5.64
N LYS M 13 -67.30 -25.72 5.12
CA LYS M 13 -67.57 -26.00 3.72
C LYS M 13 -66.76 -25.09 2.80
N GLU M 14 -66.73 -23.79 3.12
CA GLU M 14 -65.95 -22.85 2.32
C GLU M 14 -64.46 -23.21 2.32
N GLN M 15 -63.96 -23.66 3.47
CA GLN M 15 -62.57 -24.09 3.53
C GLN M 15 -62.35 -25.34 2.69
N ALA M 16 -63.34 -26.24 2.67
CA ALA M 16 -63.25 -27.42 1.83
C ALA M 16 -63.16 -27.04 0.36
N ILE M 17 -63.89 -26.01 -0.05
CA ILE M 17 -63.82 -25.55 -1.43
C ILE M 17 -62.45 -24.95 -1.72
N GLY M 18 -61.99 -24.06 -0.85
CA GLY M 18 -60.70 -23.42 -1.07
C GLY M 18 -59.55 -24.40 -1.06
N LEU M 19 -59.59 -25.39 -0.15
CA LEU M 19 -58.54 -26.40 -0.12
C LEU M 19 -58.55 -27.26 -1.37
N SER M 20 -59.74 -27.74 -1.77
CA SER M 20 -59.85 -28.57 -2.96
C SER M 20 -59.39 -27.81 -4.20
N VAL M 21 -59.81 -26.56 -4.35
CA VAL M 21 -59.43 -25.78 -5.53
C VAL M 21 -57.93 -25.54 -5.53
N THR M 22 -57.34 -25.27 -4.37
CA THR M 22 -55.91 -25.07 -4.28
C THR M 22 -55.14 -26.31 -4.70
N PHE M 23 -55.49 -27.47 -4.13
CA PHE M 23 -54.82 -28.72 -4.47
C PHE M 23 -54.96 -29.02 -5.96
N LEU M 24 -56.18 -28.87 -6.50
CA LEU M 24 -56.40 -29.17 -7.91
C LEU M 24 -55.59 -28.27 -8.82
N SER M 25 -55.36 -27.01 -8.42
CA SER M 25 -54.55 -26.11 -9.24
C SER M 25 -53.11 -26.56 -9.32
N PHE M 26 -52.63 -27.29 -8.31
CA PHE M 26 -51.28 -27.85 -8.36
C PHE M 26 -51.25 -29.17 -9.10
N LEU M 27 -52.25 -30.03 -8.87
CA LEU M 27 -52.20 -31.43 -9.29
C LEU M 27 -52.64 -31.65 -10.73
N LEU M 28 -53.64 -30.89 -11.21
CA LEU M 28 -54.20 -31.18 -12.53
C LEU M 28 -53.22 -30.86 -13.66
N PRO M 29 -52.59 -29.67 -13.72
CA PRO M 29 -51.67 -29.42 -14.85
C PRO M 29 -50.47 -30.34 -14.86
N ALA M 30 -49.85 -30.57 -13.69
CA ALA M 30 -48.71 -31.47 -13.64
C ALA M 30 -49.14 -32.91 -13.93
N GLY M 31 -50.26 -33.35 -13.37
CA GLY M 31 -50.79 -34.66 -13.72
C GLY M 31 -51.00 -34.84 -15.20
N TRP M 32 -51.56 -33.84 -15.86
CA TRP M 32 -51.77 -33.90 -17.31
C TRP M 32 -50.45 -34.12 -18.04
N VAL M 33 -49.41 -33.37 -17.68
CA VAL M 33 -48.12 -33.49 -18.34
C VAL M 33 -47.53 -34.88 -18.10
N LEU M 34 -47.53 -35.32 -16.84
CA LEU M 34 -46.92 -36.60 -16.50
C LEU M 34 -47.70 -37.77 -17.09
N TYR M 35 -49.03 -37.64 -17.17
CA TYR M 35 -49.85 -38.68 -17.79
C TYR M 35 -49.49 -38.87 -19.26
N HIS M 36 -49.21 -37.77 -19.96
CA HIS M 36 -48.93 -37.79 -21.39
C HIS M 36 -47.44 -37.84 -21.70
N LEU M 37 -46.61 -38.23 -20.73
CA LEU M 37 -45.16 -38.28 -20.95
C LEU M 37 -44.81 -39.15 -22.15
N ASP M 38 -45.39 -40.36 -22.22
CA ASP M 38 -45.08 -41.27 -23.32
C ASP M 38 -45.47 -40.66 -24.66
N ASN M 39 -46.59 -39.94 -24.70
CA ASN M 39 -46.96 -39.20 -25.91
C ASN M 39 -45.89 -38.21 -26.30
N TYR M 40 -45.16 -37.67 -25.32
CA TYR M 40 -44.11 -36.69 -25.61
C TYR M 40 -42.79 -37.37 -25.99
N LYS M 41 -42.44 -38.44 -25.29
CA LYS M 41 -41.19 -39.14 -25.56
C LYS M 41 -41.21 -39.80 -26.93
N LYS M 42 -42.11 -40.76 -27.14
CA LYS M 42 -42.20 -41.48 -28.41
C LYS M 42 -43.13 -40.70 -29.34
N SER M 43 -42.57 -39.65 -29.93
CA SER M 43 -43.29 -38.81 -30.88
C SER M 43 -42.32 -37.97 -31.71
N PHE N 2 30.27 30.49 31.48
CA PHE N 2 30.91 30.18 30.21
C PHE N 2 30.54 28.77 29.75
N ILE N 3 30.61 27.82 30.68
CA ILE N 3 30.27 26.43 30.36
C ILE N 3 28.79 26.32 30.05
N ASN N 4 27.94 27.01 30.82
CA ASN N 4 26.50 26.98 30.54
C ASN N 4 26.17 27.53 29.16
N ARG N 5 26.88 28.59 28.75
CA ARG N 5 26.53 29.24 27.49
C ARG N 5 27.07 28.47 26.29
N TRP N 6 28.29 27.97 26.36
CA TRP N 6 28.97 27.43 25.18
C TRP N 6 29.04 25.91 25.15
N LEU N 7 28.85 25.24 26.28
CA LEU N 7 28.77 23.79 26.30
C LEU N 7 27.34 23.28 26.49
N PHE N 8 26.48 24.05 27.15
CA PHE N 8 25.10 23.66 27.40
C PHE N 8 24.11 24.49 26.60
N SER N 9 24.55 25.08 25.49
CA SER N 9 23.74 26.05 24.76
C SER N 9 22.41 25.45 24.30
N THR N 10 21.36 26.27 24.36
CA THR N 10 20.09 26.04 23.70
C THR N 10 19.69 27.26 22.88
N ASN N 11 20.67 27.95 22.31
CA ASN N 11 20.48 29.20 21.59
C ASN N 11 20.97 29.03 20.16
N HIS N 12 20.11 29.39 19.19
CA HIS N 12 20.44 29.13 17.79
C HIS N 12 21.61 29.99 17.31
N LYS N 13 21.78 31.18 17.88
CA LYS N 13 22.89 32.04 17.46
C LYS N 13 24.23 31.50 17.96
N ASP N 14 24.32 31.22 19.25
CA ASP N 14 25.56 30.67 19.81
C ASP N 14 25.93 29.35 19.15
N ILE N 15 24.95 28.49 18.91
CA ILE N 15 25.22 27.21 18.26
C ILE N 15 25.69 27.43 16.83
N GLY N 16 25.06 28.37 16.11
CA GLY N 16 25.56 28.75 14.81
C GLY N 16 27.00 29.24 14.86
N THR N 17 27.32 30.05 15.88
CA THR N 17 28.70 30.51 16.04
C THR N 17 29.64 29.34 16.26
N LEU N 18 29.22 28.36 17.06
CA LEU N 18 30.05 27.17 17.28
C LEU N 18 30.31 26.43 15.97
N TYR N 19 29.27 26.26 15.15
CA TYR N 19 29.44 25.63 13.85
C TYR N 19 30.44 26.39 12.98
N LEU N 20 30.30 27.72 12.92
CA LEU N 20 31.21 28.53 12.11
C LEU N 20 32.65 28.38 12.57
N LEU N 21 32.87 28.41 13.88
CA LEU N 21 34.22 28.20 14.41
C LEU N 21 34.74 26.82 14.07
N PHE N 22 33.90 25.80 14.21
CA PHE N 22 34.31 24.44 13.90
C PHE N 22 34.64 24.29 12.42
N GLY N 23 33.77 24.82 11.55
CA GLY N 23 34.00 24.70 10.12
C GLY N 23 35.25 25.44 9.67
N ALA N 24 35.53 26.59 10.29
CA ALA N 24 36.74 27.33 9.95
C ALA N 24 37.99 26.56 10.34
N TRP N 25 37.99 25.95 11.53
CA TRP N 25 39.12 25.14 11.95
C TRP N 25 39.31 23.94 11.04
N ALA N 26 38.21 23.24 10.74
CA ALA N 26 38.29 22.12 9.80
C ALA N 26 38.78 22.58 8.44
N GLY N 27 38.38 23.78 8.01
CA GLY N 27 38.85 24.31 6.74
C GLY N 27 40.37 24.45 6.69
N MET N 28 40.98 24.74 7.84
CA MET N 28 42.44 24.75 7.90
C MET N 28 43.00 23.34 7.68
N VAL N 29 42.38 22.34 8.31
CA VAL N 29 42.83 20.96 8.15
C VAL N 29 42.70 20.52 6.70
N GLY N 30 41.54 20.80 6.08
CA GLY N 30 41.34 20.41 4.70
C GLY N 30 42.25 21.13 3.73
N THR N 31 42.58 22.39 4.02
CA THR N 31 43.50 23.13 3.17
C THR N 31 44.90 22.54 3.23
N ALA N 32 45.38 22.26 4.44
CA ALA N 32 46.70 21.65 4.59
C ALA N 32 46.76 20.30 3.88
N LEU N 33 45.68 19.51 3.98
CA LEU N 33 45.63 18.23 3.28
C LEU N 33 45.69 18.42 1.77
N SER N 34 45.00 19.45 1.25
CA SER N 34 45.03 19.70 -0.18
C SER N 34 46.41 20.17 -0.64
N LEU N 35 47.12 20.93 0.20
CA LEU N 35 48.47 21.35 -0.16
C LEU N 35 49.43 20.17 -0.16
N LEU N 36 49.28 19.24 0.79
CA LEU N 36 50.09 18.03 0.77
C LEU N 36 49.87 17.24 -0.52
N ILE N 37 48.62 17.19 -1.00
CA ILE N 37 48.33 16.51 -2.25
C ILE N 37 49.13 17.14 -3.39
N ARG N 38 49.02 18.45 -3.56
CA ARG N 38 49.66 19.12 -4.68
C ARG N 38 51.17 19.23 -4.51
N ALA N 39 51.67 19.13 -3.28
CA ALA N 39 53.11 19.04 -3.07
C ALA N 39 53.65 17.73 -3.60
N GLU N 40 52.95 16.63 -3.34
CA GLU N 40 53.32 15.33 -3.90
C GLU N 40 53.34 15.37 -5.42
N LEU N 41 52.42 16.12 -6.03
CA LEU N 41 52.27 16.18 -7.47
C LEU N 41 52.98 17.36 -8.11
N GLY N 42 53.64 18.22 -7.31
CA GLY N 42 54.21 19.44 -7.85
C GLY N 42 55.41 19.22 -8.74
N GLN N 43 56.04 18.06 -8.66
CA GLN N 43 57.11 17.70 -9.58
C GLN N 43 57.10 16.19 -9.75
N PRO N 44 57.54 15.67 -10.90
CA PRO N 44 57.53 14.22 -11.10
C PRO N 44 58.40 13.50 -10.08
N GLY N 45 58.00 12.28 -9.76
CA GLY N 45 58.67 11.48 -8.76
C GLY N 45 57.80 11.31 -7.52
N THR N 46 58.47 10.87 -6.45
N THR N 46 58.47 10.91 -6.43
CA THR N 46 57.84 10.52 -5.19
CA THR N 46 57.82 10.78 -5.14
C THR N 46 58.37 11.42 -4.09
C THR N 46 58.32 11.86 -4.20
N LEU N 47 57.46 12.07 -3.37
N LEU N 47 57.41 12.39 -3.37
CA LEU N 47 57.82 13.03 -2.33
CA LEU N 47 57.78 13.32 -2.30
C LEU N 47 57.58 12.48 -0.93
C LEU N 47 57.75 12.61 -0.95
N LEU N 48 56.35 12.06 -0.62
N LEU N 48 56.60 12.08 -0.57
CA LEU N 48 56.00 11.57 0.72
CA LEU N 48 56.46 11.44 0.73
C LEU N 48 56.27 10.08 0.83
C LEU N 48 57.10 10.06 0.78
N GLY N 49 55.42 9.27 0.22
N GLY N 49 57.40 9.46 -0.37
CA GLY N 49 55.60 7.83 0.20
CA GLY N 49 57.94 8.10 -0.35
C GLY N 49 55.02 7.28 -1.06
C GLY N 49 57.00 7.10 0.28
N ASP N 50 54.33 6.16 -0.93
N ASP N 50 55.70 7.43 0.34
CA ASP N 50 53.62 5.60 -2.06
CA ASP N 50 54.68 6.60 0.97
C ASP N 50 52.16 6.03 -1.97
C ASP N 50 53.35 6.82 0.24
N ASP N 51 51.26 5.24 -2.54
N ASP N 51 52.97 5.87 -0.61
CA ASP N 51 49.87 5.67 -2.58
CA ASP N 51 51.76 6.04 -1.42
C ASP N 51 49.21 5.58 -1.22
C ASP N 51 50.47 5.76 -0.65
N GLN N 52 49.64 4.64 -0.38
N GLN N 52 50.46 4.79 0.27
CA GLN N 52 48.95 4.41 0.89
CA GLN N 52 49.31 4.63 1.15
C GLN N 52 48.95 5.67 1.76
C GLN N 52 49.04 5.91 1.92
N ILE N 53 50.12 6.26 1.96
N ILE N 53 50.11 6.57 2.39
CA ILE N 53 50.17 7.51 2.71
CA ILE N 53 49.95 7.86 3.06
C ILE N 53 49.57 8.66 1.90
C ILE N 53 49.28 8.87 2.12
N TYR N 54 49.79 8.65 0.58
N TYR N 54 49.67 8.87 0.85
CA TYR N 54 49.23 9.71 -0.25
CA TYR N 54 49.06 9.78 -0.11
C TYR N 54 47.70 9.65 -0.28
C TYR N 54 47.57 9.53 -0.25
N ASN N 55 47.14 8.46 -0.43
N ASN N 55 47.19 8.25 -0.42
CA ASN N 55 45.69 8.35 -0.52
CA ASN N 55 45.76 7.92 -0.48
C ASN N 55 45.01 8.35 0.83
C ASN N 55 45.04 8.29 0.81
N VAL N 56 45.75 8.24 1.93
CA VAL N 56 45.16 8.63 3.21
C VAL N 56 44.99 10.14 3.26
N VAL N 57 45.94 10.88 2.68
CA VAL N 57 45.81 12.33 2.59
C VAL N 57 44.62 12.70 1.71
N VAL N 58 44.53 12.05 0.54
CA VAL N 58 43.45 12.34 -0.39
C VAL N 58 42.10 11.99 0.23
N THR N 59 42.01 10.85 0.89
CA THR N 59 40.75 10.43 1.49
C THR N 59 40.31 11.40 2.57
N ALA N 60 41.24 11.79 3.45
CA ALA N 60 40.91 12.70 4.52
C ALA N 60 40.62 14.11 3.99
N HIS N 61 41.31 14.53 2.93
CA HIS N 61 41.02 15.84 2.33
C HIS N 61 39.57 15.96 1.93
N ALA N 62 39.00 14.90 1.33
CA ALA N 62 37.60 14.92 0.93
C ALA N 62 36.68 14.92 2.14
N PHE N 63 36.95 14.04 3.11
CA PHE N 63 36.07 13.93 4.28
C PHE N 63 36.03 15.23 5.07
N VAL N 64 37.20 15.84 5.30
CA VAL N 64 37.25 17.08 6.09
C VAL N 64 36.51 18.20 5.39
N MET N 65 36.77 18.38 4.09
CA MET N 65 36.17 19.49 3.36
C MET N 65 34.65 19.34 3.26
N ILE N 66 34.16 18.11 3.07
CA ILE N 66 32.73 17.90 2.85
C ILE N 66 31.97 17.90 4.16
N PHE N 67 32.31 16.97 5.06
CA PHE N 67 31.50 16.74 6.25
C PHE N 67 31.82 17.70 7.39
N PHE N 68 33.03 18.26 7.42
CA PHE N 68 33.46 19.08 8.55
C PHE N 68 33.67 20.55 8.22
N MET N 69 33.75 20.91 6.94
CA MET N 69 33.90 22.31 6.55
C MET N 69 32.62 22.83 5.91
N VAL N 70 32.23 22.31 4.75
CA VAL N 70 31.11 22.88 4.00
C VAL N 70 29.81 22.70 4.77
N MET N 71 29.49 21.47 5.15
CA MET N 71 28.20 21.20 5.79
C MET N 71 28.02 21.90 7.12
N PRO N 72 28.99 21.88 8.05
CA PRO N 72 28.79 22.63 9.30
C PRO N 72 28.66 24.12 9.09
N ILE N 73 29.40 24.70 8.14
CA ILE N 73 29.34 26.13 7.91
C ILE N 73 28.01 26.52 7.29
N MET N 74 27.61 25.84 6.21
CA MET N 74 26.41 26.21 5.48
C MET N 74 25.15 25.91 6.30
N ILE N 75 25.05 24.68 6.80
CA ILE N 75 23.81 24.20 7.42
C ILE N 75 23.80 24.54 8.90
N GLY N 76 24.84 24.08 9.61
CA GLY N 76 24.91 24.35 11.04
C GLY N 76 25.22 25.79 11.36
N GLY N 77 26.03 26.46 10.53
CA GLY N 77 26.44 27.81 10.82
C GLY N 77 25.47 28.86 10.33
N PHE N 78 25.47 29.12 9.02
CA PHE N 78 24.53 30.08 8.45
C PHE N 78 23.09 29.68 8.70
N GLY N 79 22.80 28.38 8.63
CA GLY N 79 21.44 27.91 8.86
C GLY N 79 20.91 28.28 10.23
N ASN N 80 21.67 27.93 11.28
CA ASN N 80 21.19 28.19 12.63
C ASN N 80 21.12 29.70 12.93
N TRP N 81 22.06 30.47 12.37
CA TRP N 81 22.05 31.91 12.58
C TRP N 81 20.87 32.56 11.87
N LEU N 82 20.68 32.24 10.59
CA LEU N 82 19.80 33.04 9.74
C LEU N 82 18.36 32.54 9.69
N VAL N 83 18.14 31.21 9.70
CA VAL N 83 16.80 30.68 9.48
C VAL N 83 15.79 31.18 10.52
N PRO N 84 16.05 31.08 11.83
CA PRO N 84 15.08 31.65 12.79
C PRO N 84 14.88 33.14 12.63
N LEU N 85 15.96 33.89 12.35
CA LEU N 85 15.84 35.33 12.17
C LEU N 85 14.99 35.67 10.95
N MET N 86 15.13 34.89 9.87
CA MET N 86 14.44 35.21 8.62
C MET N 86 12.95 34.89 8.67
N ILE N 87 12.49 34.13 9.65
CA ILE N 87 11.08 33.82 9.81
C ILE N 87 10.52 34.38 11.11
N GLY N 88 11.29 35.17 11.84
CA GLY N 88 10.78 35.80 13.04
C GLY N 88 10.54 34.85 14.18
N ALA N 89 11.27 33.72 14.21
CA ALA N 89 11.08 32.70 15.23
C ALA N 89 12.01 32.94 16.41
N PRO N 90 11.58 32.57 17.63
CA PRO N 90 12.44 32.81 18.80
C PRO N 90 13.64 31.90 18.86
N ASP N 91 13.61 30.75 18.19
CA ASP N 91 14.72 29.80 18.14
C ASP N 91 14.35 28.63 17.26
N MET N 92 15.16 27.57 17.28
CA MET N 92 14.80 26.35 16.57
C MET N 92 13.70 25.61 17.32
N ALA N 93 13.08 24.66 16.61
CA ALA N 93 12.00 23.88 17.22
C ALA N 93 12.53 23.00 18.35
N PHE N 94 13.74 22.46 18.20
CA PHE N 94 14.34 21.55 19.16
C PHE N 94 15.69 22.13 19.56
N PRO N 95 15.69 23.18 20.41
CA PRO N 95 16.95 23.90 20.66
C PRO N 95 17.98 23.08 21.42
N ARG N 96 17.55 22.11 22.23
CA ARG N 96 18.50 21.28 22.96
C ARG N 96 19.04 20.16 22.08
N MET N 97 18.18 19.53 21.28
CA MET N 97 18.68 18.59 20.28
C MET N 97 19.59 19.28 19.28
N ASN N 98 19.33 20.55 18.97
CA ASN N 98 20.22 21.32 18.11
C ASN N 98 21.64 21.34 18.63
N ASN N 99 21.80 21.42 19.96
CA ASN N 99 23.14 21.47 20.54
C ASN N 99 23.88 20.15 20.39
N MET N 100 23.15 19.03 20.41
CA MET N 100 23.82 17.74 20.23
C MET N 100 24.27 17.54 18.80
N SER N 101 23.53 18.08 17.83
CA SER N 101 23.97 18.05 16.44
C SER N 101 25.38 18.64 16.28
N PHE N 102 25.65 19.76 16.94
CA PHE N 102 26.99 20.33 16.90
C PHE N 102 27.98 19.43 17.62
N TRP N 103 27.72 19.13 18.90
CA TRP N 103 28.71 18.45 19.71
C TRP N 103 28.97 17.02 19.28
N LEU N 104 28.19 16.47 18.34
CA LEU N 104 28.54 15.19 17.74
C LEU N 104 29.70 15.32 16.77
N LEU N 105 30.01 16.53 16.28
CA LEU N 105 31.00 16.72 15.23
C LEU N 105 32.44 16.66 15.74
N PRO N 106 32.80 17.28 16.87
CA PRO N 106 34.17 17.13 17.38
C PRO N 106 34.56 15.68 17.60
N PRO N 107 33.70 14.85 18.24
CA PRO N 107 34.05 13.42 18.31
C PRO N 107 34.13 12.76 16.95
N SER N 108 33.22 13.10 16.03
CA SER N 108 33.32 12.61 14.66
C SER N 108 34.65 13.01 14.03
N PHE N 109 35.07 14.26 14.23
CA PHE N 109 36.36 14.70 13.71
C PHE N 109 37.50 13.93 14.37
N LEU N 110 37.41 13.71 15.69
CA LEU N 110 38.42 12.95 16.41
C LEU N 110 38.53 11.53 15.88
N LEU N 111 37.41 10.90 15.56
CA LEU N 111 37.44 9.55 15.01
C LEU N 111 38.16 9.51 13.66
N LEU N 112 37.95 10.54 12.84
CA LEU N 112 38.68 10.62 11.58
C LEU N 112 40.18 10.76 11.84
N LEU N 113 40.55 11.60 12.82
CA LEU N 113 41.94 11.74 13.20
C LEU N 113 42.52 10.41 13.65
N ALA N 114 41.78 9.69 14.51
CA ALA N 114 42.26 8.40 15.00
C ALA N 114 42.45 7.39 13.86
N SER N 115 41.66 7.51 12.80
N SER N 115 41.65 7.51 12.80
CA SER N 115 41.79 6.58 11.68
CA SER N 115 41.78 6.60 11.68
C SER N 115 43.12 6.75 10.96
C SER N 115 43.12 6.75 10.96
N SER N 116 43.66 7.96 10.94
CA SER N 116 44.91 8.22 10.23
C SER N 116 46.14 8.04 11.12
N MET N 117 45.92 8.06 12.44
N MET N 117 45.91 8.03 12.44
CA MET N 117 47.03 7.84 13.36
CA MET N 117 46.99 7.87 13.40
C MET N 117 47.36 6.37 13.50
C MET N 117 47.32 6.41 13.70
N VAL N 118 46.34 5.51 13.58
CA VAL N 118 46.55 4.09 13.84
C VAL N 118 46.85 3.37 12.53
N GLU N 119 47.62 2.29 12.63
CA GLU N 119 47.99 1.46 11.51
C GLU N 119 48.55 2.32 10.38
N ALA N 120 48.10 2.08 9.14
CA ALA N 120 48.56 2.87 8.02
C ALA N 120 47.50 3.81 7.46
N GLY N 121 46.49 4.14 8.26
CA GLY N 121 45.41 4.99 7.82
C GLY N 121 44.50 4.32 6.82
N ALA N 122 43.44 5.03 6.45
CA ALA N 122 42.45 4.53 5.51
C ALA N 122 42.73 5.20 4.16
N GLY N 123 43.52 4.52 3.33
CA GLY N 123 43.82 5.00 2.01
C GLY N 123 42.93 4.39 0.95
N THR N 124 41.65 4.75 0.99
CA THR N 124 40.62 4.10 0.19
C THR N 124 39.89 5.03 -0.77
N GLY N 125 40.09 6.35 -0.65
CA GLY N 125 39.21 7.30 -1.30
C GLY N 125 37.99 7.53 -0.44
N TRP N 126 37.36 8.71 -0.56
CA TRP N 126 36.21 9.01 0.28
C TRP N 126 34.99 8.16 -0.05
N THR N 127 35.06 7.35 -1.12
CA THR N 127 33.97 6.43 -1.44
C THR N 127 34.06 5.13 -0.66
N VAL N 128 35.25 4.77 -0.17
CA VAL N 128 35.47 3.62 0.69
C VAL N 128 34.94 2.35 0.03
N TYR N 129 35.27 2.16 -1.25
CA TYR N 129 34.84 0.97 -1.96
C TYR N 129 35.47 -0.28 -1.35
N PRO N 130 34.71 -1.34 -1.13
CA PRO N 130 35.31 -2.66 -0.96
C PRO N 130 35.70 -3.25 -2.31
N PRO N 131 36.57 -4.27 -2.34
CA PRO N 131 37.25 -4.94 -1.24
C PRO N 131 38.48 -4.22 -0.69
N LEU N 132 38.92 -3.14 -1.36
CA LEU N 132 40.06 -2.38 -0.86
C LEU N 132 39.83 -1.93 0.58
N ALA N 133 38.60 -1.51 0.90
CA ALA N 133 38.24 -1.12 2.25
C ALA N 133 37.91 -2.32 3.15
N GLY N 134 37.99 -3.54 2.63
CA GLY N 134 37.69 -4.72 3.42
C GLY N 134 38.77 -5.03 4.42
N ASN N 135 38.54 -6.09 5.18
CA ASN N 135 39.43 -6.45 6.28
C ASN N 135 40.67 -7.22 5.84
N LEU N 136 40.83 -7.48 4.54
CA LEU N 136 42.03 -8.10 4.01
C LEU N 136 42.97 -7.11 3.35
N ALA N 137 42.44 -6.21 2.52
CA ALA N 137 43.26 -5.17 1.91
C ALA N 137 43.45 -3.97 2.81
N HIS N 138 42.62 -3.82 3.83
CA HIS N 138 42.77 -2.75 4.82
C HIS N 138 42.49 -3.31 6.22
N ALA N 139 43.29 -4.30 6.62
CA ALA N 139 43.18 -4.84 7.96
C ALA N 139 43.52 -3.78 9.00
N GLY N 140 42.88 -3.88 10.14
CA GLY N 140 43.09 -2.95 11.24
C GLY N 140 41.91 -2.02 11.43
N ALA N 141 42.10 -1.08 12.36
CA ALA N 141 41.02 -0.24 12.85
C ALA N 141 40.74 0.99 11.99
N SER N 142 41.63 1.32 11.05
CA SER N 142 41.54 2.60 10.35
C SER N 142 40.21 2.78 9.65
N VAL N 143 39.81 1.80 8.83
CA VAL N 143 38.57 1.93 8.07
C VAL N 143 37.37 1.93 9.01
N ASP N 144 37.43 1.15 10.09
CA ASP N 144 36.32 1.10 11.03
C ASP N 144 36.16 2.44 11.75
N LEU N 145 37.26 3.10 12.08
CA LEU N 145 37.17 4.43 12.68
C LEU N 145 36.59 5.44 11.69
N THR N 146 36.92 5.28 10.40
CA THR N 146 36.32 6.12 9.38
C THR N 146 34.81 5.90 9.32
N ILE N 147 34.37 4.64 9.36
CA ILE N 147 32.95 4.33 9.33
C ILE N 147 32.23 4.97 10.51
N PHE N 148 32.82 4.84 11.71
CA PHE N 148 32.19 5.40 12.90
C PHE N 148 32.17 6.92 12.84
N SER N 149 33.23 7.54 12.30
CA SER N 149 33.22 8.98 12.06
C SER N 149 32.02 9.38 11.19
N LEU N 150 31.79 8.64 10.10
CA LEU N 150 30.65 8.93 9.25
C LEU N 150 29.33 8.70 9.98
N HIS N 151 29.29 7.70 10.86
CA HIS N 151 28.08 7.45 11.64
C HIS N 151 27.71 8.65 12.49
N LEU N 152 28.68 9.23 13.21
CA LEU N 152 28.37 10.35 14.08
C LEU N 152 27.99 11.59 13.27
N ALA N 153 28.69 11.84 12.16
CA ALA N 153 28.31 12.94 11.29
C ALA N 153 26.94 12.71 10.66
N GLY N 154 26.62 11.46 10.33
CA GLY N 154 25.30 11.15 9.82
C GLY N 154 24.20 11.45 10.81
N VAL N 155 24.37 10.98 12.05
CA VAL N 155 23.36 11.24 13.08
C VAL N 155 23.21 12.73 13.33
N SER N 156 24.33 13.45 13.36
CA SER N 156 24.29 14.90 13.57
C SER N 156 23.43 15.59 12.52
N SER N 157 23.66 15.26 11.25
CA SER N 157 22.92 15.94 10.18
C SER N 157 21.47 15.47 10.10
N ILE N 158 21.21 14.20 10.40
CA ILE N 158 19.83 13.70 10.37
C ILE N 158 18.99 14.42 11.42
N LEU N 159 19.51 14.56 12.64
CA LEU N 159 18.80 15.29 13.67
C LEU N 159 18.70 16.77 13.32
N GLY N 160 19.76 17.33 12.73
CA GLY N 160 19.69 18.71 12.26
C GLY N 160 18.66 18.90 11.16
N ALA N 161 18.54 17.91 10.28
CA ALA N 161 17.51 17.97 9.24
C ALA N 161 16.12 17.95 9.85
N ILE N 162 15.90 17.07 10.84
CA ILE N 162 14.61 17.04 11.53
C ILE N 162 14.32 18.39 12.18
N ASN N 163 15.35 19.02 12.74
CA ASN N 163 15.18 20.30 13.42
C ASN N 163 14.81 21.41 12.44
N PHE N 164 15.52 21.49 11.31
CA PHE N 164 15.26 22.56 10.35
C PHE N 164 13.91 22.40 9.69
N ILE N 165 13.56 21.19 9.26
CA ILE N 165 12.27 20.96 8.61
C ILE N 165 11.13 21.33 9.56
N THR N 166 11.22 20.89 10.82
CA THR N 166 10.19 21.22 11.79
C THR N 166 10.12 22.72 12.04
N THR N 167 11.28 23.36 12.22
CA THR N 167 11.30 24.79 12.48
C THR N 167 10.70 25.59 11.32
N ILE N 168 11.08 25.24 10.09
CA ILE N 168 10.64 26.02 8.93
C ILE N 168 9.16 25.80 8.65
N ILE N 169 8.66 24.60 8.89
CA ILE N 169 7.26 24.31 8.62
C ILE N 169 6.35 24.87 9.71
N ASN N 170 6.77 24.78 10.98
CA ASN N 170 5.88 25.00 12.10
C ASN N 170 5.99 26.37 12.75
N MET N 171 7.14 27.05 12.61
CA MET N 171 7.44 28.21 13.42
C MET N 171 7.49 29.51 12.62
N LYS N 172 6.75 29.58 11.52
CA LYS N 172 6.61 30.83 10.80
C LYS N 172 5.49 31.65 11.43
N PRO N 173 5.45 32.96 11.15
CA PRO N 173 4.28 33.75 11.55
C PRO N 173 3.02 33.16 10.96
N PRO N 174 1.91 33.15 11.71
CA PRO N 174 0.72 32.44 11.24
C PRO N 174 0.19 32.96 9.90
N ALA N 175 0.44 34.21 9.56
CA ALA N 175 0.01 34.74 8.27
C ALA N 175 0.98 34.41 7.14
N MET N 176 2.21 34.02 7.47
CA MET N 176 3.22 33.78 6.44
C MET N 176 3.08 32.36 5.91
N SER N 177 2.78 32.23 4.62
CA SER N 177 2.77 30.93 3.98
C SER N 177 4.20 30.54 3.57
N GLN N 178 4.35 29.29 3.15
CA GLN N 178 5.65 28.83 2.68
C GLN N 178 6.13 29.61 1.46
N TYR N 179 5.21 30.21 0.70
CA TYR N 179 5.56 31.01 -0.47
C TYR N 179 5.80 32.48 -0.12
N GLN N 180 5.98 32.78 1.17
CA GLN N 180 6.41 34.10 1.63
C GLN N 180 7.67 34.03 2.47
N THR N 181 8.42 32.94 2.36
CA THR N 181 9.67 32.76 3.06
C THR N 181 10.85 33.02 2.14
N PRO N 182 11.94 33.57 2.67
CA PRO N 182 13.10 33.88 1.83
C PRO N 182 13.69 32.62 1.20
N LEU N 183 14.37 32.83 0.07
CA LEU N 183 14.89 31.70 -0.69
C LEU N 183 15.91 30.88 0.10
N PHE N 184 16.69 31.53 0.97
CA PHE N 184 17.65 30.77 1.77
C PHE N 184 16.94 29.80 2.71
N VAL N 185 15.81 30.22 3.28
CA VAL N 185 15.01 29.32 4.10
C VAL N 185 14.51 28.14 3.26
N TRP N 186 14.07 28.42 2.04
CA TRP N 186 13.69 27.34 1.12
C TRP N 186 14.86 26.39 0.88
N SER N 187 16.07 26.95 0.65
CA SER N 187 17.22 26.12 0.32
C SER N 187 17.63 25.23 1.49
N VAL N 188 17.45 25.70 2.73
CA VAL N 188 17.82 24.90 3.89
C VAL N 188 16.83 23.76 4.10
N MET N 189 15.53 24.04 3.93
CA MET N 189 14.52 23.00 4.10
C MET N 189 14.71 21.88 3.08
N ILE N 190 14.89 22.25 1.81
CA ILE N 190 15.10 21.25 0.76
C ILE N 190 16.36 20.46 1.04
N THR N 191 17.45 21.15 1.40
CA THR N 191 18.67 20.47 1.82
C THR N 191 18.39 19.48 2.94
N ALA N 192 17.61 19.90 3.94
CA ALA N 192 17.31 19.03 5.08
C ALA N 192 16.50 17.81 4.65
N VAL N 193 15.63 17.96 3.64
CA VAL N 193 14.88 16.82 3.14
C VAL N 193 15.81 15.82 2.46
N LEU N 194 16.77 16.32 1.69
CA LEU N 194 17.75 15.43 1.06
C LEU N 194 18.57 14.69 2.11
N LEU N 195 18.95 15.38 3.18
CA LEU N 195 19.69 14.75 4.27
C LEU N 195 18.86 13.66 4.93
N LEU N 196 17.59 13.95 5.21
CA LEU N 196 16.72 13.00 5.88
C LEU N 196 16.61 11.68 5.10
N LEU N 197 16.58 11.75 3.77
CA LEU N 197 16.34 10.58 2.95
C LEU N 197 17.62 9.87 2.52
N SER N 198 18.73 10.58 2.36
CA SER N 198 19.93 9.99 1.78
C SER N 198 20.88 9.42 2.82
N LEU N 199 21.10 10.13 3.92
CA LEU N 199 22.03 9.64 4.95
C LEU N 199 21.64 8.28 5.52
N PRO N 200 20.37 7.96 5.79
CA PRO N 200 20.06 6.61 6.27
C PRO N 200 20.49 5.51 5.31
N VAL N 201 20.47 5.76 4.01
CA VAL N 201 20.94 4.76 3.06
C VAL N 201 22.45 4.60 3.15
N LEU N 202 23.16 5.72 3.32
CA LEU N 202 24.60 5.65 3.56
C LEU N 202 24.89 4.89 4.86
N ALA N 203 24.15 5.21 5.92
CA ALA N 203 24.35 4.54 7.21
C ALA N 203 24.18 3.03 7.07
N ALA N 204 23.18 2.60 6.30
CA ALA N 204 23.00 1.17 6.05
C ALA N 204 24.18 0.60 5.27
N GLY N 205 24.61 1.30 4.22
CA GLY N 205 25.74 0.83 3.42
C GLY N 205 27.00 0.62 4.24
N ILE N 206 27.41 1.65 5.00
CA ILE N 206 28.66 1.55 5.74
C ILE N 206 28.52 0.64 6.96
N THR N 207 27.30 0.42 7.44
CA THR N 207 27.10 -0.58 8.49
C THR N 207 27.31 -1.98 7.93
N MET N 208 26.89 -2.21 6.67
CA MET N 208 27.13 -3.50 6.04
C MET N 208 28.61 -3.71 5.76
N LEU N 209 29.34 -2.65 5.45
CA LEU N 209 30.79 -2.74 5.34
C LEU N 209 31.42 -3.05 6.69
N LEU N 210 30.88 -2.45 7.76
CA LEU N 210 31.38 -2.73 9.11
C LEU N 210 31.21 -4.21 9.46
N THR N 211 30.03 -4.77 9.18
CA THR N 211 29.79 -6.18 9.50
C THR N 211 30.60 -7.10 8.60
N ASP N 212 30.80 -6.74 7.34
CA ASP N 212 31.68 -7.52 6.48
C ASP N 212 33.10 -7.55 7.02
N ARG N 213 33.53 -6.45 7.66
CA ARG N 213 34.90 -6.37 8.17
C ARG N 213 35.06 -7.04 9.53
N ASN N 214 33.99 -7.15 10.31
CA ASN N 214 34.12 -7.55 11.70
C ASN N 214 33.17 -8.65 12.16
N LEU N 215 32.09 -8.93 11.42
CA LEU N 215 31.13 -9.94 11.84
C LEU N 215 30.96 -11.06 10.81
N ASN N 216 31.84 -11.12 9.81
CA ASN N 216 31.89 -12.20 8.81
C ASN N 216 30.63 -12.24 7.95
N THR N 217 29.92 -11.12 7.81
CA THR N 217 28.93 -11.03 6.75
C THR N 217 29.64 -10.89 5.39
N THR N 218 28.87 -11.06 4.32
CA THR N 218 29.43 -11.03 2.97
C THR N 218 28.50 -10.28 2.03
N PHE N 219 28.01 -9.11 2.48
CA PHE N 219 27.19 -8.27 1.61
C PHE N 219 27.93 -7.92 0.33
N PHE N 220 29.24 -7.67 0.44
CA PHE N 220 30.05 -7.17 -0.67
C PHE N 220 31.14 -8.14 -1.06
N ASP N 221 31.10 -9.37 -0.57
CA ASP N 221 32.14 -10.37 -0.78
C ASP N 221 31.62 -11.44 -1.71
N PRO N 222 32.13 -11.55 -2.94
CA PRO N 222 31.63 -12.59 -3.86
C PRO N 222 31.71 -14.00 -3.30
N ALA N 223 32.69 -14.29 -2.45
CA ALA N 223 32.85 -15.65 -1.92
C ALA N 223 31.61 -16.10 -1.16
N GLY N 224 30.89 -15.17 -0.54
CA GLY N 224 29.66 -15.47 0.16
C GLY N 224 28.40 -15.18 -0.62
N GLY N 225 28.51 -14.87 -1.91
CA GLY N 225 27.38 -14.46 -2.72
C GLY N 225 27.14 -12.96 -2.77
N GLY N 226 28.04 -12.16 -2.20
CA GLY N 226 27.89 -10.73 -2.20
C GLY N 226 28.37 -10.09 -3.49
N ASP N 227 28.35 -8.76 -3.50
CA ASP N 227 28.67 -7.99 -4.68
C ASP N 227 29.26 -6.65 -4.28
N PRO N 228 30.52 -6.37 -4.63
CA PRO N 228 31.09 -5.05 -4.35
C PRO N 228 30.33 -3.92 -5.02
N ILE N 229 29.66 -4.19 -6.14
CA ILE N 229 28.89 -3.18 -6.85
C ILE N 229 27.69 -2.74 -6.01
N LEU N 230 27.14 -3.65 -5.19
CA LEU N 230 26.02 -3.29 -4.33
C LEU N 230 26.38 -2.12 -3.42
N TYR N 231 27.59 -2.12 -2.86
CA TYR N 231 28.02 -0.99 -2.04
C TYR N 231 28.02 0.31 -2.84
N GLN N 232 28.49 0.26 -4.08
CA GLN N 232 28.55 1.47 -4.89
C GLN N 232 27.16 2.06 -5.11
N HIS N 233 26.16 1.20 -5.38
CA HIS N 233 24.79 1.67 -5.46
C HIS N 233 24.34 2.34 -4.16
N LEU N 234 24.60 1.68 -3.03
CA LEU N 234 24.16 2.23 -1.75
C LEU N 234 24.88 3.53 -1.42
N PHE N 235 26.18 3.60 -1.68
CA PHE N 235 26.92 4.83 -1.41
C PHE N 235 26.42 5.98 -2.30
N TRP N 236 26.34 5.75 -3.61
CA TRP N 236 26.02 6.83 -4.52
C TRP N 236 24.55 7.21 -4.49
N PHE N 237 23.67 6.32 -4.04
CA PHE N 237 22.29 6.75 -3.78
C PHE N 237 22.27 7.87 -2.75
N PHE N 238 23.17 7.82 -1.77
CA PHE N 238 23.43 8.97 -0.93
C PHE N 238 24.37 9.96 -1.61
N GLY N 239 25.29 9.47 -2.44
CA GLY N 239 26.43 10.26 -2.84
C GLY N 239 26.07 11.47 -3.68
N HIS N 240 25.16 11.31 -4.64
CA HIS N 240 24.77 12.49 -5.42
C HIS N 240 23.86 13.43 -4.65
N PRO N 241 22.79 12.98 -3.98
CA PRO N 241 22.06 13.92 -3.11
C PRO N 241 22.97 14.71 -2.20
N GLU N 242 24.10 14.13 -1.79
CA GLU N 242 25.06 14.84 -0.95
C GLU N 242 25.65 16.05 -1.67
N VAL N 243 25.99 15.91 -2.95
CA VAL N 243 26.63 17.03 -3.64
C VAL N 243 25.63 18.15 -3.85
N TYR N 244 24.35 17.82 -3.99
CA TYR N 244 23.32 18.85 -4.05
C TYR N 244 23.00 19.39 -2.66
N ILE N 245 23.15 18.56 -1.62
CA ILE N 245 23.14 19.07 -0.26
C ILE N 245 24.22 20.11 -0.07
N LEU N 246 25.37 19.91 -0.71
CA LEU N 246 26.50 20.81 -0.54
C LEU N 246 26.29 22.16 -1.24
N ILE N 247 25.51 22.18 -2.32
CA ILE N 247 25.40 23.39 -3.14
C ILE N 247 24.12 24.16 -2.87
N LEU N 248 23.06 23.46 -2.44
CA LEU N 248 21.76 24.11 -2.28
C LEU N 248 21.78 25.28 -1.30
N PRO N 249 22.34 25.16 -0.08
CA PRO N 249 22.45 26.36 0.76
C PRO N 249 23.29 27.46 0.12
N GLY N 250 24.28 27.08 -0.68
CA GLY N 250 24.98 28.08 -1.48
C GLY N 250 24.06 28.81 -2.42
N PHE N 251 23.21 28.06 -3.13
CA PHE N 251 22.20 28.68 -4.00
C PHE N 251 21.37 29.70 -3.24
N GLY N 252 20.99 29.38 -2.00
CA GLY N 252 20.14 30.28 -1.24
C GLY N 252 20.86 31.55 -0.81
N MET N 253 22.13 31.42 -0.41
CA MET N 253 22.89 32.61 -0.04
C MET N 253 23.19 33.47 -1.26
N ILE N 254 23.52 32.86 -2.39
CA ILE N 254 23.76 33.62 -3.62
C ILE N 254 22.53 34.45 -3.98
N SER N 255 21.34 33.85 -3.89
CA SER N 255 20.10 34.58 -4.16
C SER N 255 20.00 35.82 -3.28
N HIS N 256 20.28 35.69 -1.98
CA HIS N 256 20.19 36.83 -1.08
C HIS N 256 21.28 37.86 -1.38
N ILE N 257 22.50 37.40 -1.68
CA ILE N 257 23.60 38.33 -1.92
C ILE N 257 23.40 39.09 -3.22
N VAL N 258 23.02 38.39 -4.29
CA VAL N 258 22.80 39.05 -5.58
C VAL N 258 21.64 40.03 -5.46
N THR N 259 20.57 39.65 -4.76
CA THR N 259 19.45 40.55 -4.57
C THR N 259 19.85 41.79 -3.78
N TYR N 260 20.60 41.60 -2.69
CA TYR N 260 20.93 42.71 -1.82
C TYR N 260 21.81 43.73 -2.52
N TYR N 261 22.90 43.28 -3.13
CA TYR N 261 23.87 44.20 -3.70
C TYR N 261 23.52 44.65 -5.11
N SER N 262 22.40 44.17 -5.66
CA SER N 262 21.81 44.79 -6.84
C SER N 262 20.83 45.90 -6.47
N GLY N 263 20.67 46.18 -5.18
CA GLY N 263 19.72 47.19 -4.75
C GLY N 263 18.28 46.80 -4.93
N LYS N 264 17.99 45.50 -5.01
CA LYS N 264 16.65 45.01 -5.27
C LYS N 264 15.96 44.64 -3.96
N LYS N 265 14.63 44.68 -4.00
CA LYS N 265 13.81 44.27 -2.87
C LYS N 265 13.44 42.79 -2.90
N GLU N 266 13.72 42.10 -4.01
CA GLU N 266 13.31 40.72 -4.19
C GLU N 266 14.13 40.10 -5.30
N PRO N 267 14.35 38.79 -5.27
CA PRO N 267 14.99 38.13 -6.41
C PRO N 267 14.04 37.98 -7.58
N PHE N 268 14.61 37.91 -8.76
CA PHE N 268 13.81 37.68 -9.96
C PHE N 268 13.22 36.27 -9.94
N GLY N 269 11.93 36.18 -10.26
CA GLY N 269 11.27 34.90 -10.41
C GLY N 269 11.30 34.03 -9.16
N TYR N 270 10.79 34.57 -8.05
CA TYR N 270 10.79 33.85 -6.77
C TYR N 270 10.25 32.43 -6.92
N MET N 271 9.04 32.29 -7.46
CA MET N 271 8.44 30.95 -7.56
C MET N 271 9.24 30.05 -8.49
N GLY N 272 9.82 30.60 -9.55
CA GLY N 272 10.71 29.81 -10.38
C GLY N 272 11.96 29.37 -9.63
N MET N 273 12.45 30.20 -8.73
CA MET N 273 13.60 29.82 -7.91
C MET N 273 13.24 28.69 -6.96
N VAL N 274 12.04 28.75 -6.38
CA VAL N 274 11.56 27.65 -5.53
C VAL N 274 11.42 26.39 -6.36
N TRP N 275 10.72 26.48 -7.50
CA TRP N 275 10.50 25.32 -8.37
C TRP N 275 11.81 24.66 -8.75
N ALA N 276 12.84 25.45 -9.08
CA ALA N 276 14.09 24.87 -9.53
C ALA N 276 14.79 24.11 -8.42
N MET N 277 14.79 24.65 -7.20
CA MET N 277 15.42 23.96 -6.08
C MET N 277 14.70 22.66 -5.74
N MET N 278 13.37 22.64 -5.86
N MET N 278 13.37 22.66 -5.83
CA MET N 278 12.64 21.40 -5.60
CA MET N 278 12.63 21.41 -5.62
C MET N 278 12.87 20.39 -6.73
C MET N 278 12.96 20.40 -6.71
N SER N 279 12.99 20.87 -7.96
CA SER N 279 13.27 19.96 -9.08
C SER N 279 14.69 19.42 -8.99
N ILE N 280 15.65 20.27 -8.64
CA ILE N 280 17.03 19.82 -8.49
C ILE N 280 17.14 18.75 -7.41
N GLY N 281 16.45 18.96 -6.29
CA GLY N 281 16.49 17.99 -5.21
C GLY N 281 15.85 16.67 -5.59
N PHE N 282 14.72 16.73 -6.30
CA PHE N 282 14.04 15.50 -6.71
C PHE N 282 14.85 14.73 -7.73
N LEU N 283 15.31 15.42 -8.78
CA LEU N 283 16.12 14.76 -9.80
C LEU N 283 17.41 14.19 -9.23
N GLY N 284 17.93 14.80 -8.16
CA GLY N 284 19.17 14.33 -7.55
C GLY N 284 19.10 12.96 -6.93
N PHE N 285 17.90 12.36 -6.84
CA PHE N 285 17.75 11.04 -6.25
C PHE N 285 17.67 9.92 -7.29
N ILE N 286 17.58 10.26 -8.57
CA ILE N 286 17.35 9.26 -9.61
C ILE N 286 18.49 9.25 -10.64
N VAL N 287 19.68 9.71 -10.28
CA VAL N 287 20.76 9.85 -11.24
C VAL N 287 22.06 9.24 -10.73
N TRP N 288 21.99 8.55 -9.58
CA TRP N 288 23.20 8.19 -8.85
C TRP N 288 24.17 7.35 -9.68
N ALA N 289 23.64 6.53 -10.61
CA ALA N 289 24.50 5.58 -11.30
C ALA N 289 25.38 6.22 -12.36
N HIS N 290 25.36 7.55 -12.52
CA HIS N 290 26.34 8.17 -13.41
C HIS N 290 27.73 8.19 -12.81
N HIS N 291 27.89 7.73 -11.58
CA HIS N 291 29.19 7.49 -10.96
C HIS N 291 29.68 6.08 -11.22
N MET N 292 28.96 5.30 -12.03
CA MET N 292 29.25 3.88 -12.20
C MET N 292 29.21 3.46 -13.67
N PHE N 293 29.42 4.41 -14.59
CA PHE N 293 29.29 4.11 -16.02
C PHE N 293 30.29 3.08 -16.53
N THR N 294 31.33 2.75 -15.76
CA THR N 294 32.35 1.81 -16.19
C THR N 294 32.32 0.50 -15.41
N VAL N 295 31.29 0.28 -14.58
CA VAL N 295 31.25 -0.94 -13.77
C VAL N 295 30.64 -2.13 -14.50
N GLY N 296 30.07 -1.92 -15.68
CA GLY N 296 29.49 -3.03 -16.43
C GLY N 296 27.98 -3.15 -16.36
N MET N 297 27.29 -2.03 -16.42
N MET N 297 27.28 -2.03 -16.40
CA MET N 297 25.83 -2.02 -16.43
CA MET N 297 25.82 -2.04 -16.42
C MET N 297 25.30 -2.13 -17.85
C MET N 297 25.31 -2.22 -17.85
N ASP N 298 24.04 -2.55 -17.96
N ASP N 298 24.05 -2.60 -17.97
CA ASP N 298 23.42 -2.74 -19.26
CA ASP N 298 23.46 -2.77 -19.28
C ASP N 298 23.32 -1.41 -20.00
C ASP N 298 23.32 -1.43 -20.00
N VAL N 299 23.24 -1.50 -21.33
CA VAL N 299 23.25 -0.29 -22.15
C VAL N 299 22.00 0.56 -21.91
N ASP N 300 20.85 -0.07 -21.67
CA ASP N 300 19.64 0.71 -21.44
C ASP N 300 19.72 1.48 -20.13
N THR N 301 20.27 0.86 -19.08
CA THR N 301 20.49 1.58 -17.83
C THR N 301 21.42 2.76 -18.03
N ARG N 302 22.48 2.60 -18.84
N ARG N 302 22.49 2.58 -18.82
CA ARG N 302 23.38 3.71 -19.11
CA ARG N 302 23.39 3.69 -19.12
C ARG N 302 22.73 4.78 -19.97
C ARG N 302 22.67 4.79 -19.89
N ALA N 303 21.78 4.40 -20.82
CA ALA N 303 21.06 5.40 -21.61
C ALA N 303 20.13 6.22 -20.74
N TYR N 304 19.47 5.58 -19.77
CA TYR N 304 18.57 6.33 -18.89
C TYR N 304 19.34 7.31 -18.01
N PHE N 305 20.37 6.83 -17.32
CA PHE N 305 21.10 7.67 -16.38
C PHE N 305 21.82 8.81 -17.10
N THR N 306 22.24 8.59 -18.34
CA THR N 306 22.74 9.70 -19.15
C THR N 306 21.65 10.75 -19.36
N SER N 307 20.45 10.31 -19.74
CA SER N 307 19.38 11.24 -20.04
C SER N 307 18.86 11.92 -18.77
N ALA N 308 18.62 11.14 -17.72
CA ALA N 308 18.07 11.69 -16.49
C ALA N 308 19.04 12.65 -15.82
N THR N 309 20.34 12.42 -15.95
CA THR N 309 21.31 13.35 -15.38
C THR N 309 21.27 14.71 -16.07
N MET N 310 21.09 14.72 -17.39
CA MET N 310 21.21 15.98 -18.12
C MET N 310 20.04 16.93 -17.92
N ILE N 311 18.86 16.42 -17.52
N ILE N 311 18.85 16.41 -17.59
CA ILE N 311 17.70 17.29 -17.39
CA ILE N 311 17.66 17.26 -17.54
C ILE N 311 17.83 18.23 -16.19
C ILE N 311 17.72 18.25 -16.38
N ILE N 312 18.69 17.90 -15.22
N ILE N 312 18.52 17.96 -15.35
CA ILE N 312 18.91 18.80 -14.09
CA ILE N 312 18.64 18.89 -14.22
C ILE N 312 19.47 20.15 -14.55
C ILE N 312 19.33 20.19 -14.62
N ALA N 313 19.98 20.22 -15.79
CA ALA N 313 20.51 21.48 -16.28
C ALA N 313 19.41 22.51 -16.52
N ILE N 314 18.19 22.05 -16.75
CA ILE N 314 17.07 22.94 -17.05
C ILE N 314 16.69 23.73 -15.79
N PRO N 315 16.35 23.10 -14.65
CA PRO N 315 16.08 23.92 -13.45
C PRO N 315 17.28 24.71 -12.99
N THR N 316 18.49 24.15 -13.09
CA THR N 316 19.69 24.89 -12.70
C THR N 316 19.88 26.12 -13.58
N GLY N 317 19.61 25.99 -14.87
CA GLY N 317 19.71 27.14 -15.76
C GLY N 317 18.75 28.24 -15.40
N VAL N 318 17.53 27.87 -14.96
CA VAL N 318 16.56 28.86 -14.52
C VAL N 318 17.13 29.69 -13.37
N LYS N 319 17.83 29.05 -12.44
CA LYS N 319 18.43 29.77 -11.31
C LYS N 319 19.55 30.70 -11.79
N VAL N 320 20.39 30.21 -12.70
CA VAL N 320 21.50 31.03 -13.20
C VAL N 320 20.98 32.27 -13.90
N PHE N 321 20.01 32.08 -14.80
CA PHE N 321 19.46 33.21 -15.55
C PHE N 321 18.63 34.12 -14.66
N SER N 322 18.02 33.58 -13.61
CA SER N 322 17.27 34.43 -12.69
C SER N 322 18.21 35.30 -11.86
N TRP N 323 19.36 34.75 -11.47
CA TRP N 323 20.39 35.57 -10.82
C TRP N 323 20.83 36.70 -11.73
N LEU N 324 21.06 36.42 -13.01
CA LEU N 324 21.40 37.46 -13.97
C LEU N 324 20.27 38.47 -14.11
N ALA N 325 19.03 37.99 -14.16
CA ALA N 325 17.88 38.88 -14.24
C ALA N 325 17.69 39.69 -12.96
N THR N 326 18.24 39.22 -11.84
CA THR N 326 18.22 40.04 -10.62
C THR N 326 19.22 41.18 -10.72
N LEU N 327 20.37 40.91 -11.33
CA LEU N 327 21.34 41.97 -11.60
C LEU N 327 20.77 43.01 -12.56
N HIS N 328 19.93 42.57 -13.49
CA HIS N 328 19.43 43.43 -14.56
C HIS N 328 18.68 44.62 -13.98
N GLY N 329 19.17 45.83 -14.27
CA GLY N 329 18.53 47.04 -13.83
C GLY N 329 18.88 47.47 -12.43
N GLY N 330 19.80 46.79 -11.76
CA GLY N 330 20.10 47.10 -10.38
C GLY N 330 21.09 48.24 -10.23
N ASN N 331 21.00 48.92 -9.09
CA ASN N 331 22.02 49.85 -8.65
C ASN N 331 23.11 49.01 -7.99
N ILE N 332 24.09 48.60 -8.79
CA ILE N 332 25.05 47.59 -8.37
C ILE N 332 26.00 48.16 -7.35
N LYS N 333 26.06 47.53 -6.18
CA LYS N 333 27.06 47.84 -5.16
C LYS N 333 28.19 46.83 -5.28
N TRP N 334 29.38 47.31 -5.62
CA TRP N 334 30.53 46.43 -5.89
C TRP N 334 31.24 46.04 -4.58
N SER N 335 30.46 45.45 -3.68
CA SER N 335 30.98 44.99 -2.40
C SER N 335 31.81 43.74 -2.60
N PRO N 336 32.61 43.36 -1.60
CA PRO N 336 33.32 42.07 -1.71
C PRO N 336 32.39 40.88 -1.80
N ALA N 337 31.27 40.90 -1.08
CA ALA N 337 30.30 39.80 -1.18
C ALA N 337 29.75 39.67 -2.59
N MET N 338 29.47 40.80 -3.25
CA MET N 338 28.98 40.76 -4.62
C MET N 338 29.99 40.11 -5.55
N MET N 339 31.27 40.39 -5.34
CA MET N 339 32.31 39.80 -6.18
C MET N 339 32.34 38.28 -6.03
N TRP N 340 32.28 37.80 -4.78
CA TRP N 340 32.17 36.36 -4.55
C TRP N 340 30.96 35.77 -5.27
N ALA N 341 29.81 36.45 -5.21
CA ALA N 341 28.61 35.93 -5.83
C ALA N 341 28.71 35.93 -7.34
N LEU N 342 29.34 36.96 -7.91
CA LEU N 342 29.53 37.00 -9.36
C LEU N 342 30.53 35.95 -9.81
N GLY N 343 31.60 35.75 -9.02
CA GLY N 343 32.50 34.64 -9.30
C GLY N 343 31.82 33.30 -9.18
N PHE N 344 30.90 33.16 -8.23
CA PHE N 344 30.12 31.94 -8.11
C PHE N 344 29.36 31.65 -9.39
N ILE N 345 28.59 32.62 -9.87
CA ILE N 345 27.70 32.41 -11.01
C ILE N 345 28.48 31.89 -12.22
N PHE N 346 29.63 32.51 -12.50
CA PHE N 346 30.41 32.10 -13.65
C PHE N 346 31.10 30.76 -13.42
N LEU N 347 31.78 30.60 -12.29
CA LEU N 347 32.60 29.42 -12.07
C LEU N 347 31.73 28.18 -11.82
N PHE N 348 30.60 28.35 -11.12
CA PHE N 348 29.65 27.24 -10.99
C PHE N 348 29.13 26.81 -12.35
N THR N 349 28.85 27.78 -13.23
CA THR N 349 28.35 27.45 -14.56
C THR N 349 29.37 26.61 -15.33
N VAL N 350 30.64 26.98 -15.26
CA VAL N 350 31.69 26.21 -15.93
C VAL N 350 31.72 24.78 -15.39
N GLY N 351 31.74 24.62 -14.08
CA GLY N 351 31.77 23.29 -13.49
C GLY N 351 30.51 22.50 -13.77
N GLY N 352 29.36 23.18 -13.77
CA GLY N 352 28.12 22.52 -14.14
C GLY N 352 28.13 22.01 -15.57
N LEU N 353 28.73 22.77 -16.47
CA LEU N 353 28.75 22.37 -17.89
C LEU N 353 29.66 21.17 -18.12
N THR N 354 30.78 21.09 -17.38
CA THR N 354 31.63 19.91 -17.49
C THR N 354 30.97 18.69 -16.86
N GLY N 355 30.07 18.90 -15.90
CA GLY N 355 29.25 17.81 -15.41
C GLY N 355 28.33 17.25 -16.49
N ILE N 356 27.79 18.15 -17.32
CA ILE N 356 26.95 17.70 -18.44
C ILE N 356 27.76 16.89 -19.43
N VAL N 357 29.03 17.26 -19.62
CA VAL N 357 29.93 16.45 -20.45
C VAL N 357 30.07 15.05 -19.87
N LEU N 358 30.31 14.96 -18.56
CA LEU N 358 30.48 13.67 -17.91
C LEU N 358 29.20 12.85 -17.89
N ALA N 359 28.04 13.51 -17.98
CA ALA N 359 26.76 12.79 -17.96
C ALA N 359 26.63 11.82 -19.13
N ASN N 360 27.36 12.04 -20.21
CA ASN N 360 27.30 11.17 -21.38
C ASN N 360 28.13 9.92 -21.11
N SER N 361 27.46 8.79 -20.87
CA SER N 361 28.16 7.57 -20.45
C SER N 361 29.19 7.11 -21.47
N SER N 362 28.91 7.31 -22.76
CA SER N 362 29.86 6.92 -23.79
C SER N 362 31.16 7.71 -23.67
N LEU N 363 31.04 9.04 -23.53
CA LEU N 363 32.23 9.87 -23.38
C LEU N 363 32.85 9.70 -21.99
N ASP N 364 32.03 9.40 -20.98
CA ASP N 364 32.53 9.22 -19.63
C ASP N 364 33.46 8.02 -19.51
N ILE N 365 33.35 7.05 -20.41
CA ILE N 365 34.27 5.90 -20.42
C ILE N 365 35.71 6.39 -20.39
N VAL N 366 36.03 7.39 -21.21
CA VAL N 366 37.40 7.88 -21.28
C VAL N 366 37.68 8.88 -20.17
N LEU N 367 36.65 9.56 -19.66
CA LEU N 367 36.84 10.61 -18.67
C LEU N 367 36.71 10.13 -17.23
N HIS N 368 36.05 8.99 -16.99
CA HIS N 368 35.88 8.50 -15.63
C HIS N 368 37.22 8.20 -14.98
N ASP N 369 37.33 8.54 -13.69
CA ASP N 369 38.52 8.28 -12.89
C ASP N 369 39.75 8.98 -13.45
N THR N 370 39.53 10.07 -14.17
CA THR N 370 40.58 10.95 -14.63
C THR N 370 40.42 12.32 -13.98
N TYR N 371 41.44 13.17 -14.15
CA TYR N 371 41.38 14.50 -13.55
C TYR N 371 40.35 15.40 -14.19
N TYR N 372 39.72 14.99 -15.30
CA TYR N 372 38.58 15.74 -15.81
C TYR N 372 37.45 15.77 -14.80
N VAL N 373 37.24 14.65 -14.09
CA VAL N 373 36.24 14.62 -13.02
C VAL N 373 36.68 15.54 -11.88
N VAL N 374 37.96 15.46 -11.50
CA VAL N 374 38.49 16.32 -10.45
C VAL N 374 38.30 17.78 -10.81
N ALA N 375 38.54 18.13 -12.08
CA ALA N 375 38.29 19.49 -12.53
C ALA N 375 36.82 19.86 -12.40
N HIS N 376 35.92 18.92 -12.74
CA HIS N 376 34.49 19.21 -12.68
C HIS N 376 34.05 19.61 -11.27
N PHE N 377 34.32 18.75 -10.29
CA PHE N 377 33.75 19.02 -8.98
C PHE N 377 34.52 20.07 -8.18
N HIS N 378 35.81 20.27 -8.45
CA HIS N 378 36.47 21.40 -7.79
C HIS N 378 35.97 22.74 -8.33
N TYR N 379 35.50 22.78 -9.58
CA TYR N 379 34.89 24.01 -10.07
C TYR N 379 33.51 24.26 -9.46
N VAL N 380 32.77 23.21 -9.12
N VAL N 380 32.73 23.19 -9.27
CA VAL N 380 31.49 23.41 -8.45
CA VAL N 380 31.29 23.29 -9.05
C VAL N 380 31.61 23.41 -6.92
C VAL N 380 30.99 23.06 -7.58
N LEU N 381 32.61 22.72 -6.36
N LEU N 381 31.85 22.28 -6.92
CA LEU N 381 32.75 22.70 -4.91
CA LEU N 381 31.74 22.05 -5.48
C LEU N 381 33.66 23.82 -4.43
C LEU N 381 32.75 22.86 -4.70
N SER N 382 34.89 23.82 -4.92
N SER N 382 34.03 22.84 -5.09
CA SER N 382 35.91 24.72 -4.42
CA SER N 382 35.02 23.54 -4.30
C SER N 382 35.82 26.12 -5.03
C SER N 382 34.91 25.05 -4.48
N MET N 383 35.07 26.26 -6.14
N MET N 383 34.91 25.52 -5.73
CA MET N 383 34.70 27.55 -6.67
CA MET N 383 34.79 26.96 -5.96
C MET N 383 33.21 27.87 -6.55
C MET N 383 33.39 27.46 -5.59
N GLY N 384 32.38 26.89 -6.23
CA GLY N 384 30.98 27.17 -5.92
C GLY N 384 30.65 27.29 -4.45
N ALA N 385 30.78 26.19 -3.71
CA ALA N 385 30.43 26.21 -2.29
C ALA N 385 31.30 27.20 -1.51
N VAL N 386 32.60 27.22 -1.77
CA VAL N 386 33.48 28.09 -1.00
C VAL N 386 33.21 29.56 -1.34
N PHE N 387 33.03 29.88 -2.63
CA PHE N 387 32.71 31.25 -3.00
C PHE N 387 31.38 31.68 -2.38
N ALA N 388 30.39 30.78 -2.37
CA ALA N 388 29.14 31.08 -1.69
C ALA N 388 29.36 31.23 -0.19
N ILE N 389 30.25 30.41 0.37
CA ILE N 389 30.57 30.53 1.80
C ILE N 389 31.29 31.83 2.08
N MET N 390 32.24 32.20 1.22
CA MET N 390 32.98 33.44 1.42
C MET N 390 32.09 34.66 1.22
N GLY N 391 31.22 34.62 0.21
CA GLY N 391 30.28 35.72 0.02
C GLY N 391 29.33 35.88 1.18
N GLY N 392 28.78 34.76 1.68
CA GLY N 392 27.92 34.82 2.84
C GLY N 392 28.64 35.27 4.09
N PHE N 393 29.90 34.85 4.26
CA PHE N 393 30.65 35.23 5.44
C PHE N 393 30.93 36.72 5.48
N VAL N 394 31.42 37.29 4.38
N VAL N 394 31.41 37.28 4.37
CA VAL N 394 31.70 38.72 4.39
CA VAL N 394 31.69 38.71 4.28
C VAL N 394 30.42 39.56 4.38
C VAL N 394 30.40 39.51 4.45
N HIS N 395 29.31 39.00 3.89
CA HIS N 395 28.05 39.75 3.92
C HIS N 395 27.44 39.77 5.32
N TRP N 396 27.47 38.64 6.03
CA TRP N 396 26.78 38.52 7.31
C TRP N 396 27.71 38.60 8.51
N PHE N 397 29.03 38.70 8.29
CA PHE N 397 29.94 38.95 9.41
C PHE N 397 29.55 40.17 10.25
N PRO N 398 29.16 41.32 9.68
CA PRO N 398 28.73 42.42 10.55
C PRO N 398 27.49 42.10 11.36
N LEU N 399 26.60 41.25 10.85
CA LEU N 399 25.43 40.85 11.62
C LEU N 399 25.83 39.95 12.78
N PHE N 400 26.70 38.96 12.52
CA PHE N 400 27.07 38.01 13.55
C PHE N 400 27.93 38.65 14.63
N SER N 401 28.87 39.52 14.23
CA SER N 401 29.86 40.04 15.15
C SER N 401 29.54 41.44 15.66
N GLY N 402 28.84 42.26 14.87
CA GLY N 402 28.66 43.65 15.20
C GLY N 402 29.77 44.55 14.72
N TYR N 403 30.79 44.00 14.05
CA TYR N 403 31.93 44.75 13.55
C TYR N 403 31.96 44.66 12.03
N THR N 404 32.55 45.67 11.40
CA THR N 404 32.69 45.70 9.95
C THR N 404 34.09 45.24 9.55
N LEU N 405 34.15 44.62 8.37
CA LEU N 405 35.43 44.27 7.77
C LEU N 405 36.02 45.45 7.02
N ASN N 406 37.28 45.32 6.64
CA ASN N 406 37.90 46.27 5.71
C ASN N 406 37.58 45.81 4.29
N ASP N 407 36.81 46.62 3.57
CA ASP N 407 36.34 46.21 2.26
C ASP N 407 37.49 46.08 1.27
N THR N 408 38.50 46.94 1.38
CA THR N 408 39.64 46.87 0.47
C THR N 408 40.41 45.57 0.66
N TRP N 409 40.71 45.21 1.90
CA TRP N 409 41.37 43.92 2.17
C TRP N 409 40.53 42.76 1.64
N ALA N 410 39.21 42.80 1.83
CA ALA N 410 38.36 41.71 1.38
C ALA N 410 38.37 41.59 -0.14
N LYS N 411 38.41 42.71 -0.85
CA LYS N 411 38.51 42.66 -2.30
C LYS N 411 39.86 42.11 -2.74
N ILE N 412 40.93 42.45 -2.00
CA ILE N 412 42.23 41.86 -2.28
C ILE N 412 42.19 40.35 -2.05
N HIS N 413 41.54 39.93 -0.98
CA HIS N 413 41.40 38.50 -0.69
C HIS N 413 40.69 37.78 -1.83
N PHE N 414 39.58 38.35 -2.31
CA PHE N 414 38.87 37.76 -3.44
C PHE N 414 39.79 37.63 -4.66
N ALA N 415 40.56 38.67 -4.96
CA ALA N 415 41.38 38.68 -6.17
C ALA N 415 42.44 37.60 -6.11
N ILE N 416 43.08 37.43 -4.96
CA ILE N 416 44.09 36.38 -4.80
C ILE N 416 43.43 35.01 -4.94
N MET N 417 42.28 34.82 -4.29
CA MET N 417 41.61 33.53 -4.34
C MET N 417 41.17 33.18 -5.75
N PHE N 418 40.64 34.16 -6.49
CA PHE N 418 40.16 33.89 -7.84
C PHE N 418 41.29 33.41 -8.75
N VAL N 419 42.47 34.02 -8.63
CA VAL N 419 43.60 33.60 -9.44
C VAL N 419 44.07 32.21 -9.03
N GLY N 420 44.17 31.96 -7.72
CA GLY N 420 44.73 30.70 -7.26
C GLY N 420 43.86 29.50 -7.65
N VAL N 421 42.55 29.62 -7.46
CA VAL N 421 41.67 28.47 -7.73
C VAL N 421 41.67 28.13 -9.21
N ASN N 422 41.66 29.15 -10.08
CA ASN N 422 41.63 28.87 -11.51
C ASN N 422 42.96 28.35 -12.02
N MET N 423 44.07 28.88 -11.49
CA MET N 423 45.38 28.33 -11.87
C MET N 423 45.53 26.90 -11.37
N THR N 424 44.88 26.56 -10.25
CA THR N 424 44.99 25.20 -9.72
C THR N 424 44.23 24.20 -10.58
N PHE N 425 42.97 24.49 -10.91
CA PHE N 425 42.06 23.46 -11.40
C PHE N 425 41.76 23.53 -12.89
N PHE N 426 41.92 24.69 -13.53
CA PHE N 426 41.69 24.73 -14.98
C PHE N 426 42.64 23.85 -15.77
N PRO N 427 43.95 23.80 -15.49
CA PRO N 427 44.82 22.88 -16.24
C PRO N 427 44.47 21.43 -16.03
N GLN N 428 43.73 21.08 -14.97
CA GLN N 428 43.36 19.70 -14.72
C GLN N 428 42.38 19.17 -15.77
N HIS N 429 41.69 20.06 -16.49
CA HIS N 429 40.92 19.63 -17.66
C HIS N 429 41.83 18.96 -18.67
N PHE N 430 42.98 19.59 -18.96
CA PHE N 430 43.92 19.04 -19.93
C PHE N 430 44.45 17.69 -19.47
N LEU N 431 44.82 17.59 -18.18
CA LEU N 431 45.29 16.32 -17.62
C LEU N 431 44.24 15.23 -17.78
N GLY N 432 42.96 15.56 -17.58
CA GLY N 432 41.92 14.56 -17.70
C GLY N 432 41.71 14.12 -19.14
N LEU N 433 41.58 15.08 -20.05
CA LEU N 433 41.39 14.75 -21.46
C LEU N 433 42.54 13.91 -22.00
N SER N 434 43.76 14.19 -21.55
CA SER N 434 44.93 13.47 -22.02
C SER N 434 45.19 12.17 -21.24
N GLY N 435 44.38 11.87 -20.24
CA GLY N 435 44.35 10.54 -19.67
C GLY N 435 45.01 10.33 -18.33
N MET N 436 45.27 11.39 -17.55
CA MET N 436 45.87 11.21 -16.24
C MET N 436 44.85 10.66 -15.26
N PRO N 437 45.08 9.51 -14.64
CA PRO N 437 44.09 8.94 -13.73
C PRO N 437 43.99 9.71 -12.43
N ARG N 438 42.85 9.53 -11.76
CA ARG N 438 42.65 10.04 -10.41
C ARG N 438 43.47 9.24 -9.40
N ARG N 439 43.69 9.87 -8.25
CA ARG N 439 44.21 9.18 -7.06
C ARG N 439 45.62 8.64 -7.28
N TYR N 440 46.41 9.34 -8.09
CA TYR N 440 47.79 8.96 -8.37
C TYR N 440 48.76 9.83 -7.59
N SER N 441 49.78 9.20 -7.01
CA SER N 441 50.85 9.93 -6.35
C SER N 441 51.94 10.36 -7.32
N ASP N 442 51.97 9.78 -8.52
CA ASP N 442 52.97 10.09 -9.52
C ASP N 442 52.37 9.83 -10.90
N TYR N 443 52.98 10.41 -11.92
CA TYR N 443 52.39 10.42 -13.25
C TYR N 443 53.47 10.26 -14.30
N PRO N 444 53.14 9.70 -15.47
CA PRO N 444 54.07 9.70 -16.60
C PRO N 444 54.59 11.11 -16.90
N ASP N 445 55.78 11.17 -17.50
CA ASP N 445 56.49 12.43 -17.65
C ASP N 445 55.70 13.46 -18.45
N ALA N 446 54.89 13.01 -19.42
CA ALA N 446 54.17 13.93 -20.29
C ALA N 446 53.27 14.88 -19.52
N TYR N 447 52.77 14.45 -18.35
CA TYR N 447 51.83 15.23 -17.57
C TYR N 447 52.49 16.25 -16.64
N THR N 448 53.79 16.51 -16.82
CA THR N 448 54.54 17.27 -15.82
C THR N 448 54.11 18.73 -15.77
N MET N 449 53.97 19.38 -16.93
CA MET N 449 53.76 20.83 -16.95
C MET N 449 52.47 21.22 -16.24
N TRP N 450 51.36 20.59 -16.59
CA TRP N 450 50.07 20.99 -16.01
C TRP N 450 50.01 20.67 -14.51
N ASN N 451 50.65 19.57 -14.09
CA ASN N 451 50.73 19.29 -12.66
C ASN N 451 51.57 20.33 -11.94
N THR N 452 52.63 20.82 -12.60
CA THR N 452 53.47 21.85 -11.99
C THR N 452 52.69 23.15 -11.83
N ILE N 453 52.00 23.57 -12.88
CA ILE N 453 51.19 24.79 -12.80
C ILE N 453 50.09 24.65 -11.76
N SER N 454 49.42 23.50 -11.74
CA SER N 454 48.34 23.29 -10.78
C SER N 454 48.81 23.40 -9.35
N SER N 455 49.97 22.82 -9.04
CA SER N 455 50.50 22.90 -7.68
C SER N 455 50.92 24.31 -7.31
N MET N 456 51.43 25.08 -8.28
CA MET N 456 51.75 26.48 -8.01
C MET N 456 50.49 27.27 -7.68
N GLY N 457 49.39 26.98 -8.38
CA GLY N 457 48.12 27.63 -8.05
C GLY N 457 47.67 27.36 -6.63
N SER N 458 47.91 26.14 -6.14
CA SER N 458 47.48 25.78 -4.79
C SER N 458 48.17 26.65 -3.74
N PHE N 459 49.41 27.06 -4.00
CA PHE N 459 50.10 27.95 -3.07
C PHE N 459 49.48 29.34 -3.07
N ILE N 460 48.98 29.80 -4.23
CA ILE N 460 48.31 31.10 -4.28
C ILE N 460 47.06 31.09 -3.42
N SER N 461 46.28 30.02 -3.49
CA SER N 461 45.10 29.90 -2.63
C SER N 461 45.49 29.83 -1.17
N LEU N 462 46.63 29.21 -0.85
CA LEU N 462 47.12 29.22 0.53
C LEU N 462 47.35 30.65 1.02
N THR N 463 47.92 31.50 0.16
CA THR N 463 48.13 32.89 0.54
C THR N 463 46.81 33.59 0.82
N ALA N 464 45.77 33.27 0.04
CA ALA N 464 44.46 33.85 0.29
C ALA N 464 43.91 33.41 1.64
N VAL N 465 44.08 32.14 2.00
CA VAL N 465 43.58 31.64 3.28
C VAL N 465 44.27 32.34 4.44
N MET N 466 45.58 32.51 4.34
CA MET N 466 46.31 33.21 5.41
C MET N 466 45.87 34.67 5.52
N LEU N 467 45.63 35.32 4.38
CA LEU N 467 45.16 36.71 4.40
C LEU N 467 43.77 36.80 5.01
N MET N 468 42.91 35.82 4.74
CA MET N 468 41.57 35.82 5.33
C MET N 468 41.62 35.84 6.85
N VAL N 469 42.51 35.05 7.43
CA VAL N 469 42.66 35.04 8.90
C VAL N 469 43.07 36.42 9.39
N PHE N 470 44.00 37.07 8.69
CA PHE N 470 44.41 38.42 9.07
C PHE N 470 43.24 39.40 8.98
N ILE N 471 42.41 39.27 7.93
CA ILE N 471 41.31 40.20 7.73
C ILE N 471 40.30 40.08 8.87
N ILE N 472 40.05 38.86 9.31
CA ILE N 472 39.14 38.64 10.44
C ILE N 472 39.73 39.23 11.72
N TRP N 473 41.03 39.03 11.94
CA TRP N 473 41.69 39.65 13.09
C TRP N 473 41.55 41.16 13.05
N GLU N 474 41.82 41.78 11.90
CA GLU N 474 41.78 43.24 11.80
C GLU N 474 40.41 43.78 12.18
N ALA N 475 39.35 43.08 11.78
CA ALA N 475 37.99 43.54 12.11
C ALA N 475 37.75 43.50 13.61
N PHE N 476 38.14 42.40 14.26
CA PHE N 476 38.00 42.31 15.72
C PHE N 476 38.99 43.22 16.43
N ALA N 477 40.15 43.48 15.82
CA ALA N 477 41.15 44.34 16.44
C ALA N 477 40.69 45.80 16.44
N SER N 478 40.07 46.25 15.36
CA SER N 478 39.73 47.66 15.21
C SER N 478 38.40 48.03 15.87
N LYS N 479 37.44 47.11 15.90
CA LYS N 479 36.14 47.32 16.53
C LYS N 479 35.41 48.53 15.94
N ARG N 480 35.16 48.45 14.63
CA ARG N 480 34.23 49.38 13.98
C ARG N 480 32.82 48.82 14.13
N GLU N 481 32.03 49.42 15.01
CA GLU N 481 30.71 48.89 15.36
C GLU N 481 29.67 49.33 14.35
N VAL N 482 28.86 48.38 13.90
CA VAL N 482 27.83 48.66 12.89
C VAL N 482 26.81 49.65 13.44
N LEU N 483 26.36 50.56 12.58
CA LEU N 483 25.25 51.44 12.92
C LEU N 483 23.99 51.00 12.19
N THR N 484 23.90 51.32 10.90
CA THR N 484 22.74 51.00 10.08
C THR N 484 23.16 50.24 8.84
N VAL N 485 22.24 49.41 8.34
CA VAL N 485 22.41 48.70 7.07
C VAL N 485 21.19 49.02 6.21
N ASP N 486 21.41 49.08 4.90
CA ASP N 486 20.33 49.38 3.98
C ASP N 486 19.48 48.13 3.73
N LEU N 487 18.26 48.38 3.24
CA LEU N 487 17.37 47.33 2.74
C LEU N 487 16.88 46.40 3.85
N THR N 488 16.77 46.91 5.09
CA THR N 488 16.21 46.11 6.17
C THR N 488 14.78 45.69 5.90
N THR N 489 14.05 46.45 5.08
CA THR N 489 12.64 46.15 4.81
C THR N 489 12.46 44.81 4.10
N THR N 490 13.51 44.29 3.46
CA THR N 490 13.44 43.01 2.78
C THR N 490 14.57 42.07 3.22
N ASN N 491 15.13 42.31 4.41
CA ASN N 491 16.19 41.47 4.98
C ASN N 491 15.96 41.47 6.50
N LEU N 492 14.97 40.70 6.93
CA LEU N 492 14.51 40.70 8.32
C LEU N 492 15.64 40.40 9.31
N GLU N 493 16.63 39.59 8.91
CA GLU N 493 17.66 39.15 9.84
C GLU N 493 18.48 40.31 10.40
N TRP N 494 18.49 41.46 9.72
CA TRP N 494 19.26 42.61 10.16
C TRP N 494 18.48 43.54 11.09
N LEU N 495 17.16 43.34 11.22
CA LEU N 495 16.30 44.34 11.83
C LEU N 495 16.40 44.39 13.35
N ASN N 496 17.14 43.48 13.99
CA ASN N 496 17.33 43.49 15.43
C ASN N 496 18.72 43.98 15.83
N GLY N 497 19.45 44.64 14.93
CA GLY N 497 20.75 45.18 15.24
C GLY N 497 21.87 44.17 15.05
N CYS N 498 23.08 44.67 15.28
CA CYS N 498 24.31 43.90 15.02
C CYS N 498 25.23 43.98 16.23
N PRO N 499 25.41 42.88 16.97
CA PRO N 499 24.69 41.63 16.77
C PRO N 499 23.30 41.69 17.40
N PRO N 500 22.38 40.83 16.95
CA PRO N 500 21.06 40.79 17.57
C PRO N 500 21.15 40.29 19.01
N PRO N 501 20.21 40.68 19.86
CA PRO N 501 20.24 40.21 21.26
C PRO N 501 20.18 38.69 21.33
N TYR N 502 20.68 38.17 22.46
CA TYR N 502 20.63 36.73 22.72
C TYR N 502 19.25 36.15 22.44
N HIS N 503 18.22 36.79 22.98
CA HIS N 503 16.84 36.44 22.68
C HIS N 503 16.27 37.47 21.71
N THR N 504 15.84 37.01 20.54
CA THR N 504 15.14 37.85 19.59
C THR N 504 13.73 37.31 19.36
N PHE N 505 12.84 38.21 18.94
CA PHE N 505 11.45 37.88 18.64
C PHE N 505 10.75 37.24 19.83
N GLU N 506 11.10 37.69 21.04
CA GLU N 506 10.33 37.32 22.21
C GLU N 506 8.88 37.77 22.06
N GLU N 507 8.67 38.96 21.50
CA GLU N 507 7.38 39.35 20.96
C GLU N 507 7.42 39.12 19.45
N PRO N 508 6.57 38.25 18.91
CA PRO N 508 6.69 37.91 17.48
C PRO N 508 6.36 39.11 16.60
N THR N 509 6.71 38.98 15.33
CA THR N 509 6.34 39.99 14.35
C THR N 509 4.82 40.02 14.17
N TYR N 510 4.33 41.17 13.74
CA TYR N 510 2.92 41.34 13.42
C TYR N 510 2.74 41.24 11.91
N VAL N 511 1.99 40.22 11.47
CA VAL N 511 1.67 40.03 10.06
C VAL N 511 0.19 39.65 9.97
N ASN N 512 -0.59 40.50 9.31
CA ASN N 512 -2.01 40.19 9.09
C ASN N 512 -2.21 39.63 7.70
N LEU N 513 -3.40 39.06 7.48
CA LEU N 513 -3.66 38.30 6.26
C LEU N 513 -4.41 39.08 5.18
N LYS N 514 -5.07 40.17 5.54
CA LYS N 514 -5.89 40.96 4.61
C LYS N 514 -6.99 40.13 3.95
N ALA O 2 50.12 9.90 -24.06
CA ALA O 2 50.10 11.35 -23.92
C ALA O 2 51.50 11.93 -24.16
N TYR O 3 51.54 13.14 -24.71
CA TYR O 3 52.76 13.86 -24.99
C TYR O 3 52.80 15.16 -24.19
N PRO O 4 53.98 15.76 -24.02
CA PRO O 4 54.06 16.98 -23.21
C PRO O 4 53.18 18.10 -23.76
N MET O 5 52.58 18.85 -22.82
CA MET O 5 51.75 20.02 -23.12
C MET O 5 50.47 19.67 -23.88
N GLN O 6 50.00 18.44 -23.73
CA GLN O 6 48.79 18.02 -24.43
C GLN O 6 47.56 18.68 -23.81
N LEU O 7 46.65 19.15 -24.66
CA LEU O 7 45.43 19.81 -24.24
C LEU O 7 44.20 18.92 -24.33
N GLY O 8 44.12 18.07 -25.35
CA GLY O 8 42.93 17.27 -25.59
C GLY O 8 43.16 15.78 -25.49
N PHE O 9 42.29 15.01 -26.11
CA PHE O 9 42.42 13.55 -26.10
C PHE O 9 43.63 13.10 -26.90
N GLN O 10 44.20 11.98 -26.48
CA GLN O 10 45.15 11.27 -27.32
C GLN O 10 44.51 10.93 -28.66
N ASP O 11 45.34 10.93 -29.72
CA ASP O 11 44.85 10.62 -31.06
C ASP O 11 44.09 9.30 -31.06
N ALA O 12 42.96 9.30 -31.76
CA ALA O 12 42.10 8.11 -31.80
C ALA O 12 42.77 6.97 -32.55
N THR O 13 42.72 5.78 -31.97
CA THR O 13 43.22 4.58 -32.60
C THR O 13 42.10 3.65 -33.08
N SER O 14 40.89 3.83 -32.58
CA SER O 14 39.74 3.01 -32.91
C SER O 14 38.63 3.87 -33.52
N PRO O 15 37.76 3.27 -34.35
CA PRO O 15 36.61 4.04 -34.87
C PRO O 15 35.74 4.61 -33.78
N ILE O 16 35.57 3.90 -32.67
CA ILE O 16 34.78 4.42 -31.56
C ILE O 16 35.45 5.65 -30.95
N MET O 17 36.77 5.60 -30.76
CA MET O 17 37.47 6.74 -30.20
C MET O 17 37.36 7.97 -31.12
N GLU O 18 37.36 7.76 -32.44
N GLU O 18 37.40 7.75 -32.44
CA GLU O 18 37.16 8.91 -33.32
CA GLU O 18 37.15 8.83 -33.39
C GLU O 18 35.74 9.44 -33.23
C GLU O 18 35.77 9.43 -33.17
N GLU O 19 34.77 8.58 -32.97
CA GLU O 19 33.41 9.05 -32.73
C GLU O 19 33.35 9.92 -31.49
N LEU O 20 34.05 9.50 -30.43
CA LEU O 20 34.06 10.28 -29.18
C LEU O 20 34.74 11.63 -29.39
N LEU O 21 35.78 11.68 -30.22
CA LEU O 21 36.45 12.96 -30.49
C LEU O 21 35.49 13.94 -31.15
N HIS O 22 34.81 13.51 -32.20
N HIS O 22 34.83 13.50 -32.21
CA HIS O 22 33.89 14.42 -32.89
CA HIS O 22 33.87 14.32 -32.93
C HIS O 22 32.69 14.75 -32.02
C HIS O 22 32.69 14.72 -32.05
N PHE O 23 32.29 13.85 -31.13
CA PHE O 23 31.23 14.17 -30.19
C PHE O 23 31.70 15.17 -29.14
N HIS O 24 32.94 15.04 -28.67
CA HIS O 24 33.48 16.00 -27.72
C HIS O 24 33.60 17.39 -28.34
N ASP O 25 34.12 17.46 -29.57
CA ASP O 25 34.17 18.73 -30.29
C ASP O 25 32.78 19.37 -30.37
N HIS O 26 31.77 18.55 -30.66
CA HIS O 26 30.39 19.04 -30.71
C HIS O 26 29.94 19.58 -29.35
N THR O 27 30.21 18.82 -28.29
CA THR O 27 29.76 19.24 -26.96
C THR O 27 30.60 20.40 -26.43
N LEU O 28 31.91 20.38 -26.68
CA LEU O 28 32.78 21.45 -26.18
C LEU O 28 32.41 22.80 -26.78
N MET O 29 31.93 22.82 -28.03
N MET O 29 31.93 22.81 -28.02
CA MET O 29 31.49 24.09 -28.62
CA MET O 29 31.48 24.06 -28.64
C MET O 29 30.31 24.66 -27.85
C MET O 29 30.31 24.65 -27.87
N ILE O 30 29.37 23.80 -27.45
CA ILE O 30 28.23 24.26 -26.67
C ILE O 30 28.68 24.72 -25.30
N VAL O 31 29.65 24.00 -24.70
CA VAL O 31 30.15 24.38 -23.38
C VAL O 31 30.82 25.76 -23.44
N PHE O 32 31.68 25.96 -24.43
N PHE O 32 31.65 25.99 -24.44
CA PHE O 32 32.29 27.27 -24.65
CA PHE O 32 32.27 27.31 -24.56
C PHE O 32 31.23 28.34 -24.87
C PHE O 32 31.25 28.38 -24.90
N LEU O 33 30.22 28.04 -25.68
CA LEU O 33 29.22 29.02 -26.05
C LEU O 33 28.40 29.47 -24.85
N ILE O 34 28.00 28.53 -24.00
CA ILE O 34 27.16 28.87 -22.87
C ILE O 34 27.96 29.60 -21.80
N SER O 35 29.20 29.15 -21.57
CA SER O 35 30.05 29.82 -20.57
C SER O 35 30.38 31.24 -21.00
N SER O 36 30.61 31.45 -22.30
CA SER O 36 30.86 32.79 -22.80
C SER O 36 29.63 33.67 -22.69
N LEU O 37 28.46 33.14 -23.07
CA LEU O 37 27.22 33.90 -22.94
C LEU O 37 26.98 34.32 -21.50
N VAL O 38 27.18 33.42 -20.54
CA VAL O 38 26.96 33.75 -19.14
C VAL O 38 27.93 34.85 -18.70
N LEU O 39 29.21 34.68 -19.04
CA LEU O 39 30.21 35.70 -18.69
C LEU O 39 29.89 37.04 -19.34
N TYR O 40 29.48 37.02 -20.62
CA TYR O 40 29.14 38.27 -21.30
C TYR O 40 27.94 38.94 -20.66
N ILE O 41 26.88 38.18 -20.41
CA ILE O 41 25.67 38.75 -19.83
C ILE O 41 25.97 39.33 -18.45
N ILE O 42 26.82 38.66 -17.67
CA ILE O 42 27.26 39.23 -16.38
C ILE O 42 27.83 40.62 -16.60
N SER O 43 28.78 40.74 -17.53
CA SER O 43 29.38 42.04 -17.82
C SER O 43 28.35 43.02 -18.39
N LEU O 44 27.37 42.51 -19.15
CA LEU O 44 26.34 43.38 -19.68
C LEU O 44 25.46 43.95 -18.56
N MET O 45 25.10 43.11 -17.58
CA MET O 45 24.28 43.57 -16.48
C MET O 45 24.99 44.60 -15.60
N LEU O 46 26.32 44.64 -15.63
CA LEU O 46 27.10 45.41 -14.67
C LEU O 46 27.69 46.70 -15.25
N THR O 47 27.42 47.03 -16.51
CA THR O 47 28.10 48.12 -17.18
C THR O 47 27.13 49.21 -17.66
N THR O 48 26.05 49.44 -16.92
CA THR O 48 25.14 50.53 -17.24
C THR O 48 24.67 51.24 -15.97
N LYS O 49 24.51 52.56 -16.08
CA LYS O 49 23.91 53.35 -15.01
C LYS O 49 22.39 53.33 -15.04
N LEU O 50 21.79 52.84 -16.13
CA LEU O 50 20.34 52.72 -16.19
C LEU O 50 19.85 51.70 -15.17
N THR O 51 18.71 51.98 -14.57
CA THR O 51 18.18 51.14 -13.49
C THR O 51 16.73 50.80 -13.74
N HIS O 52 16.33 49.65 -13.18
CA HIS O 52 14.93 49.20 -13.22
C HIS O 52 14.77 48.27 -12.02
N THR O 53 14.29 48.81 -10.90
CA THR O 53 14.29 48.09 -9.63
C THR O 53 12.91 47.70 -9.15
N SER O 54 11.86 48.02 -9.90
CA SER O 54 10.52 47.59 -9.54
C SER O 54 10.32 46.12 -9.92
N THR O 55 9.17 45.58 -9.55
CA THR O 55 8.91 44.15 -9.75
C THR O 55 8.90 43.80 -11.23
N MET O 56 9.66 42.77 -11.58
CA MET O 56 9.75 42.28 -12.95
C MET O 56 8.94 41.00 -13.11
N ASP O 57 8.10 40.95 -14.14
CA ASP O 57 7.35 39.75 -14.47
C ASP O 57 8.27 38.75 -15.18
N ALA O 58 8.15 37.48 -14.77
CA ALA O 58 9.10 36.45 -15.16
C ALA O 58 8.54 35.40 -16.12
N GLN O 59 7.22 35.34 -16.28
CA GLN O 59 6.61 34.20 -16.96
C GLN O 59 7.10 34.04 -18.39
N GLU O 60 7.07 35.13 -19.17
N GLU O 60 7.08 35.12 -19.18
CA GLU O 60 7.41 35.06 -20.59
CA GLU O 60 7.41 34.97 -20.60
C GLU O 60 8.87 34.66 -20.82
C GLU O 60 8.89 34.66 -20.83
N VAL O 61 9.78 35.16 -19.99
CA VAL O 61 11.21 34.93 -20.20
C VAL O 61 11.64 33.54 -19.77
N GLU O 62 10.90 32.91 -18.86
CA GLU O 62 11.29 31.58 -18.40
C GLU O 62 10.92 30.49 -19.39
N THR O 63 9.98 30.74 -20.30
CA THR O 63 9.79 29.86 -21.44
C THR O 63 11.07 29.75 -22.25
N ILE O 64 11.73 30.88 -22.51
CA ILE O 64 12.99 30.88 -23.23
C ILE O 64 14.05 30.13 -22.43
N TRP O 65 14.16 30.43 -21.13
CA TRP O 65 15.16 29.81 -20.27
C TRP O 65 14.94 28.31 -20.10
N THR O 66 13.84 27.77 -20.60
CA THR O 66 13.50 26.36 -20.42
C THR O 66 13.43 25.60 -21.73
N ILE O 67 12.92 26.21 -22.80
CA ILE O 67 12.85 25.53 -24.09
C ILE O 67 14.23 25.43 -24.71
N LEU O 68 14.98 26.54 -24.75
CA LEU O 68 16.31 26.51 -25.36
C LEU O 68 17.25 25.50 -24.70
N PRO O 69 17.43 25.48 -23.37
CA PRO O 69 18.25 24.42 -22.79
C PRO O 69 17.74 23.02 -23.10
N ALA O 70 16.42 22.83 -23.14
CA ALA O 70 15.86 21.52 -23.46
C ALA O 70 16.23 21.09 -24.86
N ILE O 71 16.16 22.01 -25.82
CA ILE O 71 16.57 21.70 -27.19
C ILE O 71 18.05 21.40 -27.25
N ILE O 72 18.87 22.20 -26.54
CA ILE O 72 20.31 21.99 -26.53
C ILE O 72 20.66 20.62 -25.95
N LEU O 73 20.01 20.24 -24.85
CA LEU O 73 20.26 18.94 -24.25
C LEU O 73 19.92 17.80 -25.21
N ILE O 74 18.85 17.98 -25.99
CA ILE O 74 18.49 16.95 -26.96
C ILE O 74 19.53 16.85 -28.06
N LEU O 75 20.08 18.00 -28.49
CA LEU O 75 21.13 18.00 -29.49
C LEU O 75 22.42 17.37 -28.98
N ILE O 76 22.59 17.25 -27.67
CA ILE O 76 23.72 16.54 -27.11
C ILE O 76 23.40 15.06 -26.94
N ALA O 77 22.20 14.75 -26.45
CA ALA O 77 21.83 13.37 -26.17
C ALA O 77 21.77 12.54 -27.46
N LEU O 78 21.30 13.15 -28.56
CA LEU O 78 21.13 12.41 -29.81
C LEU O 78 22.43 11.75 -30.27
N PRO O 79 23.53 12.47 -30.51
CA PRO O 79 24.76 11.77 -30.89
C PRO O 79 25.36 10.97 -29.75
N SER O 80 25.17 11.41 -28.50
CA SER O 80 25.71 10.68 -27.36
C SER O 80 25.14 9.28 -27.27
N LEU O 81 23.81 9.15 -27.39
CA LEU O 81 23.18 7.84 -27.29
C LEU O 81 23.43 7.00 -28.54
N ARG O 82 23.53 7.64 -29.70
CA ARG O 82 23.88 6.92 -30.92
C ARG O 82 25.23 6.22 -30.77
N ILE O 83 26.23 6.92 -30.21
CA ILE O 83 27.52 6.30 -29.95
C ILE O 83 27.39 5.25 -28.87
N LEU O 84 26.51 5.46 -27.89
CA LEU O 84 26.35 4.51 -26.79
C LEU O 84 25.94 3.13 -27.30
N TYR O 85 24.90 3.07 -28.14
CA TYR O 85 24.41 1.80 -28.63
C TYR O 85 25.31 1.23 -29.73
N MET O 86 25.96 2.13 -30.47
CA MET O 86 26.96 1.70 -31.44
C MET O 86 28.09 0.94 -30.77
N MET O 87 28.51 1.39 -29.58
CA MET O 87 29.49 0.66 -28.79
C MET O 87 28.97 -0.71 -28.39
N ASP O 88 27.67 -0.85 -28.16
CA ASP O 88 27.08 -2.07 -27.64
C ASP O 88 26.73 -3.07 -28.74
N GLU O 89 26.78 -2.65 -30.00
CA GLU O 89 26.38 -3.49 -31.13
C GLU O 89 27.07 -4.84 -31.13
N ILE O 90 26.34 -5.86 -31.60
CA ILE O 90 26.94 -7.17 -31.85
C ILE O 90 28.09 -7.01 -32.81
N ASN O 91 29.25 -7.57 -32.46
CA ASN O 91 30.44 -7.43 -33.29
C ASN O 91 31.04 -8.72 -33.83
N ASN O 92 30.64 -9.88 -33.31
CA ASN O 92 31.23 -11.20 -33.57
C ASN O 92 32.76 -11.14 -33.57
N PRO O 93 33.40 -11.29 -32.41
CA PRO O 93 34.87 -11.24 -32.36
C PRO O 93 35.50 -12.50 -32.95
N SER O 94 36.74 -12.36 -33.39
CA SER O 94 37.54 -13.48 -33.85
C SER O 94 38.55 -13.94 -32.80
N LEU O 95 38.62 -13.25 -31.66
CA LEU O 95 39.56 -13.57 -30.60
C LEU O 95 39.03 -13.08 -29.27
N THR O 96 39.22 -13.87 -28.22
CA THR O 96 38.86 -13.48 -26.86
C THR O 96 40.09 -13.52 -25.97
N VAL O 97 40.35 -12.43 -25.26
CA VAL O 97 41.46 -12.33 -24.33
C VAL O 97 40.92 -11.90 -22.98
N LYS O 98 41.37 -12.55 -21.91
CA LYS O 98 41.02 -12.17 -20.55
C LYS O 98 42.19 -11.45 -19.90
N THR O 99 41.84 -10.49 -19.03
CA THR O 99 42.82 -9.83 -18.19
C THR O 99 42.33 -9.84 -16.75
N MET O 100 43.20 -10.23 -15.82
CA MET O 100 42.90 -10.27 -14.41
C MET O 100 43.72 -9.20 -13.68
N GLY O 101 43.04 -8.36 -12.90
CA GLY O 101 43.75 -7.39 -12.10
C GLY O 101 44.34 -8.00 -10.84
N HIS O 102 45.49 -7.46 -10.44
CA HIS O 102 46.16 -7.87 -9.23
C HIS O 102 46.79 -6.65 -8.55
N GLN O 103 47.10 -6.81 -7.27
CA GLN O 103 47.95 -5.87 -6.55
C GLN O 103 49.39 -6.37 -6.65
N TRP O 104 50.19 -5.75 -7.52
CA TRP O 104 49.77 -4.67 -8.39
C TRP O 104 50.32 -4.88 -9.79
N TYR O 105 49.57 -5.62 -10.61
CA TYR O 105 49.99 -5.98 -11.97
C TYR O 105 48.79 -6.60 -12.67
N TRP O 106 48.92 -6.74 -13.99
CA TRP O 106 47.90 -7.38 -14.81
C TRP O 106 48.41 -8.72 -15.33
N SER O 107 47.52 -9.70 -15.35
CA SER O 107 47.77 -10.99 -15.99
C SER O 107 46.80 -11.16 -17.14
N TYR O 108 47.26 -11.85 -18.19
CA TYR O 108 46.48 -12.01 -19.40
C TYR O 108 46.37 -13.49 -19.77
N GLU O 109 45.22 -13.85 -20.33
CA GLU O 109 44.93 -15.23 -20.68
C GLU O 109 44.43 -15.30 -22.12
N TYR O 110 45.10 -16.09 -22.94
CA TYR O 110 44.65 -16.40 -24.31
C TYR O 110 44.30 -17.88 -24.34
N THR O 111 43.02 -18.20 -24.18
CA THR O 111 42.59 -19.59 -24.02
C THR O 111 41.58 -20.02 -25.07
N ASP O 112 41.59 -19.37 -26.25
CA ASP O 112 40.73 -19.83 -27.34
C ASP O 112 41.16 -21.19 -27.85
N TYR O 113 42.48 -21.39 -28.04
CA TYR O 113 43.02 -22.64 -28.54
C TYR O 113 43.99 -23.24 -27.53
N GLU O 114 45.10 -22.57 -27.25
CA GLU O 114 46.08 -23.03 -26.28
C GLU O 114 45.82 -22.36 -24.93
N ASP O 115 46.48 -22.86 -23.90
CA ASP O 115 46.37 -22.26 -22.57
C ASP O 115 47.56 -21.35 -22.29
N LEU O 116 47.56 -20.20 -22.98
CA LEU O 116 48.60 -19.19 -22.82
C LEU O 116 48.18 -18.17 -21.77
N SER O 117 49.05 -17.95 -20.78
CA SER O 117 48.85 -16.91 -19.80
C SER O 117 50.19 -16.41 -19.30
N PHE O 118 50.22 -15.14 -18.91
CA PHE O 118 51.46 -14.52 -18.44
C PHE O 118 51.13 -13.29 -17.61
N ASP O 119 52.10 -12.85 -16.83
CA ASP O 119 52.00 -11.66 -16.00
C ASP O 119 52.62 -10.46 -16.71
N SER O 120 52.19 -9.26 -16.30
CA SER O 120 52.63 -8.02 -16.92
C SER O 120 52.92 -7.01 -15.82
N TYR O 121 54.20 -6.76 -15.57
CA TYR O 121 54.64 -5.89 -14.49
C TYR O 121 55.24 -4.61 -15.05
N MET O 122 55.05 -3.51 -14.32
CA MET O 122 55.70 -2.25 -14.70
C MET O 122 57.20 -2.41 -14.66
N ILE O 123 57.87 -1.84 -15.67
CA ILE O 123 59.33 -1.75 -15.65
C ILE O 123 59.73 -0.67 -14.65
N PRO O 124 60.47 -1.00 -13.60
CA PRO O 124 60.93 0.04 -12.67
C PRO O 124 61.80 1.07 -13.37
N THR O 125 61.78 2.28 -12.82
CA THR O 125 62.50 3.39 -13.44
C THR O 125 63.99 3.10 -13.54
N SER O 126 64.55 2.43 -12.53
CA SER O 126 65.97 2.10 -12.52
C SER O 126 66.33 1.03 -13.53
N GLU O 127 65.35 0.36 -14.15
CA GLU O 127 65.61 -0.69 -15.12
C GLU O 127 65.20 -0.32 -16.53
N LEU O 128 64.71 0.91 -16.76
CA LEU O 128 64.29 1.31 -18.09
C LEU O 128 65.44 1.27 -19.08
N LYS O 129 65.13 0.88 -20.31
CA LYS O 129 66.11 0.99 -21.38
C LYS O 129 66.08 2.41 -21.95
N PRO O 130 67.20 2.91 -22.45
CA PRO O 130 67.26 4.29 -22.94
C PRO O 130 66.15 4.58 -23.95
N GLY O 131 65.37 5.62 -23.66
CA GLY O 131 64.25 6.00 -24.47
C GLY O 131 62.91 5.40 -24.07
N GLU O 132 62.89 4.53 -23.06
CA GLU O 132 61.64 3.96 -22.60
C GLU O 132 60.95 4.91 -21.61
N LEU O 133 59.64 4.72 -21.46
CA LEU O 133 58.79 5.69 -20.79
C LEU O 133 58.62 5.33 -19.33
N ARG O 134 58.94 6.27 -18.44
CA ARG O 134 58.78 6.07 -17.01
C ARG O 134 57.31 5.79 -16.68
N LEU O 135 57.10 4.78 -15.83
CA LEU O 135 55.82 4.36 -15.27
C LEU O 135 54.86 3.75 -16.29
N LEU O 136 55.28 3.61 -17.56
CA LEU O 136 54.38 3.12 -18.60
C LEU O 136 54.78 1.77 -19.19
N GLU O 137 56.07 1.47 -19.26
CA GLU O 137 56.50 0.23 -19.89
C GLU O 137 56.19 -0.98 -19.00
N VAL O 138 55.92 -2.11 -19.65
CA VAL O 138 55.75 -3.39 -18.97
C VAL O 138 56.72 -4.40 -19.57
N ASP O 139 57.00 -5.45 -18.80
CA ASP O 139 57.87 -6.52 -19.28
C ASP O 139 57.20 -7.30 -20.41
N ASN O 140 55.93 -7.66 -20.22
CA ASN O 140 55.19 -8.48 -21.18
C ASN O 140 53.99 -7.69 -21.68
N ARG O 141 54.03 -7.29 -22.95
CA ARG O 141 52.97 -6.52 -23.55
C ARG O 141 51.82 -7.42 -24.00
N VAL O 142 50.68 -6.80 -24.27
CA VAL O 142 49.48 -7.51 -24.72
C VAL O 142 49.53 -7.54 -26.24
N VAL O 143 50.05 -8.63 -26.79
CA VAL O 143 50.16 -8.77 -28.23
C VAL O 143 48.79 -9.09 -28.81
N LEU O 144 48.38 -8.33 -29.82
CA LEU O 144 47.04 -8.43 -30.38
C LEU O 144 47.08 -8.19 -31.87
N PRO O 145 46.18 -8.80 -32.63
CA PRO O 145 46.11 -8.54 -34.08
C PRO O 145 45.39 -7.24 -34.37
N MET O 146 45.96 -6.42 -35.25
CA MET O 146 45.37 -5.17 -35.66
C MET O 146 44.23 -5.40 -36.66
N GLU O 147 43.35 -4.40 -36.75
CA GLU O 147 42.26 -4.39 -37.73
C GLU O 147 41.30 -5.56 -37.55
N MET O 148 41.16 -6.06 -36.32
N MET O 148 41.18 -6.06 -36.33
CA MET O 148 40.26 -7.17 -36.06
CA MET O 148 40.31 -7.17 -36.01
C MET O 148 39.53 -6.92 -34.74
C MET O 148 39.50 -6.85 -34.76
N THR O 149 38.28 -7.37 -34.70
CA THR O 149 37.44 -7.19 -33.54
C THR O 149 37.83 -8.21 -32.46
N ILE O 150 38.28 -7.72 -31.32
CA ILE O 150 38.74 -8.55 -30.22
C ILE O 150 37.80 -8.35 -29.03
N ARG O 151 37.43 -9.45 -28.38
CA ARG O 151 36.67 -9.40 -27.14
C ARG O 151 37.62 -9.44 -25.96
N MET O 152 37.62 -8.39 -25.15
CA MET O 152 38.37 -8.36 -23.90
C MET O 152 37.44 -8.68 -22.74
N LEU O 153 37.88 -9.57 -21.86
CA LEU O 153 37.14 -9.91 -20.65
C LEU O 153 37.99 -9.50 -19.45
N VAL O 154 37.40 -8.74 -18.53
CA VAL O 154 38.13 -8.09 -17.46
C VAL O 154 37.57 -8.55 -16.12
N SER O 155 38.45 -8.93 -15.20
CA SER O 155 38.08 -9.29 -13.85
C SER O 155 39.27 -9.01 -12.93
N SER O 156 39.14 -9.42 -11.67
CA SER O 156 40.20 -9.21 -10.69
C SER O 156 40.21 -10.39 -9.72
N GLU O 157 41.36 -10.61 -9.10
CA GLU O 157 41.52 -11.68 -8.12
C GLU O 157 41.77 -11.15 -6.72
N ASP O 158 41.68 -9.84 -6.51
CA ASP O 158 41.73 -9.26 -5.17
C ASP O 158 40.79 -8.07 -5.08
N VAL O 159 41.33 -6.86 -5.12
CA VAL O 159 40.52 -5.64 -4.96
C VAL O 159 40.06 -5.16 -6.32
N LEU O 160 39.37 -4.03 -6.35
CA LEU O 160 38.94 -3.44 -7.61
C LEU O 160 40.11 -2.84 -8.37
N HIS O 161 40.10 -3.03 -9.68
CA HIS O 161 40.98 -2.31 -10.60
C HIS O 161 40.13 -1.81 -11.76
N SER O 162 40.79 -1.20 -12.74
CA SER O 162 40.10 -0.77 -13.95
C SER O 162 41.07 -0.78 -15.12
N TRP O 163 40.69 -1.48 -16.18
CA TRP O 163 41.55 -1.71 -17.34
C TRP O 163 41.22 -0.66 -18.39
N ALA O 164 42.16 0.26 -18.62
CA ALA O 164 41.91 1.41 -19.48
C ALA O 164 43.00 1.53 -20.55
N VAL O 165 42.57 1.95 -21.74
CA VAL O 165 43.47 2.30 -22.86
C VAL O 165 42.87 3.53 -23.54
N PRO O 166 43.28 4.74 -23.16
CA PRO O 166 42.66 5.95 -23.73
C PRO O 166 42.67 6.00 -25.25
N SER O 167 43.76 5.58 -25.90
CA SER O 167 43.85 5.64 -27.36
C SER O 167 42.69 4.91 -28.02
N LEU O 168 42.23 3.81 -27.43
CA LEU O 168 41.16 3.01 -27.99
C LEU O 168 39.79 3.34 -27.39
N GLY O 169 39.71 4.33 -26.52
CA GLY O 169 38.45 4.65 -25.87
C GLY O 169 37.95 3.56 -24.95
N LEU O 170 38.86 2.91 -24.23
CA LEU O 170 38.54 1.75 -23.40
C LEU O 170 38.73 2.07 -21.92
N LYS O 171 37.77 1.67 -21.11
CA LYS O 171 37.93 1.64 -19.66
C LYS O 171 36.86 0.72 -19.10
N THR O 172 37.28 -0.40 -18.52
CA THR O 172 36.37 -1.40 -18.00
C THR O 172 36.85 -1.82 -16.62
N ASP O 173 36.00 -1.65 -15.61
CA ASP O 173 36.39 -1.95 -14.24
C ASP O 173 36.66 -3.44 -14.06
N ALA O 174 37.63 -3.74 -13.21
CA ALA O 174 38.01 -5.13 -12.90
C ALA O 174 37.49 -5.44 -11.50
N ILE O 175 36.48 -6.30 -11.42
CA ILE O 175 35.72 -6.55 -10.21
C ILE O 175 35.81 -8.03 -9.89
N PRO O 176 36.22 -8.41 -8.68
CA PRO O 176 36.32 -9.84 -8.35
C PRO O 176 34.95 -10.49 -8.34
N GLY O 177 34.87 -11.68 -8.94
CA GLY O 177 33.62 -12.40 -9.03
C GLY O 177 32.75 -12.01 -10.21
N ARG O 178 33.23 -11.10 -11.06
CA ARG O 178 32.45 -10.55 -12.16
C ARG O 178 33.30 -10.57 -13.42
N LEU O 179 32.67 -10.84 -14.55
CA LEU O 179 33.35 -10.94 -15.84
C LEU O 179 32.79 -9.87 -16.76
N ASN O 180 33.50 -8.75 -16.85
CA ASN O 180 33.07 -7.62 -17.66
C ASN O 180 33.66 -7.71 -19.05
N GLN O 181 32.87 -7.32 -20.05
CA GLN O 181 33.22 -7.49 -21.45
C GLN O 181 33.32 -6.13 -22.14
N THR O 182 34.34 -5.98 -22.98
CA THR O 182 34.46 -4.82 -23.85
C THR O 182 35.05 -5.29 -25.18
N THR O 183 34.95 -4.42 -26.19
CA THR O 183 35.39 -4.74 -27.54
C THR O 183 36.55 -3.83 -27.93
N LEU O 184 37.54 -4.41 -28.63
CA LEU O 184 38.78 -3.74 -28.96
C LEU O 184 39.03 -3.89 -30.46
N MET O 185 39.22 -2.77 -31.14
CA MET O 185 39.51 -2.80 -32.57
C MET O 185 40.47 -1.65 -32.87
N SER O 186 41.73 -1.99 -33.16
CA SER O 186 42.74 -1.00 -33.49
C SER O 186 42.85 -0.86 -35.00
N SER O 187 42.76 0.38 -35.48
CA SER O 187 42.91 0.65 -36.91
C SER O 187 44.37 0.62 -37.37
N ARG O 188 45.32 0.61 -36.45
CA ARG O 188 46.72 0.80 -36.78
C ARG O 188 47.58 -0.10 -35.90
N PRO O 189 48.77 -0.47 -36.37
CA PRO O 189 49.73 -1.15 -35.49
C PRO O 189 50.42 -0.14 -34.57
N GLY O 190 51.11 -0.68 -33.57
CA GLY O 190 51.93 0.14 -32.70
C GLY O 190 51.77 -0.28 -31.26
N LEU O 191 52.17 0.63 -30.37
CA LEU O 191 52.11 0.43 -28.93
C LEU O 191 51.14 1.43 -28.34
N TYR O 192 50.20 0.94 -27.53
CA TYR O 192 49.15 1.77 -26.97
C TYR O 192 49.04 1.52 -25.48
N TYR O 193 49.12 2.61 -24.71
CA TYR O 193 49.35 2.54 -23.27
C TYR O 193 48.10 2.92 -22.50
N GLY O 194 47.99 2.37 -21.29
CA GLY O 194 46.95 2.75 -20.35
C GLY O 194 47.43 2.47 -18.94
N GLN O 195 46.62 2.89 -17.98
CA GLN O 195 46.99 2.79 -16.57
C GLN O 195 45.76 2.40 -15.76
N CYS O 196 46.01 1.76 -14.62
CA CYS O 196 44.93 1.30 -13.76
C CYS O 196 44.09 2.49 -13.30
N SER O 197 42.77 2.36 -13.40
CA SER O 197 41.85 3.47 -13.24
C SER O 197 40.82 3.22 -12.14
N GLU O 198 41.20 2.49 -11.11
CA GLU O 198 40.41 2.42 -9.88
C GLU O 198 41.38 2.23 -8.72
N ILE O 199 41.26 3.09 -7.71
CA ILE O 199 42.21 3.08 -6.60
C ILE O 199 42.26 1.68 -5.98
N CYS O 200 43.47 1.13 -5.89
CA CYS O 200 43.61 -0.27 -5.53
C CYS O 200 44.74 -0.51 -4.52
N GLY O 201 45.22 0.52 -3.83
CA GLY O 201 46.21 0.36 -2.79
C GLY O 201 47.51 1.08 -3.11
N SER O 202 48.60 0.57 -2.52
CA SER O 202 49.85 1.32 -2.44
C SER O 202 50.49 1.54 -3.80
N ASN O 203 50.23 0.67 -4.78
CA ASN O 203 50.88 0.79 -6.07
C ASN O 203 49.86 1.05 -7.17
N HIS O 204 48.78 1.77 -6.84
CA HIS O 204 47.74 2.11 -7.79
C HIS O 204 48.30 2.76 -9.06
N SER O 205 49.25 3.67 -8.91
CA SER O 205 49.80 4.40 -10.05
C SER O 205 50.81 3.58 -10.86
N PHE O 206 51.17 2.37 -10.43
CA PHE O 206 52.33 1.68 -10.99
C PHE O 206 51.96 0.28 -11.49
N MET O 207 50.82 0.16 -12.17
CA MET O 207 50.45 -1.08 -12.85
C MET O 207 49.79 -0.73 -14.18
N PRO O 208 50.59 -0.36 -15.18
CA PRO O 208 50.05 0.14 -16.44
C PRO O 208 49.69 -1.00 -17.40
N ILE O 209 49.18 -0.62 -18.56
CA ILE O 209 48.74 -1.55 -19.60
C ILE O 209 49.40 -1.13 -20.90
N VAL O 210 49.95 -2.10 -21.63
CA VAL O 210 50.60 -1.85 -22.90
C VAL O 210 50.11 -2.87 -23.92
N LEU O 211 49.42 -2.39 -24.95
CA LEU O 211 48.98 -3.23 -26.06
C LEU O 211 49.99 -3.13 -27.20
N GLU O 212 50.34 -4.26 -27.79
CA GLU O 212 51.21 -4.33 -28.95
C GLU O 212 50.40 -4.88 -30.12
N LEU O 213 50.12 -4.01 -31.09
CA LEU O 213 49.24 -4.35 -32.21
C LEU O 213 50.07 -4.65 -33.45
N VAL O 214 49.82 -5.83 -34.03
CA VAL O 214 50.64 -6.34 -35.14
C VAL O 214 49.71 -7.01 -36.14
N PRO O 215 50.18 -7.23 -37.36
CA PRO O 215 49.37 -7.95 -38.35
C PRO O 215 49.04 -9.36 -37.89
N LEU O 216 47.91 -9.87 -38.40
CA LEU O 216 47.43 -11.20 -38.04
C LEU O 216 48.53 -12.26 -38.14
N LYS O 217 49.25 -12.28 -39.27
CA LYS O 217 50.28 -13.30 -39.47
C LYS O 217 51.34 -13.26 -38.37
N TYR O 218 51.75 -12.06 -37.97
CA TYR O 218 52.72 -11.95 -36.90
C TYR O 218 52.11 -12.36 -35.56
N PHE O 219 50.84 -12.04 -35.32
CA PHE O 219 50.17 -12.51 -34.11
C PHE O 219 50.11 -14.04 -34.09
N GLU O 220 49.76 -14.64 -35.24
CA GLU O 220 49.74 -16.10 -35.34
C GLU O 220 51.13 -16.69 -35.08
N LYS O 221 52.17 -16.05 -35.63
CA LYS O 221 53.53 -16.54 -35.40
C LYS O 221 53.91 -16.41 -33.92
N TRP O 222 53.50 -15.32 -33.28
CA TRP O 222 53.76 -15.16 -31.85
C TRP O 222 52.98 -16.19 -31.04
N SER O 223 51.73 -16.45 -31.40
CA SER O 223 50.94 -17.47 -30.72
C SER O 223 51.59 -18.84 -30.84
N ALA O 224 51.90 -19.25 -32.07
CA ALA O 224 52.56 -20.53 -32.30
C ALA O 224 53.86 -20.65 -31.50
N SER O 225 54.63 -19.58 -31.42
CA SER O 225 55.93 -19.61 -30.75
C SER O 225 55.82 -19.74 -29.23
N MET O 226 54.61 -19.63 -28.65
CA MET O 226 54.46 -19.65 -27.21
C MET O 226 54.11 -21.02 -26.66
N LEU O 227 53.83 -22.00 -27.53
CA LEU O 227 53.60 -23.37 -27.07
C LEU O 227 54.62 -24.30 -27.72
N HIS P 3 7.69 37.34 29.68
CA HIS P 3 8.42 38.15 28.71
C HIS P 3 8.04 37.79 27.27
N GLN P 4 8.03 36.50 26.96
CA GLN P 4 7.65 36.07 25.63
C GLN P 4 6.13 36.17 25.45
N THR P 5 5.72 36.55 24.24
CA THR P 5 4.32 36.55 23.84
C THR P 5 4.11 35.65 22.63
N HIS P 6 4.97 34.64 22.49
CA HIS P 6 4.77 33.53 21.58
C HIS P 6 4.51 32.26 22.39
N ALA P 7 4.21 31.17 21.69
CA ALA P 7 3.79 29.93 22.34
C ALA P 7 4.89 28.87 22.36
N TYR P 8 6.11 29.22 21.96
CA TYR P 8 7.15 28.22 21.81
C TYR P 8 8.01 28.11 23.07
N HIS P 9 8.82 27.05 23.13
CA HIS P 9 9.50 26.63 24.34
C HIS P 9 10.97 27.00 24.26
N MET P 10 11.39 27.92 25.13
CA MET P 10 12.81 28.22 25.32
C MET P 10 13.35 27.28 26.39
N VAL P 11 14.24 26.39 26.00
CA VAL P 11 14.69 25.30 26.85
C VAL P 11 15.83 25.78 27.73
N ASN P 12 15.83 25.34 29.00
CA ASN P 12 16.91 25.64 29.90
C ASN P 12 18.22 25.08 29.34
N PRO P 13 19.34 25.76 29.56
CA PRO P 13 20.64 25.20 29.15
C PRO P 13 20.83 23.82 29.76
N SER P 14 21.36 22.89 28.96
CA SER P 14 21.31 21.48 29.31
C SER P 14 22.61 20.77 28.99
N PRO P 15 23.08 19.89 29.89
CA PRO P 15 24.32 19.14 29.63
C PRO P 15 24.14 17.88 28.81
N TRP P 16 22.91 17.42 28.61
CA TRP P 16 22.65 16.12 28.00
C TRP P 16 23.04 16.04 26.53
N PRO P 17 22.93 17.12 25.75
CA PRO P 17 23.54 17.08 24.40
C PRO P 17 25.02 16.73 24.42
N LEU P 18 25.79 17.33 25.34
CA LEU P 18 27.21 17.03 25.41
C LEU P 18 27.47 15.60 25.90
N THR P 19 26.75 15.16 26.93
CA THR P 19 26.94 13.81 27.43
C THR P 19 26.46 12.77 26.42
N GLY P 20 25.44 13.09 25.63
CA GLY P 20 25.02 12.18 24.58
C GLY P 20 26.03 12.07 23.47
N ALA P 21 26.62 13.22 23.08
CA ALA P 21 27.65 13.19 22.05
C ALA P 21 28.90 12.46 22.51
N LEU P 22 29.30 12.67 23.77
CA LEU P 22 30.43 11.92 24.31
C LEU P 22 30.11 10.45 24.45
N SER P 23 28.84 10.11 24.70
N SER P 23 28.85 10.11 24.73
CA SER P 23 28.47 8.69 24.78
CA SER P 23 28.45 8.70 24.78
C SER P 23 28.56 8.02 23.42
C SER P 23 28.64 8.04 23.42
N ALA P 24 28.35 8.78 22.34
CA ALA P 24 28.53 8.23 21.01
C ALA P 24 30.01 8.01 20.69
N LEU P 25 30.87 8.94 21.12
CA LEU P 25 32.32 8.74 21.00
C LEU P 25 32.76 7.48 21.72
N LEU P 26 32.25 7.26 22.94
CA LEU P 26 32.68 6.12 23.72
C LEU P 26 32.16 4.81 23.15
N MET P 27 30.93 4.81 22.64
CA MET P 27 30.38 3.58 22.04
C MET P 27 31.10 3.21 20.75
N THR P 28 31.41 4.20 19.91
CA THR P 28 32.04 3.90 18.63
C THR P 28 33.51 3.54 18.81
N SER P 29 34.23 4.31 19.63
CA SER P 29 35.59 3.90 19.99
C SER P 29 35.59 2.62 20.81
N GLY P 30 34.53 2.40 21.60
CA GLY P 30 34.40 1.14 22.32
C GLY P 30 34.27 -0.05 21.39
N LEU P 31 33.40 0.07 20.37
CA LEU P 31 33.27 -0.99 19.38
C LEU P 31 34.60 -1.24 18.67
N THR P 32 35.34 -0.17 18.35
CA THR P 32 36.65 -0.34 17.76
C THR P 32 37.60 -1.04 18.73
N MET P 33 37.55 -0.67 20.01
N MET P 33 37.53 -0.68 20.00
CA MET P 33 38.34 -1.35 21.01
CA MET P 33 38.34 -1.36 21.01
C MET P 33 37.95 -2.83 21.11
C MET P 33 37.95 -2.83 21.12
N TRP P 34 36.66 -3.13 20.97
CA TRP P 34 36.21 -4.51 21.04
C TRP P 34 36.60 -5.29 19.79
N PHE P 35 36.44 -4.69 18.61
CA PHE P 35 36.71 -5.41 17.37
C PHE P 35 38.19 -5.66 17.14
N HIS P 36 39.07 -4.81 17.67
CA HIS P 36 40.47 -4.83 17.28
C HIS P 36 41.46 -4.94 18.43
N PHE P 37 41.07 -4.65 19.67
CA PHE P 37 42.04 -4.62 20.77
C PHE P 37 41.56 -5.37 22.00
N ASN P 38 40.63 -6.32 21.84
CA ASN P 38 40.36 -7.36 22.84
C ASN P 38 39.93 -6.77 24.18
N SER P 39 39.06 -5.76 24.14
CA SER P 39 38.59 -5.14 25.38
C SER P 39 37.20 -4.55 25.18
N MET P 40 36.40 -4.61 26.25
CA MET P 40 35.02 -4.13 26.23
C MET P 40 34.81 -2.94 27.16
N THR P 41 35.89 -2.38 27.71
CA THR P 41 35.76 -1.38 28.77
C THR P 41 35.11 -0.11 28.25
N LEU P 42 35.72 0.52 27.23
CA LEU P 42 35.15 1.72 26.63
C LEU P 42 33.69 1.51 26.23
N LEU P 43 33.40 0.38 25.58
CA LEU P 43 32.05 0.11 25.12
C LEU P 43 31.04 0.11 26.28
N MET P 44 31.40 -0.51 27.41
N MET P 44 31.40 -0.55 27.39
CA MET P 44 30.46 -0.56 28.53
CA MET P 44 30.51 -0.57 28.56
C MET P 44 30.30 0.80 29.19
C MET P 44 30.28 0.84 29.08
N ILE P 45 31.33 1.66 29.11
CA ILE P 45 31.18 3.02 29.63
C ILE P 45 30.28 3.83 28.71
N GLY P 46 30.47 3.70 27.40
CA GLY P 46 29.63 4.42 26.45
C GLY P 46 28.17 4.02 26.53
N LEU P 47 27.92 2.71 26.62
CA LEU P 47 26.54 2.24 26.78
C LEU P 47 25.92 2.78 28.06
N THR P 48 26.70 2.82 29.15
CA THR P 48 26.17 3.31 30.42
C THR P 48 25.84 4.79 30.34
N THR P 49 26.76 5.60 29.81
CA THR P 49 26.50 7.03 29.66
C THR P 49 25.37 7.30 28.66
N ASN P 50 25.24 6.46 27.63
CA ASN P 50 24.14 6.62 26.68
C ASN P 50 22.79 6.45 27.37
N MET P 51 22.65 5.39 28.18
N MET P 51 22.65 5.39 28.18
CA MET P 51 21.40 5.16 28.89
CA MET P 51 21.40 5.16 28.89
C MET P 51 21.13 6.26 29.91
C MET P 51 21.13 6.27 29.90
N LEU P 52 22.19 6.74 30.57
CA LEU P 52 22.03 7.85 31.52
C LEU P 52 21.59 9.12 30.80
N THR P 53 22.18 9.41 29.64
CA THR P 53 21.79 10.57 28.87
C THR P 53 20.33 10.48 28.42
N MET P 54 19.93 9.33 27.87
N MET P 54 19.93 9.32 27.88
CA MET P 54 18.55 9.17 27.40
CA MET P 54 18.56 9.16 27.41
C MET P 54 17.56 9.27 28.56
C MET P 54 17.55 9.26 28.55
N TYR P 55 17.90 8.70 29.71
CA TYR P 55 16.99 8.75 30.85
C TYR P 55 16.76 10.19 31.31
N GLN P 56 17.85 10.93 31.53
CA GLN P 56 17.74 12.27 32.08
C GLN P 56 17.18 13.26 31.05
N TRP P 57 17.55 13.08 29.78
CA TRP P 57 17.01 13.93 28.73
C TRP P 57 15.49 13.85 28.65
N TRP P 58 14.97 12.63 28.51
CA TRP P 58 13.53 12.46 28.40
C TRP P 58 12.81 12.67 29.72
N ARG P 59 13.50 12.44 30.84
CA ARG P 59 12.98 12.86 32.14
C ARG P 59 12.67 14.35 32.15
N ASP P 60 13.62 15.15 31.66
CA ASP P 60 13.43 16.60 31.63
C ASP P 60 12.28 17.00 30.71
N VAL P 61 12.10 16.27 29.60
CA VAL P 61 10.99 16.56 28.71
C VAL P 61 9.66 16.35 29.41
N ILE P 62 9.58 15.29 30.24
CA ILE P 62 8.38 15.08 31.04
C ILE P 62 8.19 16.21 32.04
N ARG P 63 9.29 16.63 32.68
CA ARG P 63 9.21 17.75 33.61
C ARG P 63 8.76 19.02 32.91
N GLU P 64 9.27 19.28 31.70
CA GLU P 64 8.94 20.50 30.99
C GLU P 64 7.48 20.53 30.54
N SER P 65 6.88 19.35 30.33
CA SER P 65 5.54 19.27 29.76
C SER P 65 4.48 18.95 30.80
N THR P 66 4.56 17.75 31.40
CA THR P 66 3.56 17.36 32.39
C THR P 66 3.60 18.24 33.62
N PHE P 67 4.79 18.57 34.10
CA PHE P 67 4.95 19.27 35.37
C PHE P 67 5.03 20.79 35.22
N GLN P 68 5.59 21.28 34.11
CA GLN P 68 5.76 22.72 33.93
C GLN P 68 4.85 23.33 32.88
N GLY P 69 4.26 22.53 31.99
CA GLY P 69 3.24 23.02 31.09
C GLY P 69 3.72 23.74 29.86
N HIS P 70 4.96 23.47 29.41
CA HIS P 70 5.52 24.19 28.28
C HIS P 70 5.02 23.69 26.94
N HIS P 71 4.33 22.55 26.89
CA HIS P 71 3.90 21.96 25.61
C HIS P 71 2.53 22.52 25.23
N THR P 72 2.56 23.73 24.68
CA THR P 72 1.40 24.35 24.07
C THR P 72 1.03 23.57 22.80
N PRO P 73 -0.15 23.84 22.21
CA PRO P 73 -0.49 23.21 20.93
C PRO P 73 0.57 23.41 19.86
N ALA P 74 1.26 24.55 19.85
CA ALA P 74 2.28 24.78 18.83
C ALA P 74 3.51 23.93 19.09
N VAL P 75 3.90 23.77 20.36
CA VAL P 75 5.03 22.90 20.69
C VAL P 75 4.70 21.45 20.36
N GLN P 76 3.48 21.02 20.67
CA GLN P 76 3.06 19.65 20.34
C GLN P 76 3.08 19.43 18.83
N LYS P 77 2.59 20.42 18.07
CA LYS P 77 2.59 20.31 16.61
C LYS P 77 4.00 20.10 16.07
N GLY P 78 4.99 20.81 16.63
CA GLY P 78 6.37 20.60 16.23
C GLY P 78 6.87 19.21 16.54
N LEU P 79 6.56 18.70 17.74
CA LEU P 79 6.98 17.35 18.11
C LEU P 79 6.32 16.31 17.23
N ARG P 80 5.11 16.58 16.74
CA ARG P 80 4.47 15.67 15.79
C ARG P 80 5.28 15.58 14.50
N TYR P 81 5.68 16.73 13.96
CA TYR P 81 6.53 16.73 12.77
C TYR P 81 7.84 16.01 13.04
N GLY P 82 8.47 16.30 14.19
CA GLY P 82 9.73 15.67 14.51
C GLY P 82 9.66 14.15 14.54
N MET P 83 8.59 13.60 15.11
CA MET P 83 8.48 12.15 15.20
C MET P 83 8.21 11.53 13.84
N ILE P 84 7.36 12.18 13.03
CA ILE P 84 7.08 11.68 11.69
C ILE P 84 8.35 11.68 10.85
N LEU P 85 9.14 12.76 10.93
CA LEU P 85 10.38 12.85 10.16
C LEU P 85 11.40 11.81 10.63
N PHE P 86 11.44 11.56 11.94
CA PHE P 86 12.37 10.55 12.46
C PHE P 86 12.01 9.16 11.96
N ILE P 87 10.70 8.84 11.92
CA ILE P 87 10.26 7.55 11.42
C ILE P 87 10.62 7.42 9.94
N ILE P 88 10.47 8.49 9.17
CA ILE P 88 10.81 8.48 7.75
C ILE P 88 12.28 8.10 7.57
N SER P 89 13.17 8.73 8.34
CA SER P 89 14.58 8.40 8.26
C SER P 89 14.85 6.95 8.65
N GLU P 90 14.04 6.40 9.55
CA GLU P 90 14.17 4.99 9.90
C GLU P 90 13.70 4.09 8.78
N VAL P 91 12.67 4.51 8.04
CA VAL P 91 12.22 3.74 6.88
C VAL P 91 13.32 3.64 5.84
N LEU P 92 14.01 4.76 5.58
CA LEU P 92 15.08 4.73 4.58
C LEU P 92 16.27 3.93 5.05
N PHE P 93 16.51 3.86 6.36
CA PHE P 93 17.57 3.01 6.89
C PHE P 93 17.30 1.55 6.56
N PHE P 94 16.08 1.07 6.85
CA PHE P 94 15.72 -0.31 6.50
C PHE P 94 15.67 -0.52 5.00
N THR P 95 15.27 0.50 4.24
CA THR P 95 15.22 0.38 2.78
C THR P 95 16.56 -0.07 2.21
N GLY P 96 17.66 0.42 2.78
CA GLY P 96 18.97 -0.01 2.32
C GLY P 96 19.20 -1.50 2.51
N PHE P 97 18.68 -2.07 3.60
CA PHE P 97 18.84 -3.50 3.85
C PHE P 97 17.93 -4.33 2.94
N PHE P 98 16.71 -3.85 2.67
CA PHE P 98 15.88 -4.52 1.69
C PHE P 98 16.49 -4.46 0.30
N TRP P 99 17.14 -3.33 -0.02
CA TRP P 99 17.87 -3.23 -1.28
C TRP P 99 18.98 -4.27 -1.35
N ALA P 100 19.75 -4.39 -0.27
CA ALA P 100 20.81 -5.42 -0.22
C ALA P 100 20.23 -6.81 -0.40
N PHE P 101 19.09 -7.10 0.24
CA PHE P 101 18.50 -8.43 0.13
C PHE P 101 18.06 -8.73 -1.30
N TYR P 102 17.30 -7.80 -1.90
CA TYR P 102 16.79 -8.05 -3.25
C TYR P 102 17.91 -8.07 -4.29
N HIS P 103 18.95 -7.26 -4.10
CA HIS P 103 20.12 -7.34 -4.97
C HIS P 103 20.72 -8.74 -4.96
N SER P 104 20.92 -9.30 -3.76
CA SER P 104 21.58 -10.60 -3.65
C SER P 104 20.67 -11.74 -4.11
N SER P 105 19.37 -11.64 -3.82
CA SER P 105 18.46 -12.76 -4.03
C SER P 105 17.88 -12.80 -5.44
N LEU P 106 17.77 -11.66 -6.12
CA LEU P 106 17.27 -11.66 -7.48
C LEU P 106 18.34 -12.06 -8.51
N ALA P 107 19.62 -11.92 -8.17
CA ALA P 107 20.72 -12.28 -9.06
C ALA P 107 21.74 -13.11 -8.31
N PRO P 108 21.37 -14.34 -7.92
CA PRO P 108 22.30 -15.17 -7.14
C PRO P 108 23.54 -15.52 -7.95
N THR P 109 24.70 -15.35 -7.32
CA THR P 109 25.99 -15.50 -7.98
C THR P 109 26.38 -16.98 -8.05
N PRO P 110 27.34 -17.32 -8.91
CA PRO P 110 27.80 -18.72 -9.00
C PRO P 110 28.26 -19.32 -7.68
N GLU P 111 28.82 -18.51 -6.77
CA GLU P 111 29.28 -19.05 -5.49
C GLU P 111 28.14 -19.60 -4.67
N LEU P 112 26.91 -19.16 -4.92
CA LEU P 112 25.74 -19.68 -4.23
C LEU P 112 25.16 -20.92 -4.88
N GLY P 113 25.67 -21.31 -6.05
CA GLY P 113 25.01 -22.28 -6.89
C GLY P 113 24.16 -21.67 -7.99
N GLY P 114 24.13 -20.34 -8.10
CA GLY P 114 23.29 -19.68 -9.07
C GLY P 114 21.82 -19.73 -8.76
N CYS P 115 21.45 -19.97 -7.51
CA CYS P 115 20.05 -20.13 -7.13
C CYS P 115 19.81 -19.46 -5.79
N TRP P 116 18.54 -19.18 -5.50
CA TRP P 116 18.13 -18.66 -4.20
C TRP P 116 16.95 -19.47 -3.69
N PRO P 117 16.98 -19.95 -2.44
CA PRO P 117 18.08 -19.80 -1.48
C PRO P 117 19.33 -20.56 -1.89
N PRO P 118 20.49 -20.12 -1.41
CA PRO P 118 21.75 -20.73 -1.85
C PRO P 118 21.82 -22.21 -1.52
N THR P 119 22.66 -22.92 -2.27
CA THR P 119 22.94 -24.31 -1.97
C THR P 119 23.46 -24.45 -0.53
N GLY P 120 22.87 -25.40 0.20
CA GLY P 120 23.25 -25.64 1.57
C GLY P 120 22.50 -24.84 2.60
N ILE P 121 21.64 -23.90 2.18
CA ILE P 121 20.80 -23.11 3.07
C ILE P 121 19.43 -23.76 3.16
N HIS P 122 18.97 -24.02 4.37
CA HIS P 122 17.66 -24.61 4.62
C HIS P 122 16.81 -23.61 5.39
N PRO P 123 15.99 -22.82 4.71
CA PRO P 123 15.28 -21.72 5.38
C PRO P 123 14.27 -22.23 6.40
N LEU P 124 13.95 -21.36 7.36
CA LEU P 124 12.87 -21.63 8.28
C LEU P 124 11.54 -21.70 7.55
N ASN P 125 10.60 -22.44 8.12
CA ASN P 125 9.26 -22.52 7.55
C ASN P 125 8.51 -21.23 7.84
N PRO P 126 8.14 -20.46 6.83
CA PRO P 126 7.42 -19.20 7.09
C PRO P 126 6.07 -19.39 7.76
N LEU P 127 5.52 -20.61 7.74
CA LEU P 127 4.21 -20.90 8.28
C LEU P 127 4.22 -21.32 9.75
N GLU P 128 5.40 -21.38 10.37
CA GLU P 128 5.48 -21.80 11.77
C GLU P 128 5.68 -20.59 12.67
N VAL P 129 6.87 -20.45 13.28
CA VAL P 129 7.09 -19.31 14.19
C VAL P 129 7.05 -17.98 13.46
N PRO P 130 7.61 -17.83 12.25
CA PRO P 130 7.46 -16.53 11.55
C PRO P 130 6.01 -16.11 11.37
N LEU P 131 5.10 -17.05 11.13
CA LEU P 131 3.68 -16.72 11.04
C LEU P 131 3.13 -16.32 12.41
N LEU P 132 3.56 -17.03 13.46
CA LEU P 132 3.16 -16.66 14.82
C LEU P 132 3.61 -15.24 15.15
N ASN P 133 4.88 -14.93 14.86
CA ASN P 133 5.38 -13.57 15.06
C ASN P 133 4.53 -12.55 14.32
N THR P 134 4.07 -12.89 13.11
CA THR P 134 3.24 -11.97 12.34
C THR P 134 1.91 -11.72 13.04
N SER P 135 1.26 -12.78 13.53
CA SER P 135 0.01 -12.62 14.26
C SER P 135 0.22 -11.86 15.57
N VAL P 136 1.41 -12.00 16.18
CA VAL P 136 1.66 -11.34 17.45
C VAL P 136 1.74 -9.83 17.25
N LEU P 137 2.53 -9.37 16.27
CA LEU P 137 2.67 -7.94 16.05
C LEU P 137 1.39 -7.33 15.51
N LEU P 138 0.68 -8.05 14.62
CA LEU P 138 -0.60 -7.56 14.13
C LEU P 138 -1.60 -7.42 15.26
N ALA P 139 -1.62 -8.38 16.19
CA ALA P 139 -2.52 -8.29 17.34
C ALA P 139 -2.14 -7.12 18.24
N SER P 140 -0.84 -6.85 18.40
CA SER P 140 -0.41 -5.73 19.22
C SER P 140 -0.79 -4.40 18.60
N GLY P 141 -0.93 -4.35 17.28
CA GLY P 141 -1.43 -3.16 16.63
C GLY P 141 -2.90 -2.92 16.93
N VAL P 142 -3.68 -3.98 17.07
CA VAL P 142 -5.08 -3.85 17.46
C VAL P 142 -5.20 -3.39 18.90
N SER P 143 -4.43 -4.02 19.80
CA SER P 143 -4.56 -3.73 21.23
C SER P 143 -4.09 -2.33 21.55
N ILE P 144 -3.05 -1.84 20.88
CA ILE P 144 -2.58 -0.48 21.14
C ILE P 144 -3.56 0.54 20.61
N THR P 145 -4.35 0.17 19.59
CA THR P 145 -5.41 1.07 19.12
C THR P 145 -6.55 1.12 20.14
N TRP P 146 -6.87 -0.02 20.76
CA TRP P 146 -7.82 -0.03 21.87
C TRP P 146 -7.31 0.83 23.02
N ALA P 147 -6.02 0.75 23.32
CA ALA P 147 -5.43 1.59 24.36
C ALA P 147 -5.63 3.07 24.04
N HIS P 148 -5.36 3.46 22.80
CA HIS P 148 -5.50 4.87 22.41
C HIS P 148 -6.92 5.36 22.63
N HIS P 149 -7.92 4.61 22.13
CA HIS P 149 -9.30 5.04 22.25
C HIS P 149 -9.76 5.04 23.71
N SER P 150 -9.31 4.07 24.50
CA SER P 150 -9.59 4.10 25.93
C SER P 150 -9.06 5.36 26.57
N LEU P 151 -7.82 5.76 26.21
CA LEU P 151 -7.24 6.99 26.75
C LEU P 151 -8.06 8.21 26.32
N MET P 152 -8.46 8.28 25.05
CA MET P 152 -9.21 9.43 24.58
C MET P 152 -10.59 9.51 25.23
N GLU P 153 -11.21 8.36 25.52
CA GLU P 153 -12.50 8.32 26.18
C GLU P 153 -12.39 8.39 27.70
N GLY P 154 -11.18 8.57 28.23
CA GLY P 154 -11.02 8.78 29.65
C GLY P 154 -11.03 7.54 30.52
N ASP P 155 -10.76 6.36 29.94
CA ASP P 155 -10.91 5.09 30.64
C ASP P 155 -9.53 4.65 31.09
N ARG P 156 -9.20 4.90 32.37
CA ARG P 156 -7.88 4.60 32.89
C ARG P 156 -7.62 3.09 32.91
N LYS P 157 -8.58 2.31 33.44
CA LYS P 157 -8.34 0.88 33.63
C LYS P 157 -8.12 0.16 32.31
N HIS P 158 -9.00 0.42 31.33
CA HIS P 158 -8.87 -0.28 30.05
C HIS P 158 -7.68 0.22 29.23
N MET P 159 -7.27 1.48 29.42
CA MET P 159 -6.03 1.95 28.81
C MET P 159 -4.84 1.13 29.28
N LEU P 160 -4.66 1.03 30.60
CA LEU P 160 -3.57 0.23 31.15
C LEU P 160 -3.71 -1.24 30.75
N GLN P 161 -4.95 -1.71 30.67
CA GLN P 161 -5.22 -3.08 30.28
C GLN P 161 -4.75 -3.36 28.86
N ALA P 162 -5.16 -2.52 27.91
CA ALA P 162 -4.76 -2.70 26.52
C ALA P 162 -3.26 -2.49 26.33
N LEU P 163 -2.70 -1.51 27.02
CA LEU P 163 -1.28 -1.21 26.86
C LEU P 163 -0.41 -2.33 27.44
N PHE P 164 -0.84 -2.93 28.54
CA PHE P 164 -0.13 -4.10 29.06
C PHE P 164 -0.17 -5.26 28.09
N ILE P 165 -1.32 -5.49 27.46
CA ILE P 165 -1.42 -6.56 26.46
C ILE P 165 -0.50 -6.26 25.28
N THR P 166 -0.44 -5.00 24.86
CA THR P 166 0.46 -4.63 23.77
C THR P 166 1.92 -4.90 24.13
N ILE P 167 2.31 -4.53 25.34
CA ILE P 167 3.69 -4.75 25.79
C ILE P 167 3.99 -6.25 25.88
N THR P 168 3.03 -7.02 26.43
CA THR P 168 3.23 -8.46 26.55
C THR P 168 3.45 -9.11 25.19
N LEU P 169 2.70 -8.67 24.18
CA LEU P 169 2.89 -9.21 22.83
C LEU P 169 4.26 -8.82 22.28
N GLY P 170 4.70 -7.59 22.54
CA GLY P 170 6.02 -7.18 22.10
C GLY P 170 7.12 -8.01 22.75
N VAL P 171 6.98 -8.29 24.04
CA VAL P 171 7.93 -9.18 24.72
C VAL P 171 7.82 -10.59 24.15
N TYR P 172 6.59 -11.05 23.89
CA TYR P 172 6.38 -12.38 23.31
C TYR P 172 7.13 -12.51 21.98
N PHE P 173 7.03 -11.49 21.13
CA PHE P 173 7.74 -11.50 19.85
C PHE P 173 9.25 -11.59 20.07
N THR P 174 9.77 -10.84 21.03
CA THR P 174 11.22 -10.82 21.26
C THR P 174 11.72 -12.19 21.73
N LEU P 175 10.98 -12.83 22.64
CA LEU P 175 11.38 -14.15 23.10
C LEU P 175 11.28 -15.19 22.00
N LEU P 176 10.26 -15.07 21.13
CA LEU P 176 10.14 -15.99 20.00
C LEU P 176 11.28 -15.80 19.02
N GLN P 177 11.67 -14.55 18.76
CA GLN P 177 12.76 -14.30 17.83
C GLN P 177 14.09 -14.76 18.39
N ALA P 178 14.35 -14.49 19.67
CA ALA P 178 15.55 -15.02 20.32
C ALA P 178 15.61 -16.53 20.21
N SER P 179 14.48 -17.21 20.41
CA SER P 179 14.45 -18.66 20.29
C SER P 179 14.72 -19.10 18.86
N GLU P 180 14.14 -18.41 17.87
N GLU P 180 14.10 -18.42 17.90
CA GLU P 180 14.40 -18.81 16.49
CA GLU P 180 14.35 -18.67 16.48
C GLU P 180 15.81 -18.44 16.04
C GLU P 180 15.83 -18.52 16.15
N TYR P 181 16.44 -17.46 16.67
CA TYR P 181 17.86 -17.22 16.43
C TYR P 181 18.70 -18.41 16.89
N TYR P 182 18.45 -18.88 18.12
CA TYR P 182 19.20 -20.02 18.63
C TYR P 182 18.94 -21.28 17.79
N GLU P 183 17.69 -21.50 17.37
CA GLU P 183 17.34 -22.73 16.69
C GLU P 183 17.72 -22.73 15.21
N ALA P 184 18.00 -21.56 14.64
CA ALA P 184 18.27 -21.48 13.20
C ALA P 184 19.49 -22.32 12.84
N PRO P 185 19.40 -23.19 11.82
CA PRO P 185 20.58 -23.96 11.40
C PRO P 185 21.59 -23.14 10.60
N PHE P 186 21.26 -21.91 10.25
CA PHE P 186 22.17 -21.02 9.55
C PHE P 186 22.52 -19.84 10.45
N THR P 187 23.66 -19.23 10.18
CA THR P 187 24.21 -18.18 11.02
C THR P 187 24.47 -16.93 10.19
N ILE P 188 24.90 -15.86 10.87
CA ILE P 188 25.23 -14.62 10.18
C ILE P 188 26.41 -14.80 9.25
N SER P 189 27.21 -15.84 9.44
CA SER P 189 28.39 -16.10 8.64
C SER P 189 28.12 -17.04 7.47
N ASP P 190 26.87 -17.49 7.29
CA ASP P 190 26.53 -18.38 6.17
C ASP P 190 26.20 -17.56 4.92
N GLY P 191 27.20 -16.84 4.45
CA GLY P 191 27.09 -16.13 3.20
C GLY P 191 26.11 -14.96 3.24
N VAL P 192 25.66 -14.59 2.05
CA VAL P 192 24.79 -13.42 1.93
C VAL P 192 23.36 -13.70 2.39
N TYR P 193 22.95 -14.98 2.41
CA TYR P 193 21.64 -15.30 2.99
C TYR P 193 21.64 -15.01 4.49
N GLY P 194 22.60 -15.56 5.22
CA GLY P 194 22.69 -15.29 6.65
C GLY P 194 22.99 -13.83 6.94
N SER P 195 23.72 -13.16 6.04
CA SER P 195 24.03 -11.76 6.25
C SER P 195 22.77 -10.91 6.20
N THR P 196 22.00 -11.03 5.12
CA THR P 196 20.78 -10.23 4.99
C THR P 196 19.74 -10.62 6.03
N PHE P 197 19.62 -11.93 6.34
CA PHE P 197 18.63 -12.38 7.30
C PHE P 197 18.84 -11.75 8.67
N PHE P 198 20.02 -11.96 9.26
CA PHE P 198 20.23 -11.59 10.64
C PHE P 198 20.46 -10.09 10.83
N VAL P 199 21.05 -9.41 9.84
CA VAL P 199 21.24 -7.97 9.98
C VAL P 199 19.91 -7.23 9.85
N ALA P 200 19.08 -7.64 8.90
CA ALA P 200 17.78 -6.98 8.71
C ALA P 200 16.84 -7.29 9.86
N THR P 201 16.63 -8.57 10.16
CA THR P 201 15.76 -8.93 11.28
C THR P 201 16.38 -8.54 12.62
N GLY P 202 17.70 -8.46 12.69
CA GLY P 202 18.34 -8.05 13.93
C GLY P 202 18.11 -6.59 14.24
N PHE P 203 18.26 -5.72 13.24
CA PHE P 203 17.95 -4.31 13.43
C PHE P 203 16.46 -4.11 13.73
N HIS P 204 15.60 -4.90 13.10
CA HIS P 204 14.18 -4.87 13.43
C HIS P 204 13.94 -5.30 14.87
N GLY P 205 14.55 -6.41 15.28
CA GLY P 205 14.42 -6.85 16.66
C GLY P 205 14.87 -5.81 17.65
N LEU P 206 15.95 -5.09 17.32
CA LEU P 206 16.37 -3.94 18.13
C LEU P 206 15.26 -2.90 18.23
N HIS P 207 14.63 -2.59 17.09
CA HIS P 207 13.55 -1.61 17.09
C HIS P 207 12.34 -2.10 17.87
N VAL P 208 12.09 -3.42 17.88
CA VAL P 208 11.02 -3.96 18.71
C VAL P 208 11.31 -3.72 20.19
N ILE P 209 12.57 -3.91 20.59
CA ILE P 209 12.95 -3.68 21.97
C ILE P 209 12.88 -2.20 22.31
N ILE P 210 13.30 -1.34 21.38
CA ILE P 210 13.17 0.10 21.58
C ILE P 210 11.71 0.48 21.71
N GLY P 211 10.87 -0.04 20.82
CA GLY P 211 9.45 0.30 20.86
C GLY P 211 8.76 -0.25 22.09
N SER P 212 9.15 -1.44 22.54
CA SER P 212 8.60 -1.99 23.77
C SER P 212 9.00 -1.15 24.97
N THR P 213 10.27 -0.73 25.03
CA THR P 213 10.72 0.16 26.09
C THR P 213 9.92 1.46 26.09
N PHE P 214 9.70 2.03 24.89
CA PHE P 214 8.89 3.24 24.78
C PHE P 214 7.49 3.02 25.33
N LEU P 215 6.87 1.88 24.99
CA LEU P 215 5.55 1.56 25.50
C LEU P 215 5.57 1.38 27.01
N ILE P 216 6.63 0.79 27.56
CA ILE P 216 6.72 0.60 29.00
C ILE P 216 6.82 1.94 29.70
N VAL P 217 7.56 2.89 29.12
CA VAL P 217 7.61 4.24 29.67
C VAL P 217 6.21 4.83 29.72
N CYS P 218 5.46 4.72 28.62
CA CYS P 218 4.09 5.23 28.59
C CYS P 218 3.21 4.53 29.61
N PHE P 219 3.44 3.24 29.85
CA PHE P 219 2.66 2.50 30.83
C PHE P 219 2.83 3.08 32.24
N PHE P 220 4.08 3.30 32.65
CA PHE P 220 4.31 3.84 33.99
C PHE P 220 3.91 5.31 34.07
N ARG P 221 4.06 6.08 32.99
CA ARG P 221 3.54 7.45 32.99
C ARG P 221 2.03 7.45 33.12
N GLN P 222 1.35 6.49 32.48
CA GLN P 222 -0.09 6.36 32.64
C GLN P 222 -0.44 5.98 34.08
N LEU P 223 0.32 5.06 34.67
CA LEU P 223 0.10 4.70 36.07
C LEU P 223 0.16 5.92 36.97
N LYS P 224 1.06 6.86 36.69
CA LYS P 224 1.22 8.07 37.47
C LYS P 224 0.36 9.23 36.97
N PHE P 225 -0.64 8.96 36.11
CA PHE P 225 -1.64 9.93 35.70
C PHE P 225 -1.07 11.08 34.87
N HIS P 226 0.04 10.84 34.16
CA HIS P 226 0.63 11.92 33.37
C HIS P 226 -0.27 12.33 32.21
N PHE P 227 -0.93 11.37 31.58
CA PHE P 227 -1.65 11.64 30.35
C PHE P 227 -3.05 12.15 30.66
N THR P 228 -3.48 13.14 29.90
CA THR P 228 -4.87 13.55 29.87
C THR P 228 -5.56 12.91 28.68
N SER P 229 -6.89 13.01 28.65
CA SER P 229 -7.64 12.41 27.55
C SER P 229 -7.39 13.15 26.23
N ASN P 230 -6.81 14.35 26.29
CA ASN P 230 -6.54 15.13 25.08
C ASN P 230 -5.06 15.40 24.83
N HIS P 231 -4.20 15.29 25.84
CA HIS P 231 -2.79 15.62 25.71
C HIS P 231 -1.97 14.42 26.16
N HIS P 232 -1.35 13.74 25.20
CA HIS P 232 -0.60 12.52 25.48
C HIS P 232 0.29 12.15 24.30
N PHE P 233 1.12 13.09 23.83
CA PHE P 233 1.90 12.84 22.63
C PHE P 233 2.92 11.72 22.84
N GLY P 234 3.44 11.57 24.06
CA GLY P 234 4.34 10.46 24.34
C GLY P 234 3.74 9.13 23.97
N PHE P 235 2.45 8.94 24.24
CA PHE P 235 1.77 7.73 23.83
C PHE P 235 1.61 7.65 22.32
N GLU P 236 1.20 8.76 21.70
CA GLU P 236 1.00 8.74 20.25
C GLU P 236 2.30 8.49 19.50
N ALA P 237 3.38 9.16 19.92
CA ALA P 237 4.69 8.89 19.33
C ALA P 237 5.06 7.43 19.45
N ALA P 238 4.80 6.83 20.61
CA ALA P 238 5.09 5.42 20.80
C ALA P 238 4.17 4.55 19.96
N ALA P 239 2.92 4.99 19.75
CA ALA P 239 2.01 4.24 18.90
C ALA P 239 2.42 4.32 17.43
N TRP P 240 2.80 5.51 16.97
CA TRP P 240 3.31 5.64 15.61
C TRP P 240 4.55 4.78 15.41
N TYR P 241 5.47 4.81 16.39
CA TYR P 241 6.67 4.00 16.28
C TYR P 241 6.36 2.51 16.29
N TRP P 242 5.35 2.10 17.07
CA TRP P 242 4.99 0.70 17.12
C TRP P 242 4.40 0.22 15.80
N HIS P 243 3.56 1.06 15.17
CA HIS P 243 3.02 0.70 13.86
C HIS P 243 4.10 0.64 12.80
N PHE P 244 5.09 1.54 12.88
CA PHE P 244 6.24 1.46 12.00
C PHE P 244 6.97 0.14 12.16
N VAL P 245 7.20 -0.27 13.41
CA VAL P 245 7.85 -1.55 13.68
C VAL P 245 7.02 -2.69 13.10
N ASP P 246 5.70 -2.61 13.20
CA ASP P 246 4.83 -3.66 12.68
C ASP P 246 4.93 -3.74 11.16
N VAL P 247 4.88 -2.60 10.48
CA VAL P 247 4.90 -2.60 9.02
C VAL P 247 6.24 -3.13 8.50
N VAL P 248 7.33 -2.78 9.17
CA VAL P 248 8.65 -3.28 8.76
C VAL P 248 8.68 -4.80 8.83
N TRP P 249 8.09 -5.39 9.88
CA TRP P 249 8.04 -6.84 9.98
C TRP P 249 7.29 -7.45 8.81
N LEU P 250 6.11 -6.89 8.48
CA LEU P 250 5.33 -7.41 7.36
C LEU P 250 6.15 -7.42 6.08
N PHE P 251 6.94 -6.38 5.84
CA PHE P 251 7.82 -6.38 4.67
C PHE P 251 8.92 -7.43 4.82
N LEU P 252 9.50 -7.54 6.01
CA LEU P 252 10.50 -8.59 6.26
C LEU P 252 9.89 -9.98 6.05
N TYR P 253 8.70 -10.21 6.59
CA TYR P 253 8.06 -11.51 6.46
C TYR P 253 7.81 -11.87 4.99
N VAL P 254 7.22 -10.94 4.24
CA VAL P 254 6.92 -11.20 2.84
C VAL P 254 8.19 -11.37 2.03
N SER P 255 9.18 -10.51 2.27
CA SER P 255 10.38 -10.51 1.43
C SER P 255 11.34 -11.64 1.81
N ILE P 256 11.77 -11.68 3.06
CA ILE P 256 12.86 -12.57 3.47
C ILE P 256 12.34 -13.94 3.86
N TYR P 257 11.29 -14.00 4.69
CA TYR P 257 10.81 -15.28 5.19
C TYR P 257 10.00 -16.05 4.15
N TRP P 258 9.19 -15.34 3.36
CA TRP P 258 8.23 -16.00 2.49
C TRP P 258 8.73 -16.07 1.05
N TRP P 259 8.84 -14.92 0.39
CA TRP P 259 9.30 -14.92 -0.99
C TRP P 259 10.74 -15.43 -1.11
N GLY P 260 11.58 -15.11 -0.14
CA GLY P 260 12.97 -15.51 -0.17
C GLY P 260 13.27 -16.91 0.31
N SER P 261 12.26 -17.71 0.58
CA SER P 261 12.47 -19.08 1.06
C SER P 261 12.46 -20.08 -0.09
N GLU Q 9 18.66 50.90 19.28
CA GLU Q 9 18.18 52.28 19.33
C GLU Q 9 18.17 52.91 17.93
N ASP Q 10 19.27 52.75 17.19
CA ASP Q 10 19.33 53.26 15.83
C ASP Q 10 18.80 52.26 14.83
N TYR Q 11 18.91 50.96 15.14
CA TYR Q 11 18.50 49.95 14.19
C TYR Q 11 16.99 49.91 14.03
N ALA Q 12 16.26 50.35 15.05
CA ALA Q 12 14.80 50.36 15.01
C ALA Q 12 14.22 51.67 14.51
N LEU Q 13 15.05 52.70 14.29
CA LEU Q 13 14.54 53.99 13.85
C LEU Q 13 14.85 54.22 12.38
N PRO Q 14 14.05 55.05 11.69
CA PRO Q 14 14.39 55.43 10.32
C PRO Q 14 15.73 56.14 10.26
N SER Q 15 16.51 55.83 9.23
CA SER Q 15 17.87 56.33 9.10
C SER Q 15 18.04 57.00 7.75
N TYR Q 16 19.20 57.63 7.57
CA TYR Q 16 19.53 58.33 6.33
C TYR Q 16 20.41 57.45 5.44
N VAL Q 17 20.18 57.56 4.14
N VAL Q 17 20.20 57.56 4.14
CA VAL Q 17 20.96 56.86 3.13
CA VAL Q 17 21.04 56.84 3.18
C VAL Q 17 21.15 57.78 1.94
C VAL Q 17 21.12 57.67 1.91
N ASP Q 18 22.30 57.68 1.30
CA ASP Q 18 22.52 58.31 0.01
C ASP Q 18 22.51 57.20 -1.03
N ARG Q 19 21.39 57.06 -1.73
CA ARG Q 19 21.22 56.04 -2.75
C ARG Q 19 20.55 56.68 -3.95
N ARG Q 20 21.13 56.47 -5.13
CA ARG Q 20 20.60 57.08 -6.34
C ARG Q 20 19.25 56.50 -6.74
N ASP Q 21 18.92 55.29 -6.28
CA ASP Q 21 17.59 54.73 -6.50
C ASP Q 21 16.66 54.97 -5.31
N TYR Q 22 17.10 55.72 -4.31
CA TYR Q 22 16.27 56.13 -3.17
C TYR Q 22 16.54 57.60 -2.89
N PRO Q 23 16.18 58.48 -3.82
CA PRO Q 23 16.65 59.88 -3.75
C PRO Q 23 16.18 60.64 -2.54
N LEU Q 24 14.99 60.35 -2.00
CA LEU Q 24 14.42 61.08 -0.88
C LEU Q 24 14.41 60.19 0.36
N PRO Q 25 15.44 60.25 1.20
CA PRO Q 25 15.54 59.34 2.35
C PRO Q 25 14.44 59.62 3.37
N ASP Q 26 14.41 58.74 4.37
CA ASP Q 26 13.33 58.77 5.35
C ASP Q 26 13.47 59.94 6.32
N VAL Q 27 14.69 60.42 6.57
CA VAL Q 27 14.91 61.52 7.49
C VAL Q 27 15.87 62.53 6.86
N ALA Q 28 15.87 63.73 7.44
CA ALA Q 28 16.81 64.75 7.02
C ALA Q 28 18.23 64.41 7.48
N HIS Q 29 19.21 64.80 6.66
CA HIS Q 29 20.60 64.65 7.04
C HIS Q 29 20.90 65.29 8.39
N VAL Q 30 20.36 66.48 8.64
CA VAL Q 30 20.58 67.21 9.88
C VAL Q 30 19.26 67.24 10.62
N LYS Q 31 19.25 66.65 11.83
CA LYS Q 31 18.00 66.51 12.56
C LYS Q 31 17.74 67.67 13.52
N ASN Q 32 18.78 68.19 14.17
CA ASN Q 32 18.66 69.27 15.13
C ASN Q 32 19.21 70.54 14.51
N LEU Q 33 18.39 71.58 14.46
CA LEU Q 33 18.72 72.81 13.75
C LEU Q 33 19.11 73.92 14.72
N SER Q 34 20.16 74.66 14.36
CA SER Q 34 20.52 75.85 15.11
C SER Q 34 19.50 76.97 14.85
N ALA Q 35 19.66 78.06 15.61
CA ALA Q 35 18.73 79.19 15.50
C ALA Q 35 18.70 79.75 14.09
N SER Q 36 19.88 79.93 13.47
CA SER Q 36 19.93 80.49 12.13
C SER Q 36 19.43 79.48 11.10
N GLN Q 37 19.71 78.20 11.30
CA GLN Q 37 19.18 77.18 10.41
C GLN Q 37 17.66 77.11 10.50
N LYS Q 38 17.10 77.28 11.69
CA LYS Q 38 15.65 77.36 11.83
C LYS Q 38 15.09 78.57 11.10
N ALA Q 39 15.81 79.70 11.15
CA ALA Q 39 15.34 80.90 10.47
C ALA Q 39 15.43 80.74 8.95
N LEU Q 40 16.46 80.04 8.48
CA LEU Q 40 16.55 79.72 7.05
C LEU Q 40 15.36 78.88 6.61
N LYS Q 41 14.94 77.92 7.46
CA LYS Q 41 13.76 77.12 7.16
C LYS Q 41 12.49 77.96 7.16
N GLU Q 42 12.43 78.99 8.01
CA GLU Q 42 11.31 79.91 7.97
C GLU Q 42 11.34 80.75 6.71
N LYS Q 43 12.51 81.27 6.34
CA LYS Q 43 12.65 81.99 5.08
C LYS Q 43 12.27 81.10 3.89
N GLU Q 44 12.51 79.79 4.00
CA GLU Q 44 12.20 78.87 2.91
C GLU Q 44 10.70 78.81 2.62
N LYS Q 45 9.85 79.19 3.59
CA LYS Q 45 8.42 79.20 3.35
C LYS Q 45 7.97 80.35 2.45
N ALA Q 46 8.84 81.33 2.22
CA ALA Q 46 8.55 82.40 1.28
C ALA Q 46 9.12 82.04 -0.09
N SER Q 47 8.97 82.96 -1.04
CA SER Q 47 9.41 82.72 -2.41
C SER Q 47 10.88 82.35 -2.45
N TRP Q 48 11.19 81.27 -3.18
CA TRP Q 48 12.58 80.82 -3.28
C TRP Q 48 13.42 81.76 -4.15
N SER Q 49 12.80 82.64 -4.93
CA SER Q 49 13.57 83.63 -5.68
C SER Q 49 14.30 84.58 -4.74
N SER Q 50 13.77 84.80 -3.53
CA SER Q 50 14.42 85.64 -2.54
C SER Q 50 15.58 84.92 -1.85
N LEU Q 51 15.80 83.65 -2.16
CA LEU Q 51 16.93 82.91 -1.61
C LEU Q 51 18.19 83.16 -2.42
N SER Q 52 19.32 83.32 -1.73
CA SER Q 52 20.60 83.42 -2.40
C SER Q 52 21.12 82.02 -2.74
N ILE Q 53 22.15 81.99 -3.59
CA ILE Q 53 22.80 80.72 -3.92
C ILE Q 53 23.30 80.04 -2.65
N ASP Q 54 23.97 80.80 -1.78
CA ASP Q 54 24.49 80.24 -0.54
C ASP Q 54 23.36 79.69 0.33
N GLU Q 55 22.25 80.40 0.42
CA GLU Q 55 21.13 79.94 1.22
C GLU Q 55 20.52 78.67 0.65
N LYS Q 56 20.41 78.61 -0.68
CA LYS Q 56 19.85 77.42 -1.32
C LYS Q 56 20.74 76.20 -1.12
N VAL Q 57 22.06 76.39 -1.25
CA VAL Q 57 22.99 75.29 -0.99
C VAL Q 57 22.88 74.81 0.44
N GLU Q 58 22.69 75.73 1.38
CA GLU Q 58 22.59 75.34 2.79
C GLU Q 58 21.32 74.55 3.07
N LEU Q 59 20.22 74.93 2.41
CA LEU Q 59 18.99 74.14 2.54
C LEU Q 59 19.20 72.73 2.02
N TYR Q 60 19.91 72.59 0.91
CA TYR Q 60 20.21 71.27 0.37
C TYR Q 60 21.08 70.47 1.35
N ARG Q 61 22.08 71.11 1.94
CA ARG Q 61 23.01 70.41 2.83
C ARG Q 61 22.38 70.08 4.17
N LEU Q 62 21.27 70.72 4.53
CA LEU Q 62 20.54 70.32 5.72
C LEU Q 62 19.74 69.04 5.47
N LYS Q 63 19.15 68.93 4.28
CA LYS Q 63 18.32 67.78 3.94
C LYS Q 63 19.16 66.57 3.54
N PHE Q 64 20.26 66.80 2.83
CA PHE Q 64 21.04 65.73 2.23
C PHE Q 64 22.50 65.83 2.65
N LYS Q 65 23.18 64.69 2.68
CA LYS Q 65 24.60 64.62 3.01
C LYS Q 65 25.46 64.82 1.77
N GLU Q 66 25.33 63.93 0.79
CA GLU Q 66 26.07 64.01 -0.46
C GLU Q 66 25.12 64.25 -1.62
N SER Q 67 25.58 65.03 -2.60
CA SER Q 67 24.85 65.18 -3.85
C SER Q 67 25.03 63.92 -4.70
N PHE Q 68 24.24 63.84 -5.78
CA PHE Q 68 24.36 62.72 -6.70
C PHE Q 68 25.77 62.63 -7.30
N ALA Q 69 26.35 63.78 -7.66
CA ALA Q 69 27.70 63.79 -8.21
C ALA Q 69 28.71 63.27 -7.18
N GLU Q 70 28.57 63.68 -5.93
CA GLU Q 70 29.49 63.22 -4.89
C GLU Q 70 29.36 61.72 -4.63
N MET Q 71 28.12 61.24 -4.45
CA MET Q 71 27.91 59.84 -4.11
C MET Q 71 28.24 58.90 -5.26
N ASN Q 72 28.31 59.40 -6.49
CA ASN Q 72 28.60 58.57 -7.66
C ASN Q 72 30.06 58.67 -8.10
N ARG Q 73 30.91 59.35 -7.33
CA ARG Q 73 32.27 59.60 -7.77
C ARG Q 73 33.08 58.31 -7.82
N SER Q 74 34.02 58.27 -8.76
CA SER Q 74 34.94 57.14 -8.86
C SER Q 74 36.07 57.29 -7.84
N THR Q 75 36.75 56.18 -7.58
CA THR Q 75 37.85 56.14 -6.62
C THR Q 75 39.04 55.42 -7.25
N ASN Q 76 40.18 55.51 -6.56
CA ASN Q 76 41.40 54.84 -6.97
C ASN Q 76 41.61 53.51 -6.25
N GLU Q 77 40.57 52.98 -5.61
CA GLU Q 77 40.71 51.75 -4.85
C GLU Q 77 41.22 50.58 -5.70
N TRP Q 78 40.85 50.55 -6.98
CA TRP Q 78 41.26 49.44 -7.83
C TRP Q 78 42.78 49.35 -7.96
N LYS Q 79 43.47 50.47 -7.82
CA LYS Q 79 44.94 50.45 -7.87
C LYS Q 79 45.50 49.75 -6.63
N THR Q 80 44.94 50.06 -5.46
CA THR Q 80 45.37 49.38 -4.24
C THR Q 80 45.03 47.89 -4.27
N VAL Q 81 43.83 47.56 -4.76
CA VAL Q 81 43.40 46.16 -4.76
C VAL Q 81 44.24 45.33 -5.72
N VAL Q 82 44.38 45.80 -6.96
CA VAL Q 82 45.14 45.05 -7.95
C VAL Q 82 46.62 44.98 -7.57
N GLY Q 83 47.17 46.09 -7.05
CA GLY Q 83 48.57 46.11 -6.71
C GLY Q 83 48.91 45.25 -5.51
N ALA Q 84 48.06 45.31 -4.47
CA ALA Q 84 48.29 44.46 -3.30
C ALA Q 84 48.09 42.99 -3.64
N ALA Q 85 47.12 42.69 -4.51
CA ALA Q 85 46.93 41.32 -4.95
C ALA Q 85 48.17 40.79 -5.66
N MET Q 86 48.77 41.62 -6.51
CA MET Q 86 50.00 41.21 -7.19
C MET Q 86 51.16 41.06 -6.21
N PHE Q 87 51.19 41.84 -5.12
N PHE Q 87 51.14 41.83 -5.12
CA PHE Q 87 52.24 41.62 -4.13
CA PHE Q 87 52.16 41.72 -4.08
C PHE Q 87 52.11 40.24 -3.50
C PHE Q 87 52.12 40.35 -3.39
N PHE Q 88 50.92 39.90 -3.03
CA PHE Q 88 50.75 38.62 -2.34
C PHE Q 88 50.91 37.45 -3.29
N ILE Q 89 50.53 37.62 -4.56
CA ILE Q 89 50.82 36.60 -5.55
C ILE Q 89 52.32 36.51 -5.78
N GLY Q 90 53.00 37.66 -5.76
CA GLY Q 90 54.46 37.65 -5.81
C GLY Q 90 55.07 36.99 -4.59
N PHE Q 91 54.54 37.29 -3.40
CA PHE Q 91 54.99 36.62 -2.18
C PHE Q 91 54.82 35.11 -2.27
N THR Q 92 53.78 34.66 -2.98
CA THR Q 92 53.58 33.23 -3.15
C THR Q 92 54.75 32.58 -3.87
N ALA Q 93 55.29 33.25 -4.90
CA ALA Q 93 56.45 32.72 -5.60
C ALA Q 93 57.65 32.55 -4.68
N LEU Q 94 57.76 33.39 -3.65
CA LEU Q 94 58.82 33.20 -2.65
C LEU Q 94 58.65 31.88 -1.92
N LEU Q 95 57.39 31.51 -1.62
CA LEU Q 95 57.13 30.22 -0.99
C LEU Q 95 57.48 29.07 -1.92
N LEU Q 96 57.21 29.24 -3.22
CA LEU Q 96 57.52 28.20 -4.19
C LEU Q 96 59.02 28.06 -4.39
N ILE Q 97 59.76 29.17 -4.32
CA ILE Q 97 61.21 29.11 -4.39
C ILE Q 97 61.76 28.36 -3.18
N TRP Q 98 61.25 28.69 -1.99
CA TRP Q 98 61.66 27.99 -0.78
C TRP Q 98 61.38 26.50 -0.89
N GLU Q 99 60.23 26.14 -1.45
CA GLU Q 99 59.86 24.72 -1.56
C GLU Q 99 60.78 23.99 -2.53
N LYS Q 100 61.07 24.60 -3.68
CA LYS Q 100 61.97 23.99 -4.65
C LYS Q 100 63.37 23.79 -4.07
N HIS Q 101 63.81 24.70 -3.20
CA HIS Q 101 65.16 24.63 -2.67
C HIS Q 101 65.29 23.64 -1.51
N TYR Q 102 64.32 23.64 -0.59
CA TYR Q 102 64.48 22.91 0.66
C TYR Q 102 63.68 21.61 0.72
N VAL Q 103 62.68 21.43 -0.13
CA VAL Q 103 61.76 20.29 -0.04
C VAL Q 103 61.96 19.32 -1.19
N TYR Q 104 61.96 19.82 -2.42
CA TYR Q 104 62.03 18.95 -3.60
C TYR Q 104 63.46 18.49 -3.83
N GLY Q 105 63.63 17.19 -4.03
CA GLY Q 105 64.89 16.63 -4.47
C GLY Q 105 64.97 16.60 -5.98
N PRO Q 106 65.95 15.87 -6.51
CA PRO Q 106 66.07 15.77 -7.97
C PRO Q 106 64.90 14.99 -8.58
N ILE Q 107 64.57 15.36 -9.80
CA ILE Q 107 63.53 14.67 -10.57
C ILE Q 107 64.15 13.45 -11.23
N PRO Q 108 63.38 12.49 -11.74
CA PRO Q 108 63.97 11.28 -12.29
C PRO Q 108 64.88 11.57 -13.48
N HIS Q 109 65.75 10.59 -13.77
CA HIS Q 109 66.74 10.73 -14.83
C HIS Q 109 66.11 10.74 -16.22
N THR Q 110 64.83 10.39 -16.35
CA THR Q 110 64.19 10.37 -17.66
C THR Q 110 63.99 11.76 -18.23
N PHE Q 111 64.22 12.81 -17.44
CA PHE Q 111 64.15 14.18 -17.92
C PHE Q 111 65.50 14.73 -18.35
N GLU Q 112 66.57 13.95 -18.21
CA GLU Q 112 67.86 14.38 -18.72
C GLU Q 112 67.80 14.55 -20.24
N GLU Q 113 68.64 15.45 -20.75
CA GLU Q 113 68.53 15.89 -22.13
C GLU Q 113 68.70 14.73 -23.11
N GLU Q 114 69.61 13.80 -22.83
CA GLU Q 114 69.83 12.71 -23.79
C GLU Q 114 68.70 11.69 -23.74
N TRP Q 115 68.23 11.34 -22.54
CA TRP Q 115 67.06 10.48 -22.44
C TRP Q 115 65.89 11.03 -23.25
N VAL Q 116 65.61 12.33 -23.07
CA VAL Q 116 64.48 12.95 -23.78
C VAL Q 116 64.68 12.84 -25.29
N ALA Q 117 65.91 13.02 -25.75
CA ALA Q 117 66.20 12.93 -27.19
C ALA Q 117 65.99 11.52 -27.70
N LYS Q 118 66.41 10.51 -26.94
CA LYS Q 118 66.16 9.13 -27.35
C LYS Q 118 64.70 8.77 -27.18
N GLN Q 119 64.08 9.21 -26.08
CA GLN Q 119 62.66 8.99 -25.87
C GLN Q 119 61.83 9.60 -26.99
N THR Q 120 62.24 10.77 -27.48
CA THR Q 120 61.51 11.43 -28.56
C THR Q 120 61.54 10.61 -29.85
N LYS Q 121 62.71 10.07 -30.20
CA LYS Q 121 62.81 9.27 -31.42
C LYS Q 121 61.93 8.02 -31.32
N ARG Q 122 62.00 7.31 -30.20
CA ARG Q 122 61.20 6.10 -30.05
C ARG Q 122 59.71 6.41 -30.16
N MET Q 123 59.28 7.55 -29.63
CA MET Q 123 57.89 7.97 -29.81
C MET Q 123 57.59 8.23 -31.28
N LEU Q 124 58.53 8.83 -32.01
CA LEU Q 124 58.36 8.99 -33.44
C LEU Q 124 58.47 7.66 -34.19
N ASP Q 125 59.25 6.72 -33.65
CA ASP Q 125 59.38 5.42 -34.31
C ASP Q 125 58.10 4.62 -34.18
N MET Q 126 57.40 4.72 -33.05
CA MET Q 126 56.12 4.06 -32.87
C MET Q 126 54.95 4.93 -33.29
N LYS Q 127 55.22 6.11 -33.87
CA LYS Q 127 54.20 6.98 -34.46
C LYS Q 127 53.16 7.42 -33.44
N VAL Q 128 53.64 7.83 -32.26
CA VAL Q 128 52.77 8.40 -31.23
C VAL Q 128 51.97 9.58 -31.80
N ALA Q 129 50.64 9.49 -31.70
CA ALA Q 129 49.72 10.53 -32.15
C ALA Q 129 50.04 10.95 -33.57
N PRO Q 130 49.83 10.07 -34.57
CA PRO Q 130 50.29 10.38 -35.93
C PRO Q 130 49.32 11.21 -36.75
N ILE Q 131 48.11 11.44 -36.26
CA ILE Q 131 47.12 12.21 -37.03
C ILE Q 131 47.22 13.70 -36.73
N GLN Q 132 47.40 14.08 -35.47
CA GLN Q 132 47.40 15.50 -35.13
C GLN Q 132 48.41 15.84 -34.03
N GLY Q 133 48.56 14.95 -33.07
CA GLY Q 133 49.12 15.31 -31.78
C GLY Q 133 50.62 15.45 -31.67
N PHE Q 134 51.38 14.55 -32.30
CA PHE Q 134 52.81 14.49 -32.05
C PHE Q 134 53.59 14.11 -33.31
N SER Q 135 53.48 12.85 -33.73
CA SER Q 135 54.19 12.42 -34.94
C SER Q 135 53.70 13.14 -36.18
N ALA Q 136 52.44 13.61 -36.16
CA ALA Q 136 51.92 14.41 -37.27
C ALA Q 136 52.73 15.67 -37.53
N LYS Q 137 53.51 16.13 -36.53
CA LYS Q 137 54.30 17.33 -36.66
C LYS Q 137 55.75 17.04 -37.02
N TRP Q 138 56.10 15.78 -37.24
CA TRP Q 138 57.41 15.38 -37.71
C TRP Q 138 57.34 15.01 -39.19
N ASP Q 139 58.32 15.46 -39.96
CA ASP Q 139 58.41 15.15 -41.38
C ASP Q 139 59.28 13.92 -41.54
N TYR Q 140 58.65 12.78 -41.88
CA TYR Q 140 59.39 11.53 -41.99
C TYR Q 140 60.21 11.44 -43.27
N ASP Q 141 59.85 12.20 -44.30
CA ASP Q 141 60.67 12.24 -45.51
C ASP Q 141 61.92 13.08 -45.30
N LYS Q 142 61.74 14.34 -44.89
CA LYS Q 142 62.87 15.25 -44.71
C LYS Q 142 63.60 15.04 -43.39
N ASN Q 143 63.07 14.21 -42.51
CA ASN Q 143 63.73 13.83 -41.26
C ASN Q 143 63.94 15.02 -40.33
N GLU Q 144 62.89 15.84 -40.20
CA GLU Q 144 62.94 17.01 -39.33
C GLU Q 144 61.52 17.33 -38.87
N TRP Q 145 61.44 18.24 -37.90
CA TRP Q 145 60.15 18.77 -37.50
C TRP Q 145 59.59 19.64 -38.62
N LYS Q 146 58.32 19.44 -38.95
CA LYS Q 146 57.67 20.27 -39.95
C LYS Q 146 57.74 21.75 -39.52
N LYS Q 147 57.92 22.63 -40.50
CA LYS Q 147 58.06 24.05 -40.22
C LYS Q 147 56.70 24.67 -39.94
N HIS R 5 -2.41 46.79 -21.12
CA HIS R 5 -2.28 47.48 -19.85
C HIS R 5 -2.73 48.94 -20.01
N GLU R 6 -1.98 49.85 -19.41
CA GLU R 6 -2.23 51.28 -19.55
C GLU R 6 -1.27 51.87 -20.58
N THR R 7 -1.75 52.89 -21.30
CA THR R 7 -0.90 53.60 -22.24
C THR R 7 0.09 54.49 -21.49
N ASP R 8 1.10 54.98 -22.22
CA ASP R 8 2.01 55.98 -21.68
C ASP R 8 1.24 57.18 -21.14
N GLU R 9 0.19 57.59 -21.87
CA GLU R 9 -0.58 58.77 -21.46
C GLU R 9 -1.30 58.54 -20.13
N GLU R 10 -1.83 57.33 -19.93
CA GLU R 10 -2.52 57.04 -18.68
C GLU R 10 -1.55 56.90 -17.52
N PHE R 11 -0.38 56.33 -17.76
CA PHE R 11 0.66 56.28 -16.73
C PHE R 11 1.05 57.69 -16.28
N ASP R 12 1.31 58.57 -17.25
CA ASP R 12 1.70 59.94 -16.93
C ASP R 12 0.59 60.70 -16.21
N ALA R 13 -0.66 60.47 -16.63
CA ALA R 13 -1.78 61.18 -16.02
C ALA R 13 -1.98 60.77 -14.57
N ARG R 14 -1.79 59.48 -14.27
N ARG R 14 -1.75 59.50 -14.25
CA ARG R 14 -1.87 59.02 -12.88
CA ARG R 14 -1.90 59.05 -12.87
C ARG R 14 -0.86 59.74 -12.00
C ARG R 14 -0.85 59.67 -11.97
N TRP R 15 0.37 59.89 -12.49
CA TRP R 15 1.42 60.48 -11.69
C TRP R 15 1.28 61.99 -11.59
N VAL R 16 0.82 62.64 -12.65
CA VAL R 16 0.50 64.06 -12.58
C VAL R 16 -0.57 64.30 -11.51
N THR R 17 -1.64 63.50 -11.55
CA THR R 17 -2.68 63.60 -10.53
C THR R 17 -2.13 63.33 -9.13
N TYR R 18 -1.24 62.34 -9.01
CA TYR R 18 -0.68 61.99 -7.70
C TYR R 18 0.03 63.17 -7.06
N PHE R 19 0.93 63.81 -7.80
CA PHE R 19 1.69 64.93 -7.26
C PHE R 19 0.89 66.23 -7.20
N ASN R 20 -0.23 66.31 -7.91
CA ASN R 20 -1.04 67.52 -7.93
C ASN R 20 -2.03 67.61 -6.78
N LYS R 21 -2.14 66.58 -5.95
CA LYS R 21 -3.06 66.63 -4.80
C LYS R 21 -2.67 67.80 -3.91
N PRO R 22 -3.57 68.76 -3.69
CA PRO R 22 -3.18 69.99 -2.96
C PRO R 22 -2.56 69.72 -1.59
N ASP R 23 -3.14 68.82 -0.81
CA ASP R 23 -2.68 68.52 0.54
C ASP R 23 -1.80 67.27 0.60
N ILE R 24 -1.08 66.96 -0.49
CA ILE R 24 -0.08 65.91 -0.43
C ILE R 24 0.93 66.23 0.68
N ASP R 25 1.27 65.21 1.46
CA ASP R 25 2.18 65.40 2.58
C ASP R 25 3.59 64.95 2.20
N ALA R 26 4.52 65.13 3.14
CA ALA R 26 5.93 64.85 2.86
C ALA R 26 6.17 63.37 2.59
N TRP R 27 5.46 62.50 3.32
CA TRP R 27 5.61 61.06 3.11
C TRP R 27 5.19 60.67 1.70
N GLU R 28 4.03 61.15 1.25
CA GLU R 28 3.55 60.81 -0.08
C GLU R 28 4.45 61.36 -1.18
N LEU R 29 5.08 62.51 -0.94
CA LEU R 29 6.04 63.04 -1.91
C LEU R 29 7.25 62.11 -2.05
N ARG R 30 7.85 61.74 -0.93
CA ARG R 30 8.99 60.81 -0.96
C ARG R 30 8.58 59.47 -1.53
N LYS R 31 7.40 58.98 -1.14
CA LYS R 31 6.91 57.69 -1.65
C LYS R 31 6.74 57.73 -3.17
N GLY R 32 6.20 58.82 -3.69
CA GLY R 32 6.02 58.93 -5.13
C GLY R 32 7.34 58.92 -5.89
N MET R 33 8.27 59.78 -5.48
CA MET R 33 9.55 59.88 -6.19
C MET R 33 10.37 58.60 -6.07
N ASN R 34 10.41 58.00 -4.89
CA ASN R 34 11.19 56.79 -4.70
C ASN R 34 10.60 55.63 -5.48
N THR R 35 9.27 55.59 -5.63
CA THR R 35 8.64 54.56 -6.46
C THR R 35 8.84 54.86 -7.94
N LEU R 36 8.72 56.14 -8.32
CA LEU R 36 8.77 56.51 -9.74
C LEU R 36 10.12 56.18 -10.36
N VAL R 37 11.21 56.40 -9.63
CA VAL R 37 12.55 56.17 -10.17
C VAL R 37 12.91 54.69 -10.22
N GLY R 38 12.02 53.80 -9.76
CA GLY R 38 12.24 52.39 -9.93
C GLY R 38 11.87 51.86 -11.29
N TYR R 39 11.11 52.63 -12.07
CA TYR R 39 10.66 52.20 -13.38
C TYR R 39 11.76 52.43 -14.42
N ASP R 40 11.65 51.70 -15.53
CA ASP R 40 12.56 51.85 -16.66
C ASP R 40 12.10 53.02 -17.53
N LEU R 41 12.27 54.23 -16.99
CA LEU R 41 11.90 55.44 -17.72
C LEU R 41 12.46 56.65 -16.98
N VAL R 42 12.70 57.71 -17.74
CA VAL R 42 12.90 59.04 -17.17
C VAL R 42 11.54 59.72 -17.15
N PRO R 43 11.10 60.24 -16.00
CA PRO R 43 9.73 60.77 -15.91
C PRO R 43 9.52 61.95 -16.85
N GLU R 44 8.34 61.98 -17.47
CA GLU R 44 7.96 63.07 -18.36
C GLU R 44 8.08 64.42 -17.64
N PRO R 45 8.48 65.48 -18.34
CA PRO R 45 8.50 66.81 -17.71
C PRO R 45 7.21 67.19 -17.01
N LYS R 46 6.06 66.76 -17.53
CA LYS R 46 4.78 67.10 -16.90
C LYS R 46 4.66 66.44 -15.53
N ILE R 47 5.32 65.31 -15.33
CA ILE R 47 5.33 64.66 -14.02
C ILE R 47 6.26 65.40 -13.07
N ILE R 48 7.46 65.73 -13.55
CA ILE R 48 8.42 66.48 -12.74
C ILE R 48 7.85 67.84 -12.36
N ASP R 49 7.18 68.50 -13.31
CA ASP R 49 6.54 69.78 -13.02
C ASP R 49 5.58 69.67 -11.85
N ALA R 50 4.68 68.68 -11.89
CA ALA R 50 3.76 68.47 -10.78
C ALA R 50 4.51 68.13 -9.49
N ALA R 51 5.60 67.37 -9.60
CA ALA R 51 6.37 67.01 -8.42
C ALA R 51 7.08 68.22 -7.83
N LEU R 52 7.61 69.10 -8.68
CA LEU R 52 8.30 70.29 -8.19
C LEU R 52 7.32 71.23 -7.49
N ARG R 53 6.09 71.33 -8.00
CA ARG R 53 5.10 72.18 -7.36
C ARG R 53 4.61 71.59 -6.04
N ALA R 54 4.61 70.26 -5.93
CA ALA R 54 4.34 69.63 -4.64
C ALA R 54 5.40 70.03 -3.61
N CYS R 55 6.67 70.08 -4.03
CA CYS R 55 7.72 70.55 -3.13
C CYS R 55 7.47 71.98 -2.68
N ARG R 56 6.97 72.82 -3.59
CA ARG R 56 6.67 74.22 -3.24
C ARG R 56 5.58 74.30 -2.18
N ARG R 57 4.50 73.54 -2.36
CA ARG R 57 3.43 73.52 -1.38
C ARG R 57 3.88 72.92 -0.04
N LEU R 58 4.94 72.11 -0.06
CA LEU R 58 5.48 71.52 1.15
C LEU R 58 6.68 72.29 1.69
N ASN R 59 7.02 73.43 1.08
CA ASN R 59 8.10 74.29 1.55
C ASN R 59 9.43 73.53 1.63
N ASP R 60 9.70 72.72 0.62
CA ASP R 60 10.87 71.84 0.59
C ASP R 60 11.66 72.16 -0.67
N PHE R 61 12.57 73.13 -0.58
CA PHE R 61 13.40 73.49 -1.73
C PHE R 61 14.40 72.37 -2.05
N ALA R 62 14.98 71.76 -1.01
CA ALA R 62 16.07 70.82 -1.24
C ALA R 62 15.60 69.60 -2.02
N SER R 63 14.38 69.11 -1.73
CA SER R 63 13.86 67.98 -2.48
C SER R 63 13.62 68.33 -3.95
N ALA R 64 13.33 69.60 -4.23
CA ALA R 64 13.16 70.01 -5.62
C ALA R 64 14.46 69.88 -6.39
N VAL R 65 15.59 70.25 -5.77
CA VAL R 65 16.88 70.07 -6.42
C VAL R 65 17.20 68.60 -6.57
N ARG R 66 16.91 67.80 -5.53
CA ARG R 66 17.19 66.37 -5.59
C ARG R 66 16.40 65.70 -6.71
N ILE R 67 15.16 66.13 -6.92
CA ILE R 67 14.35 65.57 -8.00
C ILE R 67 15.02 65.83 -9.35
N LEU R 68 15.58 67.03 -9.53
CA LEU R 68 16.27 67.32 -10.78
C LEU R 68 17.53 66.47 -10.92
N GLU R 69 18.21 66.18 -9.79
CA GLU R 69 19.38 65.32 -9.84
C GLU R 69 19.02 63.90 -10.29
N VAL R 70 17.91 63.36 -9.79
CA VAL R 70 17.57 61.98 -10.09
C VAL R 70 16.99 61.85 -11.49
N VAL R 71 16.39 62.92 -12.03
CA VAL R 71 16.01 62.92 -13.44
C VAL R 71 17.23 62.75 -14.32
N LYS R 72 18.27 63.54 -14.06
CA LYS R 72 19.52 63.40 -14.80
C LYS R 72 20.13 62.02 -14.60
N ASP R 73 20.11 61.51 -13.37
CA ASP R 73 20.71 60.22 -13.08
C ASP R 73 19.98 59.10 -13.81
N LYS R 74 18.64 59.15 -13.84
CA LYS R 74 17.85 58.12 -14.50
C LYS R 74 18.13 58.03 -15.99
N ALA R 75 18.68 59.09 -16.59
CA ALA R 75 18.95 59.08 -18.02
C ALA R 75 20.20 58.29 -18.38
N GLY R 76 21.05 57.99 -17.40
CA GLY R 76 22.27 57.26 -17.63
C GLY R 76 23.22 57.97 -18.58
N PRO R 77 23.67 57.27 -19.62
CA PRO R 77 24.59 57.87 -20.59
C PRO R 77 23.91 58.67 -21.70
N HIS R 78 22.58 58.76 -21.69
CA HIS R 78 21.83 59.49 -22.72
C HIS R 78 21.88 60.97 -22.33
N LYS R 79 22.92 61.67 -22.77
CA LYS R 79 23.17 63.07 -22.34
C LYS R 79 22.15 64.09 -22.83
N GLU R 80 21.29 63.75 -23.78
CA GLU R 80 20.36 64.72 -24.37
C GLU R 80 19.08 64.86 -23.54
N ILE R 81 18.79 63.90 -22.67
CA ILE R 81 17.49 63.93 -21.95
C ILE R 81 17.44 65.07 -20.95
N TYR R 82 18.46 65.20 -20.11
CA TYR R 82 18.38 66.22 -19.06
C TYR R 82 18.32 67.63 -19.61
N PRO R 83 19.14 68.04 -20.59
CA PRO R 83 18.93 69.38 -21.18
C PRO R 83 17.53 69.59 -21.75
N TYR R 84 16.93 68.55 -22.34
CA TYR R 84 15.57 68.68 -22.83
C TYR R 84 14.58 68.89 -21.69
N VAL R 85 14.74 68.11 -20.61
CA VAL R 85 13.82 68.22 -19.48
C VAL R 85 13.93 69.61 -18.86
N ILE R 86 15.15 70.09 -18.66
CA ILE R 86 15.36 71.43 -18.10
C ILE R 86 14.72 72.48 -18.99
N GLN R 87 14.91 72.35 -20.32
CA GLN R 87 14.28 73.27 -21.25
C GLN R 87 12.77 73.34 -21.05
N GLU R 88 12.11 72.17 -20.97
CA GLU R 88 10.68 72.14 -20.79
C GLU R 88 10.24 72.62 -19.41
N LEU R 89 11.15 72.60 -18.43
CA LEU R 89 10.83 73.00 -17.07
C LEU R 89 11.19 74.44 -16.77
N ARG R 90 11.93 75.10 -17.66
CA ARG R 90 12.39 76.47 -17.44
C ARG R 90 11.31 77.43 -16.98
N PRO R 91 10.11 77.49 -17.57
CA PRO R 91 9.06 78.36 -16.99
C PRO R 91 8.75 78.05 -15.54
N THR R 92 8.59 76.77 -15.19
CA THR R 92 8.33 76.40 -13.80
C THR R 92 9.51 76.76 -12.90
N LEU R 93 10.73 76.48 -13.35
CA LEU R 93 11.91 76.80 -12.56
C LEU R 93 11.99 78.31 -12.29
N ASN R 94 11.64 79.13 -13.27
CA ASN R 94 11.65 80.58 -13.07
C ASN R 94 10.52 81.01 -12.15
N GLU R 95 9.32 80.47 -12.36
CA GLU R 95 8.17 80.86 -11.55
C GLU R 95 8.39 80.55 -10.08
N LEU R 96 9.02 79.42 -9.77
CA LEU R 96 9.16 78.96 -8.40
C LEU R 96 10.51 79.28 -7.78
N GLY R 97 11.45 79.81 -8.56
CA GLY R 97 12.75 80.14 -8.02
C GLY R 97 13.64 78.95 -7.75
N ILE R 98 13.46 77.86 -8.49
CA ILE R 98 14.22 76.64 -8.29
C ILE R 98 15.52 76.75 -9.09
N SER R 99 16.65 76.80 -8.39
CA SER R 99 17.95 76.71 -9.04
C SER R 99 18.26 75.25 -9.37
N THR R 100 18.88 75.04 -10.53
CA THR R 100 19.30 73.71 -10.92
C THR R 100 20.50 73.26 -10.08
N PRO R 101 20.73 71.95 -9.99
CA PRO R 101 21.97 71.49 -9.32
C PRO R 101 23.23 72.08 -9.92
N GLU R 102 23.26 72.26 -11.25
CA GLU R 102 24.42 72.86 -11.89
C GLU R 102 24.62 74.30 -11.43
N GLU R 103 23.53 75.08 -11.42
CA GLU R 103 23.60 76.47 -10.96
C GLU R 103 24.04 76.58 -9.51
N LEU R 104 23.84 75.53 -8.71
CA LEU R 104 24.22 75.53 -7.31
C LEU R 104 25.59 74.90 -7.08
N GLY R 105 26.25 74.42 -8.13
CA GLY R 105 27.53 73.78 -7.98
C GLY R 105 27.47 72.37 -7.43
N LEU R 106 26.28 71.77 -7.36
CA LEU R 106 26.09 70.45 -6.81
C LEU R 106 26.35 69.34 -7.82
N ASP R 107 26.74 69.69 -9.04
CA ASP R 107 27.16 68.71 -10.03
C ASP R 107 28.67 68.49 -10.04
N LYS R 108 29.39 69.08 -9.10
CA LYS R 108 30.83 68.95 -9.03
C LYS R 108 31.20 67.80 -8.11
N VAL R 109 32.20 67.02 -8.53
CA VAL R 109 32.59 65.79 -7.83
C VAL R 109 33.19 66.09 -6.46
N SER S 2 -16.05 2.84 29.93
CA SER S 2 -16.96 2.72 31.06
C SER S 2 -16.44 3.52 32.26
N GLY S 3 -15.31 3.09 32.82
CA GLY S 3 -14.74 3.80 33.94
C GLY S 3 -14.03 5.08 33.52
N GLY S 4 -13.73 5.91 34.52
CA GLY S 4 -12.98 7.12 34.28
C GLY S 4 -11.57 7.03 34.82
N GLY S 5 -11.11 8.07 35.51
CA GLY S 5 -9.79 8.04 36.12
C GLY S 5 -8.69 8.72 35.33
N VAL S 6 -8.99 9.25 34.15
CA VAL S 6 -8.02 9.96 33.33
C VAL S 6 -8.27 11.46 33.49
N PRO S 7 -7.28 12.23 33.91
CA PRO S 7 -7.50 13.68 34.07
C PRO S 7 -7.78 14.34 32.73
N THR S 8 -8.44 15.49 32.79
CA THR S 8 -8.67 16.33 31.63
C THR S 8 -7.67 17.48 31.60
N ASP S 9 -7.60 18.14 30.45
CA ASP S 9 -6.77 19.34 30.35
C ASP S 9 -7.27 20.42 31.30
N GLU S 10 -8.59 20.52 31.46
CA GLU S 10 -9.16 21.52 32.37
C GLU S 10 -8.70 21.30 33.81
N GLU S 11 -8.51 20.03 34.21
CA GLU S 11 -8.12 19.72 35.58
C GLU S 11 -6.61 19.82 35.79
N GLN S 12 -5.81 19.45 34.78
CA GLN S 12 -4.40 19.16 35.02
C GLN S 12 -3.42 19.99 34.20
N ALA S 13 -3.86 20.65 33.12
CA ALA S 13 -2.95 21.49 32.36
C ALA S 13 -2.45 22.64 33.23
N THR S 14 -1.18 23.01 33.02
CA THR S 14 -0.51 24.00 33.85
C THR S 14 0.38 24.88 32.98
N GLY S 15 0.96 25.90 33.60
CA GLY S 15 1.95 26.72 32.93
C GLY S 15 1.39 27.44 31.72
N LEU S 16 2.23 27.54 30.68
CA LEU S 16 1.84 28.27 29.49
C LEU S 16 0.72 27.57 28.74
N GLU S 17 0.71 26.23 28.74
CA GLU S 17 -0.37 25.49 28.10
C GLU S 17 -1.72 25.89 28.65
N ARG S 18 -1.83 26.00 29.98
CA ARG S 18 -3.10 26.40 30.58
C ARG S 18 -3.46 27.84 30.22
N GLU S 19 -2.47 28.74 30.21
CA GLU S 19 -2.73 30.13 29.81
C GLU S 19 -3.32 30.19 28.41
N VAL S 20 -2.72 29.47 27.47
CA VAL S 20 -3.23 29.43 26.10
C VAL S 20 -4.62 28.84 26.07
N MET S 21 -4.87 27.84 26.93
N MET S 21 -4.88 27.84 26.92
CA MET S 21 -6.16 27.17 26.97
CA MET S 21 -6.20 27.22 26.90
C MET S 21 -7.26 28.11 27.49
C MET S 21 -7.26 28.15 27.46
N LEU S 22 -6.97 28.81 28.59
CA LEU S 22 -7.96 29.70 29.19
C LEU S 22 -8.24 30.91 28.31
N ALA S 23 -7.20 31.43 27.65
CA ALA S 23 -7.38 32.60 26.80
C ALA S 23 -8.18 32.27 25.55
N ALA S 24 -7.98 31.06 25.00
CA ALA S 24 -8.69 30.67 23.79
C ALA S 24 -10.19 30.56 24.03
N ARG S 25 -10.60 30.06 25.21
CA ARG S 25 -12.02 29.96 25.49
C ARG S 25 -12.65 31.33 25.76
N LYS S 26 -11.84 32.34 26.05
CA LYS S 26 -12.32 33.71 26.12
C LYS S 26 -12.21 34.45 24.80
N GLY S 27 -11.80 33.77 23.72
CA GLY S 27 -11.65 34.41 22.43
C GLY S 27 -10.48 35.37 22.32
N GLN S 28 -9.49 35.26 23.21
CA GLN S 28 -8.32 36.13 23.19
C GLN S 28 -7.11 35.35 22.70
N ASP S 29 -6.12 36.09 22.21
CA ASP S 29 -4.91 35.50 21.61
C ASP S 29 -3.69 36.26 22.10
N PRO S 30 -3.36 36.15 23.39
CA PRO S 30 -2.21 36.89 23.93
C PRO S 30 -0.87 36.35 23.46
N TYR S 31 -0.82 35.10 22.98
CA TYR S 31 0.45 34.49 22.59
C TYR S 31 0.55 34.29 21.08
N ASN S 32 -0.23 35.04 20.30
CA ASN S 32 0.00 35.22 18.87
C ASN S 32 -0.05 33.90 18.10
N ILE S 33 -1.08 33.11 18.38
CA ILE S 33 -1.24 31.86 17.66
C ILE S 33 -1.99 32.07 16.35
N LEU S 34 -2.82 33.10 16.29
CA LEU S 34 -3.67 33.36 15.13
C LEU S 34 -3.12 34.51 14.31
N ALA S 35 -3.43 34.49 13.02
CA ALA S 35 -3.11 35.62 12.16
C ALA S 35 -4.17 36.70 12.31
N PRO S 36 -3.81 37.93 12.66
CA PRO S 36 -4.80 39.00 12.75
C PRO S 36 -5.43 39.30 11.39
N LYS S 37 -6.68 39.73 11.42
CA LYS S 37 -7.37 40.12 10.20
C LYS S 37 -7.19 41.62 9.97
N ALA S 38 -6.81 41.99 8.75
CA ALA S 38 -6.51 43.38 8.45
C ALA S 38 -7.79 44.22 8.36
N THR S 39 -7.65 45.50 8.71
CA THR S 39 -8.67 46.49 8.42
C THR S 39 -8.46 47.01 7.00
N SER S 40 -9.16 48.09 6.64
CA SER S 40 -8.93 48.72 5.34
C SER S 40 -7.59 49.44 5.28
N GLY S 41 -6.99 49.73 6.43
CA GLY S 41 -5.66 50.31 6.47
C GLY S 41 -5.56 51.77 6.11
N THR S 42 -6.68 52.50 6.11
CA THR S 42 -6.64 53.94 5.88
C THR S 42 -6.18 54.67 7.15
N LYS S 43 -5.93 55.97 7.02
CA LYS S 43 -5.56 56.75 8.20
C LYS S 43 -6.70 56.84 9.20
N GLU S 44 -7.94 56.70 8.74
CA GLU S 44 -9.09 56.69 9.64
C GLU S 44 -9.32 55.31 10.25
N ASP S 45 -8.91 54.25 9.56
CA ASP S 45 -9.15 52.88 10.01
C ASP S 45 -7.83 52.11 9.93
N PRO S 46 -6.86 52.46 10.76
CA PRO S 46 -5.55 51.81 10.68
C PRO S 46 -5.58 50.42 11.28
N ASN S 47 -4.61 49.61 10.87
CA ASN S 47 -4.42 48.31 11.50
C ASN S 47 -3.89 48.49 12.91
N LEU S 48 -4.53 47.84 13.88
CA LEU S 48 -4.23 48.01 15.29
C LEU S 48 -3.29 46.88 15.71
N VAL S 49 -2.06 47.24 16.04
CA VAL S 49 -0.99 46.27 16.30
C VAL S 49 -0.74 46.25 17.82
N PRO S 50 -1.14 45.21 18.52
CA PRO S 50 -0.87 45.14 19.96
C PRO S 50 0.61 44.91 20.24
N SER S 51 1.06 45.43 21.37
CA SER S 51 2.42 45.20 21.83
C SER S 51 2.47 45.34 23.34
N ILE S 52 3.41 44.62 23.96
CA ILE S 52 3.68 44.81 25.38
C ILE S 52 4.78 45.82 25.64
N THR S 53 5.36 46.40 24.60
CA THR S 53 6.38 47.44 24.74
C THR S 53 5.98 48.59 23.83
N ASN S 54 6.94 49.46 23.52
CA ASN S 54 6.68 50.67 22.74
C ASN S 54 7.02 50.53 21.26
N LYS S 55 7.39 49.34 20.81
CA LYS S 55 7.66 49.13 19.39
C LYS S 55 7.55 47.64 19.08
N ARG S 56 7.18 47.34 17.84
CA ARG S 56 7.05 45.97 17.38
C ARG S 56 7.29 45.92 15.88
N ILE S 57 7.89 44.81 15.43
CA ILE S 57 8.19 44.63 14.01
C ILE S 57 6.91 44.22 13.29
N VAL S 58 6.58 44.95 12.22
CA VAL S 58 5.44 44.63 11.38
C VAL S 58 5.95 44.05 10.06
N GLY S 59 5.34 42.96 9.62
CA GLY S 59 5.56 42.47 8.28
C GLY S 59 4.33 42.69 7.43
N CYS S 60 4.49 43.38 6.30
CA CYS S 60 3.35 43.75 5.47
C CYS S 60 3.38 42.97 4.16
N ILE S 61 2.36 42.15 3.95
CA ILE S 61 2.15 41.48 2.67
C ILE S 61 1.22 42.40 1.88
N CYS S 62 1.82 43.24 1.02
CA CYS S 62 1.09 44.36 0.44
C CYS S 62 -0.09 43.90 -0.40
N GLU S 63 0.08 42.82 -1.14
CA GLU S 63 -1.00 42.23 -1.91
C GLU S 63 -1.02 40.73 -1.67
N GLU S 64 -2.22 40.17 -1.65
CA GLU S 64 -2.37 38.72 -1.55
C GLU S 64 -1.53 38.03 -2.60
N ASP S 65 -0.75 37.05 -2.15
CA ASP S 65 0.11 36.15 -2.92
C ASP S 65 1.46 36.79 -3.23
N ASN S 66 1.70 38.04 -2.82
CA ASN S 66 3.06 38.57 -2.83
C ASN S 66 3.98 37.65 -2.05
N SER S 67 5.14 37.33 -2.63
CA SER S 67 6.15 36.56 -1.92
C SER S 67 7.07 37.43 -1.09
N THR S 68 7.18 38.71 -1.42
CA THR S 68 8.04 39.64 -0.70
C THR S 68 7.26 40.25 0.46
N VAL S 69 7.79 40.08 1.67
CA VAL S 69 7.23 40.71 2.87
C VAL S 69 8.05 41.94 3.20
N ILE S 70 7.38 43.00 3.62
CA ILE S 70 8.02 44.27 3.95
C ILE S 70 8.04 44.40 5.47
N TRP S 71 9.24 44.50 6.04
CA TRP S 71 9.44 44.47 7.48
C TRP S 71 9.86 45.86 7.95
N PHE S 72 9.25 46.33 9.04
CA PHE S 72 9.66 47.59 9.65
C PHE S 72 9.21 47.61 11.10
N TRP S 73 9.93 48.39 11.90
CA TRP S 73 9.52 48.65 13.27
C TRP S 73 8.38 49.66 13.30
N LEU S 74 7.29 49.29 13.97
CA LEU S 74 6.19 50.20 14.25
C LEU S 74 6.36 50.77 15.65
N HIS S 75 6.41 52.08 15.77
CA HIS S 75 6.63 52.73 17.06
C HIS S 75 5.33 53.26 17.64
N LYS S 76 5.29 53.33 18.96
CA LYS S 76 4.22 54.01 19.68
C LYS S 76 4.10 55.45 19.20
N GLY S 77 2.86 55.92 19.06
CA GLY S 77 2.59 57.28 18.64
C GLY S 77 1.72 57.32 17.39
N GLU S 78 2.01 58.27 16.51
CA GLU S 78 1.20 58.43 15.30
C GLU S 78 1.35 57.21 14.41
N ALA S 79 0.25 56.85 13.74
CA ALA S 79 0.27 55.74 12.79
C ALA S 79 1.35 55.91 11.74
N GLN S 80 2.00 54.81 11.39
CA GLN S 80 3.00 54.77 10.34
C GLN S 80 2.46 53.96 9.16
N ARG S 81 3.13 54.11 8.02
CA ARG S 81 2.68 53.51 6.76
C ARG S 81 3.72 52.55 6.25
N CYS S 82 3.25 51.45 5.65
CA CYS S 82 4.15 50.51 5.01
C CYS S 82 4.94 51.22 3.90
N PRO S 83 6.27 51.12 3.88
CA PRO S 83 7.05 51.85 2.87
C PRO S 83 6.81 51.38 1.45
N SER S 84 6.14 50.25 1.25
CA SER S 84 5.88 49.71 -0.08
C SER S 84 4.49 50.04 -0.59
N CYS S 85 3.45 49.84 0.23
CA CYS S 85 2.07 50.04 -0.19
C CYS S 85 1.34 51.14 0.56
N GLY S 86 1.91 51.67 1.64
CA GLY S 86 1.34 52.81 2.33
C GLY S 86 0.20 52.54 3.28
N THR S 87 -0.23 51.28 3.43
CA THR S 87 -1.28 50.99 4.41
C THR S 87 -0.82 51.35 5.81
N HIS S 88 -1.77 51.75 6.63
CA HIS S 88 -1.47 52.35 7.92
C HIS S 88 -1.46 51.31 9.03
N TYR S 89 -0.57 51.52 9.99
CA TYR S 89 -0.46 50.69 11.17
C TYR S 89 -0.33 51.59 12.39
N LYS S 90 -0.99 51.20 13.48
CA LYS S 90 -1.01 51.96 14.72
C LYS S 90 -0.73 51.02 15.87
N LEU S 91 0.30 51.32 16.65
CA LEU S 91 0.62 50.51 17.81
C LEU S 91 -0.36 50.81 18.93
N VAL S 92 -0.85 49.76 19.58
CA VAL S 92 -1.68 49.92 20.76
C VAL S 92 -1.03 49.14 21.91
N PRO S 93 -0.16 49.78 22.69
CA PRO S 93 0.46 49.07 23.81
C PRO S 93 -0.59 48.66 24.83
N HIS S 94 -0.35 47.50 25.44
CA HIS S 94 -1.23 46.98 26.49
C HIS S 94 -0.46 45.94 27.28
N GLN S 95 -1.05 45.54 28.40
CA GLN S 95 -0.51 44.43 29.18
C GLN S 95 -0.88 43.11 28.51
N LEU S 96 -0.26 42.03 28.98
CA LEU S 96 -0.60 40.71 28.45
C LEU S 96 -2.02 40.32 28.81
N ALA S 97 -2.39 40.54 30.07
CA ALA S 97 -3.73 40.22 30.55
C ALA S 97 -4.76 41.13 29.89
N ALA T 3 -13.45 -8.28 5.31
CA ALA T 3 -14.03 -9.59 4.98
C ALA T 3 -15.49 -9.70 5.41
N ALA T 4 -15.81 -9.19 6.61
CA ALA T 4 -17.18 -9.19 7.12
C ALA T 4 -17.39 -8.16 8.21
N LYS T 5 -18.04 -8.62 9.27
CA LYS T 5 -18.29 -7.91 10.54
C LYS T 5 -18.90 -6.52 10.39
N GLY T 6 -18.31 -5.62 9.62
CA GLY T 6 -18.93 -4.32 9.45
C GLY T 6 -18.72 -3.33 10.60
N ASP T 7 -19.82 -2.91 11.23
CA ASP T 7 -19.86 -2.14 12.49
C ASP T 7 -19.10 -0.80 12.42
N HIS T 8 -19.25 -0.08 11.31
CA HIS T 8 -18.47 1.12 11.06
C HIS T 8 -19.23 2.41 11.41
N GLY T 9 -20.05 2.39 12.46
CA GLY T 9 -20.85 3.54 12.82
C GLY T 9 -20.03 4.58 13.55
N GLY T 10 -19.21 4.12 14.48
CA GLY T 10 -18.23 4.98 15.15
C GLY T 10 -17.16 4.07 15.68
N GLY T 12 -14.45 3.20 18.38
CA GLY T 12 -14.23 3.54 19.78
C GLY T 12 -13.51 2.45 20.54
N ALA T 13 -13.26 2.71 21.83
CA ALA T 13 -12.60 1.73 22.69
C ALA T 13 -13.31 0.38 22.67
N ARG T 14 -14.64 0.37 22.74
CA ARG T 14 -15.37 -0.90 22.83
C ARG T 14 -15.19 -1.73 21.56
N THR T 15 -15.26 -1.10 20.40
CA THR T 15 -15.06 -1.82 19.15
C THR T 15 -13.66 -2.42 19.06
N TRP T 16 -12.65 -1.65 19.48
CA TRP T 16 -11.28 -2.14 19.37
C TRP T 16 -10.94 -3.18 20.43
N ARG T 17 -11.55 -3.11 21.61
CA ARG T 17 -11.46 -4.24 22.53
C ARG T 17 -12.16 -5.47 21.95
N PHE T 18 -13.29 -5.25 21.29
CA PHE T 18 -13.98 -6.33 20.59
C PHE T 18 -13.06 -7.01 19.60
N LEU T 19 -12.32 -6.23 18.81
CA LEU T 19 -11.40 -6.80 17.84
C LEU T 19 -10.22 -7.48 18.53
N THR T 20 -9.75 -6.91 19.65
CA THR T 20 -8.60 -7.48 20.35
C THR T 20 -8.91 -8.88 20.87
N PHE T 21 -10.01 -9.03 21.60
CA PHE T 21 -10.35 -10.31 22.21
C PHE T 21 -11.11 -11.23 21.28
N GLY T 22 -11.77 -10.70 20.25
CA GLY T 22 -12.59 -11.52 19.38
C GLY T 22 -11.89 -11.99 18.11
N LEU T 23 -10.78 -11.33 17.75
CA LEU T 23 -10.09 -11.67 16.51
C LEU T 23 -8.58 -11.76 16.71
N ALA T 24 -7.99 -10.75 17.35
CA ALA T 24 -6.53 -10.64 17.38
C ALA T 24 -5.92 -11.73 18.25
N LEU T 25 -6.33 -11.80 19.51
CA LEU T 25 -5.79 -12.78 20.44
C LEU T 25 -6.20 -14.21 20.08
N PRO T 26 -7.43 -14.46 19.62
CA PRO T 26 -7.72 -15.79 19.07
C PRO T 26 -6.78 -16.20 17.95
N SER T 27 -6.44 -15.26 17.05
CA SER T 27 -5.48 -15.56 15.99
C SER T 27 -4.11 -15.94 16.57
N VAL T 28 -3.70 -15.25 17.64
CA VAL T 28 -2.41 -15.55 18.26
C VAL T 28 -2.45 -16.93 18.91
N ALA T 29 -3.56 -17.27 19.58
CA ALA T 29 -3.69 -18.59 20.19
C ALA T 29 -3.65 -19.68 19.14
N LEU T 30 -4.25 -19.44 17.97
CA LEU T 30 -4.24 -20.43 16.91
C LEU T 30 -2.85 -20.62 16.31
N CYS T 31 -2.11 -19.53 16.11
CA CYS T 31 -0.76 -19.64 15.60
C CYS T 31 0.16 -20.31 16.62
N THR T 32 -0.06 -20.03 17.90
CA THR T 32 0.70 -20.70 18.95
C THR T 32 0.42 -22.20 18.92
N LEU T 33 -0.85 -22.58 18.89
CA LEU T 33 -1.24 -23.97 18.69
C LEU T 33 -0.51 -24.58 17.48
N ASN T 34 -0.68 -23.96 16.31
CA ASN T 34 -0.01 -24.43 15.10
C ASN T 34 1.49 -24.58 15.31
N SER T 35 2.12 -23.59 15.97
CA SER T 35 3.57 -23.61 16.11
C SER T 35 4.03 -24.74 17.03
N TRP T 36 3.36 -24.91 18.16
N TRP T 36 3.37 -24.88 18.21
CA TRP T 36 3.83 -26.00 19.00
CA TRP T 36 3.60 -26.00 19.12
C TRP T 36 3.14 -27.28 18.57
C TRP T 36 3.08 -27.32 18.58
N LEU T 37 3.14 -27.53 17.26
CA LEU T 37 2.67 -28.79 16.69
C LEU T 37 3.65 -29.21 15.62
N HIS T 38 4.19 -28.21 14.91
CA HIS T 38 5.30 -28.40 13.99
C HIS T 38 6.64 -28.17 14.67
N SER T 39 6.67 -28.12 15.99
CA SER T 39 7.92 -27.97 16.73
C SER T 39 8.54 -29.35 16.91
N GLY T 40 9.63 -29.43 17.67
CA GLY T 40 10.36 -30.67 17.78
C GLY T 40 11.41 -30.78 16.70
N HIS T 41 12.59 -31.27 17.07
CA HIS T 41 13.76 -31.18 16.21
C HIS T 41 13.62 -32.10 15.00
N ARG T 42 13.96 -31.58 13.82
CA ARG T 42 14.12 -32.43 12.66
C ARG T 42 15.59 -32.85 12.54
N GLU T 43 15.83 -33.84 11.69
CA GLU T 43 17.15 -34.47 11.60
C GLU T 43 18.10 -33.56 10.83
N ARG T 44 19.16 -33.13 11.50
CA ARG T 44 20.14 -32.22 10.91
C ARG T 44 20.78 -32.84 9.67
N PRO T 45 21.08 -32.05 8.65
CA PRO T 45 21.60 -32.60 7.40
C PRO T 45 23.10 -32.88 7.46
N ALA T 46 23.54 -33.73 6.53
CA ALA T 46 24.95 -34.02 6.39
C ALA T 46 25.77 -32.76 6.19
N PHE T 47 26.94 -32.71 6.84
CA PHE T 47 27.83 -31.57 6.71
C PHE T 47 28.57 -31.61 5.39
N ILE T 48 28.52 -30.49 4.66
CA ILE T 48 29.30 -30.30 3.46
C ILE T 48 30.06 -28.98 3.63
N PRO T 49 31.40 -28.98 3.58
CA PRO T 49 32.16 -27.74 3.81
C PRO T 49 32.10 -26.78 2.63
N TYR T 50 30.88 -26.36 2.27
CA TYR T 50 30.71 -25.34 1.25
C TYR T 50 31.51 -24.09 1.58
N HIS T 51 32.11 -23.50 0.55
CA HIS T 51 33.00 -22.36 0.74
C HIS T 51 32.26 -21.04 0.80
N HIS T 52 30.98 -21.01 0.43
CA HIS T 52 30.16 -19.81 0.58
C HIS T 52 29.42 -19.78 1.91
N LEU T 53 29.69 -20.74 2.79
CA LEU T 53 29.06 -20.82 4.09
C LEU T 53 30.15 -20.90 5.16
N ARG T 54 29.75 -20.65 6.41
CA ARG T 54 30.68 -20.65 7.55
C ARG T 54 31.86 -19.73 7.28
N ILE T 55 31.56 -18.53 6.77
CA ILE T 55 32.60 -17.59 6.39
C ILE T 55 33.45 -17.20 7.59
N ARG T 56 34.77 -17.19 7.38
CA ARG T 56 35.72 -16.72 8.40
C ARG T 56 36.76 -15.86 7.69
N THR T 57 36.57 -14.55 7.72
CA THR T 57 37.57 -13.61 7.24
C THR T 57 38.28 -12.87 8.37
N LYS T 58 37.69 -12.84 9.56
CA LYS T 58 38.27 -12.27 10.76
C LYS T 58 37.63 -13.02 11.92
N PRO T 59 38.40 -13.39 12.94
CA PRO T 59 37.82 -14.08 14.09
C PRO T 59 36.79 -13.21 14.79
N PHE T 60 35.73 -13.85 15.28
CA PHE T 60 34.74 -13.14 16.09
C PHE T 60 35.40 -12.61 17.35
N SER T 61 34.83 -11.52 17.89
CA SER T 61 35.41 -10.81 19.02
C SER T 61 34.98 -11.40 20.35
N TRP T 62 34.61 -12.68 20.38
CA TRP T 62 34.21 -13.36 21.60
C TRP T 62 34.61 -14.82 21.52
N GLY T 63 34.59 -15.49 22.67
CA GLY T 63 34.89 -16.91 22.72
C GLY T 63 36.26 -17.20 22.14
N ASP T 64 36.32 -18.22 21.29
CA ASP T 64 37.56 -18.59 20.61
C ASP T 64 37.66 -18.01 19.21
N GLY T 65 36.77 -17.09 18.85
CA GLY T 65 36.81 -16.45 17.55
C GLY T 65 36.21 -17.26 16.42
N ASN T 66 35.69 -18.45 16.70
CA ASN T 66 35.23 -19.36 15.67
C ASN T 66 33.77 -19.77 15.86
N HIS T 67 33.12 -19.31 16.93
CA HIS T 67 31.72 -19.61 17.18
C HIS T 67 30.90 -18.36 16.96
N THR T 68 29.81 -18.48 16.22
CA THR T 68 28.90 -17.36 16.04
C THR T 68 28.20 -17.04 17.36
N PHE T 69 27.53 -15.88 17.39
CA PHE T 69 27.08 -15.32 18.67
C PHE T 69 26.03 -16.19 19.34
N PHE T 70 25.09 -16.72 18.57
CA PHE T 70 24.04 -17.60 19.10
C PHE T 70 24.25 -19.02 18.59
N HIS T 71 25.50 -19.47 18.60
CA HIS T 71 25.86 -20.80 18.16
C HIS T 71 25.05 -21.88 18.86
N ASN T 72 24.49 -22.79 18.06
CA ASN T 72 23.76 -23.94 18.57
C ASN T 72 24.52 -25.19 18.17
N PRO T 73 25.16 -25.88 19.12
CA PRO T 73 25.95 -27.07 18.76
C PRO T 73 25.15 -28.12 18.00
N ARG T 74 23.84 -28.20 18.25
CA ARG T 74 23.04 -29.25 17.62
C ARG T 74 22.85 -29.03 16.12
N VAL T 75 22.80 -27.77 15.67
CA VAL T 75 22.39 -27.50 14.30
C VAL T 75 23.39 -26.63 13.56
N ASN T 76 24.33 -26.02 14.28
CA ASN T 76 25.29 -25.10 13.65
C ASN T 76 26.67 -25.74 13.59
N PRO T 77 27.10 -26.25 12.44
CA PRO T 77 28.46 -26.79 12.32
C PRO T 77 29.50 -25.68 12.24
N LEU T 78 30.71 -26.05 12.62
CA LEU T 78 31.87 -25.17 12.44
C LEU T 78 32.40 -25.31 11.01
N PRO T 79 33.34 -24.44 10.61
CA PRO T 79 34.00 -24.64 9.31
C PRO T 79 34.55 -26.04 9.10
N THR T 80 34.91 -26.74 10.18
CA THR T 80 35.43 -28.10 10.09
C THR T 80 34.36 -29.16 10.31
N GLY T 81 33.14 -28.77 10.66
CA GLY T 81 32.02 -29.69 10.78
C GLY T 81 31.34 -29.54 12.13
N TYR T 82 30.38 -30.43 12.37
CA TYR T 82 29.65 -30.42 13.63
C TYR T 82 30.56 -30.77 14.80
N GLU T 83 30.30 -30.14 15.93
CA GLU T 83 30.97 -30.52 17.16
C GLU T 83 30.44 -31.86 17.64
N LYS T 84 31.27 -32.58 18.40
CA LYS T 84 30.97 -33.95 18.78
C LYS T 84 29.82 -34.00 19.77
N LYS U 7 33.02 -31.44 -35.96
CA LYS U 7 31.78 -31.44 -36.73
C LYS U 7 31.24 -30.02 -36.83
N ILE U 8 31.28 -29.49 -38.06
CA ILE U 8 30.82 -28.14 -38.37
C ILE U 8 31.55 -27.23 -37.39
N LYS U 9 32.89 -27.25 -37.41
CA LYS U 9 33.63 -26.56 -36.37
C LYS U 9 34.96 -26.03 -36.91
N ASN U 10 35.01 -24.71 -37.13
CA ASN U 10 36.24 -24.00 -37.44
C ASN U 10 36.35 -22.96 -36.32
N TYR U 11 36.08 -23.42 -35.10
CA TYR U 11 35.95 -22.57 -33.92
C TYR U 11 37.17 -21.68 -33.71
N GLN U 12 36.94 -20.37 -33.80
CA GLN U 12 37.94 -19.37 -33.42
C GLN U 12 37.74 -18.99 -31.96
N THR U 13 36.63 -18.32 -31.66
CA THR U 13 36.28 -17.97 -30.29
C THR U 13 34.77 -18.08 -30.09
N ALA U 14 34.35 -17.99 -28.84
CA ALA U 14 32.94 -18.03 -28.46
C ALA U 14 32.14 -16.97 -29.20
N PRO U 15 31.09 -17.35 -29.94
CA PRO U 15 30.29 -16.35 -30.66
C PRO U 15 29.34 -15.63 -29.72
N PHE U 16 28.75 -14.55 -30.24
CA PHE U 16 27.68 -13.85 -29.55
C PHE U 16 26.58 -14.81 -29.13
N ASP U 17 26.06 -14.61 -27.93
CA ASP U 17 24.99 -15.45 -27.38
C ASP U 17 23.91 -14.52 -26.88
N SER U 18 22.73 -14.59 -27.50
CA SER U 18 21.64 -13.69 -27.17
C SER U 18 21.15 -13.85 -25.74
N ARG U 19 21.40 -15.00 -25.11
CA ARG U 19 21.07 -15.16 -23.70
C ARG U 19 21.88 -14.23 -22.82
N PHE U 20 23.06 -13.82 -23.26
CA PHE U 20 23.99 -13.01 -22.47
C PHE U 20 24.51 -11.86 -23.33
N PRO U 21 23.66 -10.85 -23.57
CA PRO U 21 24.02 -9.78 -24.52
C PRO U 21 24.67 -8.55 -23.91
N ASN U 22 24.96 -8.54 -22.62
CA ASN U 22 25.40 -7.33 -21.93
C ASN U 22 26.86 -7.43 -21.52
N GLN U 23 27.35 -6.37 -20.89
CA GLN U 23 28.77 -6.30 -20.51
C GLN U 23 29.11 -7.32 -19.45
N ASN U 24 28.16 -7.66 -18.57
CA ASN U 24 28.42 -8.66 -17.53
C ASN U 24 28.28 -10.04 -18.13
N GLN U 25 29.39 -10.76 -18.25
CA GLN U 25 29.43 -12.08 -18.89
C GLN U 25 29.65 -13.20 -17.88
N THR U 26 29.49 -12.92 -16.59
CA THR U 26 29.73 -13.92 -15.56
C THR U 26 28.89 -15.17 -15.78
N ARG U 27 27.59 -14.98 -16.07
CA ARG U 27 26.70 -16.12 -16.19
C ARG U 27 26.96 -16.91 -17.47
N ASN U 28 27.43 -16.23 -18.53
CA ASN U 28 27.81 -16.94 -19.75
C ASN U 28 28.87 -17.98 -19.48
N CYS U 29 29.98 -17.58 -18.83
CA CYS U 29 31.00 -18.53 -18.41
C CYS U 29 30.41 -19.61 -17.51
N TRP U 30 29.62 -19.20 -16.50
CA TRP U 30 29.05 -20.14 -15.56
C TRP U 30 28.16 -21.17 -16.25
N GLN U 31 27.32 -20.72 -17.19
CA GLN U 31 26.38 -21.62 -17.84
C GLN U 31 27.10 -22.68 -18.68
N ASN U 32 28.07 -22.24 -19.50
CA ASN U 32 28.77 -23.19 -20.36
C ASN U 32 29.65 -24.14 -19.56
N TYR U 33 30.20 -23.68 -18.43
CA TYR U 33 30.93 -24.58 -17.55
C TYR U 33 29.99 -25.66 -17.00
N LEU U 34 28.81 -25.25 -16.56
CA LEU U 34 27.79 -26.20 -16.12
C LEU U 34 27.40 -27.13 -17.27
N ASP U 35 27.11 -26.57 -18.44
CA ASP U 35 26.64 -27.36 -19.57
C ASP U 35 27.64 -28.45 -19.94
N PHE U 36 28.94 -28.12 -20.00
CA PHE U 36 29.93 -29.12 -20.35
C PHE U 36 29.93 -30.27 -19.34
N HIS U 37 30.01 -29.94 -18.05
CA HIS U 37 30.12 -30.97 -17.02
C HIS U 37 28.84 -31.75 -16.83
N ARG U 38 27.69 -31.15 -17.17
CA ARG U 38 26.44 -31.91 -17.18
C ARG U 38 26.43 -32.89 -18.34
N CYS U 39 26.88 -32.44 -19.52
CA CYS U 39 26.94 -33.33 -20.68
C CYS U 39 27.99 -34.42 -20.47
N GLU U 40 29.17 -34.04 -19.97
CA GLU U 40 30.24 -35.01 -19.74
C GLU U 40 29.80 -36.09 -18.77
N LYS U 41 29.09 -35.70 -17.70
CA LYS U 41 28.62 -36.69 -16.74
C LYS U 41 27.55 -37.60 -17.34
N ALA U 42 26.69 -37.04 -18.20
CA ALA U 42 25.68 -37.85 -18.86
C ALA U 42 26.30 -38.85 -19.83
N MET U 43 27.34 -38.43 -20.55
CA MET U 43 27.97 -39.30 -21.54
C MET U 43 28.83 -40.38 -20.90
N THR U 44 29.33 -40.15 -19.69
CA THR U 44 30.14 -41.15 -19.01
C THR U 44 29.27 -42.19 -18.31
N ALA U 45 28.23 -41.74 -17.62
CA ALA U 45 27.42 -42.65 -16.81
C ALA U 45 26.59 -43.59 -17.67
N LYS U 46 26.12 -43.12 -18.82
CA LYS U 46 25.17 -43.89 -19.63
C LYS U 46 25.81 -44.55 -20.86
N GLY U 47 27.12 -44.48 -21.01
CA GLY U 47 27.79 -45.18 -22.10
C GLY U 47 27.77 -44.47 -23.43
N GLY U 48 28.35 -43.27 -23.48
CA GLY U 48 28.50 -42.56 -24.73
C GLY U 48 29.87 -41.91 -24.85
N ASP U 49 30.02 -40.96 -25.77
CA ASP U 49 31.31 -40.34 -26.03
C ASP U 49 31.25 -38.86 -25.68
N VAL U 50 32.21 -38.42 -24.88
CA VAL U 50 32.27 -37.03 -24.41
C VAL U 50 32.42 -36.04 -25.55
N SER U 51 32.87 -36.48 -26.72
CA SER U 51 33.12 -35.57 -27.84
C SER U 51 31.89 -34.75 -28.22
N VAL U 52 30.69 -35.18 -27.81
CA VAL U 52 29.50 -34.39 -28.07
C VAL U 52 29.45 -33.13 -27.20
N CYS U 53 30.16 -33.13 -26.07
CA CYS U 53 30.20 -31.98 -25.18
C CYS U 53 31.22 -30.93 -25.58
N GLU U 54 31.85 -31.09 -26.75
CA GLU U 54 33.05 -30.31 -27.07
C GLU U 54 32.74 -28.82 -27.20
N TRP U 55 31.58 -28.48 -27.78
CA TRP U 55 31.25 -27.07 -27.96
C TRP U 55 31.22 -26.33 -26.63
N TYR U 56 30.60 -26.92 -25.61
CA TYR U 56 30.59 -26.30 -24.29
C TYR U 56 31.99 -26.18 -23.72
N ARG U 57 32.86 -27.14 -24.01
CA ARG U 57 34.23 -27.10 -23.48
C ARG U 57 35.00 -25.94 -24.09
N ARG U 58 34.88 -25.73 -25.40
CA ARG U 58 35.59 -24.64 -26.05
C ARG U 58 35.08 -23.28 -25.57
N VAL U 59 33.76 -23.14 -25.42
CA VAL U 59 33.20 -21.83 -25.06
C VAL U 59 33.63 -21.44 -23.66
N TYR U 60 33.46 -22.34 -22.68
CA TYR U 60 33.80 -21.99 -21.31
C TYR U 60 35.30 -21.79 -21.15
N LYS U 61 36.09 -22.56 -21.87
CA LYS U 61 37.54 -22.39 -21.81
C LYS U 61 37.95 -21.04 -22.40
N SER U 62 37.29 -20.61 -23.48
CA SER U 62 37.52 -19.28 -24.03
C SER U 62 37.15 -18.18 -23.04
N LEU U 63 35.98 -18.33 -22.38
CA LEU U 63 35.39 -17.23 -21.62
C LEU U 63 35.81 -17.21 -20.16
N CYS U 64 36.02 -18.37 -19.54
CA CYS U 64 36.17 -18.37 -18.09
C CYS U 64 37.62 -18.09 -17.69
N PRO U 65 37.82 -17.26 -16.68
CA PRO U 65 39.17 -17.10 -16.10
C PRO U 65 39.72 -18.43 -15.63
N ILE U 66 41.03 -18.61 -15.82
CA ILE U 66 41.69 -19.85 -15.44
C ILE U 66 41.46 -20.17 -13.96
N SER U 67 41.57 -19.15 -13.09
CA SER U 67 41.41 -19.40 -11.67
C SER U 67 39.98 -19.77 -11.31
N TRP U 68 39.01 -19.35 -12.12
CA TRP U 68 37.63 -19.76 -11.90
C TRP U 68 37.45 -21.24 -12.21
N VAL U 69 37.91 -21.67 -13.39
CA VAL U 69 37.83 -23.07 -13.77
C VAL U 69 38.55 -23.94 -12.75
N SER U 70 39.75 -23.51 -12.33
CA SER U 70 40.54 -24.32 -11.40
C SER U 70 39.88 -24.40 -10.03
N THR U 71 39.32 -23.29 -9.55
CA THR U 71 38.60 -23.31 -8.28
C THR U 71 37.38 -24.22 -8.36
N TRP U 72 36.57 -24.08 -9.43
CA TRP U 72 35.41 -24.93 -9.61
C TRP U 72 35.81 -26.40 -9.72
N ASP U 73 36.90 -26.69 -10.43
CA ASP U 73 37.38 -28.06 -10.54
C ASP U 73 37.74 -28.63 -9.17
N ASP U 74 38.45 -27.86 -8.35
CA ASP U 74 38.84 -28.34 -7.03
C ASP U 74 37.62 -28.65 -6.18
N ARG U 75 36.57 -27.83 -6.28
CA ARG U 75 35.41 -28.01 -5.41
C ARG U 75 34.51 -29.15 -5.88
N ARG U 76 34.42 -29.38 -7.20
CA ARG U 76 33.77 -30.60 -7.69
C ARG U 76 34.45 -31.84 -7.13
N ALA U 77 35.78 -31.84 -7.08
CA ALA U 77 36.52 -32.99 -6.56
C ALA U 77 36.37 -33.10 -5.04
N GLU U 78 36.21 -31.98 -4.35
CA GLU U 78 36.04 -32.00 -2.90
C GLU U 78 34.61 -32.33 -2.50
N GLY U 79 33.66 -32.21 -3.42
CA GLY U 79 32.26 -32.38 -3.10
C GLY U 79 31.58 -31.14 -2.59
N THR U 80 32.13 -29.95 -2.84
CA THR U 80 31.59 -28.70 -2.34
C THR U 80 31.17 -27.75 -3.46
N PHE U 81 31.06 -28.26 -4.68
CA PHE U 81 30.63 -27.42 -5.80
C PHE U 81 29.15 -27.10 -5.64
N PRO U 82 28.75 -25.82 -5.61
CA PRO U 82 27.37 -25.48 -5.26
C PRO U 82 26.39 -25.59 -6.42
N GLY U 83 26.86 -25.69 -7.66
CA GLY U 83 25.95 -25.86 -8.76
C GLY U 83 25.53 -27.31 -8.93
N LYS U 84 24.49 -27.51 -9.74
CA LYS U 84 23.92 -28.84 -9.92
C LYS U 84 24.44 -29.45 -11.21
N ILE U 85 25.09 -30.59 -11.09
CA ILE U 85 25.62 -31.31 -12.24
C ILE U 85 25.05 -32.73 -12.30
N THR V 2 17.60 77.55 -30.38
CA THR V 2 16.56 76.78 -31.05
C THR V 2 16.22 75.53 -30.24
N ALA V 3 14.98 75.06 -30.38
CA ALA V 3 14.41 74.13 -29.41
C ALA V 3 15.01 72.74 -29.56
N LEU V 4 15.22 72.06 -28.44
CA LEU V 4 15.65 70.67 -28.46
C LEU V 4 14.45 69.74 -28.66
N ALA V 5 14.65 68.68 -29.45
CA ALA V 5 13.62 67.68 -29.65
C ALA V 5 13.57 66.71 -28.47
N LYS V 6 12.39 66.14 -28.28
CA LYS V 6 12.18 65.17 -27.21
C LYS V 6 12.91 63.87 -27.51
N PRO V 7 13.88 63.47 -26.70
CA PRO V 7 14.55 62.18 -26.91
C PRO V 7 13.68 61.06 -26.37
N GLN V 8 14.02 59.84 -26.78
CA GLN V 8 13.39 58.66 -26.18
C GLN V 8 13.68 58.63 -24.68
N MET V 9 12.62 58.45 -23.89
CA MET V 9 12.73 58.53 -22.45
C MET V 9 12.22 57.30 -21.72
N ARG V 10 11.58 56.37 -22.41
CA ARG V 10 11.01 55.18 -21.79
C ARG V 10 11.71 53.94 -22.30
N GLY V 11 11.90 52.97 -21.41
CA GLY V 11 12.42 51.68 -21.81
C GLY V 11 13.86 51.67 -22.26
N LEU V 12 14.67 52.63 -21.80
CA LEU V 12 16.06 52.70 -22.23
C LEU V 12 16.83 51.45 -21.81
N LEU V 13 16.53 50.90 -20.63
CA LEU V 13 17.22 49.69 -20.19
C LEU V 13 16.80 48.49 -21.02
N ALA V 14 15.49 48.33 -21.27
CA ALA V 14 15.02 47.24 -22.10
C ALA V 14 15.55 47.37 -23.52
N ARG V 15 15.70 48.61 -23.99
CA ARG V 15 16.24 48.83 -25.33
C ARG V 15 17.70 48.43 -25.41
N ARG V 16 18.48 48.74 -24.38
CA ARG V 16 19.88 48.33 -24.35
C ARG V 16 20.02 46.82 -24.28
N LEU V 17 19.15 46.16 -23.50
CA LEU V 17 19.21 44.71 -23.37
C LEU V 17 18.89 44.04 -24.70
N ARG V 18 17.77 44.42 -25.31
CA ARG V 18 17.37 43.85 -26.61
C ARG V 18 18.48 43.98 -27.65
N PHE V 19 19.08 45.16 -27.76
CA PHE V 19 20.12 45.38 -28.76
C PHE V 19 21.30 44.43 -28.56
N HIS V 20 21.73 44.24 -27.30
CA HIS V 20 22.92 43.44 -27.04
C HIS V 20 22.64 41.95 -26.97
N ILE V 21 21.41 41.55 -26.66
CA ILE V 21 21.04 40.13 -26.77
C ILE V 21 21.12 39.69 -28.22
N VAL V 22 20.57 40.49 -29.12
CA VAL V 22 20.72 40.23 -30.55
C VAL V 22 22.19 40.23 -30.95
N GLY V 23 22.94 41.23 -30.46
CA GLY V 23 24.38 41.26 -30.69
C GLY V 23 25.07 39.97 -30.26
N ALA V 24 24.79 39.52 -29.04
CA ALA V 24 25.40 38.29 -28.54
C ALA V 24 25.01 37.10 -29.40
N PHE V 25 23.75 37.06 -29.85
CA PHE V 25 23.30 35.99 -30.74
C PHE V 25 24.13 35.96 -32.02
N MET V 26 24.32 37.12 -32.65
CA MET V 26 25.13 37.21 -33.86
C MET V 26 26.55 36.68 -33.60
N VAL V 27 27.17 37.12 -32.52
CA VAL V 27 28.53 36.69 -32.21
C VAL V 27 28.57 35.19 -31.98
N SER V 28 27.50 34.61 -31.43
CA SER V 28 27.43 33.17 -31.22
C SER V 28 27.44 32.43 -32.55
N LEU V 29 26.58 32.83 -33.48
CA LEU V 29 26.60 32.27 -34.83
C LEU V 29 27.98 32.42 -35.46
N GLY V 30 28.57 33.60 -35.33
CA GLY V 30 29.91 33.81 -35.86
C GLY V 30 30.94 32.89 -35.24
N PHE V 31 30.81 32.61 -33.95
CA PHE V 31 31.77 31.72 -33.30
C PHE V 31 31.54 30.27 -33.70
N ALA V 32 30.27 29.85 -33.81
CA ALA V 32 29.98 28.48 -34.22
C ALA V 32 30.54 28.18 -35.60
N THR V 33 30.56 29.18 -36.48
CA THR V 33 31.16 29.00 -37.79
C THR V 33 32.68 28.89 -37.68
N PHE V 34 33.30 29.80 -36.93
CA PHE V 34 34.74 29.72 -36.68
C PHE V 34 35.13 28.39 -36.07
N TYR V 35 34.33 27.89 -35.13
CA TYR V 35 34.70 26.66 -34.42
C TYR V 35 34.50 25.43 -35.30
N LYS V 36 33.41 25.37 -36.06
CA LYS V 36 33.20 24.25 -36.97
C LYS V 36 34.29 24.17 -38.02
N PHE V 37 34.83 25.32 -38.44
CA PHE V 37 35.87 25.32 -39.47
C PHE V 37 37.24 25.05 -38.88
N ALA V 38 37.56 25.66 -37.73
CA ALA V 38 38.91 25.57 -37.17
C ALA V 38 39.10 24.38 -36.24
N VAL V 39 38.04 23.71 -35.82
CA VAL V 39 38.17 22.62 -34.84
C VAL V 39 37.49 21.36 -35.36
N ALA V 40 36.18 21.44 -35.61
CA ALA V 40 35.39 20.23 -35.89
C ALA V 40 35.71 19.69 -37.28
N GLU V 41 35.58 20.52 -38.31
CA GLU V 41 35.87 20.07 -39.66
C GLU V 41 37.35 19.76 -39.83
N LYS V 42 38.23 20.59 -39.25
CA LYS V 42 39.66 20.33 -39.29
C LYS V 42 39.98 18.93 -38.77
N ARG V 43 39.37 18.56 -37.65
CA ARG V 43 39.59 17.23 -37.10
C ARG V 43 39.01 16.15 -38.02
N LYS V 44 37.81 16.41 -38.56
CA LYS V 44 37.23 15.46 -39.50
C LYS V 44 38.15 15.27 -40.70
N LYS V 45 38.66 16.37 -41.25
CA LYS V 45 39.47 16.25 -42.46
C LYS V 45 40.82 15.61 -42.15
N ALA V 46 41.42 15.93 -40.99
CA ALA V 46 42.71 15.35 -40.61
C ALA V 46 42.65 13.83 -40.56
N TYR V 47 41.59 13.29 -39.94
CA TYR V 47 41.45 11.84 -39.86
C TYR V 47 41.09 11.24 -41.22
N ALA V 48 40.23 11.92 -41.97
CA ALA V 48 39.89 11.44 -43.31
C ALA V 48 41.12 11.44 -44.22
N ASP V 49 41.92 12.50 -44.17
CA ASP V 49 43.10 12.57 -45.01
C ASP V 49 44.14 11.53 -44.61
N PHE V 50 44.25 11.25 -43.31
CA PHE V 50 45.27 10.31 -42.84
C PHE V 50 44.98 8.90 -43.32
N TYR V 51 43.71 8.50 -43.32
CA TYR V 51 43.33 7.12 -43.62
C TYR V 51 42.97 6.87 -45.07
N ARG V 52 42.83 7.92 -45.88
CA ARG V 52 42.40 7.74 -47.27
C ARG V 52 43.36 6.82 -48.02
N ASN V 53 44.66 7.08 -47.92
CA ASN V 53 45.67 6.26 -48.58
C ASN V 53 46.58 5.56 -47.57
N TYR V 54 46.11 5.39 -46.33
CA TYR V 54 46.94 4.80 -45.29
C TYR V 54 47.21 3.32 -45.57
N ASP V 55 48.46 2.91 -45.33
CA ASP V 55 48.92 1.55 -45.58
C ASP V 55 49.39 1.00 -44.24
N SER V 56 48.57 0.13 -43.63
CA SER V 56 48.86 -0.34 -42.28
C SER V 56 50.01 -1.34 -42.27
N MET V 57 50.14 -2.16 -43.32
CA MET V 57 51.28 -3.07 -43.40
C MET V 57 52.58 -2.31 -43.52
N LYS V 58 52.61 -1.29 -44.40
CA LYS V 58 53.79 -0.44 -44.52
C LYS V 58 54.10 0.27 -43.21
N ASP V 59 53.06 0.76 -42.53
CA ASP V 59 53.25 1.39 -41.22
C ASP V 59 53.88 0.41 -40.23
N PHE V 60 53.39 -0.83 -40.21
CA PHE V 60 53.94 -1.84 -39.31
C PHE V 60 55.40 -2.14 -39.63
N GLU V 61 55.73 -2.30 -40.92
CA GLU V 61 57.10 -2.63 -41.31
C GLU V 61 58.08 -1.56 -40.85
N GLU V 62 57.71 -0.28 -41.01
CA GLU V 62 58.56 0.80 -40.53
C GLU V 62 58.78 0.71 -39.03
N MET V 63 57.71 0.38 -38.28
CA MET V 63 57.85 0.24 -36.83
C MET V 63 58.73 -0.94 -36.47
N ARG V 64 58.55 -2.08 -37.15
CA ARG V 64 59.35 -3.26 -36.86
C ARG V 64 60.83 -3.00 -37.14
N LYS V 65 61.13 -2.38 -38.28
CA LYS V 65 62.52 -2.08 -38.62
C LYS V 65 63.16 -1.16 -37.58
N ALA V 66 62.37 -0.26 -36.98
CA ALA V 66 62.87 0.61 -35.92
C ALA V 66 63.05 -0.12 -34.61
N GLY V 67 62.53 -1.35 -34.48
CA GLY V 67 62.79 -2.17 -33.33
C GLY V 67 61.85 -1.98 -32.15
N ILE V 68 60.63 -1.48 -32.37
CA ILE V 68 59.76 -1.17 -31.24
C ILE V 68 59.04 -2.40 -30.70
N PHE V 69 58.92 -3.47 -31.49
CA PHE V 69 58.03 -4.57 -31.15
C PHE V 69 58.76 -5.65 -30.37
N GLN V 70 58.06 -6.21 -29.37
CA GLN V 70 58.58 -7.33 -28.60
C GLN V 70 58.40 -8.66 -29.34
N SER V 71 57.33 -8.79 -30.13
CA SER V 71 56.96 -10.06 -30.72
C SER V 71 57.34 -10.18 -32.19
N ALA V 72 57.69 -9.08 -32.84
CA ALA V 72 58.15 -9.09 -34.22
C ALA V 72 59.42 -8.25 -34.29
N LYS V 73 60.56 -8.92 -34.36
CA LYS V 73 61.84 -8.21 -34.43
C LYS V 73 62.35 -8.13 -35.86
N PHE W 1 -2.68 3.52 43.02
CA PHE W 1 -1.97 4.76 42.81
C PHE W 1 -2.96 5.93 42.81
N GLU W 2 -2.57 7.04 43.42
CA GLU W 2 -3.34 8.27 43.37
C GLU W 2 -2.61 9.32 42.54
N ASN W 3 -3.38 10.30 42.06
CA ASN W 3 -2.86 11.32 41.15
C ASN W 3 -2.08 12.36 41.95
N ARG W 4 -0.75 12.35 41.81
CA ARG W 4 0.13 13.28 42.49
C ARG W 4 0.75 14.28 41.53
N VAL W 5 0.11 14.54 40.38
CA VAL W 5 0.71 15.43 39.39
C VAL W 5 0.75 16.87 39.88
N ALA W 6 -0.32 17.33 40.53
CA ALA W 6 -0.34 18.71 41.04
C ALA W 6 0.80 18.95 42.01
N GLU W 7 1.15 17.94 42.81
CA GLU W 7 2.25 18.09 43.75
C GLU W 7 3.59 18.15 43.02
N LYS W 8 3.72 17.39 41.93
CA LYS W 8 4.92 17.48 41.11
C LYS W 8 5.00 18.79 40.35
N GLN W 9 3.85 19.26 39.85
CA GLN W 9 3.82 20.56 39.17
C GLN W 9 4.28 21.68 40.08
N LYS W 10 3.90 21.62 41.37
CA LYS W 10 4.32 22.65 42.31
C LYS W 10 5.82 22.62 42.54
N LEU W 11 6.39 21.41 42.70
CA LEU W 11 7.83 21.28 42.93
C LEU W 11 8.63 21.88 41.78
N PHE W 12 8.29 21.52 40.54
CA PHE W 12 9.08 21.93 39.39
C PHE W 12 8.73 23.33 38.89
N GLN W 13 7.71 23.97 39.44
CA GLN W 13 7.43 25.37 39.16
C GLN W 13 7.88 26.28 40.29
N GLU W 14 8.62 25.75 41.26
N GLU W 14 8.64 25.76 41.25
CA GLU W 14 9.10 26.58 42.36
CA GLU W 14 9.12 26.57 42.36
C GLU W 14 10.15 27.58 41.86
C GLU W 14 10.17 27.57 41.88
N ASP W 15 10.05 28.81 42.33
CA ASP W 15 10.93 29.90 41.90
C ASP W 15 12.25 29.84 42.68
N ASN W 16 13.08 28.86 42.31
CA ASN W 16 14.39 28.69 42.94
C ASN W 16 15.55 28.87 41.96
N GLY W 17 15.26 29.27 40.73
CA GLY W 17 16.30 29.54 39.74
C GLY W 17 17.05 28.33 39.23
N LEU W 18 16.66 27.12 39.62
CA LEU W 18 17.38 25.93 39.18
C LEU W 18 16.95 25.55 37.76
N PRO W 19 17.88 25.06 36.94
CA PRO W 19 17.49 24.51 35.64
C PRO W 19 16.74 23.19 35.80
N VAL W 20 16.02 22.83 34.74
CA VAL W 20 15.07 21.72 34.84
C VAL W 20 15.77 20.41 35.16
N HIS W 21 17.01 20.24 34.72
CA HIS W 21 17.72 18.99 34.98
C HIS W 21 18.24 18.89 36.41
N LEU W 22 18.07 19.94 37.22
CA LEU W 22 18.48 19.93 38.62
C LEU W 22 17.34 20.26 39.58
N LYS W 23 16.13 20.51 39.08
CA LYS W 23 15.05 20.98 39.95
C LYS W 23 14.43 19.86 40.79
N GLY W 24 14.76 18.60 40.53
CA GLY W 24 14.23 17.52 41.33
C GLY W 24 14.83 17.43 42.72
N GLY W 25 16.03 17.98 42.92
CA GLY W 25 16.67 17.93 44.21
C GLY W 25 18.07 17.34 44.14
N ALA W 26 18.59 16.95 45.31
CA ALA W 26 19.97 16.49 45.40
C ALA W 26 20.25 15.29 44.52
N THR W 27 19.25 14.43 44.30
CA THR W 27 19.47 13.25 43.47
C THR W 27 19.83 13.63 42.03
N ASP W 28 19.28 14.74 41.53
CA ASP W 28 19.67 15.22 40.21
C ASP W 28 21.16 15.53 40.14
N ASN W 29 21.70 16.18 41.17
CA ASN W 29 23.12 16.53 41.16
C ASN W 29 23.99 15.28 41.18
N ILE W 30 23.58 14.26 41.95
CA ILE W 30 24.36 13.03 42.01
C ILE W 30 24.35 12.34 40.64
N LEU W 31 23.17 12.19 40.05
CA LEU W 31 23.07 11.53 38.75
C LEU W 31 23.80 12.34 37.68
N TYR W 32 23.73 13.66 37.75
CA TYR W 32 24.48 14.50 36.81
C TYR W 32 25.98 14.29 36.97
N ARG W 33 26.49 14.35 38.19
CA ARG W 33 27.93 14.21 38.41
C ARG W 33 28.43 12.82 38.04
N VAL W 34 27.61 11.79 38.26
CA VAL W 34 27.99 10.46 37.79
C VAL W 34 28.10 10.42 36.27
N THR W 35 27.10 11.00 35.58
CA THR W 35 27.10 10.99 34.12
C THR W 35 28.29 11.76 33.55
N MET W 36 28.49 12.99 34.02
CA MET W 36 29.58 13.81 33.49
C MET W 36 30.94 13.21 33.80
N THR W 37 31.11 12.60 34.98
CA THR W 37 32.38 12.01 35.32
C THR W 37 32.71 10.82 34.42
N LEU W 38 31.73 9.96 34.18
CA LEU W 38 31.94 8.83 33.27
C LEU W 38 32.21 9.32 31.85
N CYS W 39 31.48 10.34 31.39
CA CYS W 39 31.70 10.86 30.05
C CYS W 39 33.09 11.46 29.91
N LEU W 40 33.47 12.34 30.84
CA LEU W 40 34.76 13.01 30.74
C LEU W 40 35.91 12.06 31.02
N GLY W 41 35.76 11.22 32.06
CA GLY W 41 36.78 10.22 32.32
C GLY W 41 36.92 9.21 31.19
N GLY W 42 35.79 8.75 30.64
CA GLY W 42 35.84 7.85 29.51
C GLY W 42 36.47 8.48 28.28
N THR W 43 36.24 9.77 28.08
CA THR W 43 36.84 10.47 26.95
C THR W 43 38.35 10.55 27.09
N LEU W 44 38.83 10.90 28.29
CA LEU W 44 40.27 10.89 28.54
C LEU W 44 40.85 9.50 28.34
N TYR W 45 40.15 8.47 28.81
CA TYR W 45 40.62 7.10 28.62
C TYR W 45 40.66 6.74 27.14
N SER W 46 39.69 7.23 26.36
CA SER W 46 39.71 6.99 24.91
C SER W 46 40.90 7.67 24.26
N LEU W 47 41.27 8.87 24.75
CA LEU W 47 42.46 9.53 24.24
C LEU W 47 43.72 8.74 24.56
N TYR W 48 43.80 8.19 25.78
CA TYR W 48 44.93 7.31 26.12
C TYR W 48 44.98 6.12 25.17
N CYS W 49 43.84 5.48 24.92
CA CYS W 49 43.81 4.34 24.02
C CYS W 49 44.25 4.74 22.62
N LEU W 50 43.89 5.95 22.18
CA LEU W 50 44.37 6.46 20.90
C LEU W 50 45.90 6.55 20.90
N GLY W 51 46.46 7.16 21.95
CA GLY W 51 47.91 7.21 22.07
C GLY W 51 48.57 5.85 22.00
N TRP W 52 48.04 4.89 22.75
CA TRP W 52 48.58 3.52 22.70
C TRP W 52 48.47 2.94 21.29
N ALA W 53 47.30 3.06 20.67
CA ALA W 53 47.06 2.42 19.38
C ALA W 53 47.78 3.12 18.23
N SER W 54 48.30 4.32 18.44
CA SER W 54 48.92 5.08 17.35
C SER W 54 50.34 4.63 17.04
N PHE W 55 50.94 3.81 17.90
CA PHE W 55 52.29 3.32 17.68
C PHE W 55 52.30 1.80 17.68
N PRO W 56 53.17 1.16 16.91
CA PRO W 56 53.17 -0.31 16.84
C PRO W 56 53.66 -0.94 18.13
N HIS W 57 53.11 -2.12 18.43
CA HIS W 57 53.53 -2.91 19.58
C HIS W 57 53.71 -4.38 19.18
N ALA X 6 39.21 65.47 0.90
CA ALA X 6 40.58 65.16 1.29
C ALA X 6 41.02 63.83 0.68
N PRO X 7 42.28 63.76 0.25
CA PRO X 7 42.78 62.53 -0.35
C PRO X 7 42.82 61.38 0.65
N ASP X 8 42.35 60.21 0.20
CA ASP X 8 42.33 59.02 1.02
C ASP X 8 43.58 58.18 0.77
N PHE X 9 43.59 56.96 1.31
CA PHE X 9 44.72 56.08 1.12
C PHE X 9 45.01 55.82 -0.35
N HIS X 10 43.96 55.64 -1.15
CA HIS X 10 44.16 55.25 -2.55
C HIS X 10 44.67 56.42 -3.39
N ASP X 11 44.21 57.64 -3.11
CA ASP X 11 44.75 58.80 -3.81
C ASP X 11 46.23 58.98 -3.50
N LYS X 12 46.62 58.72 -2.25
CA LYS X 12 47.98 58.92 -1.78
C LYS X 12 48.93 57.83 -2.25
N TYR X 13 48.50 56.56 -2.14
CA TYR X 13 49.36 55.41 -2.35
C TYR X 13 48.95 54.50 -3.49
N GLY X 14 47.77 54.69 -4.09
CA GLY X 14 47.32 53.88 -5.20
C GLY X 14 48.34 53.61 -6.28
N ASN X 15 48.92 54.68 -6.84
CA ASN X 15 49.86 54.51 -7.95
C ASN X 15 51.09 53.73 -7.54
N ALA X 16 51.59 53.97 -6.32
CA ALA X 16 52.79 53.27 -5.86
C ALA X 16 52.51 51.80 -5.61
N VAL X 17 51.37 51.49 -4.98
CA VAL X 17 51.03 50.09 -4.70
C VAL X 17 50.87 49.31 -5.99
N LEU X 18 50.20 49.90 -6.99
CA LEU X 18 49.98 49.22 -8.26
C LEU X 18 51.31 48.99 -8.99
N ALA X 19 52.17 50.01 -9.02
CA ALA X 19 53.42 49.89 -9.77
C ALA X 19 54.38 48.92 -9.07
N SER X 20 54.58 49.11 -7.77
CA SER X 20 55.45 48.21 -7.02
C SER X 20 54.94 46.77 -7.03
N GLY X 21 53.63 46.59 -6.86
CA GLY X 21 53.07 45.26 -6.82
C GLY X 21 53.24 44.50 -8.12
N ALA X 22 52.99 45.17 -9.25
CA ALA X 22 53.18 44.54 -10.55
C ALA X 22 54.66 44.24 -10.79
N THR X 23 55.54 45.17 -10.41
CA THR X 23 56.97 44.98 -10.63
C THR X 23 57.51 43.84 -9.77
N PHE X 24 57.13 43.81 -8.49
CA PHE X 24 57.57 42.73 -7.61
C PHE X 24 57.04 41.39 -8.07
N CYS X 25 55.78 41.34 -8.52
CA CYS X 25 55.17 40.07 -8.89
C CYS X 25 55.81 39.48 -10.14
N VAL X 26 55.96 40.29 -11.18
CA VAL X 26 56.60 39.83 -12.41
C VAL X 26 58.02 39.34 -12.14
N ALA X 27 58.78 40.10 -11.35
CA ALA X 27 60.19 39.81 -11.14
C ALA X 27 60.39 38.46 -10.44
N VAL X 28 59.64 38.21 -9.38
N VAL X 28 59.65 38.22 -9.37
CA VAL X 28 59.84 37.00 -8.58
CA VAL X 28 59.86 36.99 -8.61
C VAL X 28 59.29 35.77 -9.29
C VAL X 28 59.36 35.78 -9.39
N TRP X 29 58.25 35.93 -10.10
CA TRP X 29 57.71 34.79 -10.85
C TRP X 29 58.58 34.45 -12.06
N VAL X 30 59.20 35.45 -12.68
CA VAL X 30 60.16 35.18 -13.74
C VAL X 30 61.40 34.47 -13.16
N TYR X 31 61.88 34.95 -12.01
CA TYR X 31 63.00 34.28 -11.35
C TYR X 31 62.68 32.83 -11.05
N MET X 32 61.57 32.58 -10.34
CA MET X 32 61.20 31.22 -9.99
C MET X 32 61.04 30.33 -11.22
N ALA X 33 60.51 30.89 -12.32
CA ALA X 33 60.23 30.09 -13.49
C ALA X 33 61.49 29.69 -14.25
N THR X 34 62.54 30.51 -14.19
CA THR X 34 63.69 30.34 -15.08
C THR X 34 65.03 30.13 -14.38
N GLN X 35 65.13 30.33 -13.07
CA GLN X 35 66.43 30.45 -12.44
C GLN X 35 66.72 29.43 -11.34
N ILE X 36 65.78 28.55 -11.00
CA ILE X 36 65.97 27.66 -9.86
C ILE X 36 65.89 26.20 -10.26
N GLY X 37 65.91 25.88 -11.55
CA GLY X 37 65.98 24.50 -11.99
C GLY X 37 64.66 23.78 -12.10
N ILE X 38 63.54 24.51 -12.16
CA ILE X 38 62.24 23.87 -12.33
C ILE X 38 62.15 23.27 -13.72
N GLU X 39 61.75 22.02 -13.81
CA GLU X 39 61.61 21.33 -15.09
C GLU X 39 60.16 21.46 -15.55
N TRP X 40 59.95 22.28 -16.58
CA TRP X 40 58.61 22.46 -17.13
C TRP X 40 58.22 21.35 -18.10
N ASN X 41 59.20 20.64 -18.65
CA ASN X 41 58.97 19.57 -19.61
C ASN X 41 58.15 20.06 -20.80
N PRO X 42 58.65 21.00 -21.58
CA PRO X 42 57.91 21.49 -22.74
C PRO X 42 57.91 20.45 -23.85
N SER X 43 57.10 20.72 -24.87
CA SER X 43 57.02 19.83 -26.01
C SER X 43 58.39 19.73 -26.69
N PRO X 44 58.79 18.52 -27.13
CA PRO X 44 60.01 18.40 -27.94
C PRO X 44 59.82 18.88 -29.37
N VAL X 45 58.59 19.14 -29.80
CA VAL X 45 58.31 19.52 -31.17
C VAL X 45 59.04 20.82 -31.49
N GLY X 46 59.88 20.78 -32.52
CA GLY X 46 60.64 21.95 -32.92
C GLY X 46 61.75 22.36 -31.97
N ARG X 47 62.12 21.49 -31.04
CA ARG X 47 63.07 21.80 -30.00
C ARG X 47 64.12 20.72 -29.79
N VAL X 48 63.74 19.45 -29.83
CA VAL X 48 64.64 18.34 -29.54
C VAL X 48 65.01 17.64 -30.84
N THR X 49 66.30 17.33 -30.97
CA THR X 49 66.77 16.52 -32.08
C THR X 49 66.67 15.04 -31.68
N PRO X 50 65.90 14.22 -32.39
CA PRO X 50 65.79 12.81 -32.00
C PRO X 50 67.13 12.11 -32.08
N LYS X 51 67.38 11.24 -31.10
CA LYS X 51 68.65 10.53 -30.98
C LYS X 51 68.39 9.02 -31.03
N GLU X 52 69.32 8.29 -31.65
CA GLU X 52 69.21 6.85 -31.71
C GLU X 52 69.12 6.24 -30.31
N TRP X 53 68.19 5.29 -30.16
CA TRP X 53 67.97 4.62 -28.89
C TRP X 53 68.14 3.11 -28.97
N ARG X 54 67.86 2.51 -30.12
CA ARG X 54 67.94 1.07 -30.30
C ARG X 54 69.40 0.65 -30.51
N HIS Y 2 21.84 36.30 33.51
CA HIS Y 2 21.81 36.42 32.05
C HIS Y 2 23.23 36.50 31.51
N TYR Y 3 23.36 36.52 30.19
CA TYR Y 3 24.64 36.59 29.51
C TYR Y 3 24.97 38.01 29.09
N GLU Y 4 26.25 38.25 28.81
CA GLU Y 4 26.66 39.54 28.25
C GLU Y 4 26.22 39.64 26.81
N GLU Y 5 25.90 40.86 26.38
CA GLU Y 5 25.36 41.10 25.06
C GLU Y 5 26.18 42.17 24.35
N GLY Y 6 26.12 42.15 23.03
CA GLY Y 6 26.73 43.20 22.23
C GLY Y 6 27.98 42.77 21.50
N PRO Y 7 28.55 43.68 20.71
CA PRO Y 7 29.77 43.35 19.96
C PRO Y 7 30.89 42.92 20.90
N GLY Y 8 31.57 41.84 20.52
CA GLY Y 8 32.64 41.30 21.33
C GLY Y 8 32.18 40.50 22.54
N LYS Y 9 30.87 40.35 22.74
CA LYS Y 9 30.32 39.66 23.90
C LYS Y 9 29.55 38.40 23.54
N ASN Y 10 29.29 38.15 22.26
CA ASN Y 10 28.53 36.99 21.82
C ASN Y 10 29.42 35.91 21.25
N ILE Y 11 30.64 35.78 21.77
CA ILE Y 11 31.63 34.84 21.23
C ILE Y 11 32.36 34.17 22.38
N PRO Y 12 32.78 32.93 22.17
CA PRO Y 12 33.49 32.19 23.22
C PRO Y 12 34.94 32.59 23.41
N PHE Y 13 35.41 33.62 22.71
CA PHE Y 13 36.77 34.10 22.85
C PHE Y 13 36.75 35.60 23.09
N SER Y 14 37.79 36.11 23.74
CA SER Y 14 37.87 37.51 24.10
C SER Y 14 38.52 38.32 22.98
N VAL Y 15 37.96 39.49 22.73
CA VAL Y 15 38.54 40.49 21.85
C VAL Y 15 38.90 41.75 22.62
N GLU Y 16 39.02 41.62 23.95
CA GLU Y 16 39.34 42.75 24.81
C GLU Y 16 40.72 43.32 24.47
N ASN Y 17 41.66 42.46 24.12
CA ASN Y 17 43.03 42.86 23.78
C ASN Y 17 43.37 42.28 22.41
N LYS Y 18 43.66 43.15 21.45
CA LYS Y 18 43.87 42.70 20.07
C LYS Y 18 45.11 41.84 19.91
N TRP Y 19 46.08 41.97 20.81
CA TRP Y 19 47.31 41.18 20.70
C TRP Y 19 47.17 39.82 21.37
N ARG Y 20 46.44 39.77 22.48
CA ARG Y 20 46.06 38.48 23.04
C ARG Y 20 45.15 37.73 22.07
N LEU Y 21 44.24 38.46 21.40
CA LEU Y 21 43.39 37.86 20.39
C LEU Y 21 44.22 37.30 19.23
N LEU Y 22 45.27 38.03 18.83
CA LEU Y 22 46.13 37.56 17.76
C LEU Y 22 46.79 36.23 18.12
N ALA Y 23 47.26 36.10 19.36
CA ALA Y 23 47.84 34.83 19.82
C ALA Y 23 46.80 33.72 19.79
N MET Y 24 45.56 34.02 20.18
N MET Y 24 45.58 34.01 20.25
CA MET Y 24 44.53 32.97 20.23
CA MET Y 24 44.50 33.03 20.22
C MET Y 24 44.09 32.56 18.82
C MET Y 24 44.20 32.57 18.80
N MET Y 25 44.00 33.51 17.90
CA MET Y 25 43.67 33.17 16.51
C MET Y 25 44.83 32.44 15.85
N THR Y 26 46.06 32.82 16.20
CA THR Y 26 47.24 32.12 15.69
C THR Y 26 47.26 30.67 16.14
N LEU Y 27 47.00 30.43 17.44
CA LEU Y 27 46.96 29.06 17.93
C LEU Y 27 45.78 28.30 17.35
N PHE Y 28 44.63 28.96 17.21
CA PHE Y 28 43.43 28.29 16.71
C PHE Y 28 43.61 27.82 15.27
N PHE Y 29 43.80 28.77 14.35
CA PHE Y 29 43.96 28.41 12.94
C PHE Y 29 45.28 27.69 12.70
N GLY Y 30 46.33 28.05 13.43
CA GLY Y 30 47.62 27.42 13.21
C GLY Y 30 47.62 25.94 13.57
N SER Y 31 46.96 25.57 14.67
CA SER Y 31 46.91 24.18 15.09
C SER Y 31 46.18 23.33 14.05
N GLY Y 32 45.08 23.85 13.49
CA GLY Y 32 44.37 23.11 12.46
C GLY Y 32 45.20 22.90 11.22
N PHE Y 33 45.87 23.97 10.75
CA PHE Y 33 46.71 23.86 9.57
C PHE Y 33 47.92 22.96 9.82
N ALA Y 34 48.50 23.03 11.03
CA ALA Y 34 49.70 22.27 11.32
C ALA Y 34 49.42 20.77 11.45
N ALA Y 35 48.23 20.40 11.93
CA ALA Y 35 47.92 19.02 12.29
C ALA Y 35 48.21 18.00 11.18
N PRO Y 36 47.80 18.21 9.92
CA PRO Y 36 48.06 17.17 8.91
C PRO Y 36 49.53 16.94 8.64
N PHE Y 37 50.35 18.01 8.64
CA PHE Y 37 51.79 17.85 8.43
C PHE Y 37 52.41 16.96 9.50
N PHE Y 38 52.02 17.15 10.77
CA PHE Y 38 52.59 16.35 11.83
C PHE Y 38 52.05 14.93 11.85
N ILE Y 39 50.87 14.69 11.27
CA ILE Y 39 50.37 13.34 11.11
C ILE Y 39 51.08 12.63 9.98
N VAL Y 40 51.39 13.35 8.89
CA VAL Y 40 52.28 12.79 7.87
C VAL Y 40 53.60 12.36 8.49
N ARG Y 41 54.20 13.26 9.29
CA ARG Y 41 55.43 12.94 9.99
C ARG Y 41 55.26 11.70 10.86
N HIS Y 42 54.15 11.65 11.63
CA HIS Y 42 53.90 10.49 12.49
C HIS Y 42 53.85 9.20 11.69
N GLN Y 43 53.16 9.21 10.55
CA GLN Y 43 53.04 7.99 9.75
C GLN Y 43 54.33 7.66 9.03
N LEU Y 44 55.11 8.67 8.62
CA LEU Y 44 56.40 8.40 7.99
C LEU Y 44 57.39 7.84 9.00
N LEU Y 45 57.31 8.26 10.26
CA LEU Y 45 58.21 7.77 11.29
C LEU Y 45 57.82 6.39 11.80
N LYS Y 46 56.73 5.82 11.31
CA LYS Y 46 56.35 4.46 11.65
C LYS Y 46 56.87 3.48 10.60
N ILE Z 1 26.63 49.81 4.24
CA ILE Z 1 26.61 49.73 5.69
C ILE Z 1 27.38 50.92 6.27
N THR Z 2 26.89 51.45 7.39
CA THR Z 2 27.56 52.52 8.12
C THR Z 2 28.02 52.01 9.48
N ALA Z 3 29.13 52.55 9.98
CA ALA Z 3 29.71 52.11 11.23
C ALA Z 3 30.31 53.29 11.97
N LYS Z 4 30.43 53.13 13.30
CA LYS Z 4 31.16 54.08 14.11
C LYS Z 4 32.64 54.05 13.73
N PRO Z 5 33.39 55.10 14.07
CA PRO Z 5 34.85 55.01 13.95
C PRO Z 5 35.40 53.92 14.85
N ALA Z 6 36.54 53.37 14.45
CA ALA Z 6 37.16 52.27 15.18
C ALA Z 6 37.44 52.68 16.62
N LYS Z 7 36.95 51.89 17.57
CA LYS Z 7 37.24 52.15 18.98
C LYS Z 7 38.72 51.95 19.29
N THR Z 8 39.37 51.02 18.59
CA THR Z 8 40.81 50.76 18.78
C THR Z 8 41.45 50.64 17.41
N PRO Z 9 41.70 51.77 16.74
CA PRO Z 9 42.23 51.73 15.38
C PRO Z 9 43.50 50.88 15.28
N THR Z 10 43.66 50.22 14.14
CA THR Z 10 44.79 49.34 13.88
C THR Z 10 45.66 50.01 12.81
N SER Z 11 46.77 50.60 13.25
CA SER Z 11 47.63 51.36 12.35
C SER Z 11 48.23 50.44 11.29
N PRO Z 12 48.71 51.01 10.18
CA PRO Z 12 49.47 50.21 9.21
C PRO Z 12 50.59 49.38 9.83
N LYS Z 13 51.27 49.93 10.84
CA LYS Z 13 52.32 49.19 11.54
C LYS Z 13 51.73 48.01 12.30
N GLU Z 14 50.63 48.23 13.01
CA GLU Z 14 49.96 47.14 13.72
C GLU Z 14 49.48 46.07 12.76
N GLN Z 15 48.98 46.49 11.59
CA GLN Z 15 48.52 45.52 10.59
C GLN Z 15 49.67 44.70 10.05
N ALA Z 16 50.84 45.32 9.86
CA ALA Z 16 52.02 44.59 9.40
C ALA Z 16 52.41 43.52 10.42
N ILE Z 17 52.29 43.82 11.71
CA ILE Z 17 52.61 42.84 12.75
C ILE Z 17 51.61 41.69 12.70
N GLY Z 18 50.31 42.02 12.68
CA GLY Z 18 49.31 40.97 12.66
C GLY Z 18 49.38 40.11 11.40
N LEU Z 19 49.67 40.73 10.26
CA LEU Z 19 49.82 39.96 9.03
C LEU Z 19 51.03 39.04 9.09
N SER Z 20 52.17 39.56 9.55
CA SER Z 20 53.38 38.73 9.65
C SER Z 20 53.18 37.57 10.61
N VAL Z 21 52.58 37.84 11.77
CA VAL Z 21 52.36 36.78 12.76
C VAL Z 21 51.40 35.73 12.22
N THR Z 22 50.36 36.16 11.52
CA THR Z 22 49.41 35.22 10.94
C THR Z 22 50.08 34.32 9.93
N PHE Z 23 50.82 34.90 8.98
CA PHE Z 23 51.50 34.11 7.96
C PHE Z 23 52.50 33.14 8.60
N LEU Z 24 53.29 33.62 9.56
CA LEU Z 24 54.30 32.77 10.18
C LEU Z 24 53.68 31.60 10.92
N SER Z 25 52.49 31.79 11.51
CA SER Z 25 51.83 30.69 12.21
C SER Z 25 51.41 29.58 11.25
N PHE Z 26 51.18 29.93 9.99
CA PHE Z 26 50.88 28.92 8.97
C PHE Z 26 52.14 28.28 8.41
N LEU Z 27 53.17 29.09 8.15
CA LEU Z 27 54.32 28.68 7.36
C LEU Z 27 55.39 27.97 8.16
N LEU Z 28 55.63 28.38 9.42
CA LEU Z 28 56.75 27.82 10.16
C LEU Z 28 56.56 26.36 10.52
N PRO Z 29 55.43 25.93 11.12
CA PRO Z 29 55.32 24.50 11.45
C PRO Z 29 55.33 23.60 10.24
N ALA Z 30 54.59 23.96 9.19
CA ALA Z 30 54.60 23.15 7.97
C ALA Z 30 55.97 23.16 7.30
N GLY Z 31 56.60 24.33 7.23
CA GLY Z 31 57.96 24.41 6.72
C GLY Z 31 58.92 23.50 7.46
N TRP Z 32 58.83 23.49 8.79
CA TRP Z 32 59.68 22.60 9.60
C TRP Z 32 59.49 21.14 9.21
N VAL Z 33 58.23 20.71 9.07
CA VAL Z 33 57.96 19.32 8.72
C VAL Z 33 58.49 19.01 7.32
N LEU Z 34 58.20 19.89 6.36
CA LEU Z 34 58.63 19.64 4.98
C LEU Z 34 60.14 19.70 4.84
N TYR Z 35 60.80 20.57 5.62
CA TYR Z 35 62.25 20.65 5.59
C TYR Z 35 62.89 19.34 6.05
N HIS Z 36 62.30 18.70 7.06
CA HIS Z 36 62.86 17.49 7.66
C HIS Z 36 62.25 16.22 7.08
N LEU Z 37 61.61 16.30 5.91
CA LEU Z 37 60.98 15.12 5.32
C LEU Z 37 61.97 13.98 5.15
N ASP Z 38 63.16 14.27 4.60
CA ASP Z 38 64.13 13.22 4.35
C ASP Z 38 64.58 12.55 5.65
N ASN Z 39 64.72 13.33 6.72
CA ASN Z 39 65.02 12.76 8.04
C ASN Z 39 63.98 11.74 8.46
N TYR Z 40 62.74 11.89 7.98
CA TYR Z 40 61.67 10.97 8.39
C TYR Z 40 61.75 9.65 7.63
N LYS Z 41 62.09 9.67 6.35
CA LYS Z 41 62.30 8.43 5.61
C LYS Z 41 63.52 7.69 6.18
#